data_8VM4
#
_entry.id   8VM4
#
_cell.length_a   1.00
_cell.length_b   1.00
_cell.length_c   1.00
_cell.angle_alpha   90.00
_cell.angle_beta   90.00
_cell.angle_gamma   90.00
#
_symmetry.space_group_name_H-M   'P 1'
#
_entity_poly.entity_id   1
_entity_poly.type   'polypeptide(L)'
_entity_poly.pdbx_seq_one_letter_code
;MWRLRRAAVACEVCQSLVKHSSGIKGSLPLQKLHLVSRSIYHSHHPTLKLQRPQLRTSFQQFSSLTNLPLRKLKFSPIKY
GYQPRRNFWPARLATRLLKLRYLILGSAVGGGYTAKKTFDQWKDMIPDLSEYKWIVPDIVWEIDEYIDFEKIRKALPSSE
DLVKLAPDFDKIVESLSLLKDFFTSGSPEETAFRATDRGSESDKHFRKVSDKEKIDQLQEELLHTQLKYQRILERLEKEN
KELRKLVLQKDDKGIHHRKLKKSLIDMYSEVLDVLSDYDASYNTQDHLPRVVVVGDQSAGKTSVLEMIAQARIFPRGSGE
MMTRSPVKVTLSEGPHHVALFKDSSREFDLTKEEDLAALRHEIELRMRKNVKEGCTVSPETISLNVKGPGLQRMVLVDLP
GVINTVTSGMAPDTKETIFSISKAYMQNPNAIILCIQDGSVDAERSIVTDLVSQMDPHGRRTIFVLTKVDLAEKNVASPS
RIQQIIEGKLFPMKALGYFAVVTGKGNSSESIEAIREYEEEFFQNSKLLKTSMLKAHQVTTRNLSLAVSDCFWKMVRESV
EQQADSFKATRFNLETEWKNNYPRLRELDRNELFEKAKNEILDEVISLSQVTPKHWEEILQQSLWERVSTHVIENIYLPA
AQTMNSGTFNTTVDIKLKQWTDKQLPNKAVEVAWETLQEEFSRFMTEPKGKEHDDIFDKLKEAVKEESIKRHKWNDFAED
SLRVIQHNALEDRSISDKQQWDAAIYFMEEALQARLKDTENAIENMVGPDWKKRWLYWKNRTQEQCVHNETKNELEKMLK
CNEEHPAYLASDEITTVRKNLESRGVEVDPSLIKDTWHQVYRRHFLKTALNHCNLCRRGFYYYQRHFVDSELECNDVVLF
WRIQRMLAITANTLRQQLTNTEVRRLEKNVKEVLEDFAEDGEKKIKLLTGKRVQLAEDLKKVREIQEKLDAFIEALHQEK
;
_entity_poly.pdbx_strand_id   A,B,C,D
#
# COMPACT_ATOMS: atom_id res chain seq x y z
N SER A 263 -123.28 -37.50 81.72
CA SER A 263 -124.25 -37.66 80.64
C SER A 263 -124.39 -36.37 79.85
N LEU A 264 -125.51 -35.68 80.04
CA LEU A 264 -125.74 -34.41 79.34
C LEU A 264 -124.71 -33.37 79.75
N ILE A 265 -124.44 -33.27 81.06
CA ILE A 265 -123.49 -32.28 81.56
C ILE A 265 -122.07 -32.58 81.08
N ASP A 266 -121.77 -33.84 80.75
CA ASP A 266 -120.46 -34.16 80.18
C ASP A 266 -120.27 -33.45 78.84
N MET A 267 -121.28 -33.48 77.98
CA MET A 267 -121.23 -32.75 76.72
C MET A 267 -121.18 -31.24 76.96
N TYR A 268 -121.96 -30.75 77.93
CA TYR A 268 -121.93 -29.32 78.24
C TYR A 268 -120.56 -28.88 78.72
N SER A 269 -119.93 -29.67 79.58
CA SER A 269 -118.58 -29.35 80.03
C SER A 269 -117.59 -29.38 78.87
N GLU A 270 -117.71 -30.36 77.99
CA GLU A 270 -116.84 -30.44 76.83
C GLU A 270 -117.04 -29.24 75.91
N VAL A 271 -118.29 -28.81 75.71
CA VAL A 271 -118.57 -27.65 74.87
C VAL A 271 -117.92 -26.40 75.46
N LEU A 272 -118.02 -26.22 76.78
CA LEU A 272 -117.40 -25.07 77.42
C LEU A 272 -115.88 -25.10 77.25
N ASP A 273 -115.27 -26.27 77.40
CA ASP A 273 -113.82 -26.37 77.25
C ASP A 273 -113.37 -26.02 75.83
N VAL A 274 -114.08 -26.53 74.83
CA VAL A 274 -113.73 -26.23 73.44
C VAL A 274 -113.99 -24.75 73.13
N LEU A 275 -115.06 -24.19 73.69
CA LEU A 275 -115.32 -22.77 73.49
C LEU A 275 -114.20 -21.90 74.06
N SER A 276 -113.69 -22.25 75.24
CA SER A 276 -112.58 -21.51 75.81
C SER A 276 -111.33 -21.63 74.94
N ASP A 277 -111.05 -22.83 74.42
CA ASP A 277 -109.91 -23.00 73.54
C ASP A 277 -110.09 -22.25 72.23
N TYR A 278 -111.28 -22.34 71.63
CA TYR A 278 -111.54 -21.64 70.37
C TYR A 278 -111.53 -20.13 70.57
N ASP A 279 -112.29 -19.65 71.56
CA ASP A 279 -112.37 -18.23 71.86
C ASP A 279 -111.62 -17.95 73.15
N ALA A 280 -110.41 -17.40 73.03
CA ALA A 280 -109.65 -17.05 74.23
C ALA A 280 -110.35 -15.98 75.04
N SER A 281 -110.94 -14.99 74.38
CA SER A 281 -111.70 -13.96 75.05
C SER A 281 -113.06 -14.50 75.49
N TYR A 282 -113.75 -13.73 76.32
CA TYR A 282 -115.05 -14.09 76.85
C TYR A 282 -116.19 -13.51 76.02
N ASN A 283 -115.96 -13.27 74.72
CA ASN A 283 -117.01 -12.76 73.86
C ASN A 283 -118.16 -13.77 73.73
N THR A 284 -117.81 -15.05 73.56
CA THR A 284 -118.82 -16.10 73.46
C THR A 284 -118.99 -16.88 74.76
N GLN A 285 -117.94 -16.91 75.60
CA GLN A 285 -118.03 -17.64 76.87
C GLN A 285 -118.97 -16.97 77.85
N ASP A 286 -119.30 -15.70 77.65
CA ASP A 286 -120.19 -14.97 78.54
C ASP A 286 -121.66 -15.07 78.13
N HIS A 287 -122.02 -16.12 77.41
CA HIS A 287 -123.40 -16.33 76.98
C HIS A 287 -124.02 -17.60 77.55
N LEU A 288 -123.31 -18.34 78.39
CA LEU A 288 -123.79 -19.59 78.95
C LEU A 288 -123.76 -19.51 80.47
N PRO A 289 -124.70 -20.16 81.17
CA PRO A 289 -124.68 -20.12 82.64
C PRO A 289 -123.47 -20.84 83.20
N ARG A 290 -123.02 -20.35 84.37
CA ARG A 290 -121.87 -20.93 85.05
C ARG A 290 -122.08 -20.82 86.55
N VAL A 291 -121.33 -21.63 87.29
CA VAL A 291 -121.37 -21.64 88.74
C VAL A 291 -120.03 -21.12 89.24
N VAL A 292 -120.06 -20.01 89.97
CA VAL A 292 -118.86 -19.37 90.49
C VAL A 292 -118.87 -19.49 92.01
N VAL A 293 -117.79 -20.01 92.58
CA VAL A 293 -117.68 -20.23 94.02
C VAL A 293 -116.51 -19.39 94.54
N VAL A 294 -116.79 -18.55 95.54
CA VAL A 294 -115.79 -17.70 96.17
C VAL A 294 -115.86 -17.93 97.68
N GLY A 295 -114.70 -18.14 98.29
CA GLY A 295 -114.65 -18.39 99.72
C GLY A 295 -113.46 -17.71 100.36
N ASP A 296 -113.52 -17.58 101.68
CA ASP A 296 -112.45 -16.98 102.46
C ASP A 296 -111.51 -18.07 102.98
N GLN A 297 -110.57 -17.70 103.83
CA GLN A 297 -109.65 -18.66 104.43
C GLN A 297 -110.31 -19.36 105.62
N SER A 298 -110.21 -20.69 105.64
CA SER A 298 -110.80 -21.52 106.69
C SER A 298 -112.30 -21.30 106.80
N ALA A 299 -112.95 -20.98 105.68
CA ALA A 299 -114.39 -20.74 105.64
C ALA A 299 -115.18 -21.98 105.25
N GLY A 300 -114.53 -23.11 105.08
CA GLY A 300 -115.22 -24.33 104.71
C GLY A 300 -115.63 -24.40 103.25
N LYS A 301 -114.99 -23.63 102.38
CA LYS A 301 -115.29 -23.70 100.96
C LYS A 301 -114.96 -25.07 100.39
N THR A 302 -113.81 -25.64 100.80
CA THR A 302 -113.44 -26.97 100.34
C THR A 302 -114.41 -28.03 100.83
N SER A 303 -114.86 -27.91 102.08
CA SER A 303 -115.81 -28.88 102.63
C SER A 303 -117.13 -28.86 101.87
N VAL A 304 -117.63 -27.65 101.54
CA VAL A 304 -118.90 -27.55 100.81
C VAL A 304 -118.78 -28.18 99.44
N LEU A 305 -117.69 -27.87 98.72
CA LEU A 305 -117.48 -28.46 97.41
C LEU A 305 -117.32 -29.97 97.51
N GLU A 306 -116.61 -30.45 98.53
CA GLU A 306 -116.49 -31.88 98.75
C GLU A 306 -117.82 -32.51 99.11
N MET A 307 -118.65 -31.83 99.89
CA MET A 307 -119.96 -32.37 100.25
C MET A 307 -120.84 -32.54 99.02
N ILE A 308 -120.84 -31.56 98.12
CA ILE A 308 -121.62 -31.67 96.90
C ILE A 308 -121.09 -32.79 96.02
N ALA A 309 -119.76 -32.90 95.89
CA ALA A 309 -119.16 -33.97 95.12
C ALA A 309 -119.20 -35.31 95.84
N GLN A 310 -119.55 -35.32 97.12
CA GLN A 310 -119.66 -36.56 97.92
C GLN A 310 -118.34 -37.31 97.97
N ALA A 311 -117.22 -36.60 97.89
CA ALA A 311 -115.90 -37.20 97.95
C ALA A 311 -114.88 -36.11 98.23
N ARG A 312 -113.94 -36.41 99.13
CA ARG A 312 -112.89 -35.46 99.50
C ARG A 312 -111.71 -35.65 98.56
N ILE A 313 -111.69 -34.84 97.49
CA ILE A 313 -110.67 -34.96 96.47
C ILE A 313 -109.64 -33.84 96.51
N PHE A 314 -109.91 -32.74 97.24
CA PHE A 314 -108.96 -31.65 97.29
C PHE A 314 -107.98 -31.85 98.44
N PRO A 315 -106.74 -31.39 98.30
CA PRO A 315 -105.76 -31.52 99.38
C PRO A 315 -106.19 -30.75 100.63
N ARG A 316 -105.82 -31.29 101.79
CA ARG A 316 -106.16 -30.72 103.08
C ARG A 316 -104.90 -30.25 103.78
N GLY A 317 -104.99 -29.12 104.46
CA GLY A 317 -103.86 -28.57 105.19
C GLY A 317 -104.32 -27.96 106.49
N SER A 318 -103.37 -27.86 107.44
CA SER A 318 -103.65 -27.32 108.77
C SER A 318 -103.62 -25.80 108.68
N GLY A 319 -104.67 -25.24 108.09
CA GLY A 319 -104.82 -23.80 107.95
C GLY A 319 -104.17 -23.23 106.71
N GLU A 320 -103.44 -24.03 105.94
CA GLU A 320 -102.78 -23.56 104.74
C GLU A 320 -103.70 -23.72 103.53
N MET A 321 -103.66 -22.73 102.64
CA MET A 321 -104.48 -22.74 101.43
C MET A 321 -103.87 -23.71 100.43
N MET A 322 -104.33 -24.97 100.51
CA MET A 322 -103.82 -26.00 99.60
C MET A 322 -104.24 -25.75 98.16
N THR A 323 -105.37 -25.06 97.95
CA THR A 323 -105.87 -24.78 96.62
C THR A 323 -105.05 -23.64 96.03
N ARG A 324 -103.93 -23.98 95.41
CA ARG A 324 -103.02 -23.01 94.80
C ARG A 324 -103.32 -22.76 93.33
N SER A 325 -104.30 -23.47 92.76
CA SER A 325 -104.70 -23.28 91.37
C SER A 325 -106.17 -23.64 91.22
N PRO A 326 -106.92 -22.86 90.44
CA PRO A 326 -108.34 -23.17 90.25
C PRO A 326 -108.54 -24.52 89.58
N VAL A 327 -109.59 -25.23 90.01
CA VAL A 327 -109.94 -26.53 89.48
C VAL A 327 -111.39 -26.49 89.03
N LYS A 328 -111.64 -26.89 87.78
CA LYS A 328 -113.00 -26.95 87.23
C LYS A 328 -113.54 -28.35 87.49
N VAL A 329 -114.22 -28.52 88.62
CA VAL A 329 -114.77 -29.81 89.02
C VAL A 329 -116.14 -29.98 88.38
N THR A 330 -116.30 -31.04 87.60
CA THR A 330 -117.55 -31.34 86.91
C THR A 330 -118.15 -32.61 87.50
N LEU A 331 -119.41 -32.54 87.91
CA LEU A 331 -120.13 -33.69 88.44
C LEU A 331 -121.07 -34.23 87.37
N SER A 332 -120.97 -35.52 87.07
CA SER A 332 -121.74 -36.13 85.99
C SER A 332 -122.26 -37.48 86.47
N GLU A 333 -122.91 -38.19 85.55
CA GLU A 333 -123.48 -39.51 85.83
C GLU A 333 -122.54 -40.58 85.30
N GLY A 334 -122.16 -41.50 86.17
CA GLY A 334 -121.26 -42.58 85.79
C GLY A 334 -121.58 -43.87 86.51
N PRO A 335 -121.12 -45.00 85.95
CA PRO A 335 -121.37 -46.29 86.60
C PRO A 335 -120.76 -46.39 87.98
N HIS A 336 -119.62 -45.75 88.20
CA HIS A 336 -118.95 -45.75 89.50
C HIS A 336 -118.51 -44.34 89.85
N HIS A 337 -118.35 -44.09 91.15
CA HIS A 337 -117.96 -42.78 91.66
C HIS A 337 -116.45 -42.65 91.49
N VAL A 338 -116.04 -42.14 90.32
CA VAL A 338 -114.63 -41.98 89.98
C VAL A 338 -114.40 -40.56 89.45
N ALA A 339 -113.14 -40.14 89.52
CA ALA A 339 -112.72 -38.84 89.02
C ALA A 339 -111.65 -39.03 87.95
N LEU A 340 -111.79 -38.29 86.84
CA LEU A 340 -110.87 -38.40 85.72
C LEU A 340 -110.39 -37.02 85.31
N PHE A 341 -109.08 -36.90 85.09
CA PHE A 341 -108.50 -35.66 84.61
C PHE A 341 -108.81 -35.47 83.12
N LYS A 342 -108.79 -34.20 82.69
CA LYS A 342 -109.02 -33.92 81.28
C LYS A 342 -107.81 -34.30 80.44
N ASP A 343 -106.60 -34.00 80.91
CA ASP A 343 -105.39 -34.30 80.16
C ASP A 343 -104.85 -35.69 80.42
N SER A 344 -105.34 -36.39 81.44
CA SER A 344 -104.85 -37.70 81.81
C SER A 344 -105.99 -38.70 81.82
N SER A 345 -105.76 -39.88 81.26
CA SER A 345 -106.76 -40.93 81.21
C SER A 345 -106.69 -41.88 82.41
N ARG A 346 -105.80 -41.62 83.36
CA ARG A 346 -105.65 -42.47 84.54
C ARG A 346 -106.85 -42.27 85.45
N GLU A 347 -107.70 -43.29 85.57
CA GLU A 347 -108.89 -43.21 86.41
C GLU A 347 -108.52 -43.34 87.88
N PHE A 348 -109.21 -42.57 88.72
CA PHE A 348 -109.05 -42.63 90.17
C PHE A 348 -110.39 -42.98 90.79
N ASP A 349 -110.42 -44.05 91.58
CA ASP A 349 -111.64 -44.53 92.21
C ASP A 349 -111.83 -43.81 93.54
N LEU A 350 -112.88 -42.99 93.63
CA LEU A 350 -113.16 -42.26 94.85
C LEU A 350 -113.74 -43.12 95.95
N THR A 351 -114.17 -44.35 95.63
CA THR A 351 -114.71 -45.25 96.66
C THR A 351 -113.63 -45.77 97.59
N LYS A 352 -112.37 -45.68 97.21
CA LYS A 352 -111.24 -46.15 98.01
C LYS A 352 -110.48 -44.97 98.57
N GLU A 353 -110.20 -45.00 99.87
CA GLU A 353 -109.48 -43.90 100.52
C GLU A 353 -108.04 -43.81 100.04
N GLU A 354 -107.42 -44.95 99.71
CA GLU A 354 -106.04 -44.93 99.23
C GLU A 354 -105.93 -44.18 97.90
N ASP A 355 -106.88 -44.41 96.99
CA ASP A 355 -106.87 -43.69 95.73
C ASP A 355 -107.22 -42.21 95.94
N LEU A 356 -108.04 -41.90 96.94
CA LEU A 356 -108.36 -40.51 97.24
C LEU A 356 -107.12 -39.74 97.66
N ALA A 357 -106.29 -40.36 98.51
CA ALA A 357 -105.05 -39.71 98.93
C ALA A 357 -104.10 -39.51 97.76
N ALA A 358 -103.99 -40.51 96.89
CA ALA A 358 -103.15 -40.37 95.70
C ALA A 358 -103.68 -39.28 94.78
N LEU A 359 -105.00 -39.20 94.62
CA LEU A 359 -105.59 -38.17 93.78
C LEU A 359 -105.32 -36.78 94.35
N ARG A 360 -105.40 -36.63 95.67
CA ARG A 360 -105.11 -35.34 96.30
C ARG A 360 -103.68 -34.92 96.04
N HIS A 361 -102.74 -35.87 96.14
CA HIS A 361 -101.34 -35.56 95.85
C HIS A 361 -101.15 -35.20 94.39
N GLU A 362 -101.83 -35.91 93.49
CA GLU A 362 -101.73 -35.61 92.07
C GLU A 362 -102.27 -34.21 91.75
N ILE A 363 -103.40 -33.85 92.37
CA ILE A 363 -103.97 -32.52 92.16
C ILE A 363 -103.03 -31.45 92.66
N GLU A 364 -102.43 -31.66 93.85
CA GLU A 364 -101.47 -30.70 94.38
C GLU A 364 -100.25 -30.59 93.48
N LEU A 365 -99.77 -31.72 92.94
CA LEU A 365 -98.65 -31.69 92.02
C LEU A 365 -98.99 -30.91 90.76
N ARG A 366 -100.21 -31.09 90.24
CA ARG A 366 -100.63 -30.33 89.07
C ARG A 366 -100.72 -28.84 89.39
N MET A 367 -101.16 -28.49 90.61
CA MET A 367 -101.22 -27.09 91.00
C MET A 367 -99.83 -26.46 91.00
N ARG A 368 -98.84 -27.18 91.54
CA ARG A 368 -97.48 -26.64 91.57
C ARG A 368 -96.86 -26.57 90.18
N LYS A 369 -97.15 -27.55 89.32
CA LYS A 369 -96.56 -27.56 87.99
C LYS A 369 -97.05 -26.38 87.15
N ASN A 370 -98.34 -26.06 87.25
CA ASN A 370 -98.92 -24.97 86.46
C ASN A 370 -98.46 -23.60 86.92
N VAL A 371 -97.80 -23.50 88.08
CA VAL A 371 -97.37 -22.20 88.57
C VAL A 371 -96.21 -21.68 87.72
N LYS A 372 -96.35 -20.45 87.24
CA LYS A 372 -95.33 -19.83 86.41
C LYS A 372 -94.23 -19.24 87.29
N GLU A 373 -93.22 -18.63 86.67
CA GLU A 373 -92.12 -18.05 87.40
C GLU A 373 -92.51 -16.71 87.99
N GLY A 374 -92.09 -16.46 89.23
CA GLY A 374 -92.36 -15.19 89.88
C GLY A 374 -93.71 -15.09 90.55
N CYS A 375 -94.50 -16.16 90.56
CA CYS A 375 -95.83 -16.17 91.16
C CYS A 375 -96.01 -17.41 92.01
N THR A 376 -97.09 -17.42 92.78
CA THR A 376 -97.45 -18.55 93.62
C THR A 376 -98.75 -19.23 93.22
N VAL A 377 -99.72 -18.49 92.72
CA VAL A 377 -100.99 -19.05 92.25
C VAL A 377 -101.14 -18.73 90.77
N SER A 378 -101.36 -19.77 89.97
CA SER A 378 -101.50 -19.60 88.53
C SER A 378 -102.96 -19.40 88.15
N PRO A 379 -103.24 -18.53 87.17
CA PRO A 379 -104.63 -18.31 86.75
C PRO A 379 -105.21 -19.43 85.90
N GLU A 380 -104.40 -20.41 85.50
CA GLU A 380 -104.90 -21.50 84.67
C GLU A 380 -105.86 -22.39 85.46
N THR A 381 -106.93 -22.81 84.80
CA THR A 381 -107.94 -23.67 85.40
C THR A 381 -107.84 -25.07 84.82
N ILE A 382 -107.91 -26.07 85.71
CA ILE A 382 -107.81 -27.47 85.32
C ILE A 382 -109.22 -28.06 85.36
N SER A 383 -109.66 -28.61 84.23
CA SER A 383 -110.98 -29.22 84.12
C SER A 383 -110.92 -30.65 84.65
N LEU A 384 -111.67 -30.93 85.71
CA LEU A 384 -111.73 -32.25 86.32
C LEU A 384 -113.15 -32.78 86.20
N ASN A 385 -113.28 -34.00 85.68
CA ASN A 385 -114.58 -34.65 85.51
C ASN A 385 -114.75 -35.71 86.60
N VAL A 386 -115.62 -35.43 87.56
CA VAL A 386 -115.89 -36.34 88.67
C VAL A 386 -117.21 -37.05 88.36
N LYS A 387 -117.11 -38.32 87.97
CA LYS A 387 -118.27 -39.12 87.67
C LYS A 387 -118.81 -39.80 88.93
N GLY A 388 -120.04 -40.30 88.83
CA GLY A 388 -120.67 -40.99 89.92
C GLY A 388 -122.15 -41.17 89.72
N PRO A 389 -122.69 -42.31 90.17
CA PRO A 389 -124.12 -42.56 90.03
C PRO A 389 -124.94 -41.69 90.98
N GLY A 390 -125.97 -41.06 90.44
CA GLY A 390 -126.84 -40.21 91.23
C GLY A 390 -126.33 -38.81 91.49
N LEU A 391 -125.15 -38.47 90.97
CA LEU A 391 -124.60 -37.13 91.18
C LEU A 391 -125.39 -36.10 90.38
N GLN A 392 -125.46 -34.89 90.93
CA GLN A 392 -126.13 -33.80 90.24
C GLN A 392 -125.36 -33.42 88.98
N ARG A 393 -126.10 -33.13 87.90
CA ARG A 393 -125.51 -32.80 86.61
C ARG A 393 -125.30 -31.29 86.55
N MET A 394 -124.13 -30.85 87.01
CA MET A 394 -123.78 -29.44 86.99
C MET A 394 -122.26 -29.32 86.98
N VAL A 395 -121.79 -28.13 86.64
CA VAL A 395 -120.36 -27.83 86.56
C VAL A 395 -120.01 -26.84 87.66
N LEU A 396 -119.03 -27.21 88.49
CA LEU A 396 -118.58 -26.38 89.59
C LEU A 396 -117.18 -25.83 89.30
N VAL A 397 -116.87 -24.70 89.94
CA VAL A 397 -115.58 -24.05 89.79
C VAL A 397 -114.99 -23.84 91.18
N ASP A 398 -113.77 -24.31 91.38
CA ASP A 398 -113.06 -24.14 92.64
C ASP A 398 -112.05 -23.01 92.52
N LEU A 399 -112.04 -22.12 93.51
CA LEU A 399 -111.17 -20.96 93.49
C LEU A 399 -110.39 -20.87 94.81
N PRO A 400 -109.18 -20.31 94.78
CA PRO A 400 -108.42 -20.14 96.02
C PRO A 400 -109.14 -19.21 96.99
N GLY A 401 -108.94 -19.47 98.27
CA GLY A 401 -109.61 -18.68 99.29
C GLY A 401 -109.08 -17.26 99.35
N VAL A 402 -109.99 -16.32 99.63
CA VAL A 402 -109.60 -14.93 99.78
C VAL A 402 -109.00 -14.74 101.17
N ILE A 403 -107.80 -14.18 101.22
CA ILE A 403 -107.07 -13.99 102.47
C ILE A 403 -107.05 -12.51 102.80
N ASN A 404 -107.46 -12.17 104.03
CA ASN A 404 -107.42 -10.78 104.47
C ASN A 404 -105.99 -10.27 104.54
N THR A 405 -105.07 -11.10 105.03
CA THR A 405 -103.66 -10.75 105.13
C THR A 405 -102.86 -11.64 104.18
N VAL A 406 -101.98 -11.03 103.39
CA VAL A 406 -101.20 -11.77 102.42
C VAL A 406 -100.16 -12.63 103.14
N THR A 407 -100.14 -13.91 102.80
CA THR A 407 -99.18 -14.83 103.41
C THR A 407 -97.76 -14.49 102.95
N SER A 408 -96.81 -14.60 103.88
CA SER A 408 -95.42 -14.30 103.54
C SER A 408 -94.86 -15.29 102.52
N GLY A 409 -95.32 -16.54 102.56
CA GLY A 409 -94.87 -17.55 101.62
C GLY A 409 -95.50 -17.51 100.26
N MET A 410 -96.46 -16.62 100.04
CA MET A 410 -97.14 -16.48 98.76
C MET A 410 -96.70 -15.20 98.05
N ALA A 411 -96.99 -15.14 96.76
CA ALA A 411 -96.63 -13.98 95.97
C ALA A 411 -97.43 -12.75 96.41
N PRO A 412 -96.85 -11.56 96.29
CA PRO A 412 -97.59 -10.34 96.68
C PRO A 412 -98.85 -10.10 95.87
N ASP A 413 -98.94 -10.64 94.65
CA ASP A 413 -100.10 -10.46 93.80
C ASP A 413 -101.04 -11.65 93.83
N THR A 414 -100.85 -12.57 94.78
CA THR A 414 -101.73 -13.73 94.88
C THR A 414 -103.17 -13.29 95.20
N LYS A 415 -103.34 -12.36 96.13
CA LYS A 415 -104.67 -11.86 96.45
C LYS A 415 -105.29 -11.16 95.25
N GLU A 416 -104.51 -10.36 94.53
CA GLU A 416 -105.01 -9.70 93.34
C GLU A 416 -105.38 -10.71 92.26
N THR A 417 -104.57 -11.76 92.10
CA THR A 417 -104.88 -12.79 91.12
C THR A 417 -106.19 -13.51 91.46
N ILE A 418 -106.41 -13.80 92.74
CA ILE A 418 -107.65 -14.44 93.15
C ILE A 418 -108.85 -13.55 92.86
N PHE A 419 -108.72 -12.25 93.19
CA PHE A 419 -109.80 -11.31 92.92
C PHE A 419 -110.07 -11.18 91.42
N SER A 420 -109.01 -11.14 90.61
CA SER A 420 -109.18 -11.02 89.17
C SER A 420 -109.86 -12.25 88.58
N ILE A 421 -109.49 -13.44 89.05
CA ILE A 421 -110.11 -14.67 88.56
C ILE A 421 -111.59 -14.69 88.92
N SER A 422 -111.93 -14.32 90.16
CA SER A 422 -113.32 -14.31 90.58
C SER A 422 -114.12 -13.29 89.77
N LYS A 423 -113.54 -12.11 89.52
CA LYS A 423 -114.25 -11.10 88.72
C LYS A 423 -114.43 -11.57 87.28
N ALA A 424 -113.41 -12.23 86.72
CA ALA A 424 -113.53 -12.72 85.35
C ALA A 424 -114.62 -13.78 85.24
N TYR A 425 -114.69 -14.69 86.22
CA TYR A 425 -115.76 -15.68 86.23
C TYR A 425 -117.13 -15.03 86.40
N MET A 426 -117.22 -14.02 87.27
CA MET A 426 -118.49 -13.33 87.51
C MET A 426 -118.89 -12.43 86.36
N GLN A 427 -118.01 -12.20 85.38
CA GLN A 427 -118.32 -11.34 84.25
C GLN A 427 -119.49 -11.88 83.41
N ASN A 428 -119.74 -13.18 83.44
CA ASN A 428 -120.84 -13.75 82.67
C ASN A 428 -122.17 -13.32 83.29
N PRO A 429 -123.05 -12.66 82.54
CA PRO A 429 -124.35 -12.26 83.11
C PRO A 429 -125.21 -13.44 83.51
N ASN A 430 -124.99 -14.63 82.94
CA ASN A 430 -125.75 -15.81 83.31
C ASN A 430 -125.07 -16.65 84.38
N ALA A 431 -123.87 -16.26 84.83
CA ALA A 431 -123.16 -17.02 85.84
C ALA A 431 -123.86 -16.94 87.18
N ILE A 432 -123.93 -18.07 87.88
CA ILE A 432 -124.57 -18.14 89.19
C ILE A 432 -123.50 -17.95 90.27
N ILE A 433 -123.75 -17.02 91.17
CA ILE A 433 -122.79 -16.71 92.24
C ILE A 433 -123.08 -17.61 93.43
N LEU A 434 -122.03 -18.26 93.94
CA LEU A 434 -122.12 -19.13 95.10
C LEU A 434 -121.11 -18.65 96.13
N CYS A 435 -121.55 -17.81 97.06
CA CYS A 435 -120.67 -17.25 98.07
C CYS A 435 -120.61 -18.18 99.28
N ILE A 436 -119.39 -18.40 99.79
CA ILE A 436 -119.14 -19.27 100.93
C ILE A 436 -118.38 -18.48 101.97
N GLN A 437 -118.88 -18.48 103.21
CA GLN A 437 -118.24 -17.78 104.32
C GLN A 437 -118.38 -18.65 105.56
N ASP A 438 -118.05 -18.06 106.71
CA ASP A 438 -118.10 -18.74 107.99
C ASP A 438 -119.24 -18.17 108.83
N GLY A 439 -120.01 -19.07 109.47
CA GLY A 439 -121.11 -18.64 110.31
C GLY A 439 -120.72 -18.03 111.64
N SER A 440 -119.46 -18.19 112.04
CA SER A 440 -118.96 -17.60 113.28
C SER A 440 -118.38 -16.21 113.07
N VAL A 441 -118.38 -15.71 111.85
CA VAL A 441 -117.84 -14.39 111.53
C VAL A 441 -118.97 -13.52 110.99
N ASP A 442 -119.08 -12.30 111.52
CA ASP A 442 -120.13 -11.40 111.10
C ASP A 442 -119.93 -10.94 109.66
N ALA A 443 -121.03 -10.52 109.03
CA ALA A 443 -120.98 -10.09 107.64
C ALA A 443 -120.15 -8.82 107.45
N GLU A 444 -120.01 -8.00 108.49
CA GLU A 444 -119.21 -6.78 108.39
C GLU A 444 -117.73 -7.03 108.49
N ARG A 445 -117.30 -8.21 108.93
CA ARG A 445 -115.89 -8.54 109.05
C ARG A 445 -115.33 -9.23 107.81
N SER A 446 -116.16 -9.51 106.81
CA SER A 446 -115.75 -10.20 105.59
C SER A 446 -116.02 -9.30 104.40
N ILE A 447 -115.04 -9.22 103.49
CA ILE A 447 -115.17 -8.39 102.29
C ILE A 447 -115.84 -9.12 101.15
N VAL A 448 -115.83 -10.45 101.15
CA VAL A 448 -116.39 -11.21 100.04
C VAL A 448 -117.89 -10.95 99.89
N THR A 449 -118.61 -10.95 101.02
CA THR A 449 -120.05 -10.70 100.96
C THR A 449 -120.35 -9.30 100.45
N ASP A 450 -119.54 -8.32 100.82
CA ASP A 450 -119.72 -6.96 100.30
C ASP A 450 -119.48 -6.92 98.80
N LEU A 451 -118.45 -7.61 98.32
CA LEU A 451 -118.17 -7.64 96.89
C LEU A 451 -119.29 -8.30 96.11
N VAL A 452 -119.83 -9.40 96.64
CA VAL A 452 -120.91 -10.11 95.96
C VAL A 452 -122.15 -9.22 95.84
N SER A 453 -122.49 -8.52 96.93
CA SER A 453 -123.66 -7.63 96.89
C SER A 453 -123.44 -6.47 95.93
N GLN A 454 -122.23 -5.91 95.92
CA GLN A 454 -121.96 -4.77 95.04
C GLN A 454 -122.02 -5.17 93.57
N MET A 455 -121.49 -6.35 93.23
CA MET A 455 -121.43 -6.77 91.83
C MET A 455 -122.77 -7.29 91.30
N ASP A 456 -123.73 -7.57 92.17
CA ASP A 456 -125.06 -8.05 91.77
C ASP A 456 -126.11 -7.21 92.45
N PRO A 457 -126.35 -5.98 91.97
CA PRO A 457 -127.39 -5.13 92.58
C PRO A 457 -128.79 -5.71 92.45
N HIS A 458 -129.05 -6.56 91.46
CA HIS A 458 -130.38 -7.12 91.25
C HIS A 458 -130.62 -8.38 92.08
N GLY A 459 -129.60 -9.23 92.23
CA GLY A 459 -129.76 -10.45 92.99
C GLY A 459 -130.53 -11.54 92.29
N ARG A 460 -130.67 -11.46 90.96
CA ARG A 460 -131.40 -12.47 90.22
C ARG A 460 -130.66 -13.80 90.14
N ARG A 461 -129.37 -13.83 90.48
CA ARG A 461 -128.58 -15.05 90.39
C ARG A 461 -127.67 -15.28 91.58
N THR A 462 -127.74 -14.46 92.62
CA THR A 462 -126.86 -14.61 93.77
C THR A 462 -127.40 -15.67 94.73
N ILE A 463 -126.53 -16.58 95.14
CA ILE A 463 -126.85 -17.59 96.13
C ILE A 463 -125.76 -17.57 97.20
N PHE A 464 -126.18 -17.49 98.47
CA PHE A 464 -125.25 -17.42 99.59
C PHE A 464 -125.29 -18.73 100.37
N VAL A 465 -124.10 -19.24 100.71
CA VAL A 465 -123.95 -20.48 101.45
C VAL A 465 -123.20 -20.15 102.75
N LEU A 466 -123.77 -20.55 103.88
CA LEU A 466 -123.18 -20.31 105.19
C LEU A 466 -122.68 -21.63 105.76
N THR A 467 -121.45 -21.64 106.24
CA THR A 467 -120.82 -22.83 106.77
C THR A 467 -120.69 -22.74 108.29
N LYS A 468 -120.40 -23.89 108.90
CA LYS A 468 -120.23 -23.99 110.35
C LYS A 468 -121.45 -23.47 111.10
N VAL A 469 -122.64 -23.81 110.60
CA VAL A 469 -123.87 -23.41 111.27
C VAL A 469 -123.98 -24.06 112.65
N ASP A 470 -123.55 -25.31 112.75
CA ASP A 470 -123.55 -25.99 114.06
C ASP A 470 -122.62 -25.28 115.03
N LEU A 471 -121.43 -24.87 114.56
CA LEU A 471 -120.53 -24.12 115.42
C LEU A 471 -121.11 -22.78 115.82
N ALA A 472 -121.79 -22.10 114.89
CA ALA A 472 -122.44 -20.83 115.21
C ALA A 472 -123.54 -21.02 116.23
N GLU A 473 -124.33 -22.08 116.10
CA GLU A 473 -125.36 -22.37 117.08
C GLU A 473 -124.76 -22.69 118.44
N LYS A 474 -123.65 -23.43 118.46
CA LYS A 474 -122.95 -23.71 119.71
C LYS A 474 -122.32 -22.45 120.31
N ASN A 475 -122.15 -21.40 119.51
CA ASN A 475 -121.63 -20.13 120.00
C ASN A 475 -122.73 -19.22 120.54
N VAL A 476 -123.98 -19.71 120.58
CA VAL A 476 -125.14 -18.94 121.04
C VAL A 476 -125.26 -17.72 120.13
N ALA A 477 -125.47 -17.97 118.84
CA ALA A 477 -125.70 -16.89 117.89
C ALA A 477 -127.11 -16.33 118.04
N SER A 478 -127.24 -15.04 117.78
CA SER A 478 -128.55 -14.40 117.88
C SER A 478 -129.48 -14.92 116.79
N PRO A 479 -130.67 -15.40 117.13
CA PRO A 479 -131.58 -15.91 116.10
C PRO A 479 -132.01 -14.85 115.09
N SER A 480 -132.07 -13.59 115.50
CA SER A 480 -132.49 -12.52 114.58
C SER A 480 -131.51 -12.38 113.42
N ARG A 481 -130.21 -12.41 113.71
CA ARG A 481 -129.22 -12.28 112.65
C ARG A 481 -129.28 -13.46 111.67
N ILE A 482 -129.45 -14.67 112.19
CA ILE A 482 -129.53 -15.85 111.32
C ILE A 482 -130.79 -15.78 110.46
N GLN A 483 -131.92 -15.41 111.07
CA GLN A 483 -133.17 -15.32 110.32
C GLN A 483 -133.09 -14.24 109.24
N GLN A 484 -132.49 -13.10 109.57
CA GLN A 484 -132.35 -12.02 108.59
C GLN A 484 -131.47 -12.45 107.43
N ILE A 485 -130.38 -13.17 107.70
CA ILE A 485 -129.51 -13.64 106.64
C ILE A 485 -130.24 -14.61 105.74
N ILE A 486 -130.98 -15.55 106.33
CA ILE A 486 -131.69 -16.55 105.54
C ILE A 486 -132.83 -15.91 104.76
N GLU A 487 -133.55 -14.99 105.37
CA GLU A 487 -134.70 -14.34 104.74
C GLU A 487 -134.32 -13.07 103.98
N GLY A 488 -133.03 -12.73 103.92
CA GLY A 488 -132.57 -11.59 103.16
C GLY A 488 -133.06 -10.25 103.65
N LYS A 489 -133.03 -10.02 104.96
CA LYS A 489 -133.41 -8.74 105.54
C LYS A 489 -132.21 -7.87 105.89
N LEU A 490 -131.23 -8.43 106.61
CA LEU A 490 -130.04 -7.66 106.95
C LEU A 490 -129.25 -7.27 105.70
N PHE A 491 -129.13 -8.19 104.75
CA PHE A 491 -128.42 -7.89 103.51
C PHE A 491 -129.26 -6.99 102.64
N PRO A 492 -128.75 -5.83 102.20
CA PRO A 492 -129.54 -4.96 101.32
C PRO A 492 -129.92 -5.63 100.01
N MET A 493 -129.08 -6.50 99.48
CA MET A 493 -129.39 -7.20 98.24
C MET A 493 -130.54 -8.17 98.44
N LYS A 494 -131.35 -8.34 97.40
CA LYS A 494 -132.50 -9.25 97.40
C LYS A 494 -132.19 -10.39 96.43
N ALA A 495 -131.78 -11.53 96.98
CA ALA A 495 -131.40 -12.68 96.17
C ALA A 495 -132.59 -13.63 96.03
N LEU A 496 -132.40 -14.68 95.22
CA LEU A 496 -133.46 -15.67 95.05
C LEU A 496 -133.73 -16.42 96.34
N GLY A 497 -132.68 -16.78 97.07
CA GLY A 497 -132.83 -17.49 98.32
C GLY A 497 -131.51 -17.68 99.01
N TYR A 498 -131.58 -18.15 100.24
CA TYR A 498 -130.40 -18.39 101.06
C TYR A 498 -130.48 -19.78 101.68
N PHE A 499 -129.33 -20.44 101.79
CA PHE A 499 -129.29 -21.78 102.34
C PHE A 499 -128.13 -21.89 103.34
N ALA A 500 -128.28 -22.80 104.29
CA ALA A 500 -127.27 -23.03 105.32
C ALA A 500 -126.94 -24.51 105.37
N VAL A 501 -125.64 -24.83 105.36
CA VAL A 501 -125.17 -26.20 105.42
C VAL A 501 -124.12 -26.30 106.51
N VAL A 502 -123.96 -27.52 107.04
CA VAL A 502 -123.02 -27.81 108.11
C VAL A 502 -121.85 -28.61 107.53
N THR A 503 -120.64 -28.10 107.71
CA THR A 503 -119.43 -28.73 107.20
C THR A 503 -118.74 -29.60 108.25
N GLY A 504 -119.45 -30.02 109.28
CA GLY A 504 -118.87 -30.84 110.32
C GLY A 504 -118.28 -30.02 111.44
N LYS A 505 -117.39 -30.66 112.19
CA LYS A 505 -116.70 -30.04 113.31
C LYS A 505 -115.46 -29.27 112.89
N GLY A 506 -115.12 -29.27 111.60
CA GLY A 506 -113.95 -28.57 111.11
C GLY A 506 -112.72 -29.44 110.90
N ASN A 507 -112.76 -30.70 111.30
CA ASN A 507 -111.61 -31.57 111.12
C ASN A 507 -111.38 -31.87 109.64
N SER A 508 -110.11 -31.99 109.27
CA SER A 508 -109.72 -32.25 107.90
C SER A 508 -109.67 -33.74 107.56
N SER A 509 -109.99 -34.61 108.51
CA SER A 509 -109.98 -36.05 108.28
C SER A 509 -111.35 -36.70 108.43
N GLU A 510 -112.39 -35.94 108.76
CA GLU A 510 -113.72 -36.51 108.93
C GLU A 510 -114.27 -37.02 107.60
N SER A 511 -114.97 -38.14 107.66
CA SER A 511 -115.58 -38.71 106.46
C SER A 511 -116.82 -37.90 106.06
N ILE A 512 -117.09 -37.90 104.75
CA ILE A 512 -118.24 -37.16 104.22
C ILE A 512 -119.54 -37.75 104.74
N GLU A 513 -119.65 -39.08 104.75
CA GLU A 513 -120.90 -39.72 105.15
C GLU A 513 -121.24 -39.41 106.60
N ALA A 514 -120.25 -39.44 107.50
CA ALA A 514 -120.51 -39.11 108.90
C ALA A 514 -120.94 -37.65 109.06
N ILE A 515 -120.31 -36.75 108.31
CA ILE A 515 -120.66 -35.33 108.39
C ILE A 515 -122.10 -35.11 107.94
N ARG A 516 -122.47 -35.73 106.81
CA ARG A 516 -123.84 -35.55 106.30
C ARG A 516 -124.87 -36.14 107.26
N GLU A 517 -124.61 -37.32 107.80
CA GLU A 517 -125.55 -37.92 108.74
C GLU A 517 -125.66 -37.09 110.02
N TYR A 518 -124.53 -36.59 110.52
CA TYR A 518 -124.54 -35.75 111.71
C TYR A 518 -125.30 -34.45 111.45
N GLU A 519 -125.10 -33.85 110.27
CA GLU A 519 -125.80 -32.61 109.94
C GLU A 519 -127.32 -32.83 109.89
N GLU A 520 -127.76 -33.94 109.28
CA GLU A 520 -129.19 -34.22 109.23
C GLU A 520 -129.77 -34.43 110.61
N GLU A 521 -129.07 -35.18 111.47
CA GLU A 521 -129.55 -35.40 112.83
C GLU A 521 -129.55 -34.11 113.63
N PHE A 522 -128.52 -33.29 113.45
CA PHE A 522 -128.44 -32.01 114.18
C PHE A 522 -129.59 -31.10 113.82
N PHE A 523 -129.93 -31.00 112.53
CA PHE A 523 -131.03 -30.15 112.11
C PHE A 523 -132.38 -30.74 112.48
N GLN A 524 -132.52 -32.07 112.46
CA GLN A 524 -133.77 -32.69 112.85
C GLN A 524 -134.10 -32.43 114.31
N ASN A 525 -133.07 -32.49 115.18
CA ASN A 525 -133.25 -32.24 116.60
C ASN A 525 -133.06 -30.79 116.97
N SER A 526 -132.79 -29.91 116.00
CA SER A 526 -132.60 -28.50 116.29
C SER A 526 -133.92 -27.87 116.73
N LYS A 527 -133.84 -27.03 117.77
CA LYS A 527 -135.05 -26.36 118.26
C LYS A 527 -135.50 -25.24 117.33
N LEU A 528 -134.56 -24.65 116.58
CA LEU A 528 -134.91 -23.53 115.71
C LEU A 528 -135.87 -23.97 114.59
N LEU A 529 -135.62 -25.14 114.01
CA LEU A 529 -136.48 -25.61 112.92
C LEU A 529 -137.86 -26.02 113.43
N LYS A 530 -137.91 -26.69 114.58
CA LYS A 530 -139.20 -27.10 115.14
C LYS A 530 -140.01 -25.92 115.64
N THR A 531 -139.37 -24.79 115.91
CA THR A 531 -140.05 -23.57 116.34
C THR A 531 -140.57 -22.76 115.14
N SER A 532 -140.29 -23.22 113.92
CA SER A 532 -140.67 -22.56 112.68
C SER A 532 -139.99 -21.21 112.49
N MET A 533 -138.86 -20.98 113.18
CA MET A 533 -138.10 -19.76 112.95
C MET A 533 -137.51 -19.75 111.53
N LEU A 534 -137.03 -20.89 111.06
CA LEU A 534 -136.46 -21.03 109.73
C LEU A 534 -137.24 -22.08 108.96
N LYS A 535 -137.43 -21.84 107.66
CA LYS A 535 -138.19 -22.75 106.83
C LYS A 535 -137.48 -24.09 106.71
N ALA A 536 -138.28 -25.17 106.69
CA ALA A 536 -137.71 -26.52 106.64
C ALA A 536 -137.05 -26.84 105.31
N HIS A 537 -137.47 -26.19 104.24
CA HIS A 537 -136.91 -26.45 102.91
C HIS A 537 -135.73 -25.55 102.58
N GLN A 538 -135.31 -24.69 103.52
CA GLN A 538 -134.18 -23.80 103.30
C GLN A 538 -132.88 -24.33 103.91
N VAL A 539 -132.88 -25.58 104.37
CA VAL A 539 -131.70 -26.18 104.98
C VAL A 539 -131.31 -27.43 104.21
N THR A 540 -130.25 -28.11 104.68
CA THR A 540 -129.72 -29.35 104.11
C THR A 540 -129.13 -29.14 102.72
N THR A 541 -128.13 -29.96 102.36
CA THR A 541 -127.48 -29.83 101.07
C THR A 541 -128.35 -30.37 99.93
N ARG A 542 -129.20 -31.35 100.21
CA ARG A 542 -130.03 -31.95 99.16
C ARG A 542 -130.98 -30.92 98.56
N ASN A 543 -131.64 -30.12 99.41
CA ASN A 543 -132.56 -29.11 98.91
C ASN A 543 -131.82 -28.05 98.09
N LEU A 544 -130.66 -27.61 98.57
CA LEU A 544 -129.89 -26.60 97.84
C LEU A 544 -129.40 -27.14 96.50
N SER A 545 -128.92 -28.39 96.49
CA SER A 545 -128.42 -28.96 95.25
C SER A 545 -129.52 -29.12 94.21
N LEU A 546 -130.70 -29.57 94.64
CA LEU A 546 -131.81 -29.74 93.71
C LEU A 546 -132.26 -28.41 93.13
N ALA A 547 -132.37 -27.38 93.97
CA ALA A 547 -132.81 -26.08 93.49
C ALA A 547 -131.79 -25.47 92.53
N VAL A 548 -130.49 -25.58 92.85
CA VAL A 548 -129.46 -25.04 91.96
C VAL A 548 -129.43 -25.80 90.65
N SER A 549 -129.53 -27.13 90.70
CA SER A 549 -129.47 -27.94 89.48
C SER A 549 -130.63 -27.62 88.54
N ASP A 550 -131.84 -27.52 89.08
CA ASP A 550 -133.00 -27.24 88.23
C ASP A 550 -132.92 -25.85 87.61
N CYS A 551 -132.55 -24.85 88.40
CA CYS A 551 -132.43 -23.50 87.87
C CYS A 551 -131.32 -23.39 86.83
N PHE A 552 -130.16 -24.00 87.12
CA PHE A 552 -129.04 -23.95 86.19
C PHE A 552 -129.37 -24.65 84.89
N TRP A 553 -130.02 -25.82 84.97
CA TRP A 553 -130.34 -26.58 83.77
C TRP A 553 -131.33 -25.83 82.88
N LYS A 554 -132.34 -25.21 83.49
CA LYS A 554 -133.33 -24.48 82.70
C LYS A 554 -132.69 -23.31 81.96
N MET A 555 -131.80 -22.57 82.64
CA MET A 555 -131.09 -21.48 81.97
C MET A 555 -130.19 -22.00 80.86
N VAL A 556 -129.57 -23.17 81.07
CA VAL A 556 -128.72 -23.77 80.05
C VAL A 556 -129.53 -24.12 78.81
N ARG A 557 -130.72 -24.69 79.01
CA ARG A 557 -131.55 -25.10 77.87
C ARG A 557 -131.89 -23.92 76.98
N GLU A 558 -132.31 -22.80 77.57
CA GLU A 558 -132.64 -21.62 76.78
C GLU A 558 -131.41 -21.07 76.08
N SER A 559 -130.29 -20.98 76.81
CA SER A 559 -129.08 -20.40 76.24
C SER A 559 -128.53 -21.25 75.10
N VAL A 560 -128.55 -22.58 75.25
CA VAL A 560 -127.95 -23.44 74.24
C VAL A 560 -128.74 -23.39 72.93
N GLU A 561 -130.07 -23.20 73.01
CA GLU A 561 -130.86 -23.07 71.80
C GLU A 561 -130.45 -21.81 71.01
N GLN A 562 -130.27 -20.70 71.72
CA GLN A 562 -129.84 -19.48 71.05
C GLN A 562 -128.45 -19.63 70.46
N GLN A 563 -127.53 -20.25 71.21
CA GLN A 563 -126.17 -20.46 70.72
C GLN A 563 -126.15 -21.37 69.50
N ALA A 564 -126.95 -22.43 69.50
CA ALA A 564 -126.97 -23.35 68.36
C ALA A 564 -127.43 -22.65 67.10
N ASP A 565 -128.47 -21.83 67.19
CA ASP A 565 -128.92 -21.07 66.02
C ASP A 565 -127.85 -20.09 65.56
N SER A 566 -127.20 -19.40 66.50
CA SER A 566 -126.15 -18.45 66.15
C SER A 566 -124.97 -19.14 65.49
N PHE A 567 -124.57 -20.30 66.03
CA PHE A 567 -123.45 -21.04 65.45
C PHE A 567 -123.77 -21.52 64.04
N LYS A 568 -125.00 -22.00 63.82
CA LYS A 568 -125.39 -22.44 62.49
C LYS A 568 -125.36 -21.29 61.49
N ALA A 569 -125.88 -20.13 61.90
CA ALA A 569 -125.83 -18.96 61.02
C ALA A 569 -124.40 -18.52 60.75
N THR A 570 -123.56 -18.52 61.80
CA THR A 570 -122.16 -18.12 61.62
C THR A 570 -121.44 -19.07 60.68
N ARG A 571 -121.66 -20.38 60.83
CA ARG A 571 -121.03 -21.35 59.93
C ARG A 571 -121.51 -21.16 58.50
N PHE A 572 -122.79 -20.84 58.32
CA PHE A 572 -123.32 -20.58 56.98
C PHE A 572 -122.61 -19.40 56.33
N ASN A 573 -122.38 -18.33 57.10
CA ASN A 573 -121.66 -17.17 56.56
C ASN A 573 -120.26 -17.56 56.12
N LEU A 574 -119.56 -18.35 56.94
CA LEU A 574 -118.22 -18.79 56.56
C LEU A 574 -118.24 -19.64 55.29
N GLU A 575 -119.22 -20.55 55.18
CA GLU A 575 -119.33 -21.36 53.97
C GLU A 575 -119.64 -20.49 52.75
N THR A 576 -120.52 -19.50 52.91
CA THR A 576 -120.85 -18.60 51.81
C THR A 576 -119.62 -17.83 51.35
N GLU A 577 -118.80 -17.36 52.30
CA GLU A 577 -117.57 -16.67 51.92
C GLU A 577 -116.62 -17.59 51.19
N TRP A 578 -116.53 -18.86 51.61
CA TRP A 578 -115.68 -19.82 50.92
C TRP A 578 -116.12 -20.02 49.48
N LYS A 579 -117.43 -20.18 49.26
CA LYS A 579 -117.93 -20.35 47.90
C LYS A 579 -117.65 -19.13 47.04
N ASN A 580 -117.84 -17.94 47.60
CA ASN A 580 -117.66 -16.71 46.84
C ASN A 580 -116.20 -16.52 46.43
N ASN A 581 -115.27 -16.86 47.32
CA ASN A 581 -113.84 -16.68 47.07
C ASN A 581 -113.19 -17.88 46.41
N TYR A 582 -113.50 -19.09 46.88
CA TYR A 582 -112.90 -20.33 46.38
C TYR A 582 -114.00 -21.32 46.07
N PRO A 583 -114.69 -21.14 44.94
CA PRO A 583 -115.79 -22.06 44.60
C PRO A 583 -115.30 -23.41 44.09
N ARG A 584 -114.12 -23.43 43.47
CA ARG A 584 -113.59 -24.64 42.83
C ARG A 584 -112.48 -25.29 43.65
N LEU A 585 -112.42 -25.00 44.95
CA LEU A 585 -111.41 -25.57 45.83
C LEU A 585 -112.08 -26.28 46.99
N ARG A 586 -111.27 -27.04 47.73
CA ARG A 586 -111.72 -27.85 48.85
C ARG A 586 -111.01 -27.40 50.12
N GLU A 587 -111.75 -27.27 51.21
CA GLU A 587 -111.17 -26.87 52.47
C GLU A 587 -110.42 -28.03 53.12
N LEU A 588 -109.18 -27.79 53.49
CA LEU A 588 -108.34 -28.78 54.16
C LEU A 588 -107.69 -28.15 55.39
N ASP A 589 -107.41 -28.97 56.39
CA ASP A 589 -106.76 -28.50 57.60
C ASP A 589 -105.27 -28.34 57.37
N ARG A 590 -104.55 -27.98 58.44
CA ARG A 590 -103.11 -27.74 58.32
C ARG A 590 -102.37 -29.01 57.92
N ASN A 591 -102.75 -30.15 58.50
CA ASN A 591 -102.08 -31.40 58.18
C ASN A 591 -102.30 -31.80 56.72
N GLU A 592 -103.54 -31.74 56.25
CA GLU A 592 -103.84 -32.14 54.87
C GLU A 592 -103.14 -31.24 53.87
N LEU A 593 -103.05 -29.94 54.16
CA LEU A 593 -102.33 -29.04 53.27
C LEU A 593 -100.85 -29.42 53.18
N PHE A 594 -100.26 -29.87 54.29
CA PHE A 594 -98.88 -30.33 54.27
C PHE A 594 -98.73 -31.55 53.36
N GLU A 595 -99.67 -32.49 53.44
CA GLU A 595 -99.63 -33.66 52.57
C GLU A 595 -99.76 -33.27 51.11
N LYS A 596 -100.68 -32.36 50.80
CA LYS A 596 -100.84 -31.91 49.42
C LYS A 596 -99.60 -31.19 48.92
N ALA A 597 -99.00 -30.36 49.78
CA ALA A 597 -97.82 -29.61 49.37
C ALA A 597 -96.65 -30.53 49.04
N LYS A 598 -96.41 -31.54 49.87
CA LYS A 598 -95.29 -32.45 49.61
C LYS A 598 -95.49 -33.25 48.34
N ASN A 599 -96.73 -33.66 48.04
CA ASN A 599 -96.99 -34.38 46.80
C ASN A 599 -96.69 -33.52 45.58
N GLU A 600 -97.06 -32.24 45.64
CA GLU A 600 -96.72 -31.33 44.54
C GLU A 600 -95.21 -31.19 44.39
N ILE A 601 -94.48 -31.17 45.51
CA ILE A 601 -93.03 -31.08 45.45
C ILE A 601 -92.45 -32.29 44.74
N LEU A 602 -92.94 -33.49 45.08
CA LEU A 602 -92.45 -34.71 44.44
C LEU A 602 -92.76 -34.70 42.94
N ASP A 603 -93.93 -34.16 42.56
CA ASP A 603 -94.26 -34.06 41.15
C ASP A 603 -93.28 -33.15 40.41
N GLU A 604 -92.93 -32.03 41.03
CA GLU A 604 -91.97 -31.12 40.40
C GLU A 604 -90.59 -31.75 40.31
N VAL A 605 -90.23 -32.59 41.29
CA VAL A 605 -88.97 -33.33 41.22
C VAL A 605 -88.96 -34.25 40.01
N ILE A 606 -90.06 -34.96 39.79
CA ILE A 606 -90.15 -35.87 38.64
C ILE A 606 -90.14 -35.08 37.34
N SER A 607 -90.89 -33.98 37.29
CA SER A 607 -90.95 -33.16 36.07
C SER A 607 -89.57 -32.58 35.73
N LEU A 608 -88.71 -32.38 36.73
CA LEU A 608 -87.36 -31.89 36.46
C LEU A 608 -86.57 -32.88 35.62
N SER A 609 -86.88 -34.18 35.74
CA SER A 609 -86.21 -35.21 34.93
C SER A 609 -86.86 -35.41 33.57
N GLN A 610 -87.89 -34.63 33.24
CA GLN A 610 -88.61 -34.76 31.97
C GLN A 610 -88.16 -33.71 30.97
N VAL A 611 -86.88 -33.35 30.99
CA VAL A 611 -86.33 -32.34 30.09
C VAL A 611 -85.40 -33.04 29.11
N THR A 612 -85.40 -32.53 27.88
CA THR A 612 -84.59 -33.14 26.82
C THR A 612 -83.12 -33.08 27.19
N PRO A 613 -82.36 -34.16 26.95
CA PRO A 613 -80.93 -34.15 27.31
C PRO A 613 -80.12 -33.07 26.60
N LYS A 614 -80.56 -32.65 25.41
CA LYS A 614 -79.83 -31.62 24.67
C LYS A 614 -79.76 -30.32 25.45
N HIS A 615 -80.86 -29.93 26.08
CA HIS A 615 -80.88 -28.69 26.85
C HIS A 615 -79.88 -28.74 28.00
N TRP A 616 -79.81 -29.88 28.69
CA TRP A 616 -78.85 -30.04 29.79
C TRP A 616 -77.42 -29.93 29.28
N GLU A 617 -77.13 -30.57 28.14
CA GLU A 617 -75.76 -30.57 27.63
C GLU A 617 -75.33 -29.17 27.21
N GLU A 618 -76.21 -28.42 26.56
CA GLU A 618 -75.87 -27.07 26.13
C GLU A 618 -75.55 -26.17 27.33
N ILE A 619 -76.39 -26.24 28.36
CA ILE A 619 -76.18 -25.41 29.55
C ILE A 619 -74.89 -25.80 30.25
N LEU A 620 -74.68 -27.11 30.43
CA LEU A 620 -73.49 -27.59 31.14
C LEU A 620 -72.22 -27.24 30.39
N GLN A 621 -72.22 -27.42 29.06
CA GLN A 621 -71.03 -27.11 28.27
C GLN A 621 -70.68 -25.63 28.34
N GLN A 622 -71.68 -24.76 28.16
CA GLN A 622 -71.42 -23.33 28.16
C GLN A 622 -70.95 -22.85 29.53
N SER A 623 -71.60 -23.33 30.60
CA SER A 623 -71.23 -22.91 31.94
C SER A 623 -69.81 -23.36 32.30
N LEU A 624 -69.50 -24.63 32.02
CA LEU A 624 -68.18 -25.14 32.35
C LEU A 624 -67.09 -24.45 31.55
N TRP A 625 -67.33 -24.23 30.25
CA TRP A 625 -66.33 -23.58 29.41
C TRP A 625 -66.02 -22.17 29.90
N GLU A 626 -67.06 -21.37 30.16
CA GLU A 626 -66.84 -20.01 30.63
C GLU A 626 -66.21 -19.97 32.01
N ARG A 627 -66.47 -20.99 32.83
CA ARG A 627 -65.90 -21.03 34.18
C ARG A 627 -64.39 -21.20 34.14
N VAL A 628 -63.88 -21.97 33.17
CA VAL A 628 -62.47 -22.32 33.13
C VAL A 628 -61.73 -21.69 31.95
N SER A 629 -62.41 -20.96 31.08
CA SER A 629 -61.74 -20.39 29.91
C SER A 629 -60.66 -19.40 30.30
N THR A 630 -60.94 -18.55 31.31
CA THR A 630 -59.96 -17.56 31.73
C THR A 630 -58.70 -18.24 32.29
N HIS A 631 -58.89 -19.23 33.15
CA HIS A 631 -57.74 -19.92 33.74
C HIS A 631 -56.92 -20.65 32.68
N VAL A 632 -57.60 -21.31 31.74
CA VAL A 632 -56.90 -22.11 30.74
C VAL A 632 -56.06 -21.22 29.84
N ILE A 633 -56.67 -20.15 29.31
CA ILE A 633 -55.97 -19.31 28.34
C ILE A 633 -54.84 -18.53 29.01
N GLU A 634 -55.16 -17.87 30.12
CA GLU A 634 -54.17 -16.97 30.75
C GLU A 634 -53.03 -17.75 31.38
N ASN A 635 -53.35 -18.77 32.18
CA ASN A 635 -52.33 -19.45 32.96
C ASN A 635 -51.60 -20.55 32.20
N ILE A 636 -52.10 -20.98 31.04
CA ILE A 636 -51.47 -22.09 30.33
C ILE A 636 -51.10 -21.67 28.91
N TYR A 637 -52.09 -21.18 28.16
CA TYR A 637 -51.86 -20.87 26.75
C TYR A 637 -50.85 -19.74 26.60
N LEU A 638 -51.05 -18.64 27.33
CA LEU A 638 -50.17 -17.48 27.19
C LEU A 638 -48.72 -17.78 27.55
N PRO A 639 -48.40 -18.39 28.70
CA PRO A 639 -46.97 -18.67 28.99
C PRO A 639 -46.32 -19.57 27.95
N ALA A 640 -47.06 -20.55 27.43
CA ALA A 640 -46.49 -21.49 26.46
C ALA A 640 -46.34 -20.87 25.08
N ALA A 641 -47.26 -19.97 24.70
CA ALA A 641 -47.22 -19.37 23.36
C ALA A 641 -46.02 -18.46 23.17
N GLN A 642 -45.37 -18.02 24.24
CA GLN A 642 -44.23 -17.12 24.10
C GLN A 642 -43.08 -17.78 23.36
N THR A 643 -42.80 -19.04 23.68
CA THR A 643 -41.71 -19.76 23.02
C THR A 643 -42.03 -20.05 21.57
N MET A 644 -41.03 -19.92 20.71
CA MET A 644 -41.18 -20.22 19.29
C MET A 644 -40.93 -21.67 18.95
N ASN A 645 -40.46 -22.47 19.90
CA ASN A 645 -40.20 -23.89 19.67
C ASN A 645 -41.47 -24.68 19.92
N SER A 646 -41.96 -25.37 18.88
CA SER A 646 -43.20 -26.14 19.00
C SER A 646 -43.07 -27.25 20.02
N GLY A 647 -41.92 -27.94 20.04
CA GLY A 647 -41.74 -29.03 20.99
C GLY A 647 -41.78 -28.57 22.43
N THR A 648 -41.07 -27.48 22.73
CA THR A 648 -41.11 -26.92 24.09
C THR A 648 -42.50 -26.39 24.41
N PHE A 649 -43.16 -25.77 23.44
CA PHE A 649 -44.52 -25.27 23.64
C PHE A 649 -45.47 -26.40 24.02
N ASN A 650 -45.43 -27.51 23.27
CA ASN A 650 -46.31 -28.63 23.56
C ASN A 650 -45.97 -29.26 24.91
N THR A 651 -44.69 -29.38 25.24
CA THR A 651 -44.29 -29.97 26.51
C THR A 651 -44.82 -29.15 27.69
N THR A 652 -44.71 -27.83 27.60
CA THR A 652 -45.21 -26.97 28.67
C THR A 652 -46.73 -27.12 28.83
N VAL A 653 -47.45 -27.22 27.72
CA VAL A 653 -48.91 -27.37 27.78
C VAL A 653 -49.28 -28.67 28.48
N ASP A 654 -48.61 -29.76 28.11
CA ASP A 654 -48.93 -31.07 28.70
C ASP A 654 -48.66 -31.07 30.20
N ILE A 655 -47.53 -30.50 30.63
CA ILE A 655 -47.20 -30.47 32.05
C ILE A 655 -48.23 -29.66 32.82
N LYS A 656 -48.60 -28.49 32.28
CA LYS A 656 -49.59 -27.66 32.94
C LYS A 656 -50.95 -28.34 33.02
N LEU A 657 -51.34 -29.04 31.94
CA LEU A 657 -52.63 -29.73 31.93
C LEU A 657 -52.70 -30.79 33.03
N LYS A 658 -51.64 -31.60 33.15
CA LYS A 658 -51.65 -32.68 34.14
C LYS A 658 -51.74 -32.11 35.55
N GLN A 659 -50.98 -31.05 35.84
CA GLN A 659 -51.00 -30.46 37.17
C GLN A 659 -52.37 -29.91 37.52
N TRP A 660 -53.02 -29.21 36.58
CA TRP A 660 -54.31 -28.61 36.85
C TRP A 660 -55.41 -29.66 36.92
N THR A 661 -55.40 -30.62 35.99
CA THR A 661 -56.49 -31.60 35.91
C THR A 661 -56.53 -32.51 37.14
N ASP A 662 -55.37 -32.93 37.63
CA ASP A 662 -55.34 -33.92 38.70
C ASP A 662 -55.86 -33.38 40.03
N LYS A 663 -55.90 -32.06 40.20
CA LYS A 663 -56.30 -31.52 41.50
C LYS A 663 -57.47 -30.54 41.42
N GLN A 664 -57.56 -29.74 40.37
CA GLN A 664 -58.54 -28.66 40.29
C GLN A 664 -59.71 -28.95 39.38
N LEU A 665 -59.50 -29.70 38.30
CA LEU A 665 -60.57 -29.93 37.33
C LEU A 665 -61.79 -30.63 37.93
N PRO A 666 -61.67 -31.74 38.66
CA PRO A 666 -62.88 -32.39 39.21
C PRO A 666 -63.67 -31.50 40.15
N ASN A 667 -62.99 -30.66 40.95
CA ASN A 667 -63.69 -29.78 41.86
C ASN A 667 -64.52 -28.75 41.11
N LYS A 668 -63.94 -28.14 40.07
CA LYS A 668 -64.68 -27.16 39.28
C LYS A 668 -65.84 -27.79 38.54
N ALA A 669 -65.64 -28.99 37.99
CA ALA A 669 -66.73 -29.66 37.28
C ALA A 669 -67.88 -30.00 38.22
N VAL A 670 -67.58 -30.46 39.43
CA VAL A 670 -68.63 -30.78 40.39
C VAL A 670 -69.40 -29.52 40.77
N GLU A 671 -68.69 -28.42 41.03
CA GLU A 671 -69.36 -27.17 41.39
C GLU A 671 -70.22 -26.65 40.25
N VAL A 672 -69.71 -26.73 39.02
CA VAL A 672 -70.47 -26.23 37.87
C VAL A 672 -71.72 -27.06 37.66
N ALA A 673 -71.59 -28.40 37.72
CA ALA A 673 -72.73 -29.27 37.55
C ALA A 673 -73.76 -29.07 38.65
N TRP A 674 -73.31 -28.95 39.90
CA TRP A 674 -74.23 -28.72 41.00
C TRP A 674 -74.93 -27.37 40.88
N GLU A 675 -74.19 -26.34 40.45
CA GLU A 675 -74.79 -25.03 40.28
C GLU A 675 -75.88 -25.04 39.20
N THR A 676 -75.62 -25.72 38.09
CA THR A 676 -76.63 -25.82 37.03
C THR A 676 -77.87 -26.54 37.54
N LEU A 677 -77.68 -27.62 38.29
CA LEU A 677 -78.82 -28.32 38.88
C LEU A 677 -79.56 -27.42 39.87
N GLN A 678 -78.83 -26.62 40.65
CA GLN A 678 -79.46 -25.70 41.57
C GLN A 678 -80.31 -24.68 40.83
N GLU A 679 -79.81 -24.15 39.70
CA GLU A 679 -80.55 -23.14 38.96
C GLU A 679 -81.88 -23.68 38.47
N GLU A 680 -81.87 -24.85 37.82
CA GLU A 680 -83.11 -25.44 37.32
C GLU A 680 -84.05 -25.81 38.45
N PHE A 681 -83.53 -26.42 39.51
CA PHE A 681 -84.37 -26.86 40.61
C PHE A 681 -84.99 -25.67 41.34
N SER A 682 -84.18 -24.69 41.70
CA SER A 682 -84.68 -23.53 42.43
C SER A 682 -85.69 -22.75 41.60
N ARG A 683 -85.41 -22.58 40.31
CA ARG A 683 -86.35 -21.86 39.44
C ARG A 683 -87.70 -22.55 39.40
N PHE A 684 -87.71 -23.86 39.15
CA PHE A 684 -88.96 -24.62 39.10
C PHE A 684 -89.74 -24.51 40.39
N MET A 685 -89.04 -24.39 41.53
CA MET A 685 -89.74 -24.17 42.79
C MET A 685 -90.45 -22.83 42.80
N THR A 686 -89.90 -21.84 42.10
CA THR A 686 -90.41 -20.47 42.15
C THR A 686 -90.88 -19.96 40.79
N GLU A 687 -91.20 -20.85 39.86
CA GLU A 687 -91.75 -20.41 38.57
C GLU A 687 -93.17 -19.89 38.76
N PRO A 688 -93.45 -18.63 38.42
CA PRO A 688 -94.82 -18.11 38.54
C PRO A 688 -95.68 -18.60 37.38
N LYS A 689 -96.73 -19.35 37.71
CA LYS A 689 -97.63 -19.91 36.69
C LYS A 689 -98.76 -18.94 36.42
N GLY A 690 -98.38 -17.75 35.96
CA GLY A 690 -99.35 -16.72 35.63
C GLY A 690 -100.12 -16.25 36.84
N LYS A 691 -101.36 -15.81 36.60
CA LYS A 691 -102.23 -15.38 37.68
C LYS A 691 -102.70 -16.54 38.55
N GLU A 692 -102.56 -17.78 38.08
CA GLU A 692 -103.01 -18.95 38.82
C GLU A 692 -102.01 -19.39 39.89
N HIS A 693 -100.84 -18.75 39.96
CA HIS A 693 -99.84 -19.14 40.95
C HIS A 693 -100.35 -18.90 42.37
N ASP A 694 -100.12 -19.87 43.24
CA ASP A 694 -100.48 -19.78 44.64
C ASP A 694 -99.28 -19.27 45.45
N ASP A 695 -99.58 -18.52 46.51
CA ASP A 695 -98.53 -17.87 47.30
C ASP A 695 -98.33 -18.47 48.67
N ILE A 696 -99.30 -19.22 49.20
CA ILE A 696 -99.15 -19.80 50.54
C ILE A 696 -98.06 -20.86 50.54
N PHE A 697 -97.95 -21.64 49.47
CA PHE A 697 -96.98 -22.72 49.42
C PHE A 697 -95.57 -22.22 49.12
N ASP A 698 -95.42 -20.98 48.65
CA ASP A 698 -94.10 -20.46 48.29
C ASP A 698 -93.17 -20.41 49.50
N LYS A 699 -93.69 -19.98 50.65
CA LYS A 699 -92.86 -19.90 51.85
C LYS A 699 -92.35 -21.28 52.25
N LEU A 700 -93.22 -22.29 52.21
CA LEU A 700 -92.79 -23.66 52.54
C LEU A 700 -91.78 -24.18 51.53
N LYS A 701 -91.99 -23.87 50.24
CA LYS A 701 -91.08 -24.33 49.20
C LYS A 701 -89.68 -23.78 49.42
N GLU A 702 -89.58 -22.48 49.75
CA GLU A 702 -88.27 -21.87 49.95
C GLU A 702 -87.57 -22.45 51.17
N ALA A 703 -88.31 -22.70 52.26
CA ALA A 703 -87.72 -23.26 53.46
C ALA A 703 -87.16 -24.65 53.20
N VAL A 704 -87.93 -25.48 52.50
CA VAL A 704 -87.45 -26.83 52.18
C VAL A 704 -86.28 -26.76 51.22
N LYS A 705 -86.32 -25.82 50.27
CA LYS A 705 -85.24 -25.70 49.30
C LYS A 705 -83.90 -25.38 49.98
N GLU A 706 -83.91 -24.44 50.93
CA GLU A 706 -82.69 -24.09 51.63
C GLU A 706 -82.16 -25.25 52.46
N GLU A 707 -83.04 -25.96 53.17
CA GLU A 707 -82.60 -27.09 53.98
C GLU A 707 -82.08 -28.22 53.11
N SER A 708 -82.75 -28.48 51.97
CA SER A 708 -82.30 -29.54 51.06
C SER A 708 -80.92 -29.23 50.50
N ILE A 709 -80.68 -27.96 50.13
CA ILE A 709 -79.38 -27.58 49.57
C ILE A 709 -78.27 -27.81 50.59
N LYS A 710 -78.52 -27.47 51.86
CA LYS A 710 -77.52 -27.70 52.89
C LYS A 710 -77.19 -29.17 53.05
N ARG A 711 -78.21 -30.03 52.99
CA ARG A 711 -78.01 -31.47 53.14
C ARG A 711 -77.49 -32.15 51.88
N HIS A 712 -77.40 -31.43 50.76
CA HIS A 712 -76.92 -32.03 49.53
C HIS A 712 -75.45 -32.44 49.65
N LYS A 713 -75.13 -33.61 49.11
CA LYS A 713 -73.75 -34.12 49.13
C LYS A 713 -73.51 -34.92 47.86
N TRP A 714 -72.61 -34.42 47.01
CA TRP A 714 -72.29 -35.09 45.76
C TRP A 714 -71.44 -36.32 46.03
N ASN A 715 -71.50 -37.27 45.08
CA ASN A 715 -70.72 -38.50 45.19
C ASN A 715 -69.22 -38.19 45.23
N ASP A 716 -68.53 -38.78 46.20
CA ASP A 716 -67.10 -38.55 46.34
C ASP A 716 -66.30 -39.31 45.29
N PHE A 717 -66.78 -40.46 44.86
CA PHE A 717 -66.08 -41.28 43.88
C PHE A 717 -66.18 -40.74 42.46
N ALA A 718 -67.12 -39.83 42.20
CA ALA A 718 -67.25 -39.25 40.87
C ALA A 718 -66.03 -38.46 40.47
N GLU A 719 -65.44 -37.70 41.42
CA GLU A 719 -64.26 -36.90 41.11
C GLU A 719 -63.10 -37.77 40.67
N ASP A 720 -62.83 -38.85 41.42
CA ASP A 720 -61.73 -39.74 41.05
C ASP A 720 -61.97 -40.44 39.72
N SER A 721 -63.21 -40.90 39.49
CA SER A 721 -63.51 -41.56 38.22
C SER A 721 -63.37 -40.60 37.05
N LEU A 722 -63.89 -39.38 37.18
CA LEU A 722 -63.84 -38.43 36.08
C LEU A 722 -62.41 -37.99 35.76
N ARG A 723 -61.53 -37.94 36.77
CA ARG A 723 -60.16 -37.53 36.54
C ARG A 723 -59.50 -38.39 35.48
N VAL A 724 -59.66 -39.71 35.59
CA VAL A 724 -59.12 -40.62 34.58
C VAL A 724 -59.85 -40.47 33.26
N ILE A 725 -61.17 -40.23 33.32
CA ILE A 725 -61.99 -40.20 32.11
C ILE A 725 -61.52 -39.07 31.19
N GLN A 726 -61.42 -37.86 31.72
CA GLN A 726 -60.97 -36.73 30.90
C GLN A 726 -59.48 -36.79 30.60
N HIS A 727 -58.68 -37.46 31.44
CA HIS A 727 -57.26 -37.60 31.14
C HIS A 727 -57.05 -38.40 29.86
N ASN A 728 -57.76 -39.53 29.72
CA ASN A 728 -57.65 -40.33 28.51
C ASN A 728 -58.27 -39.61 27.32
N ALA A 729 -59.36 -38.88 27.55
CA ALA A 729 -60.01 -38.15 26.46
C ALA A 729 -59.08 -37.09 25.87
N LEU A 730 -58.36 -36.37 26.72
CA LEU A 730 -57.47 -35.31 26.24
C LEU A 730 -56.15 -35.85 25.71
N GLU A 731 -55.84 -37.13 25.95
CA GLU A 731 -54.57 -37.68 25.51
C GLU A 731 -54.52 -37.91 24.00
N ASP A 732 -55.66 -37.93 23.32
CA ASP A 732 -55.66 -38.11 21.88
C ASP A 732 -55.09 -36.89 21.18
N ARG A 733 -54.42 -37.12 20.04
CA ARG A 733 -53.77 -36.06 19.29
C ARG A 733 -54.06 -36.16 17.79
N SER A 734 -55.13 -36.86 17.40
CA SER A 734 -55.45 -37.06 16.00
C SER A 734 -56.88 -36.60 15.73
N ILE A 735 -57.03 -35.78 14.70
CA ILE A 735 -58.35 -35.27 14.29
C ILE A 735 -58.68 -35.93 12.96
N SER A 736 -59.56 -36.94 13.01
CA SER A 736 -59.91 -37.69 11.82
C SER A 736 -61.06 -37.07 11.03
N ASP A 737 -61.73 -36.05 11.58
CA ASP A 737 -62.90 -35.45 10.95
C ASP A 737 -62.55 -34.06 10.45
N LYS A 738 -62.89 -33.79 9.19
CA LYS A 738 -62.69 -32.45 8.63
C LYS A 738 -63.57 -31.42 9.33
N GLN A 739 -64.82 -31.79 9.63
CA GLN A 739 -65.73 -30.86 10.27
C GLN A 739 -65.28 -30.53 11.69
N GLN A 740 -64.65 -31.48 12.39
CA GLN A 740 -64.12 -31.21 13.72
C GLN A 740 -63.04 -30.14 13.67
N TRP A 741 -62.17 -30.20 12.66
CA TRP A 741 -61.15 -29.17 12.48
C TRP A 741 -61.79 -27.80 12.25
N ASP A 742 -62.81 -27.75 11.41
CA ASP A 742 -63.51 -26.49 11.17
C ASP A 742 -64.22 -26.00 12.43
N ALA A 743 -64.82 -26.91 13.19
CA ALA A 743 -65.50 -26.53 14.43
C ALA A 743 -64.51 -25.96 15.44
N ALA A 744 -63.32 -26.55 15.54
CA ALA A 744 -62.31 -26.02 16.44
C ALA A 744 -61.87 -24.62 16.04
N ILE A 745 -61.76 -24.37 14.73
CA ILE A 745 -61.40 -23.04 14.25
C ILE A 745 -62.47 -22.03 14.65
N TYR A 746 -63.74 -22.37 14.46
CA TYR A 746 -64.82 -21.47 14.85
C TYR A 746 -64.84 -21.25 16.35
N PHE A 747 -64.63 -22.32 17.13
CA PHE A 747 -64.61 -22.18 18.59
C PHE A 747 -63.45 -21.29 19.03
N MET A 748 -62.28 -21.45 18.41
CA MET A 748 -61.14 -20.59 18.72
C MET A 748 -61.43 -19.14 18.37
N GLU A 749 -62.09 -18.91 17.23
CA GLU A 749 -62.39 -17.54 16.81
C GLU A 749 -63.31 -16.84 17.82
N GLU A 750 -64.33 -17.54 18.30
CA GLU A 750 -65.25 -16.95 19.27
C GLU A 750 -64.52 -16.61 20.57
N ALA A 751 -63.69 -17.54 21.06
CA ALA A 751 -62.94 -17.28 22.28
C ALA A 751 -61.95 -16.14 22.10
N LEU A 752 -61.24 -16.12 20.96
CA LEU A 752 -60.28 -15.06 20.70
C LEU A 752 -60.97 -13.71 20.58
N GLN A 753 -62.14 -13.67 19.93
CA GLN A 753 -62.85 -12.40 19.76
C GLN A 753 -63.29 -11.84 21.11
N ALA A 754 -63.76 -12.69 22.02
CA ALA A 754 -64.15 -12.23 23.34
C ALA A 754 -62.96 -11.62 24.08
N ARG A 755 -61.82 -12.30 24.07
CA ARG A 755 -60.63 -11.76 24.71
C ARG A 755 -60.15 -10.49 24.01
N LEU A 756 -60.23 -10.47 22.68
CA LEU A 756 -59.83 -9.28 21.94
C LEU A 756 -60.70 -8.08 22.28
N LYS A 757 -62.01 -8.30 22.42
CA LYS A 757 -62.91 -7.21 22.78
C LYS A 757 -62.58 -6.64 24.15
N ASP A 758 -62.26 -7.50 25.11
CA ASP A 758 -61.84 -7.01 26.43
C ASP A 758 -60.55 -6.20 26.33
N THR A 759 -59.59 -6.68 25.53
CA THR A 759 -58.34 -5.95 25.35
C THR A 759 -58.59 -4.60 24.67
N GLU A 760 -59.48 -4.58 23.67
CA GLU A 760 -59.82 -3.32 23.01
C GLU A 760 -60.47 -2.34 23.98
N ASN A 761 -61.35 -2.84 24.86
CA ASN A 761 -62.01 -1.97 25.83
C ASN A 761 -60.99 -1.34 26.78
N ALA A 762 -60.04 -2.12 27.26
CA ALA A 762 -58.99 -1.57 28.12
C ALA A 762 -58.14 -0.55 27.37
N ILE A 763 -57.77 -0.86 26.12
CA ILE A 763 -57.00 0.08 25.32
C ILE A 763 -57.79 1.35 25.06
N GLU A 764 -59.07 1.20 24.72
CA GLU A 764 -59.91 2.37 24.47
C GLU A 764 -60.05 3.23 25.72
N ASN A 765 -60.19 2.60 26.89
CA ASN A 765 -60.28 3.36 28.13
C ASN A 765 -59.00 4.16 28.38
N MET A 766 -57.84 3.56 28.11
CA MET A 766 -56.58 4.24 28.36
C MET A 766 -56.28 5.31 27.31
N VAL A 767 -56.86 5.17 26.11
CA VAL A 767 -56.53 6.09 25.01
C VAL A 767 -57.75 6.89 24.59
N GLY A 768 -58.80 6.20 24.15
CA GLY A 768 -60.00 6.85 23.69
C GLY A 768 -60.33 6.48 22.26
N PRO A 769 -61.36 7.13 21.70
CA PRO A 769 -61.75 6.85 20.32
C PRO A 769 -60.77 7.45 19.32
N ASP A 770 -60.85 6.94 18.10
CA ASP A 770 -59.99 7.42 17.02
C ASP A 770 -60.29 8.89 16.70
N TRP A 771 -59.30 9.56 16.11
CA TRP A 771 -59.46 10.97 15.79
C TRP A 771 -60.64 11.20 14.84
N LYS A 772 -60.85 10.29 13.89
CA LYS A 772 -62.05 10.34 13.06
C LYS A 772 -63.30 10.18 13.91
N LYS A 773 -63.29 9.19 14.80
CA LYS A 773 -64.48 8.93 15.61
C LYS A 773 -64.70 10.01 16.65
N ARG A 774 -63.63 10.46 17.33
CA ARG A 774 -63.78 11.50 18.34
C ARG A 774 -64.25 12.81 17.73
N TRP A 775 -63.91 13.06 16.45
CA TRP A 775 -64.45 14.23 15.77
C TRP A 775 -65.94 14.10 15.54
N LEU A 776 -66.40 12.90 15.16
CA LEU A 776 -67.82 12.65 14.94
C LEU A 776 -68.61 12.82 16.24
N TYR A 777 -68.07 12.30 17.34
CA TYR A 777 -68.74 12.37 18.63
C TYR A 777 -68.41 13.64 19.41
N TRP A 778 -67.54 14.50 18.87
CA TRP A 778 -67.15 15.76 19.51
C TRP A 778 -66.53 15.55 20.89
N LYS A 779 -65.72 14.51 21.05
CA LYS A 779 -65.03 14.22 22.29
C LYS A 779 -63.55 14.56 22.15
N ASN A 780 -63.00 15.19 23.17
CA ASN A 780 -61.60 15.61 23.18
C ASN A 780 -60.79 14.76 24.16
N ARG A 781 -59.65 14.27 23.69
CA ARG A 781 -58.79 13.44 24.52
C ARG A 781 -58.18 14.27 25.66
N THR A 782 -58.02 13.62 26.80
CA THR A 782 -57.34 14.24 27.94
C THR A 782 -55.83 14.28 27.69
N GLN A 783 -55.14 15.05 28.52
CA GLN A 783 -53.69 15.13 28.40
C GLN A 783 -53.03 13.78 28.62
N GLU A 784 -53.48 13.03 29.62
CA GLU A 784 -52.96 11.69 29.84
C GLU A 784 -53.34 10.76 28.69
N GLN A 785 -54.55 10.88 28.17
CA GLN A 785 -54.98 10.06 27.05
C GLN A 785 -54.10 10.30 25.83
N CYS A 786 -53.79 11.57 25.54
CA CYS A 786 -52.88 11.89 24.44
C CYS A 786 -51.49 11.33 24.68
N VAL A 787 -51.02 11.36 25.93
CA VAL A 787 -49.73 10.77 26.27
C VAL A 787 -49.73 9.28 25.95
N HIS A 788 -50.81 8.58 26.33
CA HIS A 788 -50.90 7.16 26.04
C HIS A 788 -50.95 6.91 24.53
N ASN A 789 -51.63 7.79 23.78
CA ASN A 789 -51.68 7.64 22.33
C ASN A 789 -50.30 7.73 21.71
N GLU A 790 -49.49 8.69 22.16
CA GLU A 790 -48.13 8.82 21.65
C GLU A 790 -47.29 7.59 21.98
N THR A 791 -47.45 7.05 23.19
CA THR A 791 -46.76 5.82 23.55
C THR A 791 -47.19 4.67 22.65
N LYS A 792 -48.48 4.62 22.30
CA LYS A 792 -48.99 3.58 21.42
C LYS A 792 -48.32 3.64 20.06
N ASN A 793 -48.13 4.84 19.51
CA ASN A 793 -47.46 4.97 18.22
C ASN A 793 -46.02 4.49 18.29
N GLU A 794 -45.32 4.80 19.38
CA GLU A 794 -43.95 4.33 19.55
C GLU A 794 -43.89 2.81 19.60
N LEU A 795 -44.81 2.20 20.35
CA LEU A 795 -44.85 0.74 20.42
C LEU A 795 -45.25 0.14 19.08
N GLU A 796 -46.06 0.84 18.31
CA GLU A 796 -46.45 0.36 16.98
C GLU A 796 -45.22 0.23 16.08
N LYS A 797 -44.37 1.26 16.06
CA LYS A 797 -43.17 1.21 15.22
C LYS A 797 -42.20 0.15 15.72
N MET A 798 -42.06 0.02 17.04
CA MET A 798 -41.16 -0.99 17.59
C MET A 798 -41.61 -2.40 17.21
N LEU A 799 -42.91 -2.67 17.32
CA LEU A 799 -43.43 -3.99 16.96
C LEU A 799 -43.38 -4.24 15.46
N LYS A 800 -43.59 -3.19 14.65
CA LYS A 800 -43.53 -3.35 13.20
C LYS A 800 -42.13 -3.72 12.73
N CYS A 801 -41.09 -3.09 13.30
CA CYS A 801 -39.73 -3.40 12.90
C CYS A 801 -39.34 -4.82 13.31
N ASN A 802 -39.61 -5.17 14.56
CA ASN A 802 -39.30 -6.49 15.10
C ASN A 802 -40.62 -7.24 15.29
N GLU A 803 -41.02 -8.00 14.28
CA GLU A 803 -42.28 -8.73 14.33
C GLU A 803 -42.25 -9.91 15.29
N GLU A 804 -41.09 -10.29 15.80
CA GLU A 804 -40.95 -11.41 16.72
C GLU A 804 -40.26 -10.97 18.00
N HIS A 805 -40.66 -9.82 18.52
CA HIS A 805 -40.08 -9.31 19.74
C HIS A 805 -40.57 -10.12 20.94
N PRO A 806 -39.69 -10.39 21.91
CA PRO A 806 -40.12 -11.12 23.11
C PRO A 806 -41.11 -10.30 23.94
N ALA A 807 -41.94 -11.03 24.70
CA ALA A 807 -42.96 -10.39 25.52
C ALA A 807 -42.35 -9.50 26.59
N TYR A 808 -41.27 -9.97 27.23
CA TYR A 808 -40.64 -9.21 28.30
C TYR A 808 -39.91 -7.99 27.73
N LEU A 809 -39.64 -7.03 28.62
CA LEU A 809 -39.01 -5.77 28.24
C LEU A 809 -37.62 -5.66 28.87
N ALA A 810 -36.89 -4.65 28.42
CA ALA A 810 -35.54 -4.37 28.91
C ALA A 810 -35.42 -2.89 29.23
N SER A 811 -34.49 -2.59 30.15
CA SER A 811 -34.33 -1.20 30.61
C SER A 811 -33.88 -0.28 29.48
N ASP A 812 -32.95 -0.73 28.64
CA ASP A 812 -32.46 0.11 27.56
C ASP A 812 -33.56 0.41 26.55
N GLU A 813 -34.49 -0.52 26.36
CA GLU A 813 -35.64 -0.25 25.50
C GLU A 813 -36.50 0.87 26.06
N ILE A 814 -36.69 0.88 27.38
CA ILE A 814 -37.46 1.96 28.01
C ILE A 814 -36.76 3.30 27.80
N THR A 815 -35.43 3.30 27.94
CA THR A 815 -34.65 4.55 27.73
C THR A 815 -34.92 5.07 26.31
N THR A 816 -34.73 4.21 25.31
CA THR A 816 -34.95 4.61 23.90
C THR A 816 -36.35 5.22 23.77
N VAL A 817 -37.39 4.50 24.24
CA VAL A 817 -38.75 5.00 24.10
C VAL A 817 -38.90 6.35 24.79
N ARG A 818 -38.36 6.47 26.01
CA ARG A 818 -38.49 7.71 26.76
C ARG A 818 -37.83 8.88 26.03
N LYS A 819 -36.68 8.62 25.41
CA LYS A 819 -35.97 9.70 24.67
C LYS A 819 -36.85 10.20 23.53
N ASN A 820 -37.46 9.29 22.78
CA ASN A 820 -38.32 9.69 21.64
C ASN A 820 -39.53 10.48 22.18
N LEU A 821 -40.01 10.12 23.36
CA LEU A 821 -41.09 10.91 23.98
C LEU A 821 -40.60 12.31 24.34
N GLU A 822 -39.38 12.41 24.87
CA GLU A 822 -38.82 13.73 25.18
C GLU A 822 -38.62 14.55 23.90
N SER A 823 -38.28 13.88 22.80
CA SER A 823 -38.22 14.58 21.51
C SER A 823 -39.57 15.17 21.13
N ARG A 824 -40.65 14.55 21.58
CA ARG A 824 -41.99 15.11 21.41
C ARG A 824 -42.41 15.99 22.58
N GLY A 825 -41.51 16.25 23.52
CA GLY A 825 -41.86 17.04 24.70
C GLY A 825 -42.83 16.37 25.63
N VAL A 826 -42.70 15.06 25.80
CA VAL A 826 -43.56 14.28 26.69
C VAL A 826 -42.67 13.48 27.64
N GLU A 827 -42.96 13.56 28.94
CA GLU A 827 -42.23 12.81 29.95
C GLU A 827 -43.13 11.71 30.49
N VAL A 828 -42.68 10.46 30.37
CA VAL A 828 -43.44 9.29 30.78
C VAL A 828 -42.58 8.41 31.67
N ASP A 829 -43.15 7.98 32.80
CA ASP A 829 -42.48 7.08 33.73
C ASP A 829 -42.36 5.68 33.13
N PRO A 830 -41.30 4.94 33.48
CA PRO A 830 -41.14 3.59 32.93
C PRO A 830 -42.30 2.65 33.26
N SER A 831 -42.95 2.83 34.41
CA SER A 831 -44.06 1.96 34.79
C SER A 831 -45.21 2.08 33.79
N LEU A 832 -45.54 3.30 33.37
CA LEU A 832 -46.62 3.48 32.40
C LEU A 832 -46.28 2.84 31.07
N ILE A 833 -45.02 2.96 30.64
CA ILE A 833 -44.60 2.35 29.38
C ILE A 833 -44.76 0.83 29.43
N LYS A 834 -44.37 0.23 30.55
CA LYS A 834 -44.51 -1.22 30.69
C LYS A 834 -45.96 -1.66 30.63
N ASP A 835 -46.85 -0.92 31.29
CA ASP A 835 -48.27 -1.27 31.26
C ASP A 835 -48.84 -1.16 29.86
N THR A 836 -48.51 -0.07 29.15
CA THR A 836 -48.98 0.10 27.78
C THR A 836 -48.42 -0.99 26.87
N TRP A 837 -47.14 -1.34 27.05
CA TRP A 837 -46.54 -2.39 26.24
C TRP A 837 -47.23 -3.72 26.44
N HIS A 838 -47.60 -4.04 27.68
CA HIS A 838 -48.29 -5.30 27.96
C HIS A 838 -49.62 -5.37 27.21
N GLN A 839 -50.41 -4.30 27.24
CA GLN A 839 -51.68 -4.30 26.54
C GLN A 839 -51.47 -4.36 25.02
N VAL A 840 -50.49 -3.61 24.51
CA VAL A 840 -50.22 -3.61 23.08
C VAL A 840 -49.78 -4.99 22.61
N TYR A 841 -48.88 -5.64 23.37
CA TYR A 841 -48.41 -6.95 22.99
C TYR A 841 -49.54 -7.98 23.00
N ARG A 842 -50.43 -7.89 24.00
CA ARG A 842 -51.57 -8.80 24.04
C ARG A 842 -52.46 -8.63 22.82
N ARG A 843 -52.76 -7.38 22.46
CA ARG A 843 -53.58 -7.12 21.27
C ARG A 843 -52.87 -7.61 20.01
N HIS A 844 -51.57 -7.34 19.90
CA HIS A 844 -50.81 -7.79 18.72
C HIS A 844 -50.79 -9.31 18.63
N PHE A 845 -50.59 -9.99 19.76
CA PHE A 845 -50.55 -11.45 19.74
C PHE A 845 -51.89 -12.05 19.34
N LEU A 846 -53.00 -11.46 19.82
CA LEU A 846 -54.32 -11.95 19.44
C LEU A 846 -54.55 -11.77 17.93
N LYS A 847 -54.16 -10.62 17.39
CA LYS A 847 -54.27 -10.42 15.94
C LYS A 847 -53.40 -11.40 15.17
N THR A 848 -52.20 -11.67 15.67
CA THR A 848 -51.33 -12.66 15.04
C THR A 848 -51.97 -14.04 15.04
N ALA A 849 -52.62 -14.42 16.14
CA ALA A 849 -53.31 -15.69 16.21
C ALA A 849 -54.46 -15.75 15.20
N LEU A 850 -55.18 -14.63 15.03
CA LEU A 850 -56.26 -14.58 14.05
C LEU A 850 -55.73 -14.81 12.63
N ASN A 851 -54.60 -14.19 12.31
CA ASN A 851 -53.97 -14.44 11.02
C ASN A 851 -53.53 -15.90 10.89
N HIS A 852 -53.04 -16.48 11.98
CA HIS A 852 -52.69 -17.90 11.97
C HIS A 852 -53.90 -18.77 11.70
N CYS A 853 -55.06 -18.40 12.26
CA CYS A 853 -56.28 -19.15 12.01
C CYS A 853 -56.66 -19.12 10.55
N ASN A 854 -56.53 -17.96 9.90
CA ASN A 854 -56.84 -17.87 8.48
C ASN A 854 -55.91 -18.75 7.65
N LEU A 855 -54.62 -18.75 7.97
CA LEU A 855 -53.68 -19.63 7.28
C LEU A 855 -53.98 -21.09 7.56
N CYS A 856 -54.33 -21.43 8.80
CA CYS A 856 -54.61 -22.81 9.17
C CYS A 856 -55.98 -23.28 8.72
N ARG A 857 -56.80 -22.39 8.12
CA ARG A 857 -58.12 -22.80 7.67
C ARG A 857 -58.04 -23.89 6.60
N ARG A 858 -57.10 -23.75 5.66
CA ARG A 858 -56.90 -24.72 4.60
C ARG A 858 -55.74 -25.66 4.90
N GLY A 859 -55.27 -25.69 6.15
CA GLY A 859 -54.17 -26.55 6.55
C GLY A 859 -54.55 -27.95 6.95
N PHE A 860 -55.83 -28.30 6.91
CA PHE A 860 -56.24 -29.66 7.24
C PHE A 860 -55.67 -30.66 6.25
N TYR A 861 -55.67 -30.30 4.96
CA TYR A 861 -55.12 -31.20 3.95
C TYR A 861 -53.63 -31.46 4.18
N TYR A 862 -52.88 -30.42 4.55
CA TYR A 862 -51.47 -30.61 4.88
C TYR A 862 -51.30 -31.49 6.12
N TYR A 863 -52.14 -31.27 7.14
CA TYR A 863 -52.08 -32.10 8.33
C TYR A 863 -52.45 -33.55 8.03
N GLN A 864 -53.34 -33.76 7.06
CA GLN A 864 -53.74 -35.12 6.70
C GLN A 864 -52.57 -35.96 6.21
N ARG A 865 -51.56 -35.35 5.60
CA ARG A 865 -50.38 -36.06 5.14
C ARG A 865 -49.22 -36.00 6.13
N HIS A 866 -49.47 -35.51 7.34
CA HIS A 866 -48.45 -35.41 8.38
C HIS A 866 -47.25 -34.59 7.90
N PHE A 867 -47.55 -33.42 7.34
CA PHE A 867 -46.52 -32.50 6.83
C PHE A 867 -45.88 -31.76 8.00
N VAL A 868 -45.10 -32.52 8.79
CA VAL A 868 -44.41 -31.94 9.93
C VAL A 868 -43.37 -30.93 9.48
N ASP A 869 -42.70 -31.20 8.35
CA ASP A 869 -41.70 -30.26 7.83
C ASP A 869 -42.32 -28.93 7.44
N SER A 870 -43.60 -28.93 7.08
CA SER A 870 -44.27 -27.69 6.72
C SER A 870 -44.37 -26.77 7.92
N GLU A 871 -44.19 -25.47 7.69
CA GLU A 871 -44.21 -24.49 8.77
C GLU A 871 -45.60 -24.24 9.32
N LEU A 872 -46.64 -24.73 8.65
CA LEU A 872 -48.02 -24.53 9.10
C LEU A 872 -48.39 -25.56 10.18
N GLU A 873 -47.64 -25.52 11.29
CA GLU A 873 -47.86 -26.42 12.41
C GLU A 873 -48.95 -25.82 13.30
N CYS A 874 -50.19 -26.14 12.98
CA CYS A 874 -51.35 -25.63 13.71
C CYS A 874 -51.52 -26.38 15.05
N ASN A 875 -50.54 -26.17 15.93
CA ASN A 875 -50.59 -26.80 17.24
C ASN A 875 -51.75 -26.26 18.07
N ASP A 876 -52.01 -24.95 17.98
CA ASP A 876 -53.10 -24.35 18.75
C ASP A 876 -54.46 -24.93 18.36
N VAL A 877 -54.68 -25.13 17.06
CA VAL A 877 -55.95 -25.67 16.60
C VAL A 877 -56.17 -27.07 17.16
N VAL A 878 -55.13 -27.91 17.14
CA VAL A 878 -55.24 -29.25 17.70
C VAL A 878 -55.54 -29.19 19.19
N LEU A 879 -54.84 -28.32 19.92
CA LEU A 879 -55.06 -28.22 21.36
C LEU A 879 -56.48 -27.77 21.68
N PHE A 880 -56.99 -26.76 20.97
CA PHE A 880 -58.36 -26.31 21.18
C PHE A 880 -59.36 -27.40 20.83
N TRP A 881 -59.09 -28.16 19.77
CA TRP A 881 -59.97 -29.27 19.41
C TRP A 881 -60.03 -30.31 20.51
N ARG A 882 -58.88 -30.58 21.15
CA ARG A 882 -58.86 -31.50 22.28
C ARG A 882 -59.70 -30.96 23.44
N ILE A 883 -59.62 -29.66 23.70
CA ILE A 883 -60.42 -29.07 24.77
C ILE A 883 -61.90 -29.17 24.44
N GLN A 884 -62.27 -28.85 23.19
CA GLN A 884 -63.67 -28.92 22.78
C GLN A 884 -64.21 -30.35 22.88
N ARG A 885 -63.42 -31.32 22.43
CA ARG A 885 -63.83 -32.72 22.55
C ARG A 885 -63.97 -33.12 24.02
N MET A 886 -63.05 -32.68 24.87
CA MET A 886 -63.13 -32.99 26.28
C MET A 886 -64.38 -32.37 26.91
N LEU A 887 -64.72 -31.14 26.52
CA LEU A 887 -65.92 -30.51 27.06
C LEU A 887 -67.18 -31.27 26.67
N ALA A 888 -67.25 -31.75 25.42
CA ALA A 888 -68.42 -32.51 24.99
C ALA A 888 -68.58 -33.79 25.79
N ILE A 889 -67.48 -34.52 26.01
CA ILE A 889 -67.53 -35.73 26.81
C ILE A 889 -67.91 -35.40 28.25
N THR A 890 -67.31 -34.35 28.81
CA THR A 890 -67.61 -33.97 30.19
C THR A 890 -69.08 -33.58 30.36
N ALA A 891 -69.62 -32.82 29.39
CA ALA A 891 -71.02 -32.41 29.47
C ALA A 891 -71.95 -33.61 29.43
N ASN A 892 -71.68 -34.56 28.53
CA ASN A 892 -72.51 -35.75 28.44
C ASN A 892 -72.41 -36.60 29.71
N THR A 893 -71.18 -36.76 30.23
CA THR A 893 -71.00 -37.56 31.43
C THR A 893 -71.69 -36.94 32.63
N LEU A 894 -71.57 -35.61 32.79
CA LEU A 894 -72.25 -34.92 33.88
C LEU A 894 -73.76 -35.00 33.73
N ARG A 895 -74.27 -34.90 32.50
CA ARG A 895 -75.70 -34.99 32.26
C ARG A 895 -76.24 -36.36 32.67
N GLN A 896 -75.51 -37.43 32.33
CA GLN A 896 -75.93 -38.77 32.74
C GLN A 896 -75.88 -38.93 34.25
N GLN A 897 -74.82 -38.43 34.88
CA GLN A 897 -74.72 -38.51 36.34
C GLN A 897 -75.84 -37.72 37.02
N LEU A 898 -76.13 -36.53 36.51
CA LEU A 898 -77.22 -35.72 37.08
C LEU A 898 -78.55 -36.45 36.94
N THR A 899 -78.80 -37.05 35.76
CA THR A 899 -80.08 -37.68 35.51
C THR A 899 -80.29 -38.96 36.32
N ASN A 900 -79.20 -39.63 36.71
CA ASN A 900 -79.29 -40.91 37.39
C ASN A 900 -78.73 -40.91 38.80
N THR A 901 -77.48 -40.47 38.98
CA THR A 901 -76.80 -40.63 40.26
C THR A 901 -77.43 -39.80 41.37
N GLU A 902 -77.68 -38.51 41.10
CA GLU A 902 -78.06 -37.58 42.16
C GLU A 902 -79.57 -37.45 42.34
N VAL A 903 -80.38 -38.02 41.45
CA VAL A 903 -81.82 -37.95 41.60
C VAL A 903 -82.26 -38.71 42.85
N ARG A 904 -81.68 -39.89 43.08
CA ARG A 904 -82.06 -40.68 44.25
C ARG A 904 -81.66 -39.97 45.55
N ARG A 905 -80.49 -39.34 45.56
CA ARG A 905 -80.06 -38.61 46.75
C ARG A 905 -80.97 -37.41 47.02
N LEU A 906 -81.38 -36.72 45.96
CA LEU A 906 -82.31 -35.61 46.12
C LEU A 906 -83.62 -36.08 46.73
N GLU A 907 -84.15 -37.20 46.23
CA GLU A 907 -85.40 -37.75 46.76
C GLU A 907 -85.23 -38.14 48.23
N LYS A 908 -84.10 -38.76 48.58
CA LYS A 908 -83.87 -39.17 49.96
C LYS A 908 -83.84 -37.96 50.89
N ASN A 909 -83.14 -36.90 50.49
CA ASN A 909 -83.05 -35.71 51.33
C ASN A 909 -84.41 -35.05 51.50
N VAL A 910 -85.21 -35.02 50.43
CA VAL A 910 -86.54 -34.42 50.51
C VAL A 910 -87.40 -35.16 51.53
N LYS A 911 -87.36 -36.50 51.51
CA LYS A 911 -88.16 -37.28 52.45
C LYS A 911 -87.75 -37.02 53.89
N GLU A 912 -86.43 -36.93 54.15
CA GLU A 912 -85.97 -36.67 55.51
C GLU A 912 -86.44 -35.30 55.99
N VAL A 913 -86.37 -34.29 55.13
CA VAL A 913 -86.79 -32.94 55.52
C VAL A 913 -88.28 -32.92 55.83
N LEU A 914 -89.08 -33.59 55.02
CA LEU A 914 -90.53 -33.61 55.24
C LEU A 914 -90.88 -34.26 56.57
N GLU A 915 -90.21 -35.37 56.91
CA GLU A 915 -90.48 -36.04 58.18
C GLU A 915 -90.14 -35.13 59.37
N ASP A 916 -89.01 -34.44 59.30
CA ASP A 916 -88.64 -33.51 60.37
C ASP A 916 -89.65 -32.37 60.48
N PHE A 917 -90.07 -31.84 59.34
CA PHE A 917 -91.07 -30.77 59.34
C PHE A 917 -92.41 -31.27 59.88
N ALA A 918 -92.78 -32.50 59.54
CA ALA A 918 -94.04 -33.05 60.01
C ALA A 918 -94.08 -33.17 61.53
N GLU A 919 -92.95 -33.51 62.16
CA GLU A 919 -92.91 -33.66 63.60
C GLU A 919 -92.93 -32.32 64.34
N ASP A 920 -92.75 -31.21 63.64
CA ASP A 920 -92.74 -29.88 64.24
C ASP A 920 -93.93 -29.10 63.68
N GLY A 921 -95.02 -29.07 64.44
CA GLY A 921 -96.19 -28.33 64.01
C GLY A 921 -96.04 -26.83 64.09
N GLU A 922 -95.15 -26.35 64.94
CA GLU A 922 -94.94 -24.91 65.08
C GLU A 922 -94.43 -24.30 63.78
N LYS A 923 -93.50 -24.98 63.11
CA LYS A 923 -93.01 -24.49 61.82
C LYS A 923 -94.13 -24.43 60.79
N LYS A 924 -95.03 -25.41 60.81
CA LYS A 924 -96.16 -25.39 59.89
C LYS A 924 -97.05 -24.17 60.14
N ILE A 925 -97.30 -23.85 61.41
CA ILE A 925 -98.16 -22.71 61.73
C ILE A 925 -97.54 -21.42 61.21
N LYS A 926 -96.24 -21.24 61.42
CA LYS A 926 -95.56 -20.05 60.90
C LYS A 926 -95.59 -20.00 59.39
N LEU A 927 -95.36 -21.15 58.73
CA LEU A 927 -95.33 -21.18 57.28
C LEU A 927 -96.71 -21.09 56.65
N LEU A 928 -97.73 -21.65 57.30
CA LEU A 928 -99.10 -21.69 56.75
C LEU A 928 -99.87 -20.52 57.36
N THR A 929 -99.81 -19.38 56.68
CA THR A 929 -100.58 -18.19 57.06
C THR A 929 -101.26 -17.65 55.81
N GLY A 930 -102.59 -17.68 55.78
CA GLY A 930 -103.33 -17.23 54.63
C GLY A 930 -104.82 -17.27 54.90
N LYS A 931 -105.56 -16.57 54.04
CA LYS A 931 -107.01 -16.51 54.19
C LYS A 931 -107.64 -17.89 54.08
N ARG A 932 -107.19 -18.68 53.11
CA ARG A 932 -107.72 -20.03 52.95
C ARG A 932 -107.44 -20.89 54.18
N VAL A 933 -106.24 -20.79 54.73
CA VAL A 933 -105.88 -21.60 55.89
C VAL A 933 -106.76 -21.23 57.09
N GLN A 934 -106.89 -19.93 57.37
CA GLN A 934 -107.69 -19.50 58.51
C GLN A 934 -109.16 -19.88 58.35
N LEU A 935 -109.71 -19.70 57.15
CA LEU A 935 -111.11 -20.04 56.92
C LEU A 935 -111.36 -21.53 57.17
N ALA A 936 -110.48 -22.39 56.69
CA ALA A 936 -110.66 -23.83 56.89
C ALA A 936 -110.57 -24.18 58.38
N GLU A 937 -109.59 -23.61 59.08
CA GLU A 937 -109.42 -23.93 60.50
C GLU A 937 -110.61 -23.45 61.32
N ASP A 938 -111.08 -22.23 61.06
CA ASP A 938 -112.24 -21.71 61.79
C ASP A 938 -113.49 -22.51 61.48
N LEU A 939 -113.69 -22.89 60.22
CA LEU A 939 -114.87 -23.67 59.86
C LEU A 939 -114.85 -25.03 60.56
N LYS A 940 -113.68 -25.66 60.63
CA LYS A 940 -113.56 -26.94 61.33
C LYS A 940 -113.92 -26.79 62.80
N LYS A 941 -113.39 -25.76 63.45
CA LYS A 941 -113.65 -25.56 64.88
C LYS A 941 -115.12 -25.24 65.12
N VAL A 942 -115.70 -24.36 64.31
CA VAL A 942 -117.11 -23.99 64.47
C VAL A 942 -118.01 -25.21 64.24
N ARG A 943 -117.74 -25.97 63.18
CA ARG A 943 -118.55 -27.16 62.90
C ARG A 943 -118.43 -28.18 64.01
N GLU A 944 -117.21 -28.37 64.55
CA GLU A 944 -117.03 -29.30 65.66
C GLU A 944 -117.83 -28.89 66.88
N ILE A 945 -117.81 -27.59 67.21
CA ILE A 945 -118.60 -27.08 68.34
C ILE A 945 -120.08 -27.29 68.06
N GLN A 946 -120.53 -26.98 66.83
CA GLN A 946 -121.94 -27.13 66.50
C GLN A 946 -122.40 -28.57 66.61
N GLU A 947 -121.57 -29.52 66.16
CA GLU A 947 -121.92 -30.93 66.28
C GLU A 947 -122.09 -31.35 67.73
N LYS A 948 -121.18 -30.88 68.60
CA LYS A 948 -121.33 -31.18 70.02
C LYS A 948 -122.60 -30.56 70.59
N LEU A 949 -122.93 -29.34 70.17
CA LEU A 949 -124.15 -28.69 70.66
C LEU A 949 -125.39 -29.46 70.22
N ASP A 950 -125.42 -29.95 68.98
CA ASP A 950 -126.55 -30.72 68.51
C ASP A 950 -126.73 -32.01 69.32
N ALA A 951 -125.62 -32.72 69.59
CA ALA A 951 -125.71 -33.93 70.39
C ALA A 951 -126.19 -33.63 71.80
N PHE A 952 -125.69 -32.54 72.40
CA PHE A 952 -126.12 -32.17 73.74
C PHE A 952 -127.61 -31.82 73.77
N ILE A 953 -128.07 -31.05 72.80
CA ILE A 953 -129.49 -30.64 72.78
C ILE A 953 -130.39 -31.85 72.56
N GLU A 954 -130.05 -32.71 71.58
CA GLU A 954 -130.89 -33.86 71.28
C GLU A 954 -130.96 -34.81 72.47
N ALA A 955 -129.82 -35.10 73.10
CA ALA A 955 -129.82 -36.01 74.25
C ALA A 955 -130.60 -35.42 75.42
N LEU A 956 -130.48 -34.10 75.63
CA LEU A 956 -131.23 -33.46 76.71
C LEU A 956 -132.73 -33.57 76.48
N HIS A 957 -133.18 -33.31 75.26
CA HIS A 957 -134.61 -33.32 74.96
C HIS A 957 -135.18 -34.73 74.87
N GLN A 958 -134.35 -35.74 74.63
CA GLN A 958 -134.82 -37.12 74.57
C GLN A 958 -134.94 -37.77 75.94
N GLU A 959 -134.35 -37.18 76.99
CA GLU A 959 -134.51 -37.75 78.33
C GLU A 959 -135.95 -37.67 78.79
N LYS A 960 -136.62 -36.56 78.53
CA LYS A 960 -138.01 -36.38 78.95
C LYS A 960 -138.97 -37.07 78.00
N SER B 263 96.16 50.37 -106.94
CA SER B 263 95.28 51.34 -107.60
C SER B 263 94.03 50.66 -108.15
N LEU B 264 93.98 50.49 -109.47
CA LEU B 264 92.84 49.83 -110.09
C LEU B 264 92.74 48.39 -109.65
N ILE B 265 93.87 47.68 -109.61
CA ILE B 265 93.85 46.28 -109.22
C ILE B 265 93.46 46.10 -107.75
N ASP B 266 93.67 47.13 -106.92
CA ASP B 266 93.21 47.07 -105.53
C ASP B 266 91.69 46.93 -105.47
N MET B 267 90.99 47.73 -106.27
CA MET B 267 89.53 47.61 -106.34
C MET B 267 89.12 46.27 -106.95
N TYR B 268 89.85 45.80 -107.97
CA TYR B 268 89.53 44.51 -108.57
C TYR B 268 89.71 43.38 -107.58
N SER B 269 90.78 43.42 -106.79
CA SER B 269 90.99 42.40 -105.75
C SER B 269 89.90 42.47 -104.70
N GLU B 270 89.50 43.67 -104.30
CA GLU B 270 88.43 43.83 -103.32
C GLU B 270 87.11 43.29 -103.87
N VAL B 271 86.84 43.56 -105.15
CA VAL B 271 85.60 43.05 -105.76
C VAL B 271 85.58 41.54 -105.76
N LEU B 272 86.71 40.91 -106.09
CA LEU B 272 86.79 39.45 -106.09
C LEU B 272 86.56 38.90 -104.68
N ASP B 273 87.14 39.54 -103.67
CA ASP B 273 86.98 39.07 -102.29
C ASP B 273 85.52 39.16 -101.85
N VAL B 274 84.85 40.27 -102.15
CA VAL B 274 83.45 40.41 -101.76
C VAL B 274 82.58 39.44 -102.56
N LEU B 275 82.91 39.22 -103.83
CA LEU B 275 82.15 38.25 -104.62
C LEU B 275 82.24 36.85 -104.03
N SER B 276 83.44 36.46 -103.58
CA SER B 276 83.59 35.15 -102.95
C SER B 276 82.79 35.06 -101.66
N ASP B 277 82.80 36.13 -100.86
CA ASP B 277 82.01 36.14 -99.63
C ASP B 277 80.51 36.12 -99.93
N TYR B 278 80.06 36.94 -100.89
CA TYR B 278 78.65 36.97 -101.23
C TYR B 278 78.21 35.65 -101.87
N ASP B 279 78.95 35.20 -102.88
CA ASP B 279 78.63 33.95 -103.58
C ASP B 279 79.66 32.90 -103.18
N ALA B 280 79.26 31.98 -102.30
CA ALA B 280 80.14 30.90 -101.90
C ALA B 280 80.49 30.00 -103.08
N SER B 281 79.50 29.70 -103.92
CA SER B 281 79.73 28.92 -105.11
C SER B 281 80.42 29.76 -106.19
N TYR B 282 80.90 29.10 -107.23
CA TYR B 282 81.60 29.74 -108.34
C TYR B 282 80.67 30.08 -109.49
N ASN B 283 79.37 30.29 -109.20
CA ASN B 283 78.43 30.67 -110.25
C ASN B 283 78.80 32.02 -110.86
N THR B 284 79.16 32.99 -110.01
CA THR B 284 79.55 34.30 -110.48
C THR B 284 81.06 34.49 -110.49
N GLN B 285 81.79 33.75 -109.64
CA GLN B 285 83.23 33.89 -109.59
C GLN B 285 83.92 33.33 -110.85
N ASP B 286 83.21 32.53 -111.64
CA ASP B 286 83.77 31.94 -112.86
C ASP B 286 83.53 32.82 -114.08
N HIS B 287 83.32 34.12 -113.90
CA HIS B 287 83.09 35.03 -115.00
C HIS B 287 84.17 36.10 -115.13
N LEU B 288 85.20 36.08 -114.28
CA LEU B 288 86.26 37.07 -114.30
C LEU B 288 87.60 36.40 -114.49
N PRO B 289 88.55 37.04 -115.18
CA PRO B 289 89.86 36.43 -115.37
C PRO B 289 90.62 36.28 -114.05
N ARG B 290 91.45 35.24 -114.00
CA ARG B 290 92.24 34.95 -112.80
C ARG B 290 93.57 34.35 -113.23
N VAL B 291 94.54 34.40 -112.33
CA VAL B 291 95.87 33.86 -112.55
C VAL B 291 96.04 32.66 -111.61
N VAL B 292 96.24 31.48 -112.19
CA VAL B 292 96.39 30.25 -111.43
C VAL B 292 97.82 29.75 -111.60
N VAL B 293 98.49 29.49 -110.48
CA VAL B 293 99.89 29.04 -110.48
C VAL B 293 99.94 27.67 -109.83
N VAL B 294 100.53 26.71 -110.55
CA VAL B 294 100.69 25.34 -110.07
C VAL B 294 102.16 24.96 -110.24
N GLY B 295 102.75 24.40 -109.18
CA GLY B 295 104.15 24.02 -109.22
C GLY B 295 104.38 22.71 -108.50
N ASP B 296 105.53 22.10 -108.79
CA ASP B 296 105.94 20.85 -108.16
C ASP B 296 106.81 21.15 -106.95
N GLN B 297 107.39 20.10 -106.36
CA GLN B 297 108.26 20.27 -105.21
C GLN B 297 109.67 20.64 -105.68
N SER B 298 110.24 21.67 -105.05
CA SER B 298 111.57 22.19 -105.38
C SER B 298 111.66 22.60 -106.86
N ALA B 299 110.54 23.05 -107.42
CA ALA B 299 110.48 23.47 -108.81
C ALA B 299 110.69 24.97 -108.99
N GLY B 300 110.96 25.70 -107.90
CA GLY B 300 111.16 27.13 -107.99
C GLY B 300 109.90 27.94 -108.14
N LYS B 301 108.74 27.38 -107.76
CA LYS B 301 107.50 28.13 -107.82
C LYS B 301 107.54 29.33 -106.89
N THR B 302 108.08 29.15 -105.68
CA THR B 302 108.19 30.25 -104.73
C THR B 302 109.12 31.34 -105.26
N SER B 303 110.23 30.94 -105.87
CA SER B 303 111.18 31.91 -106.40
C SER B 303 110.56 32.75 -107.51
N VAL B 304 109.79 32.11 -108.41
CA VAL B 304 109.16 32.85 -109.49
C VAL B 304 108.16 33.85 -108.96
N LEU B 305 107.32 33.43 -108.00
CA LEU B 305 106.36 34.34 -107.40
C LEU B 305 107.06 35.47 -106.66
N GLU B 306 108.15 35.14 -105.96
CA GLU B 306 108.94 36.18 -105.29
C GLU B 306 109.60 37.13 -106.29
N MET B 307 110.07 36.60 -107.43
CA MET B 307 110.69 37.45 -108.44
C MET B 307 109.69 38.45 -109.01
N ILE B 308 108.47 38.00 -109.28
CA ILE B 308 107.44 38.91 -109.78
C ILE B 308 107.09 39.95 -108.73
N ALA B 309 106.94 39.52 -107.47
CA ALA B 309 106.65 40.44 -106.38
C ALA B 309 107.86 41.28 -105.98
N GLN B 310 109.06 40.92 -106.46
CA GLN B 310 110.29 41.66 -106.16
C GLN B 310 110.57 41.70 -104.66
N ALA B 311 110.15 40.67 -103.93
CA ALA B 311 110.38 40.58 -102.50
C ALA B 311 110.14 39.15 -102.06
N ARG B 312 111.02 38.64 -101.20
CA ARG B 312 110.91 37.27 -100.69
C ARG B 312 110.07 37.30 -99.42
N ILE B 313 108.77 37.06 -99.59
CA ILE B 313 107.82 37.13 -98.48
C ILE B 313 107.35 35.76 -98.01
N PHE B 314 107.57 34.71 -98.80
CA PHE B 314 107.12 33.39 -98.39
C PHE B 314 108.20 32.68 -97.57
N PRO B 315 107.80 31.83 -96.62
CA PRO B 315 108.79 31.10 -95.82
C PRO B 315 109.63 30.17 -96.69
N ARG B 316 110.88 29.99 -96.28
CA ARG B 316 111.84 29.16 -96.99
C ARG B 316 112.23 27.96 -96.13
N GLY B 317 112.37 26.81 -96.76
CA GLY B 317 112.75 25.59 -96.07
C GLY B 317 113.71 24.78 -96.89
N SER B 318 114.48 23.93 -96.20
CA SER B 318 115.46 23.07 -96.84
C SER B 318 114.77 21.84 -97.42
N GLY B 319 114.05 22.07 -98.53
CA GLY B 319 113.33 21.02 -99.21
C GLY B 319 111.93 20.76 -98.70
N GLU B 320 111.53 21.42 -97.61
CA GLU B 320 110.20 21.23 -97.05
C GLU B 320 109.23 22.22 -97.66
N MET B 321 108.00 21.75 -97.90
CA MET B 321 106.95 22.59 -98.48
C MET B 321 106.42 23.52 -97.41
N MET B 322 107.03 24.71 -97.31
CA MET B 322 106.61 25.69 -96.32
C MET B 322 105.21 26.23 -96.62
N THR B 323 104.80 26.23 -97.89
CA THR B 323 103.50 26.74 -98.29
C THR B 323 102.44 25.70 -97.93
N ARG B 324 101.97 25.75 -96.69
CA ARG B 324 100.97 24.82 -96.19
C ARG B 324 99.54 25.33 -96.37
N SER B 325 99.36 26.54 -96.90
CA SER B 325 98.05 27.11 -97.14
C SER B 325 98.14 28.07 -98.32
N PRO B 326 97.15 28.07 -99.20
CA PRO B 326 97.18 28.99 -100.34
C PRO B 326 97.14 30.44 -99.88
N VAL B 327 97.88 31.29 -100.61
CA VAL B 327 97.95 32.72 -100.33
C VAL B 327 97.61 33.48 -101.59
N LYS B 328 96.65 34.41 -101.50
CA LYS B 328 96.25 35.24 -102.62
C LYS B 328 97.08 36.52 -102.58
N VAL B 329 98.22 36.49 -103.27
CA VAL B 329 99.15 37.61 -103.29
C VAL B 329 98.70 38.59 -104.39
N THR B 330 98.46 39.83 -104.00
CA THR B 330 98.01 40.87 -104.93
C THR B 330 99.11 41.94 -105.02
N LEU B 331 99.51 42.25 -106.25
CA LEU B 331 100.52 43.28 -106.51
C LEU B 331 99.81 44.53 -107.01
N SER B 332 100.06 45.66 -106.34
CA SER B 332 99.39 46.91 -106.65
C SER B 332 100.40 48.04 -106.64
N GLU B 333 99.90 49.26 -106.81
CA GLU B 333 100.72 50.46 -106.84
C GLU B 333 100.64 51.15 -105.48
N GLY B 334 101.79 51.41 -104.87
CA GLY B 334 101.84 52.04 -103.58
C GLY B 334 103.04 52.96 -103.44
N PRO B 335 102.97 53.90 -102.49
CA PRO B 335 104.12 54.80 -102.28
C PRO B 335 105.38 54.08 -101.87
N HIS B 336 105.26 52.97 -101.13
CA HIS B 336 106.41 52.20 -100.69
C HIS B 336 106.11 50.71 -100.91
N HIS B 337 107.18 49.94 -101.04
CA HIS B 337 107.07 48.50 -101.28
C HIS B 337 106.79 47.82 -99.94
N VAL B 338 105.50 47.69 -99.62
CA VAL B 338 105.05 47.10 -98.38
C VAL B 338 103.97 46.06 -98.66
N ALA B 339 103.78 45.15 -97.71
CA ALA B 339 102.77 44.12 -97.79
C ALA B 339 101.82 44.24 -96.61
N LEU B 340 100.52 44.13 -96.88
CA LEU B 340 99.49 44.28 -95.87
C LEU B 340 98.52 43.11 -95.93
N PHE B 341 98.21 42.54 -94.77
CA PHE B 341 97.22 41.48 -94.68
C PHE B 341 95.82 42.05 -94.85
N LYS B 342 94.89 41.18 -95.28
CA LYS B 342 93.50 41.60 -95.42
C LYS B 342 92.82 41.73 -94.06
N ASP B 343 93.08 40.79 -93.15
CA ASP B 343 92.45 40.82 -91.83
C ASP B 343 93.24 41.63 -90.82
N SER B 344 94.48 42.00 -91.12
CA SER B 344 95.33 42.71 -90.18
C SER B 344 95.82 44.00 -90.82
N SER B 345 95.78 45.09 -90.05
CA SER B 345 96.22 46.40 -90.53
C SER B 345 97.70 46.66 -90.24
N ARG B 346 98.40 45.69 -89.66
CA ARG B 346 99.82 45.87 -89.34
C ARG B 346 100.64 45.84 -90.63
N GLU B 347 101.22 46.98 -90.99
CA GLU B 347 102.00 47.09 -92.21
C GLU B 347 103.37 46.46 -92.02
N PHE B 348 103.86 45.79 -93.07
CA PHE B 348 105.19 45.20 -93.08
C PHE B 348 105.97 45.81 -94.24
N ASP B 349 107.13 46.37 -93.93
CA ASP B 349 107.97 47.04 -94.92
C ASP B 349 108.89 46.00 -95.56
N LEU B 350 108.69 45.74 -96.86
CA LEU B 350 109.51 44.77 -97.57
C LEU B 350 110.90 45.29 -97.89
N THR B 351 111.14 46.60 -97.73
CA THR B 351 112.47 47.15 -98.00
C THR B 351 113.48 46.76 -96.93
N LYS B 352 113.02 46.30 -95.77
CA LYS B 352 113.89 45.90 -94.68
C LYS B 352 113.87 44.38 -94.54
N GLU B 353 115.06 43.77 -94.43
CA GLU B 353 115.13 42.33 -94.32
C GLU B 353 114.59 41.83 -92.99
N GLU B 354 114.74 42.62 -91.92
CA GLU B 354 114.22 42.22 -90.62
C GLU B 354 112.70 42.08 -90.66
N ASP B 355 112.01 43.03 -91.29
CA ASP B 355 110.56 42.94 -91.42
C ASP B 355 110.16 41.80 -92.35
N LEU B 356 110.98 41.50 -93.36
CA LEU B 356 110.70 40.39 -94.25
C LEU B 356 110.70 39.07 -93.50
N ALA B 357 111.68 38.88 -92.60
CA ALA B 357 111.73 37.66 -91.80
C ALA B 357 110.54 37.56 -90.87
N ALA B 358 110.15 38.68 -90.24
CA ALA B 358 108.97 38.67 -89.39
C ALA B 358 107.71 38.37 -90.19
N LEU B 359 107.60 38.93 -91.40
CA LEU B 359 106.44 38.67 -92.24
C LEU B 359 106.36 37.19 -92.63
N ARG B 360 107.52 36.59 -92.94
CA ARG B 360 107.54 35.17 -93.28
C ARG B 360 107.05 34.32 -92.11
N HIS B 361 107.49 34.65 -90.89
CA HIS B 361 107.02 33.92 -89.72
C HIS B 361 105.53 34.13 -89.50
N GLU B 362 105.04 35.36 -89.72
CA GLU B 362 103.61 35.62 -89.56
C GLU B 362 102.79 34.85 -90.57
N ILE B 363 103.25 34.78 -91.82
CA ILE B 363 102.54 34.03 -92.84
C ILE B 363 102.51 32.54 -92.49
N GLU B 364 103.64 32.00 -92.03
CA GLU B 364 103.68 30.60 -91.62
C GLU B 364 102.75 30.35 -90.43
N LEU B 365 102.70 31.28 -89.48
CA LEU B 365 101.79 31.14 -88.35
C LEU B 365 100.34 31.15 -88.81
N ARG B 366 100.01 32.02 -89.77
CA ARG B 366 98.66 32.04 -90.31
C ARG B 366 98.33 30.75 -91.04
N MET B 367 99.32 30.17 -91.73
CA MET B 367 99.10 28.89 -92.41
C MET B 367 98.77 27.79 -91.41
N ARG B 368 99.49 27.74 -90.29
CA ARG B 368 99.23 26.71 -89.28
C ARG B 368 97.91 26.95 -88.56
N LYS B 369 97.55 28.20 -88.32
CA LYS B 369 96.31 28.50 -87.61
C LYS B 369 95.09 28.07 -88.41
N ASN B 370 95.11 28.31 -89.73
CA ASN B 370 93.98 27.99 -90.58
C ASN B 370 93.79 26.49 -90.79
N VAL B 371 94.76 25.67 -90.39
CA VAL B 371 94.67 24.23 -90.59
C VAL B 371 93.61 23.67 -89.64
N LYS B 372 92.67 22.91 -90.20
CA LYS B 372 91.60 22.30 -89.41
C LYS B 372 92.11 21.01 -88.77
N GLU B 373 91.23 20.33 -88.03
CA GLU B 373 91.60 19.09 -87.36
C GLU B 373 91.61 17.93 -88.33
N GLY B 374 92.61 17.06 -88.22
CA GLY B 374 92.70 15.88 -89.07
C GLY B 374 93.33 16.11 -90.42
N CYS B 375 93.82 17.31 -90.70
CA CYS B 375 94.43 17.64 -91.98
C CYS B 375 95.73 18.40 -91.75
N THR B 376 96.50 18.56 -92.82
CA THR B 376 97.75 19.29 -92.80
C THR B 376 97.72 20.56 -93.63
N VAL B 377 97.02 20.57 -94.76
CA VAL B 377 96.90 21.73 -95.62
C VAL B 377 95.44 22.13 -95.70
N SER B 378 95.14 23.39 -95.37
CA SER B 378 93.77 23.87 -95.37
C SER B 378 93.41 24.48 -96.73
N PRO B 379 92.19 24.28 -97.20
CA PRO B 379 91.79 24.86 -98.49
C PRO B 379 91.51 26.35 -98.45
N GLU B 380 91.51 26.97 -97.26
CA GLU B 380 91.23 28.39 -97.17
C GLU B 380 92.37 29.21 -97.78
N THR B 381 92.00 30.27 -98.49
CA THR B 381 92.95 31.15 -99.13
C THR B 381 93.01 32.48 -98.39
N ILE B 382 94.22 32.98 -98.19
CA ILE B 382 94.45 34.23 -97.47
C ILE B 382 94.81 35.30 -98.51
N SER B 383 94.03 36.38 -98.53
CA SER B 383 94.25 37.47 -99.47
C SER B 383 95.32 38.40 -98.91
N LEU B 384 96.44 38.52 -99.61
CA LEU B 384 97.54 39.39 -99.21
C LEU B 384 97.73 40.47 -100.27
N ASN B 385 97.76 41.73 -99.82
CA ASN B 385 97.95 42.87 -100.71
C ASN B 385 99.38 43.37 -100.58
N VAL B 386 100.19 43.13 -101.61
CA VAL B 386 101.59 43.55 -101.64
C VAL B 386 101.67 44.81 -102.48
N LYS B 387 101.84 45.96 -101.83
CA LYS B 387 101.96 47.22 -102.53
C LYS B 387 103.40 47.50 -102.90
N GLY B 388 103.59 48.47 -103.79
CA GLY B 388 104.91 48.87 -104.23
C GLY B 388 104.88 49.72 -105.48
N PRO B 389 105.79 50.70 -105.56
CA PRO B 389 105.84 51.58 -106.73
C PRO B 389 106.38 50.83 -107.95
N GLY B 390 105.69 50.95 -109.07
CA GLY B 390 106.10 50.32 -110.31
C GLY B 390 105.73 48.86 -110.44
N LEU B 391 105.06 48.28 -109.45
CA LEU B 391 104.66 46.89 -109.52
C LEU B 391 103.55 46.69 -110.55
N GLN B 392 103.55 45.51 -111.17
CA GLN B 392 102.51 45.18 -112.13
C GLN B 392 101.17 45.05 -111.42
N ARG B 393 100.11 45.55 -112.07
CA ARG B 393 98.76 45.55 -111.49
C ARG B 393 98.08 44.26 -111.91
N MET B 394 98.25 43.22 -111.09
CA MET B 394 97.63 41.92 -111.34
C MET B 394 97.49 41.19 -110.01
N VAL B 395 96.66 40.15 -110.02
CA VAL B 395 96.39 39.33 -108.84
C VAL B 395 96.97 37.95 -109.07
N LEU B 396 97.82 37.51 -108.15
CA LEU B 396 98.45 36.20 -108.22
C LEU B 396 97.89 35.28 -107.14
N VAL B 397 97.99 33.98 -107.40
CA VAL B 397 97.51 32.96 -106.47
C VAL B 397 98.66 32.00 -106.21
N ASP B 398 98.96 31.77 -104.93
CA ASP B 398 100.01 30.84 -104.53
C ASP B 398 99.37 29.53 -104.06
N LEU B 399 99.90 28.41 -104.54
CA LEU B 399 99.37 27.10 -104.21
C LEU B 399 100.48 26.19 -103.73
N PRO B 400 100.15 25.23 -102.86
CA PRO B 400 101.17 24.28 -102.40
C PRO B 400 101.71 23.44 -103.55
N GLY B 401 102.97 23.06 -103.43
CA GLY B 401 103.61 22.30 -104.50
C GLY B 401 103.05 20.89 -104.59
N VAL B 402 102.96 20.40 -105.83
CA VAL B 402 102.50 19.04 -106.07
C VAL B 402 103.66 18.08 -105.78
N ILE B 403 103.40 17.10 -104.93
CA ILE B 403 104.42 16.13 -104.50
C ILE B 403 104.11 14.79 -105.14
N ASN B 404 105.10 14.21 -105.81
CA ASN B 404 104.93 12.88 -106.40
C ASN B 404 104.71 11.83 -105.31
N THR B 405 105.45 11.93 -104.21
CA THR B 405 105.32 11.01 -103.08
C THR B 405 104.78 11.77 -101.88
N VAL B 406 103.76 11.20 -101.23
CA VAL B 406 103.14 11.87 -100.08
C VAL B 406 104.09 11.85 -98.90
N THR B 407 104.33 13.02 -98.31
CA THR B 407 105.20 13.12 -97.15
C THR B 407 104.57 12.43 -95.95
N SER B 408 105.40 11.75 -95.16
CA SER B 408 104.90 11.05 -93.98
C SER B 408 104.35 12.01 -92.94
N GLY B 409 104.93 13.22 -92.86
CA GLY B 409 104.47 14.22 -91.92
C GLY B 409 103.24 14.99 -92.33
N MET B 410 102.73 14.76 -93.53
CA MET B 410 101.55 15.44 -94.03
C MET B 410 100.36 14.50 -94.06
N ALA B 411 99.17 15.08 -94.18
CA ALA B 411 97.95 14.29 -94.21
C ALA B 411 97.89 13.46 -95.49
N PRO B 412 97.24 12.29 -95.44
CA PRO B 412 97.15 11.45 -96.65
C PRO B 412 96.36 12.11 -97.78
N ASP B 413 95.50 13.06 -97.48
CA ASP B 413 94.70 13.75 -98.50
C ASP B 413 95.28 15.10 -98.86
N THR B 414 96.51 15.39 -98.44
CA THR B 414 97.13 16.68 -98.79
C THR B 414 97.31 16.80 -100.31
N LYS B 415 97.77 15.74 -100.96
CA LYS B 415 97.94 15.77 -102.41
C LYS B 415 96.59 15.94 -103.10
N GLU B 416 95.56 15.24 -102.62
CA GLU B 416 94.22 15.38 -103.19
C GLU B 416 93.69 16.79 -102.98
N THR B 417 93.94 17.37 -101.81
CA THR B 417 93.49 18.73 -101.54
C THR B 417 94.16 19.73 -102.47
N ILE B 418 95.46 19.56 -102.72
CA ILE B 418 96.17 20.45 -103.63
C ILE B 418 95.60 20.32 -105.05
N PHE B 419 95.35 19.10 -105.49
CA PHE B 419 94.78 18.89 -106.82
C PHE B 419 93.38 19.49 -106.91
N SER B 420 92.57 19.33 -105.86
CA SER B 420 91.21 19.88 -105.88
C SER B 420 91.23 21.40 -105.92
N ILE B 421 92.13 22.03 -105.16
CA ILE B 421 92.22 23.49 -105.16
C ILE B 421 92.64 23.99 -106.53
N SER B 422 93.63 23.33 -107.15
CA SER B 422 94.08 23.74 -108.48
C SER B 422 92.96 23.58 -109.51
N LYS B 423 92.22 22.47 -109.44
CA LYS B 423 91.12 22.26 -110.37
C LYS B 423 90.00 23.28 -110.16
N ALA B 424 89.70 23.61 -108.90
CA ALA B 424 88.68 24.62 -108.63
C ALA B 424 89.08 25.98 -109.16
N TYR B 425 90.35 26.36 -109.00
CA TYR B 425 90.82 27.62 -109.56
C TYR B 425 90.77 27.59 -111.08
N MET B 426 91.16 26.47 -111.69
CA MET B 426 91.16 26.34 -113.14
C MET B 426 89.76 26.23 -113.73
N GLN B 427 88.73 26.07 -112.89
CA GLN B 427 87.36 25.94 -113.38
C GLN B 427 86.88 27.20 -114.10
N ASN B 428 87.46 28.36 -113.80
CA ASN B 428 87.06 29.59 -114.47
C ASN B 428 87.51 29.55 -115.93
N PRO B 429 86.60 29.69 -116.89
CA PRO B 429 87.03 29.69 -118.31
C PRO B 429 87.92 30.86 -118.67
N ASN B 430 87.89 31.95 -117.91
CA ASN B 430 88.76 33.09 -118.16
C ASN B 430 90.05 33.07 -117.35
N ALA B 431 90.22 32.07 -116.48
CA ALA B 431 91.42 32.00 -115.65
C ALA B 431 92.64 31.69 -116.50
N ILE B 432 93.75 32.36 -116.21
CA ILE B 432 95.00 32.17 -116.92
C ILE B 432 95.85 31.14 -116.17
N ILE B 433 96.29 30.12 -116.90
CA ILE B 433 97.08 29.05 -116.30
C ILE B 433 98.56 29.43 -116.34
N LEU B 434 99.23 29.31 -115.20
CA LEU B 434 100.66 29.60 -115.08
C LEU B 434 101.34 28.38 -114.49
N CYS B 435 101.86 27.51 -115.36
CA CYS B 435 102.50 26.28 -114.92
C CYS B 435 103.98 26.54 -114.64
N ILE B 436 104.46 26.01 -113.52
CA ILE B 436 105.84 26.16 -113.10
C ILE B 436 106.43 24.77 -112.86
N GLN B 437 107.59 24.50 -113.47
CA GLN B 437 108.26 23.22 -113.32
C GLN B 437 109.76 23.48 -113.25
N ASP B 438 110.54 22.41 -113.35
CA ASP B 438 112.00 22.49 -113.29
C ASP B 438 112.58 22.18 -114.67
N GLY B 439 113.57 22.97 -115.07
CA GLY B 439 114.21 22.76 -116.36
C GLY B 439 115.14 21.57 -116.43
N SER B 440 115.53 21.01 -115.28
CA SER B 440 116.38 19.83 -115.23
C SER B 440 115.59 18.53 -115.24
N VAL B 441 114.25 18.60 -115.27
CA VAL B 441 113.39 17.43 -115.29
C VAL B 441 112.61 17.42 -116.59
N ASP B 442 112.58 16.26 -117.24
CA ASP B 442 111.89 16.12 -118.52
C ASP B 442 110.38 16.24 -118.32
N ALA B 443 109.69 16.61 -119.41
CA ALA B 443 108.25 16.79 -119.36
C ALA B 443 107.51 15.48 -119.10
N GLU B 444 108.11 14.33 -119.43
CA GLU B 444 107.47 13.05 -119.20
C GLU B 444 107.58 12.58 -117.76
N ARG B 445 108.45 13.19 -116.96
CA ARG B 445 108.62 12.82 -115.56
C ARG B 445 107.75 13.64 -114.62
N SER B 446 107.00 14.61 -115.12
CA SER B 446 106.15 15.48 -114.31
C SER B 446 104.71 15.33 -114.75
N ILE B 447 103.80 15.21 -113.78
CA ILE B 447 102.38 15.06 -114.08
C ILE B 447 101.66 16.39 -114.26
N VAL B 448 102.22 17.48 -113.70
CA VAL B 448 101.55 18.77 -113.75
C VAL B 448 101.40 19.25 -115.19
N THR B 449 102.46 19.11 -115.99
CA THR B 449 102.39 19.54 -117.39
C THR B 449 101.35 18.73 -118.17
N ASP B 450 101.24 17.42 -117.87
CA ASP B 450 100.22 16.61 -118.53
C ASP B 450 98.82 17.06 -118.13
N LEU B 451 98.62 17.38 -116.84
CA LEU B 451 97.31 17.85 -116.39
C LEU B 451 96.94 19.18 -117.04
N VAL B 452 97.91 20.09 -117.15
CA VAL B 452 97.63 21.40 -117.75
C VAL B 452 97.23 21.23 -119.21
N SER B 453 97.94 20.39 -119.96
CA SER B 453 97.61 20.18 -121.36
C SER B 453 96.25 19.52 -121.52
N GLN B 454 95.93 18.55 -120.64
CA GLN B 454 94.65 17.86 -120.74
C GLN B 454 93.48 18.78 -120.44
N MET B 455 93.63 19.65 -119.44
CA MET B 455 92.53 20.53 -119.03
C MET B 455 92.34 21.73 -119.95
N ASP B 456 93.30 22.02 -120.83
CA ASP B 456 93.19 23.13 -121.78
C ASP B 456 93.53 22.61 -123.18
N PRO B 457 92.59 21.92 -123.82
CA PRO B 457 92.85 21.42 -125.18
C PRO B 457 93.05 22.53 -126.21
N HIS B 458 92.52 23.72 -125.96
CA HIS B 458 92.63 24.83 -126.91
C HIS B 458 93.91 25.62 -126.73
N GLY B 459 94.35 25.83 -125.49
CA GLY B 459 95.55 26.59 -125.23
C GLY B 459 95.41 28.08 -125.39
N ARG B 460 94.18 28.60 -125.38
CA ARG B 460 93.95 30.04 -125.53
C ARG B 460 94.39 30.83 -124.32
N ARG B 461 94.65 30.17 -123.18
CA ARG B 461 95.02 30.87 -121.96
C ARG B 461 96.16 30.21 -121.20
N THR B 462 96.77 29.15 -121.74
CA THR B 462 97.83 28.45 -121.03
C THR B 462 99.17 29.16 -121.21
N ILE B 463 99.87 29.38 -120.10
CA ILE B 463 101.21 29.94 -120.12
C ILE B 463 102.11 29.04 -119.29
N PHE B 464 103.25 28.65 -119.85
CA PHE B 464 104.19 27.76 -119.20
C PHE B 464 105.45 28.52 -118.80
N VAL B 465 105.90 28.31 -117.56
CA VAL B 465 107.08 28.96 -117.03
C VAL B 465 108.08 27.87 -116.65
N LEU B 466 109.31 27.99 -117.15
CA LEU B 466 110.36 27.02 -116.89
C LEU B 466 111.41 27.67 -115.98
N THR B 467 111.77 26.96 -114.91
CA THR B 467 112.72 27.45 -113.93
C THR B 467 114.06 26.73 -114.06
N LYS B 468 115.07 27.30 -113.41
CA LYS B 468 116.43 26.73 -113.40
C LYS B 468 116.96 26.52 -114.82
N VAL B 469 116.71 27.51 -115.68
CA VAL B 469 117.21 27.43 -117.05
C VAL B 469 118.73 27.46 -117.07
N ASP B 470 119.33 28.26 -116.18
CA ASP B 470 120.79 28.30 -116.08
C ASP B 470 121.33 26.94 -115.65
N LEU B 471 120.68 26.29 -114.69
CA LEU B 471 121.10 24.96 -114.28
C LEU B 471 120.94 23.95 -115.41
N ALA B 472 119.84 24.06 -116.17
CA ALA B 472 119.64 23.16 -117.31
C ALA B 472 120.72 23.38 -118.37
N GLU B 473 121.08 24.64 -118.63
CA GLU B 473 122.15 24.92 -119.58
C GLU B 473 123.48 24.38 -119.09
N LYS B 474 123.74 24.51 -117.78
CA LYS B 474 124.95 23.95 -117.20
C LYS B 474 124.95 22.42 -117.22
N ASN B 475 123.78 21.81 -117.38
CA ASN B 475 123.67 20.36 -117.50
C ASN B 475 123.84 19.87 -118.92
N VAL B 476 124.15 20.77 -119.87
CA VAL B 476 124.31 20.45 -121.29
C VAL B 476 122.98 19.87 -121.77
N ALA B 477 121.92 20.67 -121.69
CA ALA B 477 120.62 20.27 -122.21
C ALA B 477 120.62 20.35 -123.73
N SER B 478 119.84 19.46 -124.35
CA SER B 478 119.73 19.44 -125.80
C SER B 478 119.02 20.69 -126.28
N PRO B 479 119.59 21.46 -127.21
CA PRO B 479 118.91 22.66 -127.70
C PRO B 479 117.59 22.38 -128.38
N SER B 480 117.43 21.21 -129.00
CA SER B 480 116.19 20.89 -129.69
C SER B 480 115.02 20.82 -128.72
N ARG B 481 115.22 20.18 -127.55
CA ARG B 481 114.15 20.08 -126.57
C ARG B 481 113.75 21.45 -126.04
N ILE B 482 114.73 22.30 -125.75
CA ILE B 482 114.44 23.63 -125.24
C ILE B 482 113.69 24.45 -126.30
N GLN B 483 114.15 24.39 -127.55
CA GLN B 483 113.49 25.14 -128.61
C GLN B 483 112.07 24.65 -128.84
N GLN B 484 111.86 23.34 -128.80
CA GLN B 484 110.52 22.79 -128.99
C GLN B 484 109.58 23.23 -127.86
N ILE B 485 110.08 23.24 -126.63
CA ILE B 485 109.27 23.68 -125.50
C ILE B 485 108.88 25.15 -125.65
N ILE B 486 109.85 25.98 -126.02
CA ILE B 486 109.59 27.41 -126.16
C ILE B 486 108.67 27.68 -127.34
N GLU B 487 108.88 26.99 -128.45
CA GLU B 487 108.10 27.20 -129.66
C GLU B 487 106.86 26.31 -129.73
N GLY B 488 106.61 25.51 -128.69
CA GLY B 488 105.41 24.69 -128.65
C GLY B 488 105.33 23.60 -129.69
N LYS B 489 106.43 22.88 -129.93
CA LYS B 489 106.45 21.77 -130.87
C LYS B 489 106.34 20.42 -130.19
N LEU B 490 107.18 20.17 -129.17
CA LEU B 490 107.10 18.91 -128.44
C LEU B 490 105.77 18.75 -127.73
N PHE B 491 105.27 19.83 -127.12
CA PHE B 491 103.99 19.77 -126.44
C PHE B 491 102.86 19.73 -127.45
N PRO B 492 101.96 18.75 -127.39
CA PRO B 492 100.84 18.72 -128.35
C PRO B 492 99.94 19.95 -128.25
N MET B 493 99.78 20.51 -127.06
CA MET B 493 98.96 21.71 -126.91
C MET B 493 99.61 22.91 -127.58
N LYS B 494 98.77 23.80 -128.11
CA LYS B 494 99.22 25.02 -128.77
C LYS B 494 98.79 26.20 -127.90
N ALA B 495 99.74 26.75 -127.14
CA ALA B 495 99.46 27.85 -126.23
C ALA B 495 99.79 29.17 -126.90
N LEU B 496 99.46 30.27 -126.21
CA LEU B 496 99.78 31.60 -126.73
C LEU B 496 101.28 31.81 -126.83
N GLY B 497 102.03 31.37 -125.84
CA GLY B 497 103.47 31.52 -125.86
C GLY B 497 104.10 30.83 -124.68
N TYR B 498 105.43 30.76 -124.70
CA TYR B 498 106.20 30.13 -123.65
C TYR B 498 107.34 31.06 -123.25
N PHE B 499 107.66 31.07 -121.96
CA PHE B 499 108.72 31.93 -121.44
C PHE B 499 109.59 31.13 -120.48
N ALA B 500 110.85 31.55 -120.37
CA ALA B 500 111.83 30.92 -119.51
C ALA B 500 112.46 31.96 -118.61
N VAL B 501 112.52 31.68 -117.31
CA VAL B 501 113.12 32.58 -116.33
C VAL B 501 114.11 31.79 -115.48
N VAL B 502 115.07 32.50 -114.91
CA VAL B 502 116.12 31.91 -114.08
C VAL B 502 115.85 32.30 -112.64
N THR B 503 115.75 31.30 -111.76
CA THR B 503 115.48 31.51 -110.35
C THR B 503 116.75 31.51 -109.50
N GLY B 504 117.89 31.75 -110.11
CA GLY B 504 119.16 31.75 -109.40
C GLY B 504 119.80 30.39 -109.34
N LYS B 505 120.69 30.25 -108.36
CA LYS B 505 121.43 29.00 -108.15
C LYS B 505 120.66 28.02 -107.27
N GLY B 506 119.47 28.39 -106.80
CA GLY B 506 118.68 27.51 -105.97
C GLY B 506 118.77 27.78 -104.48
N ASN B 507 119.66 28.68 -104.05
CA ASN B 507 119.80 28.97 -102.63
C ASN B 507 118.57 29.69 -102.11
N SER B 508 118.21 29.41 -100.86
CA SER B 508 117.04 30.00 -100.22
C SER B 508 117.35 31.33 -99.53
N SER B 509 118.59 31.80 -99.59
CA SER B 509 118.97 33.06 -98.98
C SER B 509 119.46 34.11 -99.96
N GLU B 510 119.49 33.80 -101.26
CA GLU B 510 119.96 34.75 -102.25
C GLU B 510 118.99 35.92 -102.38
N SER B 511 119.54 37.11 -102.56
CA SER B 511 118.73 38.31 -102.72
C SER B 511 118.09 38.34 -104.11
N ILE B 512 116.92 38.97 -104.18
CA ILE B 512 116.19 39.06 -105.45
C ILE B 512 116.97 39.88 -106.47
N GLU B 513 117.55 41.01 -106.03
CA GLU B 513 118.24 41.89 -106.95
C GLU B 513 119.45 41.22 -107.59
N ALA B 514 120.22 40.46 -106.79
CA ALA B 514 121.36 39.75 -107.34
C ALA B 514 120.93 38.69 -108.34
N ILE B 515 119.84 37.98 -108.03
CA ILE B 515 119.36 36.94 -108.93
C ILE B 515 118.93 37.55 -110.27
N ARG B 516 118.18 38.65 -110.22
CA ARG B 516 117.71 39.29 -111.44
C ARG B 516 118.87 39.82 -112.28
N GLU B 517 119.85 40.46 -111.63
CA GLU B 517 121.01 40.98 -112.36
C GLU B 517 121.83 39.84 -112.96
N TYR B 518 122.02 38.75 -112.20
CA TYR B 518 122.75 37.60 -112.73
C TYR B 518 122.02 36.96 -113.90
N GLU B 519 120.69 36.86 -113.81
CA GLU B 519 119.91 36.29 -114.90
C GLU B 519 120.04 37.12 -116.16
N GLU B 520 119.97 38.44 -116.05
CA GLU B 520 120.11 39.30 -117.21
C GLU B 520 121.49 39.17 -117.84
N GLU B 521 122.55 39.16 -117.01
CA GLU B 521 123.90 38.99 -117.53
C GLU B 521 124.08 37.62 -118.16
N PHE B 522 123.52 36.58 -117.54
CA PHE B 522 123.66 35.23 -118.08
C PHE B 522 123.01 35.10 -119.45
N PHE B 523 121.82 35.69 -119.62
CA PHE B 523 121.15 35.62 -120.91
C PHE B 523 121.80 36.53 -121.95
N GLN B 524 122.33 37.68 -121.52
CA GLN B 524 123.01 38.56 -122.46
C GLN B 524 124.25 37.90 -123.04
N ASN B 525 125.01 37.18 -122.21
CA ASN B 525 126.21 36.49 -122.65
C ASN B 525 125.93 35.06 -123.12
N SER B 526 124.68 34.62 -123.10
CA SER B 526 124.35 33.28 -123.55
C SER B 526 124.55 33.15 -125.05
N LYS B 527 125.14 32.03 -125.46
CA LYS B 527 125.38 31.80 -126.88
C LYS B 527 124.10 31.44 -127.62
N LEU B 528 123.12 30.85 -126.92
CA LEU B 528 121.89 30.45 -127.58
C LEU B 528 121.11 31.64 -128.11
N LEU B 529 121.04 32.73 -127.34
CA LEU B 529 120.29 33.90 -127.78
C LEU B 529 121.00 34.61 -128.94
N LYS B 530 122.33 34.73 -128.87
CA LYS B 530 123.07 35.38 -129.93
C LYS B 530 123.09 34.57 -131.21
N THR B 531 122.83 33.26 -131.13
CA THR B 531 122.75 32.40 -132.30
C THR B 531 121.36 32.43 -132.93
N SER B 532 120.42 33.16 -132.33
CA SER B 532 119.03 33.29 -132.77
C SER B 532 118.28 31.96 -132.69
N MET B 533 118.74 31.03 -131.85
CA MET B 533 117.99 29.81 -131.62
C MET B 533 116.67 30.11 -130.91
N LEU B 534 116.68 31.02 -129.94
CA LEU B 534 115.51 31.42 -129.20
C LEU B 534 115.27 32.92 -129.38
N LYS B 535 114.01 33.31 -129.48
CA LYS B 535 113.67 34.71 -129.70
C LYS B 535 114.08 35.55 -128.49
N ALA B 536 114.55 36.77 -128.76
CA ALA B 536 115.04 37.65 -127.71
C ALA B 536 113.92 38.16 -126.80
N HIS B 537 112.69 38.23 -127.31
CA HIS B 537 111.57 38.73 -126.52
C HIS B 537 110.83 37.63 -125.78
N GLN B 538 111.30 36.38 -125.86
CA GLN B 538 110.68 35.25 -125.18
C GLN B 538 111.38 34.91 -123.87
N VAL B 539 112.31 35.75 -123.41
CA VAL B 539 113.06 35.49 -122.19
C VAL B 539 112.86 36.65 -121.22
N THR B 540 113.50 36.57 -120.05
CA THR B 540 113.47 37.59 -119.00
C THR B 540 112.09 37.71 -118.36
N THR B 541 112.06 38.10 -117.09
CA THR B 541 110.78 38.23 -116.38
C THR B 541 110.02 39.48 -116.79
N ARG B 542 110.73 40.54 -117.20
CA ARG B 542 110.07 41.79 -117.58
C ARG B 542 109.14 41.59 -118.77
N ASN B 543 109.62 40.88 -119.80
CA ASN B 543 108.80 40.65 -120.98
C ASN B 543 107.57 39.80 -120.64
N LEU B 544 107.77 38.75 -119.83
CA LEU B 544 106.65 37.90 -119.45
C LEU B 544 105.63 38.65 -118.60
N SER B 545 106.10 39.47 -117.66
CA SER B 545 105.19 40.23 -116.81
C SER B 545 104.37 41.22 -117.61
N LEU B 546 105.01 41.92 -118.56
CA LEU B 546 104.30 42.91 -119.37
C LEU B 546 103.24 42.24 -120.24
N ALA B 547 103.58 41.11 -120.86
CA ALA B 547 102.62 40.42 -121.72
C ALA B 547 101.45 39.88 -120.92
N VAL B 548 101.72 39.30 -119.75
CA VAL B 548 100.65 38.77 -118.91
C VAL B 548 99.75 39.90 -118.40
N SER B 549 100.36 41.00 -117.97
CA SER B 549 99.57 42.11 -117.42
C SER B 549 98.66 42.71 -118.48
N ASP B 550 99.16 42.94 -119.69
CA ASP B 550 98.35 43.53 -120.74
C ASP B 550 97.20 42.61 -121.14
N CYS B 551 97.48 41.32 -121.32
CA CYS B 551 96.44 40.38 -121.70
C CYS B 551 95.40 40.23 -120.59
N PHE B 552 95.85 40.13 -119.34
CA PHE B 552 94.92 39.98 -118.21
C PHE B 552 94.05 41.22 -118.06
N TRP B 553 94.63 42.41 -118.18
CA TRP B 553 93.87 43.64 -118.02
C TRP B 553 92.81 43.80 -119.10
N LYS B 554 93.16 43.48 -120.35
CA LYS B 554 92.19 43.61 -121.44
C LYS B 554 91.00 42.67 -121.23
N MET B 555 91.26 41.43 -120.81
CA MET B 555 90.17 40.51 -120.52
C MET B 555 89.32 41.00 -119.35
N VAL B 556 89.98 41.60 -118.34
CA VAL B 556 89.24 42.13 -117.20
C VAL B 556 88.30 43.25 -117.63
N ARG B 557 88.79 44.14 -118.51
CA ARG B 557 87.97 45.28 -118.93
C ARG B 557 86.68 44.81 -119.61
N GLU B 558 86.79 43.85 -120.52
CA GLU B 558 85.60 43.34 -121.19
C GLU B 558 84.67 42.63 -120.20
N SER B 559 85.23 41.81 -119.33
CA SER B 559 84.41 41.05 -118.38
C SER B 559 83.69 41.96 -117.40
N VAL B 560 84.38 42.99 -116.90
CA VAL B 560 83.78 43.84 -115.87
C VAL B 560 82.62 44.64 -116.44
N GLU B 561 82.69 45.02 -117.73
CA GLU B 561 81.57 45.73 -118.34
C GLU B 561 80.32 44.85 -118.37
N GLN B 562 80.48 43.58 -118.76
CA GLN B 562 79.35 42.66 -118.77
C GLN B 562 78.79 42.44 -117.36
N GLN B 563 79.70 42.26 -116.39
CA GLN B 563 79.26 42.05 -115.02
C GLN B 563 78.52 43.26 -114.45
N ALA B 564 79.01 44.47 -114.76
CA ALA B 564 78.36 45.67 -114.25
C ALA B 564 76.94 45.80 -114.78
N ASP B 565 76.73 45.54 -116.07
CA ASP B 565 75.39 45.57 -116.63
C ASP B 565 74.50 44.50 -116.01
N SER B 566 75.04 43.29 -115.82
CA SER B 566 74.26 42.21 -115.21
C SER B 566 73.90 42.54 -113.78
N PHE B 567 74.84 43.09 -113.01
CA PHE B 567 74.56 43.46 -111.62
C PHE B 567 73.49 44.54 -111.54
N LYS B 568 73.56 45.54 -112.42
CA LYS B 568 72.55 46.60 -112.42
C LYS B 568 71.17 46.04 -112.73
N ALA B 569 71.08 45.15 -113.72
CA ALA B 569 69.80 44.52 -114.04
C ALA B 569 69.31 43.67 -112.89
N THR B 570 70.20 42.90 -112.26
CA THR B 570 69.81 42.05 -111.13
C THR B 570 69.30 42.90 -109.97
N ARG B 571 69.99 43.99 -109.66
CA ARG B 571 69.54 44.87 -108.59
C ARG B 571 68.18 45.49 -108.91
N PHE B 572 67.96 45.84 -110.18
CA PHE B 572 66.67 46.38 -110.58
C PHE B 572 65.55 45.38 -110.34
N ASN B 573 65.80 44.11 -110.65
CA ASN B 573 64.79 43.07 -110.41
C ASN B 573 64.47 42.96 -108.92
N LEU B 574 65.50 43.00 -108.08
CA LEU B 574 65.27 42.94 -106.63
C LEU B 574 64.47 44.14 -106.14
N GLU B 575 64.79 45.34 -106.64
CA GLU B 575 64.03 46.53 -106.26
C GLU B 575 62.59 46.44 -106.74
N THR B 576 62.37 45.93 -107.95
CA THR B 576 61.02 45.78 -108.46
C THR B 576 60.21 44.81 -107.61
N GLU B 577 60.84 43.71 -107.18
CA GLU B 577 60.15 42.77 -106.30
C GLU B 577 59.80 43.41 -104.96
N TRP B 578 60.71 44.24 -104.43
CA TRP B 578 60.44 44.94 -103.18
C TRP B 578 59.23 45.86 -103.30
N LYS B 579 59.17 46.62 -104.40
CA LYS B 579 58.04 47.52 -104.60
C LYS B 579 56.73 46.74 -104.74
N ASN B 580 56.76 45.62 -105.47
CA ASN B 580 55.54 44.85 -105.69
C ASN B 580 55.02 44.24 -104.39
N ASN B 581 55.92 43.77 -103.53
CA ASN B 581 55.53 43.11 -102.28
C ASN B 581 55.40 44.10 -101.13
N TYR B 582 56.35 45.02 -100.98
CA TYR B 582 56.38 45.96 -99.86
C TYR B 582 56.55 47.37 -100.41
N PRO B 583 55.49 47.97 -100.96
CA PRO B 583 55.62 49.31 -101.54
C PRO B 583 55.70 50.40 -100.49
N ARG B 584 55.07 50.17 -99.33
CA ARG B 584 54.96 51.17 -98.28
C ARG B 584 55.92 50.91 -97.12
N LEU B 585 56.98 50.14 -97.35
CA LEU B 585 57.96 49.82 -96.32
C LEU B 585 59.35 50.24 -96.78
N ARG B 586 60.29 50.22 -95.84
CA ARG B 586 61.67 50.63 -96.08
C ARG B 586 62.59 49.46 -95.78
N GLU B 587 63.57 49.24 -96.65
CA GLU B 587 64.53 48.16 -96.45
C GLU B 587 65.54 48.54 -95.38
N LEU B 588 65.73 47.67 -94.40
CA LEU B 588 66.70 47.86 -93.33
C LEU B 588 67.51 46.59 -93.17
N ASP B 589 68.75 46.74 -92.70
CA ASP B 589 69.62 45.60 -92.48
C ASP B 589 69.27 44.93 -91.15
N ARG B 590 70.05 43.90 -90.79
CA ARG B 590 69.76 43.15 -89.57
C ARG B 590 69.89 44.04 -88.34
N ASN B 591 70.91 44.89 -88.29
CA ASN B 591 71.09 45.77 -87.13
C ASN B 591 69.95 46.75 -86.98
N GLU B 592 69.55 47.41 -88.08
CA GLU B 592 68.49 48.41 -88.00
C GLU B 592 67.17 47.78 -87.59
N LEU B 593 66.89 46.57 -88.08
CA LEU B 593 65.67 45.88 -87.67
C LEU B 593 65.67 45.61 -86.17
N PHE B 594 66.83 45.28 -85.60
CA PHE B 594 66.92 45.09 -84.16
C PHE B 594 66.60 46.37 -83.41
N GLU B 595 67.11 47.51 -83.90
CA GLU B 595 66.81 48.78 -83.26
C GLU B 595 65.32 49.11 -83.35
N LYS B 596 64.71 48.87 -84.52
CA LYS B 596 63.28 49.12 -84.66
C LYS B 596 62.47 48.20 -83.77
N ALA B 597 62.86 46.93 -83.67
CA ALA B 597 62.12 45.98 -82.85
C ALA B 597 62.13 46.37 -81.38
N LYS B 598 63.30 46.77 -80.86
CA LYS B 598 63.38 47.13 -79.44
C LYS B 598 62.56 48.37 -79.13
N ASN B 599 62.53 49.36 -80.05
CA ASN B 599 61.72 50.55 -79.83
C ASN B 599 60.23 50.19 -79.74
N GLU B 600 59.78 49.29 -80.60
CA GLU B 600 58.39 48.83 -80.52
C GLU B 600 58.10 48.14 -79.20
N ILE B 601 59.08 47.37 -78.70
CA ILE B 601 58.91 46.71 -77.41
C ILE B 601 58.74 47.74 -76.29
N LEU B 602 59.57 48.79 -76.30
CA LEU B 602 59.45 49.82 -75.29
C LEU B 602 58.12 50.54 -75.37
N ASP B 603 57.61 50.75 -76.59
CA ASP B 603 56.29 51.37 -76.76
C ASP B 603 55.20 50.50 -76.14
N GLU B 604 55.27 49.19 -76.36
CA GLU B 604 54.28 48.29 -75.78
C GLU B 604 54.38 48.27 -74.25
N VAL B 605 55.60 48.41 -73.72
CA VAL B 605 55.77 48.50 -72.27
C VAL B 605 55.05 49.73 -71.73
N ILE B 606 55.21 50.87 -72.41
CA ILE B 606 54.55 52.09 -71.97
C ILE B 606 53.04 51.97 -72.11
N SER B 607 52.58 51.40 -73.23
CA SER B 607 51.14 51.24 -73.45
C SER B 607 50.51 50.33 -72.40
N LEU B 608 51.29 49.40 -71.83
CA LEU B 608 50.77 48.54 -70.77
C LEU B 608 50.37 49.35 -69.54
N SER B 609 51.03 50.49 -69.30
CA SER B 609 50.70 51.36 -68.19
C SER B 609 49.57 52.33 -68.51
N GLN B 610 49.01 52.27 -69.72
CA GLN B 610 47.95 53.18 -70.15
C GLN B 610 46.58 52.53 -70.03
N VAL B 611 46.38 51.68 -69.04
CA VAL B 611 45.12 50.99 -68.83
C VAL B 611 44.46 51.55 -67.57
N THR B 612 43.13 51.63 -67.61
CA THR B 612 42.38 52.20 -66.51
C THR B 612 42.61 51.39 -65.22
N PRO B 613 42.80 52.04 -64.08
CA PRO B 613 43.04 51.29 -62.84
C PRO B 613 41.91 50.35 -62.45
N LYS B 614 40.68 50.66 -62.86
CA LYS B 614 39.54 49.81 -62.51
C LYS B 614 39.71 48.40 -63.08
N HIS B 615 40.17 48.30 -64.32
CA HIS B 615 40.37 46.99 -64.95
C HIS B 615 41.39 46.15 -64.17
N TRP B 616 42.47 46.78 -63.74
CA TRP B 616 43.48 46.08 -62.95
C TRP B 616 42.90 45.58 -61.63
N GLU B 617 42.12 46.43 -60.96
CA GLU B 617 41.58 46.06 -59.65
C GLU B 617 40.60 44.90 -59.76
N GLU B 618 39.74 44.92 -60.80
CA GLU B 618 38.77 43.84 -60.97
C GLU B 618 39.47 42.50 -61.21
N ILE B 619 40.49 42.50 -62.08
CA ILE B 619 41.20 41.26 -62.36
C ILE B 619 41.95 40.76 -61.13
N LEU B 620 42.64 41.67 -60.44
CA LEU B 620 43.41 41.27 -59.27
C LEU B 620 42.51 40.75 -58.15
N GLN B 621 41.39 41.42 -57.91
CA GLN B 621 40.47 40.98 -56.86
C GLN B 621 39.91 39.60 -57.14
N GLN B 622 39.43 39.38 -58.38
CA GLN B 622 38.83 38.10 -58.74
C GLN B 622 39.86 36.97 -58.68
N SER B 623 41.06 37.22 -59.21
CA SER B 623 42.09 36.18 -59.22
C SER B 623 42.52 35.82 -57.81
N LEU B 624 42.78 36.83 -56.97
CA LEU B 624 43.23 36.56 -55.61
C LEU B 624 42.15 35.84 -54.80
N TRP B 625 40.89 36.29 -54.94
CA TRP B 625 39.81 35.66 -54.18
C TRP B 625 39.64 34.19 -54.55
N GLU B 626 39.60 33.87 -55.84
CA GLU B 626 39.45 32.49 -56.25
C GLU B 626 40.67 31.65 -55.87
N ARG B 627 41.85 32.26 -55.81
CA ARG B 627 43.05 31.52 -55.46
C ARG B 627 43.02 31.03 -54.01
N VAL B 628 42.42 31.83 -53.11
CA VAL B 628 42.45 31.53 -51.68
C VAL B 628 41.09 31.19 -51.11
N SER B 629 40.02 31.21 -51.92
CA SER B 629 38.69 30.93 -51.40
C SER B 629 38.59 29.50 -50.87
N THR B 630 39.15 28.54 -51.60
CA THR B 630 39.09 27.15 -51.16
C THR B 630 39.81 26.95 -49.83
N HIS B 631 41.01 27.50 -49.70
CA HIS B 631 41.77 27.34 -48.47
C HIS B 631 41.06 28.01 -47.29
N VAL B 632 40.52 29.21 -47.51
CA VAL B 632 39.90 29.96 -46.42
C VAL B 632 38.66 29.23 -45.90
N ILE B 633 37.78 28.83 -46.82
CA ILE B 633 36.51 28.23 -46.41
C ILE B 633 36.74 26.86 -45.79
N GLU B 634 37.49 26.00 -46.47
CA GLU B 634 37.63 24.62 -46.04
C GLU B 634 38.48 24.51 -44.77
N ASN B 635 39.64 25.16 -44.75
CA ASN B 635 40.58 24.98 -43.66
C ASN B 635 40.30 25.87 -42.44
N ILE B 636 39.46 26.89 -42.58
CA ILE B 636 39.23 27.81 -41.46
C ILE B 636 37.74 27.87 -41.11
N TYR B 637 36.90 28.20 -42.11
CA TYR B 637 35.49 28.39 -41.84
C TYR B 637 34.82 27.10 -41.37
N LEU B 638 35.06 26.00 -42.09
CA LEU B 638 34.40 24.74 -41.74
C LEU B 638 34.77 24.22 -40.36
N PRO B 639 36.05 24.13 -39.96
CA PRO B 639 36.35 23.65 -38.61
C PRO B 639 35.75 24.52 -37.51
N ALA B 640 35.72 25.84 -37.72
CA ALA B 640 35.19 26.74 -36.69
C ALA B 640 33.67 26.72 -36.63
N ALA B 641 33.01 26.53 -37.77
CA ALA B 641 31.55 26.55 -37.80
C ALA B 641 30.91 25.38 -37.07
N GLN B 642 31.69 24.33 -36.79
CA GLN B 642 31.12 23.16 -36.11
C GLN B 642 30.66 23.51 -34.71
N THR B 643 31.45 24.30 -33.98
CA THR B 643 31.10 24.67 -32.62
C THR B 643 29.91 25.63 -32.61
N MET B 644 29.03 25.43 -31.63
CA MET B 644 27.86 26.29 -31.46
C MET B 644 28.14 27.52 -30.61
N ASN B 645 29.32 27.60 -29.99
CA ASN B 645 29.67 28.73 -29.14
C ASN B 645 30.30 29.82 -30.00
N SER B 646 29.66 31.00 -30.03
CA SER B 646 30.16 32.10 -30.85
C SER B 646 31.55 32.55 -30.41
N GLY B 647 31.78 32.62 -29.10
CA GLY B 647 33.08 33.06 -28.62
C GLY B 647 34.20 32.13 -29.04
N THR B 648 33.99 30.81 -28.87
CA THR B 648 34.99 29.85 -29.31
C THR B 648 35.15 29.87 -30.83
N PHE B 649 34.04 30.02 -31.55
CA PHE B 649 34.09 30.12 -33.01
C PHE B 649 34.95 31.28 -33.46
N ASN B 650 34.72 32.47 -32.88
CA ASN B 650 35.50 33.65 -33.25
C ASN B 650 36.97 33.48 -32.88
N THR B 651 37.24 32.90 -31.70
CA THR B 651 38.63 32.71 -31.28
C THR B 651 39.39 31.81 -32.23
N THR B 652 38.76 30.71 -32.66
CA THR B 652 39.41 29.81 -33.61
C THR B 652 39.69 30.50 -34.93
N VAL B 653 38.77 31.33 -35.41
CA VAL B 653 38.96 32.04 -36.67
C VAL B 653 40.14 32.99 -36.57
N ASP B 654 40.23 33.74 -35.48
CA ASP B 654 41.33 34.69 -35.32
C ASP B 654 42.68 34.00 -35.26
N ILE B 655 42.77 32.88 -34.53
CA ILE B 655 44.03 32.15 -34.43
C ILE B 655 44.45 31.62 -35.80
N LYS B 656 43.49 31.05 -36.53
CA LYS B 656 43.80 30.52 -37.85
C LYS B 656 44.22 31.63 -38.81
N LEU B 657 43.56 32.79 -38.75
CA LEU B 657 43.90 33.90 -39.62
C LEU B 657 45.34 34.36 -39.40
N LYS B 658 45.74 34.52 -38.13
CA LYS B 658 47.08 35.00 -37.84
C LYS B 658 48.14 34.02 -38.33
N GLN B 659 47.92 32.73 -38.11
CA GLN B 659 48.89 31.73 -38.54
C GLN B 659 49.04 31.72 -40.06
N TRP B 660 47.93 31.79 -40.79
CA TRP B 660 48.00 31.74 -42.25
C TRP B 660 48.57 33.05 -42.82
N THR B 661 48.11 34.20 -42.31
CA THR B 661 48.49 35.48 -42.88
C THR B 661 49.99 35.75 -42.71
N ASP B 662 50.55 35.41 -41.55
CA ASP B 662 51.93 35.78 -41.27
C ASP B 662 52.94 35.03 -42.14
N LYS B 663 52.56 33.91 -42.73
CA LYS B 663 53.53 33.12 -43.47
C LYS B 663 53.12 32.85 -44.92
N GLN B 664 51.84 32.65 -45.19
CA GLN B 664 51.39 32.21 -46.50
C GLN B 664 50.73 33.30 -47.32
N LEU B 665 50.05 34.26 -46.69
CA LEU B 665 49.32 35.28 -47.45
C LEU B 665 50.22 36.12 -48.34
N PRO B 666 51.34 36.69 -47.87
CA PRO B 666 52.15 37.51 -48.78
C PRO B 666 52.69 36.74 -49.98
N ASN B 667 53.04 35.46 -49.80
CA ASN B 667 53.55 34.68 -50.91
C ASN B 667 52.48 34.48 -51.98
N LYS B 668 51.25 34.16 -51.57
CA LYS B 668 50.17 33.97 -52.53
C LYS B 668 49.82 35.28 -53.24
N ALA B 669 49.80 36.39 -52.50
CA ALA B 669 49.49 37.68 -53.11
C ALA B 669 50.54 38.07 -54.15
N VAL B 670 51.82 37.84 -53.83
CA VAL B 670 52.88 38.16 -54.79
C VAL B 670 52.75 37.31 -56.05
N GLU B 671 52.50 36.01 -55.88
CA GLU B 671 52.34 35.13 -57.04
C GLU B 671 51.13 35.52 -57.88
N VAL B 672 50.02 35.85 -57.23
CA VAL B 672 48.80 36.23 -57.96
C VAL B 672 49.04 37.53 -58.74
N ALA B 673 49.63 38.52 -58.08
CA ALA B 673 49.89 39.80 -58.74
C ALA B 673 50.86 39.63 -59.90
N TRP B 674 51.93 38.84 -59.70
CA TRP B 674 52.89 38.61 -60.77
C TRP B 674 52.26 37.85 -61.94
N GLU B 675 51.39 36.87 -61.62
CA GLU B 675 50.73 36.12 -62.67
C GLU B 675 49.82 37.01 -63.52
N THR B 676 49.07 37.90 -62.86
CA THR B 676 48.20 38.83 -63.60
C THR B 676 49.03 39.74 -64.50
N LEU B 677 50.16 40.24 -63.98
CA LEU B 677 51.05 41.06 -64.80
C LEU B 677 51.60 40.25 -65.97
N GLN B 678 51.95 38.98 -65.72
CA GLN B 678 52.43 38.12 -66.80
C GLN B 678 51.38 37.94 -67.89
N GLU B 679 50.12 37.75 -67.50
CA GLU B 679 49.07 37.53 -68.48
C GLU B 679 48.91 38.74 -69.40
N GLU B 680 48.81 39.94 -68.83
CA GLU B 680 48.65 41.13 -69.64
C GLU B 680 49.89 41.39 -70.50
N PHE B 681 51.07 41.25 -69.92
CA PHE B 681 52.31 41.53 -70.65
C PHE B 681 52.50 40.54 -71.79
N SER B 682 52.39 39.24 -71.50
CA SER B 682 52.60 38.23 -72.52
C SER B 682 51.58 38.34 -73.64
N ARG B 683 50.32 38.60 -73.29
CA ARG B 683 49.28 38.75 -74.31
C ARG B 683 49.60 39.91 -75.24
N PHE B 684 49.92 41.08 -74.68
CA PHE B 684 50.24 42.24 -75.51
C PHE B 684 51.43 41.97 -76.43
N MET B 685 52.36 41.13 -76.00
CA MET B 685 53.46 40.74 -76.88
C MET B 685 52.96 39.94 -78.07
N THR B 686 51.87 39.18 -77.89
CA THR B 686 51.37 38.26 -78.90
C THR B 686 49.96 38.58 -79.36
N GLU B 687 49.49 39.82 -79.16
CA GLU B 687 48.18 40.20 -79.66
C GLU B 687 48.21 40.29 -81.19
N PRO B 688 47.40 39.52 -81.92
CA PRO B 688 47.36 39.63 -83.37
C PRO B 688 46.56 40.85 -83.80
N LYS B 689 47.22 41.78 -84.49
CA LYS B 689 46.57 43.02 -84.94
C LYS B 689 45.99 42.81 -86.33
N GLY B 690 45.06 41.86 -86.41
CA GLY B 690 44.38 41.56 -87.66
C GLY B 690 45.33 41.02 -88.71
N LYS B 691 45.00 41.29 -89.97
CA LYS B 691 45.85 40.87 -91.08
C LYS B 691 47.14 41.68 -91.15
N GLU B 692 47.22 42.81 -90.45
CA GLU B 692 48.40 43.66 -90.48
C GLU B 692 49.50 43.18 -89.53
N HIS B 693 49.24 42.14 -88.75
CA HIS B 693 50.24 41.63 -87.82
C HIS B 693 51.46 41.09 -88.56
N ASP B 694 52.64 41.44 -88.07
CA ASP B 694 53.90 40.96 -88.62
C ASP B 694 54.36 39.73 -87.85
N ASP B 695 55.03 38.82 -88.55
CA ASP B 695 55.42 37.53 -87.99
C ASP B 695 56.92 37.39 -87.73
N ILE B 696 57.75 38.21 -88.37
CA ILE B 696 59.20 38.09 -88.18
C ILE B 696 59.58 38.48 -86.76
N PHE B 697 58.92 39.51 -86.21
CA PHE B 697 59.27 39.99 -84.88
C PHE B 697 58.72 39.11 -83.77
N ASP B 698 57.77 38.22 -84.08
CA ASP B 698 57.16 37.40 -83.05
C ASP B 698 58.18 36.47 -82.39
N LYS B 699 59.08 35.88 -83.18
CA LYS B 699 60.10 34.99 -82.63
C LYS B 699 61.00 35.74 -81.65
N LEU B 700 61.43 36.96 -82.02
CA LEU B 700 62.26 37.74 -81.13
C LEU B 700 61.51 38.15 -79.87
N LYS B 701 60.23 38.50 -80.02
CA LYS B 701 59.42 38.90 -78.87
C LYS B 701 59.31 37.76 -77.85
N GLU B 702 59.07 36.54 -78.34
CA GLU B 702 58.94 35.41 -77.42
C GLU B 702 60.25 35.11 -76.71
N ALA B 703 61.37 35.19 -77.43
CA ALA B 703 62.67 34.91 -76.82
C ALA B 703 62.98 35.92 -75.71
N VAL B 704 62.74 37.21 -75.98
CA VAL B 704 62.97 38.23 -74.96
C VAL B 704 62.01 38.06 -73.80
N LYS B 705 60.76 37.68 -74.09
CA LYS B 705 59.76 37.50 -73.04
C LYS B 705 60.18 36.42 -72.06
N GLU B 706 60.66 35.28 -72.57
CA GLU B 706 61.08 34.19 -71.69
C GLU B 706 62.28 34.59 -70.85
N GLU B 707 63.26 35.25 -71.46
CA GLU B 707 64.45 35.68 -70.71
C GLU B 707 64.10 36.73 -69.66
N SER B 708 63.21 37.67 -70.01
CA SER B 708 62.80 38.70 -69.06
C SER B 708 62.08 38.09 -67.86
N ILE B 709 61.21 37.10 -68.10
CA ILE B 709 60.48 36.46 -67.02
C ILE B 709 61.44 35.78 -66.05
N LYS B 710 62.47 35.12 -66.58
CA LYS B 710 63.45 34.45 -65.72
C LYS B 710 64.18 35.46 -64.84
N ARG B 711 64.54 36.61 -65.41
CA ARG B 711 65.26 37.63 -64.66
C ARG B 711 64.37 38.47 -63.76
N HIS B 712 63.05 38.29 -63.82
CA HIS B 712 62.15 39.06 -62.98
C HIS B 712 62.35 38.73 -61.50
N LYS B 713 62.32 39.76 -60.66
CA LYS B 713 62.48 39.59 -59.22
C LYS B 713 61.64 40.63 -58.51
N TRP B 714 60.62 40.19 -57.79
CA TRP B 714 59.74 41.10 -57.06
C TRP B 714 60.45 41.64 -55.82
N ASN B 715 59.99 42.81 -55.37
CA ASN B 715 60.55 43.43 -54.18
C ASN B 715 60.38 42.54 -52.96
N ASP B 716 61.47 42.35 -52.22
CA ASP B 716 61.42 41.49 -51.03
C ASP B 716 60.73 42.19 -49.87
N PHE B 717 60.84 43.51 -49.78
CA PHE B 717 60.26 44.27 -48.68
C PHE B 717 58.75 44.44 -48.81
N ALA B 718 58.19 44.19 -50.00
CA ALA B 718 56.75 44.31 -50.18
C ALA B 718 55.99 43.29 -49.32
N GLU B 719 56.50 42.06 -49.23
CA GLU B 719 55.83 41.02 -48.46
C GLU B 719 55.73 41.41 -46.99
N ASP B 720 56.84 41.89 -46.41
CA ASP B 720 56.83 42.29 -45.00
C ASP B 720 55.93 43.49 -44.76
N SER B 721 55.95 44.48 -45.66
CA SER B 721 55.09 45.65 -45.50
C SER B 721 53.62 45.28 -45.60
N LEU B 722 53.27 44.43 -46.59
CA LEU B 722 51.87 44.08 -46.79
C LEU B 722 51.33 43.25 -45.63
N ARG B 723 52.17 42.44 -44.99
CA ARG B 723 51.72 41.61 -43.88
C ARG B 723 51.08 42.46 -42.79
N VAL B 724 51.73 43.56 -42.42
CA VAL B 724 51.17 44.47 -41.43
C VAL B 724 49.94 45.17 -41.99
N ILE B 725 49.97 45.51 -43.28
CA ILE B 725 48.89 46.31 -43.87
C ILE B 725 47.57 45.56 -43.80
N GLN B 726 47.55 44.31 -44.26
CA GLN B 726 46.31 43.54 -44.20
C GLN B 726 45.98 43.08 -42.79
N HIS B 727 46.97 42.94 -41.91
CA HIS B 727 46.70 42.58 -40.52
C HIS B 727 45.85 43.66 -39.85
N ASN B 728 46.22 44.92 -40.01
CA ASN B 728 45.45 46.01 -39.42
C ASN B 728 44.10 46.16 -40.12
N ALA B 729 44.06 45.93 -41.44
CA ALA B 729 42.81 46.04 -42.18
C ALA B 729 41.78 45.02 -41.69
N LEU B 730 42.22 43.78 -41.45
CA LEU B 730 41.30 42.74 -40.99
C LEU B 730 40.97 42.84 -39.51
N GLU B 731 41.70 43.65 -38.76
CA GLU B 731 41.46 43.74 -37.32
C GLU B 731 40.19 44.49 -36.98
N ASP B 732 39.64 45.26 -37.92
CA ASP B 732 38.40 45.98 -37.66
C ASP B 732 37.22 45.02 -37.54
N ARG B 733 36.26 45.38 -36.69
CA ARG B 733 35.09 44.55 -36.44
C ARG B 733 33.79 45.34 -36.46
N SER B 734 33.77 46.51 -37.09
CA SER B 734 32.60 47.37 -37.12
C SER B 734 32.24 47.71 -38.56
N ILE B 735 30.97 47.51 -38.91
CA ILE B 735 30.46 47.80 -40.24
C ILE B 735 29.55 49.02 -40.11
N SER B 736 30.06 50.19 -40.49
CA SER B 736 29.30 51.43 -40.35
C SER B 736 28.39 51.71 -41.54
N ASP B 737 28.51 50.94 -42.63
CA ASP B 737 27.76 51.20 -43.85
C ASP B 737 26.70 50.11 -44.03
N LYS B 738 25.46 50.54 -44.28
CA LYS B 738 24.39 49.59 -44.57
C LYS B 738 24.64 48.85 -45.88
N GLN B 739 25.14 49.56 -46.90
CA GLN B 739 25.39 48.92 -48.19
C GLN B 739 26.52 47.91 -48.10
N GLN B 740 27.50 48.14 -47.23
CA GLN B 740 28.57 47.17 -47.05
C GLN B 740 28.02 45.85 -46.49
N TRP B 741 27.09 45.94 -45.54
CA TRP B 741 26.45 44.73 -45.02
C TRP B 741 25.71 43.98 -46.11
N ASP B 742 24.98 44.70 -46.96
CA ASP B 742 24.27 44.07 -48.07
C ASP B 742 25.26 43.47 -49.06
N ALA B 743 26.36 44.16 -49.34
CA ALA B 743 27.37 43.65 -50.27
C ALA B 743 27.99 42.36 -49.75
N ALA B 744 28.26 42.31 -48.44
CA ALA B 744 28.81 41.09 -47.85
C ALA B 744 27.84 39.92 -47.99
N ILE B 745 26.54 40.19 -47.81
CA ILE B 745 25.53 39.14 -47.96
C ILE B 745 25.55 38.61 -49.38
N TYR B 746 25.58 39.50 -50.37
CA TYR B 746 25.62 39.07 -51.77
C TYR B 746 26.90 38.30 -52.07
N PHE B 747 28.03 38.78 -51.55
CA PHE B 747 29.29 38.08 -51.77
C PHE B 747 29.26 36.69 -51.14
N MET B 748 28.70 36.57 -49.93
CA MET B 748 28.57 35.27 -49.30
C MET B 748 27.67 34.35 -50.11
N GLU B 749 26.57 34.89 -50.64
CA GLU B 749 25.64 34.06 -51.42
C GLU B 749 26.32 33.48 -52.66
N GLU B 750 27.09 34.31 -53.37
CA GLU B 750 27.78 33.81 -54.56
C GLU B 750 28.79 32.72 -54.21
N ALA B 751 29.57 32.93 -53.16
CA ALA B 751 30.54 31.92 -52.73
C ALA B 751 29.84 30.65 -52.27
N LEU B 752 28.77 30.79 -51.49
CA LEU B 752 28.04 29.61 -51.02
C LEU B 752 27.41 28.85 -52.17
N GLN B 753 26.86 29.57 -53.16
CA GLN B 753 26.23 28.91 -54.30
C GLN B 753 27.24 28.09 -55.11
N ALA B 754 28.44 28.63 -55.29
CA ALA B 754 29.48 27.88 -56.02
C ALA B 754 29.84 26.60 -55.29
N ARG B 755 30.04 26.67 -53.97
CA ARG B 755 30.34 25.48 -53.19
C ARG B 755 29.15 24.52 -53.18
N LEU B 756 27.94 25.06 -53.09
CA LEU B 756 26.75 24.21 -53.11
C LEU B 756 26.62 23.47 -54.43
N LYS B 757 26.90 24.15 -55.55
CA LYS B 757 26.82 23.50 -56.85
C LYS B 757 27.81 22.35 -56.97
N ASP B 758 29.02 22.54 -56.45
CA ASP B 758 29.99 21.44 -56.44
C ASP B 758 29.50 20.28 -55.59
N THR B 759 28.93 20.58 -54.42
CA THR B 759 28.39 19.52 -53.57
C THR B 759 27.23 18.80 -54.26
N GLU B 760 26.36 19.55 -54.94
CA GLU B 760 25.26 18.93 -55.67
C GLU B 760 25.77 18.02 -56.78
N ASN B 761 26.82 18.46 -57.49
CA ASN B 761 27.38 17.64 -58.56
C ASN B 761 27.92 16.33 -58.02
N ALA B 762 28.64 16.36 -56.90
CA ALA B 762 29.13 15.13 -56.29
C ALA B 762 27.99 14.23 -55.83
N ILE B 763 26.96 14.83 -55.22
CA ILE B 763 25.80 14.06 -54.78
C ILE B 763 25.08 13.45 -55.99
N GLU B 764 24.90 14.25 -57.05
CA GLU B 764 24.24 13.75 -58.25
C GLU B 764 25.03 12.61 -58.89
N ASN B 765 26.35 12.72 -58.90
CA ASN B 765 27.17 11.65 -59.45
C ASN B 765 27.00 10.36 -58.65
N MET B 766 26.95 10.47 -57.33
CA MET B 766 26.82 9.28 -56.50
C MET B 766 25.41 8.70 -56.52
N VAL B 767 24.40 9.52 -56.84
CA VAL B 767 23.02 9.08 -56.76
C VAL B 767 22.37 9.11 -58.13
N GLY B 768 22.31 10.28 -58.75
CA GLY B 768 21.67 10.45 -60.03
C GLY B 768 20.55 11.45 -60.01
N PRO B 769 19.83 11.57 -61.12
CA PRO B 769 18.70 12.52 -61.18
C PRO B 769 17.51 12.01 -60.41
N ASP B 770 16.61 12.94 -60.11
CA ASP B 770 15.38 12.62 -59.37
C ASP B 770 14.51 11.67 -60.21
N TRP B 771 13.64 10.94 -59.51
CA TRP B 771 12.76 9.98 -60.19
C TRP B 771 11.87 10.67 -61.21
N LYS B 772 11.40 11.88 -60.91
CA LYS B 772 10.69 12.67 -61.90
C LYS B 772 11.58 13.00 -63.09
N LYS B 773 12.81 13.45 -62.81
CA LYS B 773 13.72 13.85 -63.87
C LYS B 773 14.24 12.63 -64.65
N ARG B 774 14.59 11.56 -63.94
CA ARG B 774 15.09 10.37 -64.64
C ARG B 774 14.02 9.74 -65.51
N TRP B 775 12.75 9.90 -65.14
CA TRP B 775 11.67 9.44 -66.01
C TRP B 775 11.60 10.28 -67.28
N LEU B 776 11.77 11.60 -67.15
CA LEU B 776 11.75 12.47 -68.32
C LEU B 776 12.90 12.15 -69.26
N TYR B 777 14.08 11.92 -68.71
CA TYR B 777 15.27 11.64 -69.51
C TYR B 777 15.44 10.16 -69.84
N TRP B 778 14.54 9.30 -69.33
CA TRP B 778 14.58 7.86 -69.57
C TRP B 778 15.88 7.22 -69.10
N LYS B 779 16.42 7.67 -67.96
CA LYS B 779 17.63 7.11 -67.38
C LYS B 779 17.28 6.27 -66.17
N ASN B 780 17.92 5.11 -66.05
CA ASN B 780 17.68 4.19 -64.96
C ASN B 780 18.88 4.15 -64.02
N ARG B 781 18.59 4.25 -62.73
CA ARG B 781 19.65 4.22 -61.72
C ARG B 781 20.30 2.85 -61.65
N THR B 782 21.60 2.86 -61.40
CA THR B 782 22.34 1.62 -61.18
C THR B 782 22.02 1.05 -59.80
N GLN B 783 22.42 -0.21 -59.59
CA GLN B 783 22.20 -0.84 -58.30
C GLN B 783 22.92 -0.09 -57.18
N GLU B 784 24.17 0.30 -57.43
CA GLU B 784 24.90 1.09 -56.44
C GLU B 784 24.26 2.47 -56.24
N GLN B 785 23.80 3.08 -57.33
CA GLN B 785 23.13 4.38 -57.23
C GLN B 785 21.88 4.29 -56.38
N CYS B 786 21.08 3.23 -56.57
CA CYS B 786 19.89 3.03 -55.74
C CYS B 786 20.27 2.80 -54.28
N VAL B 787 21.37 2.09 -54.04
CA VAL B 787 21.85 1.89 -52.67
C VAL B 787 22.18 3.23 -52.03
N HIS B 788 22.88 4.10 -52.76
CA HIS B 788 23.20 5.42 -52.24
C HIS B 788 21.94 6.24 -51.97
N ASN B 789 20.93 6.11 -52.85
CA ASN B 789 19.68 6.83 -52.65
C ASN B 789 19.00 6.41 -51.36
N GLU B 790 18.97 5.11 -51.07
CA GLU B 790 18.37 4.63 -49.83
C GLU B 790 19.14 5.15 -48.61
N THR B 791 20.47 5.17 -48.69
CA THR B 791 21.27 5.75 -47.61
C THR B 791 20.95 7.23 -47.43
N LYS B 792 20.73 7.94 -48.54
CA LYS B 792 20.39 9.35 -48.45
C LYS B 792 19.08 9.57 -47.68
N ASN B 793 18.08 8.72 -47.94
CA ASN B 793 16.82 8.84 -47.22
C ASN B 793 17.00 8.61 -45.72
N GLU B 794 17.83 7.62 -45.36
CA GLU B 794 18.10 7.36 -43.94
C GLU B 794 18.77 8.55 -43.29
N LEU B 795 19.76 9.15 -43.97
CA LEU B 795 20.43 10.32 -43.43
C LEU B 795 19.48 11.51 -43.36
N GLU B 796 18.53 11.59 -44.29
CA GLU B 796 17.54 12.66 -44.26
C GLU B 796 16.72 12.61 -42.98
N LYS B 797 16.22 11.42 -42.63
CA LYS B 797 15.42 11.28 -41.42
C LYS B 797 16.26 11.54 -40.17
N MET B 798 17.50 11.07 -40.17
CA MET B 798 18.37 11.29 -39.01
C MET B 798 18.63 12.79 -38.81
N LEU B 799 18.91 13.52 -39.89
CA LEU B 799 19.16 14.95 -39.76
C LEU B 799 17.90 15.72 -39.42
N LYS B 800 16.74 15.27 -39.93
CA LYS B 800 15.48 15.95 -39.63
C LYS B 800 15.13 15.85 -38.15
N CYS B 801 15.34 14.67 -37.55
CA CYS B 801 15.02 14.51 -36.12
C CYS B 801 15.97 15.34 -35.26
N ASN B 802 17.27 15.24 -35.52
CA ASN B 802 18.28 15.98 -34.77
C ASN B 802 18.84 17.06 -35.68
N GLU B 803 18.26 18.26 -35.61
CA GLU B 803 18.67 19.36 -36.47
C GLU B 803 20.03 19.94 -36.09
N GLU B 804 20.59 19.55 -34.95
CA GLU B 804 21.88 20.05 -34.48
C GLU B 804 22.83 18.89 -34.21
N HIS B 805 22.83 17.91 -35.11
CA HIS B 805 23.71 16.77 -34.95
C HIS B 805 25.17 17.17 -35.21
N PRO B 806 26.10 16.62 -34.45
CA PRO B 806 27.52 16.92 -34.70
C PRO B 806 27.99 16.35 -36.03
N ALA B 807 29.02 16.99 -36.58
CA ALA B 807 29.56 16.58 -37.87
C ALA B 807 30.13 15.17 -37.82
N TYR B 808 30.85 14.84 -36.74
CA TYR B 808 31.47 13.54 -36.63
C TYR B 808 30.42 12.46 -36.38
N LEU B 809 30.81 11.21 -36.63
CA LEU B 809 29.92 10.07 -36.53
C LEU B 809 30.36 9.15 -35.40
N ALA B 810 29.50 8.18 -35.08
CA ALA B 810 29.75 7.19 -34.05
C ALA B 810 29.44 5.81 -34.57
N SER B 811 30.08 4.80 -33.98
CA SER B 811 29.92 3.43 -34.46
C SER B 811 28.50 2.94 -34.28
N ASP B 812 27.87 3.24 -33.14
CA ASP B 812 26.51 2.77 -32.90
C ASP B 812 25.53 3.39 -33.88
N GLU B 813 25.79 4.62 -34.33
CA GLU B 813 24.96 5.24 -35.36
C GLU B 813 25.05 4.46 -36.66
N ILE B 814 26.25 4.00 -37.01
CA ILE B 814 26.42 3.19 -38.22
C ILE B 814 25.63 1.90 -38.10
N THR B 815 25.69 1.27 -36.93
CA THR B 815 24.95 0.01 -36.69
C THR B 815 23.46 0.26 -36.95
N THR B 816 22.89 1.28 -36.31
CA THR B 816 21.46 1.61 -36.50
C THR B 816 21.16 1.75 -37.99
N VAL B 817 21.94 2.58 -38.70
CA VAL B 817 21.68 2.82 -40.11
C VAL B 817 21.76 1.50 -40.89
N ARG B 818 22.78 0.69 -40.61
CA ARG B 818 22.97 -0.56 -41.33
C ARG B 818 21.78 -1.50 -41.11
N LYS B 819 21.27 -1.54 -39.88
CA LYS B 819 20.11 -2.42 -39.57
C LYS B 819 18.92 -2.02 -40.43
N ASN B 820 18.64 -0.70 -40.51
CA ASN B 820 17.48 -0.22 -41.31
C ASN B 820 17.71 -0.56 -42.78
N LEU B 821 18.96 -0.55 -43.23
CA LEU B 821 19.25 -0.97 -44.60
C LEU B 821 18.98 -2.46 -44.78
N GLU B 822 19.35 -3.27 -43.78
CA GLU B 822 19.05 -4.70 -43.85
C GLU B 822 17.55 -4.95 -43.84
N SER B 823 16.79 -4.11 -43.12
CA SER B 823 15.34 -4.20 -43.17
C SER B 823 14.82 -3.97 -44.58
N ARG B 824 15.54 -3.17 -45.37
CA ARG B 824 15.24 -2.99 -46.79
C ARG B 824 15.95 -3.99 -47.68
N GLY B 825 16.65 -4.96 -47.10
CA GLY B 825 17.41 -5.94 -47.88
C GLY B 825 18.59 -5.34 -48.62
N VAL B 826 19.29 -4.40 -47.98
CA VAL B 826 20.46 -3.75 -48.56
C VAL B 826 21.60 -3.85 -47.56
N GLU B 827 22.77 -4.31 -48.02
CA GLU B 827 23.96 -4.40 -47.19
C GLU B 827 24.95 -3.33 -47.63
N VAL B 828 25.33 -2.46 -46.70
CA VAL B 828 26.23 -1.35 -46.98
C VAL B 828 27.35 -1.34 -45.95
N ASP B 829 28.60 -1.21 -46.44
CA ASP B 829 29.78 -1.12 -45.59
C ASP B 829 29.80 0.21 -44.83
N PRO B 830 30.37 0.22 -43.63
CA PRO B 830 30.41 1.48 -42.86
C PRO B 830 31.17 2.60 -43.57
N SER B 831 32.17 2.27 -44.39
CA SER B 831 32.93 3.30 -45.09
C SER B 831 32.04 4.09 -46.03
N LEU B 832 31.17 3.40 -46.78
CA LEU B 832 30.27 4.09 -47.70
C LEU B 832 29.31 4.99 -46.96
N ILE B 833 28.81 4.54 -45.82
CA ILE B 833 27.88 5.36 -45.02
C ILE B 833 28.56 6.63 -44.56
N LYS B 834 29.82 6.53 -44.11
CA LYS B 834 30.55 7.71 -43.66
C LYS B 834 30.75 8.71 -44.80
N ASP B 835 31.10 8.22 -45.99
CA ASP B 835 31.29 9.12 -47.13
C ASP B 835 30.00 9.82 -47.51
N THR B 836 28.88 9.07 -47.55
CA THR B 836 27.60 9.67 -47.87
C THR B 836 27.19 10.69 -46.79
N TRP B 837 27.43 10.35 -45.52
CA TRP B 837 27.10 11.27 -44.44
C TRP B 837 27.86 12.58 -44.56
N HIS B 838 29.15 12.51 -44.93
CA HIS B 838 29.95 13.71 -45.08
C HIS B 838 29.38 14.63 -46.15
N GLN B 839 29.01 14.08 -47.30
CA GLN B 839 28.43 14.90 -48.37
C GLN B 839 27.07 15.45 -47.96
N VAL B 840 26.25 14.63 -47.30
CA VAL B 840 24.93 15.08 -46.87
C VAL B 840 25.05 16.20 -45.85
N TYR B 841 25.95 16.05 -44.88
CA TYR B 841 26.14 17.08 -43.86
C TYR B 841 26.62 18.39 -44.47
N ARG B 842 27.54 18.30 -45.44
CA ARG B 842 28.02 19.50 -46.12
C ARG B 842 26.89 20.23 -46.83
N ARG B 843 26.06 19.48 -47.56
CA ARG B 843 24.91 20.08 -48.25
C ARG B 843 23.93 20.68 -47.25
N HIS B 844 23.65 19.96 -46.16
CA HIS B 844 22.73 20.47 -45.14
C HIS B 844 23.26 21.73 -44.49
N PHE B 845 24.57 21.76 -44.18
CA PHE B 845 25.16 22.94 -43.56
C PHE B 845 25.11 24.15 -44.48
N LEU B 846 25.36 23.95 -45.77
CA LEU B 846 25.28 25.05 -46.72
C LEU B 846 23.86 25.61 -46.81
N LYS B 847 22.86 24.73 -46.85
CA LYS B 847 21.47 25.18 -46.84
C LYS B 847 21.13 25.91 -45.56
N THR B 848 21.64 25.43 -44.43
CA THR B 848 21.43 26.11 -43.15
C THR B 848 22.03 27.51 -43.17
N ALA B 849 23.22 27.65 -43.75
CA ALA B 849 23.84 28.97 -43.87
C ALA B 849 23.01 29.89 -44.76
N LEU B 850 22.44 29.35 -45.84
CA LEU B 850 21.59 30.16 -46.70
C LEU B 850 20.36 30.68 -45.95
N ASN B 851 19.76 29.83 -45.13
CA ASN B 851 18.64 30.27 -44.29
C ASN B 851 19.11 31.33 -43.29
N HIS B 852 20.31 31.16 -42.75
CA HIS B 852 20.87 32.18 -41.85
C HIS B 852 21.05 33.51 -42.57
N CYS B 853 21.47 33.46 -43.84
CA CYS B 853 21.63 34.70 -44.60
C CYS B 853 20.29 35.42 -44.77
N ASN B 854 19.22 34.67 -45.04
CA ASN B 854 17.90 35.28 -45.18
C ASN B 854 17.47 35.94 -43.87
N LEU B 855 17.70 35.26 -42.74
CA LEU B 855 17.38 35.86 -41.44
C LEU B 855 18.25 37.07 -41.15
N CYS B 856 19.53 37.00 -41.49
CA CYS B 856 20.46 38.10 -41.25
C CYS B 856 20.32 39.24 -42.24
N ARG B 857 19.46 39.10 -43.25
CA ARG B 857 19.28 40.17 -44.23
C ARG B 857 18.75 41.44 -43.57
N ARG B 858 17.79 41.30 -42.65
CA ARG B 858 17.22 42.43 -41.94
C ARG B 858 17.82 42.59 -40.54
N GLY B 859 18.94 41.93 -40.27
CA GLY B 859 19.60 42.00 -38.99
C GLY B 859 20.56 43.14 -38.81
N PHE B 860 20.74 43.99 -39.83
CA PHE B 860 21.63 45.14 -39.69
C PHE B 860 21.11 46.11 -38.64
N TYR B 861 19.79 46.32 -38.60
CA TYR B 861 19.21 47.22 -37.61
C TYR B 861 19.46 46.71 -36.20
N TYR B 862 19.32 45.40 -35.98
CA TYR B 862 19.62 44.82 -34.68
C TYR B 862 21.09 44.98 -34.33
N TYR B 863 21.98 44.76 -35.31
CA TYR B 863 23.41 44.94 -35.08
C TYR B 863 23.75 46.39 -34.79
N GLN B 864 23.01 47.33 -35.37
CA GLN B 864 23.26 48.75 -35.14
C GLN B 864 23.10 49.14 -33.67
N ARG B 865 22.24 48.44 -32.93
CA ARG B 865 22.04 48.71 -31.52
C ARG B 865 22.86 47.78 -30.62
N HIS B 866 23.78 47.01 -31.20
CA HIS B 866 24.63 46.07 -30.46
C HIS B 866 23.79 45.09 -29.64
N PHE B 867 22.80 44.49 -30.31
CA PHE B 867 21.91 43.51 -29.68
C PHE B 867 22.64 42.18 -29.56
N VAL B 868 23.62 42.15 -28.65
CA VAL B 868 24.38 40.94 -28.41
C VAL B 868 23.49 39.84 -27.81
N ASP B 869 22.55 40.23 -26.95
CA ASP B 869 21.65 39.24 -26.36
C ASP B 869 20.77 38.58 -27.41
N SER B 870 20.51 39.26 -28.52
CA SER B 870 19.70 38.69 -29.58
C SER B 870 20.42 37.50 -30.21
N GLU B 871 19.66 36.45 -30.53
CA GLU B 871 20.24 35.24 -31.08
C GLU B 871 20.70 35.40 -32.53
N LEU B 872 20.36 36.51 -33.19
CA LEU B 872 20.77 36.75 -34.57
C LEU B 872 22.18 37.32 -34.63
N GLU B 873 23.12 36.53 -34.12
CA GLU B 873 24.54 36.90 -34.10
C GLU B 873 25.17 36.52 -35.44
N CYS B 874 25.07 37.44 -36.40
CA CYS B 874 25.59 37.23 -37.75
C CYS B 874 27.11 37.38 -37.78
N ASN B 875 27.77 36.46 -37.08
CA ASN B 875 29.23 36.46 -37.04
C ASN B 875 29.82 36.18 -38.42
N ASP B 876 29.21 35.27 -39.17
CA ASP B 876 29.72 34.92 -40.50
C ASP B 876 29.68 36.13 -41.45
N VAL B 877 28.60 36.89 -41.40
CA VAL B 877 28.47 38.06 -42.27
C VAL B 877 29.57 39.07 -41.97
N VAL B 878 29.84 39.32 -40.69
CA VAL B 878 30.90 40.24 -40.32
C VAL B 878 32.26 39.74 -40.81
N LEU B 879 32.52 38.43 -40.63
CA LEU B 879 33.80 37.86 -41.05
C LEU B 879 33.98 37.98 -42.56
N PHE B 880 32.94 37.66 -43.33
CA PHE B 880 33.04 37.78 -44.78
C PHE B 880 33.21 39.23 -45.20
N TRP B 881 32.54 40.16 -44.52
CA TRP B 881 32.72 41.58 -44.82
C TRP B 881 34.16 42.02 -44.58
N ARG B 882 34.79 41.50 -43.53
CA ARG B 882 36.20 41.79 -43.29
C ARG B 882 37.07 41.25 -44.42
N ILE B 883 36.77 40.05 -44.90
CA ILE B 883 37.53 39.48 -46.01
C ILE B 883 37.35 40.32 -47.27
N GLN B 884 36.11 40.71 -47.56
CA GLN B 884 35.85 41.52 -48.75
C GLN B 884 36.55 42.86 -48.67
N ARG B 885 36.51 43.52 -47.50
CA ARG B 885 37.22 44.77 -47.32
C ARG B 885 38.72 44.59 -47.48
N MET B 886 39.26 43.50 -46.93
CA MET B 886 40.68 43.22 -47.07
C MET B 886 41.07 43.01 -48.53
N LEU B 887 40.22 42.30 -49.29
CA LEU B 887 40.50 42.07 -50.69
C LEU B 887 40.54 43.38 -51.48
N ALA B 888 39.61 44.29 -51.19
CA ALA B 888 39.58 45.58 -51.88
C ALA B 888 40.85 46.37 -51.61
N ILE B 889 41.29 46.40 -50.34
CA ILE B 889 42.53 47.10 -50.01
C ILE B 889 43.72 46.43 -50.67
N THR B 890 43.76 45.10 -50.63
CA THR B 890 44.88 44.37 -51.24
C THR B 890 44.94 44.60 -52.74
N ALA B 891 43.78 44.59 -53.42
CA ALA B 891 43.76 44.83 -54.86
C ALA B 891 44.27 46.21 -55.20
N ASN B 892 43.83 47.23 -54.46
CA ASN B 892 44.28 48.60 -54.72
C ASN B 892 45.78 48.73 -54.44
N THR B 893 46.25 48.14 -53.34
CA THR B 893 47.67 48.23 -53.00
C THR B 893 48.53 47.54 -54.04
N LEU B 894 48.12 46.35 -54.49
CA LEU B 894 48.87 45.65 -55.53
C LEU B 894 48.86 46.41 -56.85
N ARG B 895 47.72 47.03 -57.18
CA ARG B 895 47.62 47.80 -58.41
C ARG B 895 48.58 48.98 -58.40
N GLN B 896 48.68 49.68 -57.26
CA GLN B 896 49.62 50.79 -57.15
C GLN B 896 51.06 50.30 -57.23
N GLN B 897 51.38 49.19 -56.57
CA GLN B 897 52.73 48.64 -56.64
C GLN B 897 53.07 48.19 -58.05
N LEU B 898 52.13 47.55 -58.74
CA LEU B 898 52.37 47.13 -60.12
C LEU B 898 52.61 48.35 -61.02
N THR B 899 51.82 49.41 -60.84
CA THR B 899 51.92 50.56 -61.72
C THR B 899 53.19 51.36 -61.48
N ASN B 900 53.76 51.29 -60.28
CA ASN B 900 54.92 52.12 -59.93
C ASN B 900 56.16 51.32 -59.61
N THR B 901 56.08 50.36 -58.68
CA THR B 901 57.27 49.71 -58.17
C THR B 901 57.97 48.85 -59.22
N GLU B 902 57.20 48.01 -59.93
CA GLU B 902 57.80 46.99 -60.80
C GLU B 902 57.99 47.45 -62.24
N VAL B 903 57.46 48.61 -62.62
CA VAL B 903 57.66 49.10 -63.99
C VAL B 903 59.13 49.41 -64.24
N ARG B 904 59.79 50.04 -63.26
CA ARG B 904 61.20 50.38 -63.44
C ARG B 904 62.07 49.13 -63.53
N ARG B 905 61.76 48.10 -62.72
CA ARG B 905 62.52 46.86 -62.79
C ARG B 905 62.31 46.16 -64.13
N LEU B 906 61.07 46.18 -64.64
CA LEU B 906 60.81 45.61 -65.96
C LEU B 906 61.63 46.31 -67.04
N GLU B 907 61.67 47.64 -67.00
CA GLU B 907 62.45 48.40 -67.97
C GLU B 907 63.94 48.08 -67.85
N LYS B 908 64.45 47.96 -66.63
CA LYS B 908 65.86 47.65 -66.43
C LYS B 908 66.21 46.29 -67.01
N ASN B 909 65.37 45.28 -66.76
CA ASN B 909 65.64 43.94 -67.27
C ASN B 909 65.58 43.91 -68.80
N VAL B 910 64.65 44.65 -69.39
CA VAL B 910 64.54 44.69 -70.84
C VAL B 910 65.83 45.26 -71.46
N LYS B 911 66.35 46.34 -70.88
CA LYS B 911 67.57 46.94 -71.40
C LYS B 911 68.76 45.99 -71.33
N GLU B 912 68.89 45.27 -70.21
CA GLU B 912 69.98 44.31 -70.07
C GLU B 912 69.88 43.20 -71.12
N VAL B 913 68.68 42.68 -71.35
CA VAL B 913 68.50 41.61 -72.33
C VAL B 913 68.86 42.09 -73.73
N LEU B 914 68.43 43.31 -74.07
CA LEU B 914 68.72 43.83 -75.41
C LEU B 914 70.22 44.00 -75.63
N GLU B 915 70.94 44.48 -74.62
CA GLU B 915 72.40 44.64 -74.75
C GLU B 915 73.08 43.29 -74.98
N ASP B 916 72.68 42.27 -74.22
CA ASP B 916 73.25 40.94 -74.40
C ASP B 916 72.92 40.39 -75.78
N PHE B 917 71.67 40.58 -76.25
CA PHE B 917 71.31 40.13 -77.58
C PHE B 917 72.07 40.88 -78.66
N ALA B 918 72.29 42.19 -78.46
CA ALA B 918 73.02 42.98 -79.44
C ALA B 918 74.45 42.49 -79.62
N GLU B 919 75.10 42.05 -78.55
CA GLU B 919 76.48 41.58 -78.64
C GLU B 919 76.59 40.21 -79.29
N ASP B 920 75.47 39.51 -79.49
CA ASP B 920 75.47 38.17 -80.10
C ASP B 920 74.71 38.26 -81.41
N GLY B 921 75.45 38.39 -82.52
CA GLY B 921 74.81 38.46 -83.82
C GLY B 921 74.25 37.15 -84.30
N GLU B 922 74.79 36.03 -83.80
CA GLU B 922 74.29 34.71 -84.21
C GLU B 922 72.84 34.52 -83.83
N LYS B 923 72.46 34.95 -82.62
CA LYS B 923 71.07 34.85 -82.20
C LYS B 923 70.16 35.68 -83.10
N LYS B 924 70.63 36.85 -83.52
CA LYS B 924 69.85 37.68 -84.44
C LYS B 924 69.62 36.96 -85.77
N ILE B 925 70.65 36.31 -86.30
CA ILE B 925 70.52 35.61 -87.57
C ILE B 925 69.49 34.50 -87.47
N LYS B 926 69.53 33.72 -86.39
CA LYS B 926 68.53 32.67 -86.19
C LYS B 926 67.13 33.25 -86.04
N LEU B 927 67.00 34.35 -85.29
CA LEU B 927 65.68 34.93 -85.05
C LEU B 927 65.16 35.69 -86.26
N LEU B 928 66.04 36.33 -87.03
CA LEU B 928 65.63 37.14 -88.18
C LEU B 928 65.73 36.28 -89.43
N THR B 929 64.64 35.59 -89.77
CA THR B 929 64.53 34.80 -90.98
C THR B 929 63.21 35.14 -91.66
N GLY B 930 63.27 35.73 -92.84
CA GLY B 930 62.08 36.13 -93.54
C GLY B 930 62.42 36.69 -94.90
N LYS B 931 61.39 36.77 -95.75
CA LYS B 931 61.58 37.27 -97.11
C LYS B 931 62.09 38.71 -97.11
N ARG B 932 61.51 39.56 -96.24
CA ARG B 932 61.95 40.94 -96.16
C ARG B 932 63.40 41.04 -95.72
N VAL B 933 63.80 40.23 -94.75
CA VAL B 933 65.17 40.27 -94.25
C VAL B 933 66.15 39.87 -95.35
N GLN B 934 65.87 38.76 -96.04
CA GLN B 934 66.78 38.29 -97.08
C GLN B 934 66.86 39.28 -98.23
N LEU B 935 65.73 39.85 -98.64
CA LEU B 935 65.73 40.81 -99.74
C LEU B 935 66.58 42.03 -99.41
N ALA B 936 66.46 42.55 -98.19
CA ALA B 936 67.25 43.71 -97.79
C ALA B 936 68.74 43.38 -97.76
N GLU B 937 69.10 42.22 -97.21
CA GLU B 937 70.51 41.85 -97.11
C GLU B 937 71.12 41.64 -98.49
N ASP B 938 70.40 40.94 -99.37
CA ASP B 938 70.92 40.72 -100.72
C ASP B 938 71.04 42.02 -101.49
N LEU B 939 70.05 42.92 -101.36
CA LEU B 939 70.11 44.19 -102.06
C LEU B 939 71.31 45.02 -101.58
N LYS B 940 71.57 45.02 -100.28
CA LYS B 940 72.73 45.73 -99.75
C LYS B 940 74.02 45.18 -100.32
N LYS B 941 74.16 43.85 -100.34
CA LYS B 941 75.38 43.24 -100.85
C LYS B 941 75.56 43.51 -102.34
N VAL B 942 74.48 43.36 -103.12
CA VAL B 942 74.56 43.58 -104.56
C VAL B 942 74.89 45.03 -104.86
N ARG B 943 74.23 45.97 -104.16
CA ARG B 943 74.51 47.38 -104.37
C ARG B 943 75.94 47.73 -103.99
N GLU B 944 76.44 47.16 -102.89
CA GLU B 944 77.82 47.41 -102.50
C GLU B 944 78.81 46.92 -103.55
N ILE B 945 78.57 45.72 -104.09
CA ILE B 945 79.42 45.21 -105.16
C ILE B 945 79.34 46.09 -106.39
N GLN B 946 78.12 46.53 -106.74
CA GLN B 946 77.95 47.38 -107.93
C GLN B 946 78.68 48.71 -107.77
N GLU B 947 78.62 49.30 -106.57
CA GLU B 947 79.33 50.56 -106.35
C GLU B 947 80.82 50.38 -106.51
N LYS B 948 81.38 49.28 -105.99
CA LYS B 948 82.80 49.02 -106.19
C LYS B 948 83.13 48.84 -107.67
N LEU B 949 82.26 48.14 -108.41
CA LEU B 949 82.49 47.94 -109.83
C LEU B 949 82.48 49.26 -110.59
N ASP B 950 81.56 50.16 -110.25
CA ASP B 950 81.51 51.46 -110.91
C ASP B 950 82.79 52.25 -110.65
N ALA B 951 83.27 52.26 -109.40
CA ALA B 951 84.50 52.96 -109.09
C ALA B 951 85.69 52.36 -109.83
N PHE B 952 85.76 51.04 -109.90
CA PHE B 952 86.84 50.38 -110.62
C PHE B 952 86.81 50.71 -112.11
N ILE B 953 85.63 50.68 -112.72
CA ILE B 953 85.52 50.94 -114.14
C ILE B 953 85.86 52.39 -114.45
N GLU B 954 85.32 53.33 -113.67
CA GLU B 954 85.57 54.75 -113.92
C GLU B 954 87.05 55.09 -113.75
N ALA B 955 87.67 54.58 -112.69
CA ALA B 955 89.09 54.87 -112.47
C ALA B 955 89.94 54.26 -113.58
N LEU B 956 89.60 53.05 -114.03
CA LEU B 956 90.34 52.41 -115.10
C LEU B 956 90.27 53.23 -116.38
N HIS B 957 89.07 53.70 -116.74
CA HIS B 957 88.88 54.42 -117.99
C HIS B 957 89.41 55.85 -117.92
N GLN B 958 89.57 56.42 -116.73
CA GLN B 958 90.11 57.77 -116.59
C GLN B 958 91.63 57.81 -116.62
N GLU B 959 92.31 56.66 -116.46
CA GLU B 959 93.77 56.65 -116.55
C GLU B 959 94.24 57.02 -117.94
N LYS B 960 93.57 56.50 -118.97
CA LYS B 960 93.95 56.77 -120.35
C LYS B 960 93.42 58.12 -120.81
N SER C 263 73.21 36.19 -12.30
CA SER C 263 72.87 37.26 -13.23
C SER C 263 71.84 36.78 -14.26
N LEU C 264 72.30 36.56 -15.49
CA LEU C 264 71.40 36.09 -16.55
C LEU C 264 70.87 34.70 -16.21
N ILE C 265 71.75 33.81 -15.75
CA ILE C 265 71.33 32.44 -15.43
C ILE C 265 70.37 32.42 -14.25
N ASP C 266 70.40 33.42 -13.38
CA ASP C 266 69.43 33.50 -12.29
C ASP C 266 68.01 33.64 -12.85
N MET C 267 67.84 34.52 -13.84
CA MET C 267 66.54 34.63 -14.50
C MET C 267 66.17 33.36 -15.25
N TYR C 268 67.14 32.73 -15.91
CA TYR C 268 66.88 31.49 -16.62
C TYR C 268 66.44 30.38 -15.67
N SER C 269 67.10 30.28 -14.51
CA SER C 269 66.69 29.28 -13.52
C SER C 269 65.30 29.58 -12.98
N GLU C 270 65.00 30.86 -12.74
CA GLU C 270 63.67 31.24 -12.27
C GLU C 270 62.61 30.92 -13.31
N VAL C 271 62.91 31.17 -14.60
CA VAL C 271 61.96 30.86 -15.66
C VAL C 271 61.68 29.37 -15.71
N LEU C 272 62.72 28.54 -15.59
CA LEU C 272 62.52 27.09 -15.58
C LEU C 272 61.66 26.65 -14.41
N ASP C 273 61.90 27.23 -13.22
CA ASP C 273 61.12 26.86 -12.05
C ASP C 273 59.65 27.21 -12.23
N VAL C 274 59.36 28.41 -12.73
CA VAL C 274 57.97 28.81 -12.94
C VAL C 274 57.33 27.97 -14.04
N LEU C 275 58.10 27.63 -15.08
CA LEU C 275 57.56 26.78 -16.14
C LEU C 275 57.16 25.41 -15.59
N SER C 276 57.99 24.83 -14.71
CA SER C 276 57.64 23.55 -14.12
C SER C 276 56.39 23.66 -13.26
N ASP C 277 56.26 24.75 -12.49
CA ASP C 277 55.06 24.95 -11.68
C ASP C 277 53.83 25.17 -12.55
N TYR C 278 53.96 26.01 -13.59
CA TYR C 278 52.83 26.27 -14.48
C TYR C 278 52.46 25.02 -15.27
N ASP C 279 53.45 24.40 -15.91
CA ASP C 279 53.21 23.20 -16.71
C ASP C 279 53.80 22.00 -15.96
N ALA C 280 52.92 21.21 -15.34
CA ALA C 280 53.37 20.01 -14.65
C ALA C 280 54.00 19.02 -15.62
N SER C 281 53.39 18.85 -16.80
CA SER C 281 53.93 17.99 -17.82
C SER C 281 55.13 18.66 -18.50
N TYR C 282 55.87 17.86 -19.28
CA TYR C 282 57.04 18.33 -19.99
C TYR C 282 56.72 18.77 -21.42
N ASN C 283 55.49 19.21 -21.67
CA ASN C 283 55.12 19.70 -23.00
C ASN C 283 55.93 20.93 -23.36
N THR C 284 56.08 21.86 -22.42
CA THR C 284 56.86 23.07 -22.65
C THR C 284 58.25 23.00 -22.04
N GLN C 285 58.44 22.18 -21.00
CA GLN C 285 59.75 22.06 -20.38
C GLN C 285 60.77 21.36 -21.27
N ASP C 286 60.30 20.65 -22.29
CA ASP C 286 61.19 19.92 -23.21
C ASP C 286 61.61 20.77 -24.40
N HIS C 287 61.58 22.08 -24.27
CA HIS C 287 61.98 22.99 -25.35
C HIS C 287 63.19 23.85 -25.01
N LEU C 288 63.77 23.67 -23.82
CA LEU C 288 64.90 24.47 -23.38
C LEU C 288 66.07 23.57 -23.05
N PRO C 289 67.31 24.01 -23.28
CA PRO C 289 68.46 23.17 -22.94
C PRO C 289 68.59 22.95 -21.44
N ARG C 290 69.13 21.78 -21.08
CA ARG C 290 69.32 21.41 -19.69
C ARG C 290 70.58 20.58 -19.56
N VAL C 291 71.10 20.51 -18.34
CA VAL C 291 72.29 19.73 -18.03
C VAL C 291 71.86 18.57 -17.14
N VAL C 292 72.07 17.35 -17.61
CA VAL C 292 71.68 16.14 -16.89
C VAL C 292 72.95 15.40 -16.49
N VAL C 293 73.06 15.08 -15.20
CA VAL C 293 74.23 14.40 -14.66
C VAL C 293 73.79 13.06 -14.09
N VAL C 294 74.43 11.98 -14.53
CA VAL C 294 74.15 10.63 -14.06
C VAL C 294 75.47 10.00 -13.63
N GLY C 295 75.49 9.40 -12.45
CA GLY C 295 76.69 8.77 -11.94
C GLY C 295 76.38 7.48 -11.22
N ASP C 296 77.42 6.67 -11.04
CA ASP C 296 77.32 5.40 -10.35
C ASP C 296 77.67 5.60 -8.87
N GLN C 297 77.76 4.49 -8.13
CA GLN C 297 78.14 4.56 -6.72
C GLN C 297 79.65 4.66 -6.58
N SER C 298 80.09 5.61 -5.74
CA SER C 298 81.50 5.86 -5.51
C SER C 298 82.25 6.18 -6.80
N ALA C 299 81.55 6.79 -7.76
CA ALA C 299 82.13 7.17 -9.05
C ALA C 299 82.64 8.60 -9.08
N GLY C 300 82.59 9.31 -7.96
CA GLY C 300 83.06 10.68 -7.92
C GLY C 300 82.11 11.69 -8.54
N LYS C 301 80.82 11.35 -8.67
CA LYS C 301 79.87 12.31 -9.21
C LYS C 301 79.74 13.53 -8.29
N THR C 302 79.72 13.31 -6.98
CA THR C 302 79.63 14.42 -6.04
C THR C 302 80.87 15.30 -6.12
N SER C 303 82.04 14.68 -6.25
CA SER C 303 83.28 15.46 -6.32
C SER C 303 83.31 16.34 -7.57
N VAL C 304 82.87 15.81 -8.71
CA VAL C 304 82.86 16.59 -9.94
C VAL C 304 81.92 17.77 -9.82
N LEU C 305 80.71 17.54 -9.29
CA LEU C 305 79.77 18.64 -9.09
C LEU C 305 80.30 19.66 -8.10
N GLU C 306 80.95 19.19 -7.04
CA GLU C 306 81.57 20.10 -6.08
C GLU C 306 82.73 20.87 -6.71
N MET C 307 83.51 20.20 -7.57
CA MET C 307 84.63 20.89 -8.23
C MET C 307 84.13 22.02 -9.12
N ILE C 308 83.05 21.78 -9.88
CA ILE C 308 82.49 22.83 -10.73
C ILE C 308 81.94 23.96 -9.86
N ALA C 309 81.23 23.63 -8.79
CA ALA C 309 80.70 24.64 -7.88
C ALA C 309 81.77 25.26 -7.00
N GLN C 310 82.98 24.70 -6.98
CA GLN C 310 84.10 25.21 -6.19
C GLN C 310 83.76 25.27 -4.69
N ALA C 311 82.91 24.37 -4.23
CA ALA C 311 82.53 24.31 -2.83
C ALA C 311 81.88 22.95 -2.56
N ARG C 312 82.25 22.34 -1.44
CA ARG C 312 81.70 21.05 -1.05
C ARG C 312 80.44 21.28 -0.23
N ILE C 313 79.30 21.25 -0.90
CA ILE C 313 78.02 21.54 -0.27
C ILE C 313 77.16 20.29 -0.07
N PHE C 314 77.49 19.17 -0.73
CA PHE C 314 76.69 17.97 -0.56
C PHE C 314 77.21 17.12 0.60
N PRO C 315 76.33 16.40 1.29
CA PRO C 315 76.77 15.56 2.39
C PRO C 315 77.70 14.45 1.91
N ARG C 316 78.64 14.08 2.78
CA ARG C 316 79.63 13.06 2.49
C ARG C 316 79.43 11.85 3.40
N GLY C 317 79.61 10.67 2.84
CA GLY C 317 79.46 9.44 3.60
C GLY C 317 80.50 8.43 3.21
N SER C 318 80.77 7.50 4.12
CA SER C 318 81.77 6.45 3.90
C SER C 318 81.14 5.33 3.06
N GLY C 319 80.99 5.63 1.76
CA GLY C 319 80.43 4.69 0.82
C GLY C 319 78.92 4.71 0.73
N GLU C 320 78.25 5.47 1.58
CA GLU C 320 76.80 5.54 1.56
C GLU C 320 76.33 6.66 0.63
N MET C 321 75.24 6.40 -0.09
CA MET C 321 74.68 7.37 -1.02
C MET C 321 73.93 8.43 -0.22
N MET C 322 74.66 9.49 0.13
CA MET C 322 74.05 10.58 0.90
C MET C 322 73.01 11.34 0.09
N THR C 323 73.15 11.35 -1.24
CA THR C 323 72.22 12.06 -2.11
C THR C 323 70.94 11.23 -2.24
N ARG C 324 70.04 11.42 -1.29
CA ARG C 324 68.77 10.70 -1.26
C ARG C 324 67.64 11.44 -1.97
N SER C 325 67.90 12.64 -2.50
CA SER C 325 66.92 13.42 -3.23
C SER C 325 67.63 14.30 -4.24
N PRO C 326 67.11 14.42 -5.46
CA PRO C 326 67.75 15.28 -6.46
C PRO C 326 67.79 16.73 -6.01
N VAL C 327 68.89 17.40 -6.36
CA VAL C 327 69.09 18.81 -6.03
C VAL C 327 69.42 19.56 -7.31
N LYS C 328 68.69 20.63 -7.57
CA LYS C 328 68.93 21.47 -8.75
C LYS C 328 69.88 22.59 -8.34
N VAL C 329 71.17 22.34 -8.52
CA VAL C 329 72.21 23.28 -8.14
C VAL C 329 72.42 24.27 -9.28
N THR C 330 72.26 25.56 -9.00
CA THR C 330 72.43 26.61 -9.99
C THR C 330 73.63 27.47 -9.61
N LEU C 331 74.54 27.65 -10.56
CA LEU C 331 75.72 28.47 -10.37
C LEU C 331 75.51 29.80 -11.08
N SER C 332 75.67 30.90 -10.33
CA SER C 332 75.40 32.23 -10.85
C SER C 332 76.51 33.18 -10.41
N GLU C 333 76.35 34.45 -10.73
CA GLU C 333 77.30 35.50 -10.39
C GLU C 333 76.80 36.25 -9.16
N GLY C 334 77.65 36.32 -8.13
CA GLY C 334 77.29 37.00 -6.91
C GLY C 334 78.47 37.70 -6.28
N PRO C 335 78.20 38.69 -5.42
CA PRO C 335 79.31 39.38 -4.74
C PRO C 335 80.15 38.47 -3.87
N HIS C 336 79.56 37.45 -3.27
CA HIS C 336 80.27 36.50 -2.43
C HIS C 336 79.84 35.09 -2.79
N HIS C 337 80.72 34.12 -2.51
CA HIS C 337 80.45 32.71 -2.81
C HIS C 337 79.55 32.16 -1.73
N VAL C 338 78.23 32.27 -1.95
CA VAL C 338 77.23 31.82 -1.00
C VAL C 338 76.19 30.97 -1.72
N ALA C 339 75.49 30.15 -0.96
CA ALA C 339 74.42 29.30 -1.46
C ALA C 339 73.12 29.64 -0.76
N LEU C 340 72.04 29.75 -1.53
CA LEU C 340 70.74 30.12 -1.00
C LEU C 340 69.68 29.13 -1.49
N PHE C 341 68.84 28.69 -0.56
CA PHE C 341 67.73 27.80 -0.91
C PHE C 341 66.63 28.59 -1.61
N LYS C 342 65.82 27.89 -2.39
CA LYS C 342 64.69 28.53 -3.06
C LYS C 342 63.57 28.84 -2.09
N ASP C 343 63.27 27.91 -1.18
CA ASP C 343 62.18 28.11 -0.23
C ASP C 343 62.62 28.82 1.05
N SER C 344 63.92 28.95 1.27
CA SER C 344 64.44 29.55 2.49
C SER C 344 65.36 30.70 2.14
N SER C 345 65.22 31.82 2.86
CA SER C 345 66.03 33.00 2.64
C SER C 345 67.29 33.02 3.50
N ARG C 346 67.53 31.98 4.29
CA ARG C 346 68.71 31.92 5.15
C ARG C 346 69.95 31.69 4.29
N GLU C 347 70.81 32.71 4.23
CA GLU C 347 72.03 32.61 3.43
C GLU C 347 73.08 31.77 4.13
N PHE C 348 73.81 30.98 3.35
CA PHE C 348 74.91 30.16 3.84
C PHE C 348 76.19 30.57 3.12
N ASP C 349 77.21 30.94 3.89
CA ASP C 349 78.47 31.41 3.34
C ASP C 349 79.38 30.20 3.08
N LEU C 350 79.67 29.93 1.81
CA LEU C 350 80.51 28.79 1.46
C LEU C 350 81.99 29.05 1.74
N THR C 351 82.37 30.31 2.01
CA THR C 351 83.77 30.60 2.32
C THR C 351 84.19 30.10 3.70
N LYS C 352 83.23 29.77 4.56
CA LYS C 352 83.50 29.28 5.90
C LYS C 352 83.16 27.80 5.97
N GLU C 353 84.08 27.01 6.52
CA GLU C 353 83.86 25.56 6.62
C GLU C 353 82.74 25.23 7.61
N GLU C 354 82.59 26.03 8.67
CA GLU C 354 81.53 25.79 9.64
C GLU C 354 80.15 25.91 8.99
N ASP C 355 79.96 26.94 8.16
CA ASP C 355 78.69 27.09 7.46
C ASP C 355 78.50 26.00 6.41
N LEU C 356 79.59 25.52 5.81
CA LEU C 356 79.49 24.42 4.85
C LEU C 356 78.96 23.16 5.51
N ALA C 357 79.45 22.85 6.71
CA ALA C 357 78.96 21.67 7.43
C ALA C 357 77.50 21.83 7.80
N ALA C 358 77.10 23.02 8.25
CA ALA C 358 75.69 23.26 8.56
C ALA C 358 74.82 23.15 7.32
N LEU C 359 75.31 23.66 6.18
CA LEU C 359 74.55 23.55 4.94
C LEU C 359 74.39 22.11 4.51
N ARG C 360 75.43 21.30 4.67
CA ARG C 360 75.34 19.88 4.33
C ARG C 360 74.29 19.18 5.18
N HIS C 361 74.26 19.49 6.48
CA HIS C 361 73.24 18.90 7.35
C HIS C 361 71.85 19.37 6.96
N GLU C 362 71.70 20.66 6.60
CA GLU C 362 70.41 21.18 6.18
C GLU C 362 69.93 20.50 4.90
N ILE C 363 70.84 20.30 3.95
CA ILE C 363 70.47 19.64 2.70
C ILE C 363 70.04 18.20 2.97
N GLU C 364 70.77 17.50 3.83
CA GLU C 364 70.39 16.13 4.18
C GLU C 364 69.05 16.09 4.89
N LEU C 365 68.80 17.06 5.77
CA LEU C 365 67.50 17.14 6.44
C LEU C 365 66.38 17.37 5.44
N ARG C 366 66.61 18.24 4.45
CA ARG C 366 65.62 18.47 3.40
C ARG C 366 65.38 17.21 2.58
N MET C 367 66.45 16.45 2.31
CA MET C 367 66.30 15.20 1.58
C MET C 367 65.41 14.22 2.33
N ARG C 368 65.60 14.10 3.64
CA ARG C 368 64.79 13.18 4.43
C ARG C 368 63.35 13.66 4.56
N LYS C 369 63.15 14.98 4.68
CA LYS C 369 61.79 15.51 4.84
C LYS C 369 60.95 15.26 3.60
N ASN C 370 61.54 15.44 2.41
CA ASN C 370 60.79 15.27 1.17
C ASN C 370 60.46 13.82 0.86
N VAL C 371 61.03 12.87 1.60
CA VAL C 371 60.76 11.46 1.35
C VAL C 371 59.33 11.12 1.77
N LYS C 372 58.58 10.51 0.87
CA LYS C 372 57.20 10.14 1.13
C LYS C 372 57.16 8.81 1.89
N GLU C 373 55.97 8.33 2.20
CA GLU C 373 55.81 7.08 2.93
C GLU C 373 56.00 5.89 2.00
N GLY C 374 56.70 4.87 2.48
CA GLY C 374 56.91 3.66 1.71
C GLY C 374 58.06 3.70 0.74
N CYS C 375 58.83 4.80 0.70
CA CYS C 375 59.94 4.95 -0.21
C CYS C 375 61.16 5.48 0.53
N THR C 376 62.30 5.46 -0.14
CA THR C 376 63.55 5.96 0.41
C THR C 376 64.09 7.18 -0.33
N VAL C 377 63.90 7.25 -1.64
CA VAL C 377 64.34 8.40 -2.45
C VAL C 377 63.12 9.03 -3.09
N SER C 378 62.94 10.33 -2.87
CA SER C 378 61.80 11.04 -3.41
C SER C 378 62.13 11.64 -4.77
N PRO C 379 61.18 11.63 -5.72
CA PRO C 379 61.43 12.21 -7.04
C PRO C 379 61.43 13.73 -7.07
N GLU C 380 61.06 14.39 -5.97
CA GLU C 380 61.02 15.84 -5.95
C GLU C 380 62.42 16.43 -6.03
N THR C 381 62.57 17.50 -6.80
CA THR C 381 63.84 18.18 -6.98
C THR C 381 63.83 19.52 -6.25
N ILE C 382 64.92 19.80 -5.55
CA ILE C 382 65.07 21.03 -4.77
C ILE C 382 65.99 21.96 -5.55
N SER C 383 65.49 23.16 -5.85
CA SER C 383 66.26 24.15 -6.60
C SER C 383 67.16 24.92 -5.63
N LEU C 384 68.47 24.81 -5.82
CA LEU C 384 69.45 25.49 -4.99
C LEU C 384 70.23 26.48 -5.85
N ASN C 385 70.31 27.73 -5.40
CA ASN C 385 71.02 28.78 -6.10
C ASN C 385 72.35 29.02 -5.39
N VAL C 386 73.44 28.62 -6.02
CA VAL C 386 74.79 28.78 -5.47
C VAL C 386 75.43 29.96 -6.18
N LYS C 387 75.52 31.09 -5.49
CA LYS C 387 76.13 32.29 -6.04
C LYS C 387 77.63 32.30 -5.79
N GLY C 388 78.32 33.18 -6.50
CA GLY C 388 79.75 33.32 -6.37
C GLY C 388 80.38 34.11 -7.50
N PRO C 389 81.39 34.91 -7.18
CA PRO C 389 82.06 35.71 -8.22
C PRO C 389 82.91 34.82 -9.13
N GLY C 390 82.76 35.02 -10.43
CA GLY C 390 83.51 34.26 -11.41
C GLY C 390 82.97 32.89 -11.72
N LEU C 391 81.87 32.48 -11.10
CA LEU C 391 81.29 31.17 -11.37
C LEU C 391 80.67 31.13 -12.76
N GLN C 392 80.71 29.94 -13.36
CA GLN C 392 80.09 29.75 -14.66
C GLN C 392 78.58 29.88 -14.56
N ARG C 393 77.98 30.52 -15.55
CA ARG C 393 76.53 30.78 -15.57
C ARG C 393 75.85 29.61 -16.26
N MET C 394 75.50 28.60 -15.48
CA MET C 394 74.81 27.42 -15.99
C MET C 394 74.03 26.78 -14.85
N VAL C 395 73.11 25.89 -15.22
CA VAL C 395 72.25 25.20 -14.26
C VAL C 395 72.61 23.72 -14.28
N LEU C 396 72.94 23.18 -13.12
CA LEU C 396 73.30 21.79 -12.95
C LEU C 396 72.20 21.02 -12.22
N VAL C 397 72.16 19.72 -12.45
CA VAL C 397 71.19 18.83 -11.83
C VAL C 397 71.95 17.70 -11.15
N ASP C 398 71.67 17.48 -9.87
CA ASP C 398 72.28 16.41 -9.10
C ASP C 398 71.30 15.26 -8.97
N LEU C 399 71.77 14.04 -9.23
CA LEU C 399 70.92 12.86 -9.19
C LEU C 399 71.58 11.80 -8.31
N PRO C 400 70.77 10.94 -7.68
CA PRO C 400 71.34 9.85 -6.88
C PRO C 400 72.12 8.88 -7.74
N GLY C 401 73.16 8.29 -7.14
CA GLY C 401 74.02 7.39 -7.87
C GLY C 401 73.30 6.09 -8.24
N VAL C 402 73.63 5.57 -9.41
CA VAL C 402 73.07 4.30 -9.85
C VAL C 402 73.83 3.17 -9.16
N ILE C 403 73.09 2.28 -8.50
CA ILE C 403 73.66 1.19 -7.73
C ILE C 403 73.40 -0.11 -8.48
N ASN C 404 74.46 -0.89 -8.70
CA ASN C 404 74.30 -2.19 -9.35
C ASN C 404 73.49 -3.14 -8.48
N THR C 405 73.72 -3.12 -7.16
CA THR C 405 73.00 -3.95 -6.21
C THR C 405 72.17 -3.06 -5.31
N VAL C 406 70.90 -3.41 -5.13
CA VAL C 406 70.00 -2.60 -4.32
C VAL C 406 70.39 -2.73 -2.85
N THR C 407 70.56 -1.59 -2.18
CA THR C 407 70.91 -1.58 -0.77
C THR C 407 69.74 -2.10 0.06
N SER C 408 70.05 -2.88 1.09
CA SER C 408 69.01 -3.43 1.95
C SER C 408 68.27 -2.33 2.72
N GLY C 409 68.96 -1.24 3.06
CA GLY C 409 68.35 -0.14 3.76
C GLY C 409 67.55 0.82 2.92
N MET C 410 67.52 0.62 1.60
CA MET C 410 66.78 1.47 0.69
C MET C 410 65.55 0.74 0.17
N ALA C 411 64.63 1.51 -0.40
CA ALA C 411 63.41 0.95 -0.95
C ALA C 411 63.71 0.08 -2.17
N PRO C 412 62.92 -0.96 -2.41
CA PRO C 412 63.16 -1.81 -3.58
C PRO C 412 63.03 -1.09 -4.91
N ASP C 413 62.28 0.01 -4.96
CA ASP C 413 62.11 0.77 -6.19
C ASP C 413 63.01 2.00 -6.26
N THR C 414 64.00 2.09 -5.37
CA THR C 414 64.92 3.23 -5.41
C THR C 414 65.71 3.25 -6.72
N LYS C 415 66.21 2.10 -7.16
CA LYS C 415 66.93 2.04 -8.42
C LYS C 415 66.02 2.40 -9.59
N GLU C 416 64.78 1.92 -9.58
CA GLU C 416 63.84 2.26 -10.63
C GLU C 416 63.50 3.74 -10.61
N THR C 417 63.37 4.33 -9.41
CA THR C 417 63.10 5.76 -9.31
C THR C 417 64.25 6.58 -9.87
N ILE C 418 65.49 6.17 -9.59
CA ILE C 418 66.64 6.88 -10.11
C ILE C 418 66.68 6.80 -11.63
N PHE C 419 66.41 5.61 -12.18
CA PHE C 419 66.39 5.45 -13.63
C PHE C 419 65.28 6.28 -14.26
N SER C 420 64.10 6.31 -13.63
CA SER C 420 62.99 7.08 -14.17
C SER C 420 63.28 8.57 -14.16
N ILE C 421 63.90 9.07 -13.09
CA ILE C 421 64.24 10.49 -13.02
C ILE C 421 65.25 10.84 -14.09
N SER C 422 66.28 10.01 -14.27
CA SER C 422 67.28 10.27 -15.30
C SER C 422 66.65 10.25 -16.70
N LYS C 423 65.76 9.30 -16.95
CA LYS C 423 65.11 9.23 -18.25
C LYS C 423 64.20 10.44 -18.48
N ALA C 424 63.49 10.88 -17.44
CA ALA C 424 62.63 12.05 -17.56
C ALA C 424 63.45 13.30 -17.87
N TYR C 425 64.58 13.47 -17.19
CA TYR C 425 65.45 14.60 -17.48
C TYR C 425 66.02 14.52 -18.89
N MET C 426 66.41 13.31 -19.33
CA MET C 426 66.97 13.13 -20.66
C MET C 426 65.92 13.23 -21.77
N GLN C 427 64.63 13.28 -21.42
CA GLN C 427 63.57 13.38 -22.41
C GLN C 427 63.66 14.66 -23.23
N ASN C 428 64.26 15.71 -22.70
CA ASN C 428 64.38 16.96 -23.43
C ASN C 428 65.36 16.79 -24.59
N PRO C 429 64.95 17.03 -25.84
CA PRO C 429 65.90 16.89 -26.95
C PRO C 429 67.06 17.88 -26.90
N ASN C 430 66.91 18.99 -26.19
CA ASN C 430 67.99 19.95 -26.04
C ASN C 430 68.82 19.74 -24.78
N ALA C 431 68.46 18.77 -23.94
CA ALA C 431 69.20 18.53 -22.70
C ALA C 431 70.58 17.98 -23.00
N ILE C 432 71.58 18.46 -22.27
CA ILE C 432 72.96 18.02 -22.43
C ILE C 432 73.24 16.90 -21.44
N ILE C 433 73.75 15.79 -21.94
CA ILE C 433 74.04 14.62 -21.11
C ILE C 433 75.44 14.74 -20.55
N LEU C 434 75.58 14.56 -19.24
CA LEU C 434 76.87 14.61 -18.55
C LEU C 434 77.02 13.31 -17.76
N CYS C 435 77.68 12.33 -18.37
CA CYS C 435 77.88 11.03 -17.75
C CYS C 435 79.14 11.03 -16.90
N ILE C 436 79.03 10.48 -15.70
CA ILE C 436 80.13 10.41 -14.76
C ILE C 436 80.32 8.96 -14.34
N GLN C 437 81.55 8.47 -14.44
CA GLN C 437 81.88 7.10 -14.07
C GLN C 437 83.25 7.10 -13.40
N ASP C 438 83.81 5.90 -13.21
CA ASP C 438 85.11 5.74 -12.57
C ASP C 438 86.12 5.27 -13.60
N GLY C 439 87.32 5.86 -13.56
CA GLY C 439 88.37 5.48 -14.49
C GLY C 439 89.03 4.14 -14.20
N SER C 440 88.81 3.58 -13.02
CA SER C 440 89.35 2.28 -12.66
C SER C 440 88.41 1.13 -13.03
N VAL C 441 87.24 1.43 -13.59
CA VAL C 441 86.26 0.43 -13.98
C VAL C 441 86.08 0.48 -15.49
N ASP C 442 86.11 -0.68 -16.13
CA ASP C 442 85.97 -0.74 -17.58
C ASP C 442 84.56 -0.36 -17.99
N ALA C 443 84.44 0.07 -19.26
CA ALA C 443 83.15 0.49 -19.79
C ALA C 443 82.15 -0.65 -19.89
N GLU C 444 82.62 -1.89 -19.98
CA GLU C 444 81.73 -3.04 -20.06
C GLU C 444 81.17 -3.46 -18.71
N ARG C 445 81.74 -2.96 -17.61
CA ARG C 445 81.27 -3.30 -16.27
C ARG C 445 80.25 -2.30 -15.73
N SER C 446 79.95 -1.24 -16.47
CA SER C 446 79.03 -0.21 -16.03
C SER C 446 77.87 -0.12 -17.03
N ILE C 447 76.64 -0.03 -16.50
CA ILE C 447 75.46 0.05 -17.35
C ILE C 447 75.12 1.47 -17.75
N VAL C 448 75.59 2.46 -17.00
CA VAL C 448 75.23 3.85 -17.27
C VAL C 448 75.75 4.28 -18.64
N THR C 449 77.00 3.92 -18.96
CA THR C 449 77.57 4.30 -20.25
C THR C 449 76.81 3.64 -21.40
N ASP C 450 76.36 2.40 -21.22
CA ASP C 450 75.55 1.74 -22.24
C ASP C 450 74.22 2.45 -22.42
N LEU C 451 73.58 2.86 -21.33
CA LEU C 451 72.31 3.55 -21.42
C LEU C 451 72.47 4.90 -22.12
N VAL C 452 73.54 5.63 -21.82
CA VAL C 452 73.76 6.93 -22.44
C VAL C 452 73.96 6.77 -23.94
N SER C 453 74.75 5.79 -24.36
CA SER C 453 74.96 5.57 -25.79
C SER C 453 73.68 5.15 -26.48
N GLN C 454 72.88 4.29 -25.85
CA GLN C 454 71.65 3.82 -26.47
C GLN C 454 70.64 4.95 -26.63
N MET C 455 70.53 5.84 -25.64
CA MET C 455 69.54 6.90 -25.68
C MET C 455 69.94 8.07 -26.56
N ASP C 456 71.21 8.15 -26.98
CA ASP C 456 71.68 9.22 -27.86
C ASP C 456 72.44 8.60 -29.02
N PRO C 457 71.74 8.03 -30.00
CA PRO C 457 72.42 7.45 -31.16
C PRO C 457 73.20 8.45 -31.98
N HIS C 458 72.84 9.73 -31.93
CA HIS C 458 73.52 10.75 -32.73
C HIS C 458 74.74 11.33 -32.03
N GLY C 459 74.66 11.51 -30.71
CA GLY C 459 75.78 12.06 -29.97
C GLY C 459 75.98 13.55 -30.14
N ARG C 460 74.97 14.27 -30.60
CA ARG C 460 75.08 15.71 -30.79
C ARG C 460 75.13 16.48 -29.48
N ARG C 461 74.78 15.83 -28.36
CA ARG C 461 74.76 16.52 -27.07
C ARG C 461 75.37 15.70 -25.94
N THR C 462 75.93 14.53 -26.21
CA THR C 462 76.49 13.69 -25.16
C THR C 462 77.89 14.15 -24.78
N ILE C 463 78.11 14.29 -23.47
CA ILE C 463 79.42 14.61 -22.92
C ILE C 463 79.74 13.61 -21.83
N PHE C 464 80.93 13.00 -21.90
CA PHE C 464 81.36 11.99 -20.95
C PHE C 464 82.47 12.55 -20.06
N VAL C 465 82.34 12.32 -18.76
CA VAL C 465 83.31 12.78 -17.77
C VAL C 465 83.86 11.55 -17.06
N LEU C 466 85.19 11.44 -17.03
CA LEU C 466 85.87 10.32 -16.39
C LEU C 466 86.56 10.80 -15.13
N THR C 467 86.34 10.10 -14.02
CA THR C 467 86.88 10.46 -12.72
C THR C 467 88.01 9.51 -12.32
N LYS C 468 88.76 9.93 -11.32
CA LYS C 468 89.88 9.14 -10.78
C LYS C 468 90.89 8.78 -11.87
N VAL C 469 91.18 9.75 -12.73
CA VAL C 469 92.17 9.53 -13.79
C VAL C 469 93.54 9.30 -13.19
N ASP C 470 93.87 10.03 -12.12
CA ASP C 470 95.15 9.81 -11.44
C ASP C 470 95.24 8.40 -10.86
N LEU C 471 94.15 7.91 -10.27
CA LEU C 471 94.13 6.55 -9.76
C LEU C 471 94.25 5.54 -10.89
N ALA C 472 93.58 5.80 -12.02
CA ALA C 472 93.71 4.90 -13.17
C ALA C 472 95.13 4.88 -13.70
N GLU C 473 95.78 6.04 -13.76
CA GLU C 473 97.17 6.09 -14.20
C GLU C 473 98.08 5.35 -13.22
N LYS C 474 97.82 5.50 -11.92
CA LYS C 474 98.58 4.75 -10.92
C LYS C 474 98.32 3.26 -10.99
N ASN C 475 97.22 2.84 -11.61
CA ASN C 475 96.92 1.44 -11.81
C ASN C 475 97.55 0.85 -13.07
N VAL C 476 98.36 1.65 -13.78
CA VAL C 476 99.01 1.25 -15.02
C VAL C 476 97.91 0.88 -16.02
N ALA C 477 97.07 1.86 -16.34
CA ALA C 477 96.04 1.66 -17.35
C ALA C 477 96.64 1.67 -18.74
N SER C 478 96.04 0.90 -19.64
CA SER C 478 96.53 0.84 -21.01
C SER C 478 96.28 2.18 -21.70
N PRO C 479 97.31 2.78 -22.31
CA PRO C 479 97.10 4.07 -22.99
C PRO C 479 96.13 3.98 -24.16
N SER C 480 96.04 2.82 -24.82
CA SER C 480 95.13 2.70 -25.96
C SER C 480 93.68 2.87 -25.53
N ARG C 481 93.28 2.26 -24.41
CA ARG C 481 91.91 2.39 -23.95
C ARG C 481 91.58 3.83 -23.57
N ILE C 482 92.50 4.51 -22.89
CA ILE C 482 92.27 5.91 -22.51
C ILE C 482 92.16 6.78 -23.74
N GLN C 483 93.06 6.59 -24.71
CA GLN C 483 93.03 7.40 -25.93
C GLN C 483 91.75 7.15 -26.72
N GLN C 484 91.32 5.89 -26.81
CA GLN C 484 90.09 5.57 -27.53
C GLN C 484 88.87 6.22 -26.87
N ILE C 485 88.83 6.21 -25.53
CA ILE C 485 87.72 6.82 -24.81
C ILE C 485 87.70 8.32 -25.06
N ILE C 486 88.86 8.96 -24.99
CA ILE C 486 88.93 10.41 -25.18
C ILE C 486 88.62 10.79 -26.63
N GLU C 487 89.15 10.02 -27.57
CA GLU C 487 88.95 10.31 -28.99
C GLU C 487 87.71 9.64 -29.57
N GLY C 488 86.94 8.93 -28.75
CA GLY C 488 85.69 8.33 -29.21
C GLY C 488 85.84 7.23 -30.23
N LYS C 489 86.80 6.33 -30.03
CA LYS C 489 87.00 5.19 -30.92
C LYS C 489 86.39 3.91 -30.37
N LEU C 490 86.69 3.56 -29.11
CA LEU C 490 86.11 2.37 -28.51
C LEU C 490 84.59 2.48 -28.39
N PHE C 491 84.10 3.65 -27.99
CA PHE C 491 82.65 3.84 -27.89
C PHE C 491 82.04 3.95 -29.28
N PRO C 492 81.04 3.15 -29.61
CA PRO C 492 80.40 3.27 -30.93
C PRO C 492 79.78 4.63 -31.17
N MET C 493 79.25 5.27 -30.13
CA MET C 493 78.66 6.60 -30.29
C MET C 493 79.73 7.63 -30.61
N LYS C 494 79.33 8.63 -31.39
CA LYS C 494 80.22 9.73 -31.79
C LYS C 494 79.69 11.00 -31.13
N ALA C 495 80.34 11.41 -30.04
CA ALA C 495 79.92 12.58 -29.29
C ALA C 495 80.71 13.80 -29.74
N LEU C 496 80.34 14.97 -29.20
CA LEU C 496 81.06 16.20 -29.51
C LEU C 496 82.50 16.14 -29.01
N GLY C 497 82.70 15.62 -27.80
CA GLY C 497 84.03 15.53 -27.25
C GLY C 497 84.00 14.79 -25.92
N TYR C 498 85.19 14.50 -25.42
CA TYR C 498 85.37 13.79 -24.16
C TYR C 498 86.40 14.51 -23.32
N PHE C 499 86.17 14.54 -22.00
CA PHE C 499 87.06 15.22 -21.07
C PHE C 499 87.33 14.33 -19.88
N ALA C 500 88.50 14.54 -19.26
CA ALA C 500 88.91 13.77 -18.09
C ALA C 500 89.31 14.73 -16.98
N VAL C 501 88.79 14.51 -15.78
CA VAL C 501 89.11 15.33 -14.62
C VAL C 501 89.51 14.42 -13.46
N VAL C 502 90.28 14.99 -12.54
CA VAL C 502 90.79 14.26 -11.38
C VAL C 502 90.04 14.75 -10.15
N THR C 503 89.42 13.82 -9.42
CA THR C 503 88.65 14.14 -8.23
C THR C 503 89.46 13.96 -6.94
N GLY C 504 90.78 13.97 -7.04
CA GLY C 504 91.62 13.80 -5.87
C GLY C 504 91.94 12.35 -5.60
N LYS C 505 92.33 12.09 -4.35
CA LYS C 505 92.68 10.75 -3.90
C LYS C 505 91.47 9.95 -3.43
N GLY C 506 90.28 10.54 -3.47
CA GLY C 506 89.07 9.86 -3.05
C GLY C 506 88.61 10.17 -1.63
N ASN C 507 89.41 10.92 -0.86
CA ASN C 507 89.02 11.26 0.50
C ASN C 507 87.82 12.20 0.51
N SER C 508 86.95 12.03 1.50
CA SER C 508 85.75 12.84 1.64
C SER C 508 85.99 14.13 2.42
N SER C 509 87.22 14.38 2.87
CA SER C 509 87.53 15.57 3.64
C SER C 509 88.55 16.49 2.95
N GLU C 510 89.04 16.11 1.77
CA GLU C 510 90.03 16.92 1.08
C GLU C 510 89.41 18.23 0.61
N SER C 511 90.18 19.31 0.69
CA SER C 511 89.73 20.61 0.25
C SER C 511 89.72 20.70 -1.27
N ILE C 512 88.80 21.51 -1.80
CA ILE C 512 88.67 21.67 -3.25
C ILE C 512 89.92 22.30 -3.84
N GLU C 513 90.46 23.33 -3.18
CA GLU C 513 91.61 24.04 -3.72
C GLU C 513 92.82 23.13 -3.84
N ALA C 514 93.07 22.30 -2.82
CA ALA C 514 94.20 21.37 -2.88
C ALA C 514 94.02 20.36 -4.00
N ILE C 515 92.80 19.86 -4.18
CA ILE C 515 92.53 18.87 -5.23
C ILE C 515 92.78 19.49 -6.60
N ARG C 516 92.28 20.71 -6.82
CA ARG C 516 92.47 21.36 -8.11
C ARG C 516 93.94 21.64 -8.39
N GLU C 517 94.67 22.14 -7.40
CA GLU C 517 96.10 22.42 -7.60
C GLU C 517 96.88 21.13 -7.85
N TYR C 518 96.55 20.06 -7.11
CA TYR C 518 97.21 18.78 -7.32
C TYR C 518 96.92 18.22 -8.70
N GLU C 519 95.66 18.36 -9.15
CA GLU C 519 95.30 17.88 -10.48
C GLU C 519 96.06 18.61 -11.57
N GLU C 520 96.19 19.94 -11.45
CA GLU C 520 96.93 20.70 -12.44
C GLU C 520 98.39 20.31 -12.46
N GLU C 521 99.00 20.14 -11.29
CA GLU C 521 100.41 19.73 -11.23
C GLU C 521 100.59 18.32 -11.77
N PHE C 522 99.65 17.43 -11.45
CA PHE C 522 99.75 16.05 -11.93
C PHE C 522 99.69 15.97 -13.45
N PHE C 523 98.79 16.75 -14.07
CA PHE C 523 98.69 16.74 -15.52
C PHE C 523 99.85 17.47 -16.18
N GLN C 524 100.35 18.53 -15.55
CA GLN C 524 101.50 19.24 -16.10
C GLN C 524 102.74 18.34 -16.17
N ASN C 525 102.95 17.55 -15.11
CA ASN C 525 104.08 16.64 -15.06
C ASN C 525 103.77 15.27 -15.64
N SER C 526 102.57 15.04 -16.14
CA SER C 526 102.21 13.76 -16.72
C SER C 526 102.97 13.53 -18.01
N LYS C 527 103.47 12.31 -18.19
CA LYS C 527 104.21 11.97 -19.40
C LYS C 527 103.28 11.80 -20.60
N LEU C 528 102.03 11.44 -20.37
CA LEU C 528 101.09 11.21 -21.47
C LEU C 528 100.82 12.50 -22.24
N LEU C 529 100.64 13.62 -21.53
CA LEU C 529 100.36 14.88 -22.20
C LEU C 529 101.58 15.41 -22.95
N LYS C 530 102.77 15.29 -22.35
CA LYS C 530 103.98 15.76 -23.02
C LYS C 530 104.36 14.90 -24.21
N THR C 531 103.86 13.67 -24.26
CA THR C 531 104.10 12.77 -25.39
C THR C 531 103.11 13.01 -26.53
N SER C 532 102.15 13.93 -26.33
CA SER C 532 101.10 14.26 -27.30
C SER C 532 100.15 13.10 -27.56
N MET C 533 100.08 12.14 -26.63
CA MET C 533 99.09 11.08 -26.75
C MET C 533 97.67 11.63 -26.63
N LEU C 534 97.46 12.57 -25.71
CA LEU C 534 96.17 13.20 -25.49
C LEU C 534 96.30 14.70 -25.71
N LYS C 535 95.27 15.31 -26.29
CA LYS C 535 95.31 16.73 -26.58
C LYS C 535 95.34 17.54 -25.30
N ALA C 536 96.08 18.65 -25.33
CA ALA C 536 96.26 19.47 -24.13
C ALA C 536 94.99 20.21 -23.74
N HIS C 537 94.08 20.47 -24.69
CA HIS C 537 92.85 21.19 -24.41
C HIS C 537 91.70 20.26 -24.05
N GLN C 538 91.93 18.95 -23.98
CA GLN C 538 90.90 17.98 -23.62
C GLN C 538 90.96 17.58 -22.15
N VAL C 539 91.76 18.27 -21.35
CA VAL C 539 91.89 17.95 -19.92
C VAL C 539 91.53 19.17 -19.09
N THR C 540 91.63 19.03 -17.76
CA THR C 540 91.37 20.07 -16.79
C THR C 540 89.89 20.47 -16.76
N THR C 541 89.42 20.91 -15.59
CA THR C 541 88.02 21.30 -15.44
C THR C 541 87.72 22.64 -16.10
N ARG C 542 88.70 23.53 -16.15
CA ARG C 542 88.48 24.86 -16.72
C ARG C 542 88.09 24.78 -18.19
N ASN C 543 88.79 23.95 -18.96
CA ASN C 543 88.48 23.80 -20.38
C ASN C 543 87.10 23.18 -20.58
N LEU C 544 86.76 22.16 -19.79
CA LEU C 544 85.45 21.53 -19.91
C LEU C 544 84.34 22.50 -19.53
N SER C 545 84.53 23.26 -18.46
CA SER C 545 83.49 24.20 -18.02
C SER C 545 83.26 25.29 -19.06
N LEU C 546 84.34 25.83 -19.65
CA LEU C 546 84.19 26.87 -20.65
C LEU C 546 83.47 26.36 -21.88
N ALA C 547 83.83 25.16 -22.36
CA ALA C 547 83.18 24.61 -23.54
C ALA C 547 81.71 24.33 -23.29
N VAL C 548 81.38 23.76 -22.13
CA VAL C 548 79.99 23.46 -21.81
C VAL C 548 79.19 24.74 -21.67
N SER C 549 79.75 25.75 -21.00
CA SER C 549 79.02 26.99 -20.78
C SER C 549 78.72 27.69 -22.09
N ASP C 550 79.70 27.77 -23.00
CA ASP C 550 79.49 28.46 -24.26
C ASP C 550 78.46 27.74 -25.12
N CYS C 551 78.56 26.40 -25.20
CA CYS C 551 77.60 25.64 -25.99
C CYS C 551 76.19 25.73 -25.40
N PHE C 552 76.08 25.60 -24.08
CA PHE C 552 74.78 25.67 -23.43
C PHE C 552 74.15 27.04 -23.60
N TRP C 553 74.93 28.11 -23.45
CA TRP C 553 74.40 29.45 -23.56
C TRP C 553 73.90 29.74 -24.98
N LYS C 554 74.65 29.32 -25.98
CA LYS C 554 74.24 29.56 -27.36
C LYS C 554 72.93 28.85 -27.68
N MET C 555 72.77 27.60 -27.23
CA MET C 555 71.51 26.90 -27.42
C MET C 555 70.38 27.58 -26.67
N VAL C 556 70.66 28.10 -25.48
CA VAL C 556 69.64 28.80 -24.71
C VAL C 556 69.16 30.05 -25.45
N ARG C 557 70.10 30.81 -26.03
CA ARG C 557 69.74 32.04 -26.72
C ARG C 557 68.77 31.78 -27.86
N GLU C 558 69.06 30.76 -28.68
CA GLU C 558 68.16 30.44 -29.79
C GLU C 558 66.81 29.96 -29.28
N SER C 559 66.81 29.08 -28.27
CA SER C 559 65.57 28.52 -27.75
C SER C 559 64.70 29.59 -27.12
N VAL C 560 65.29 30.49 -26.35
CA VAL C 560 64.49 31.49 -25.63
C VAL C 560 63.82 32.45 -26.59
N GLU C 561 64.46 32.75 -27.73
CA GLU C 561 63.81 33.61 -28.73
C GLU C 561 62.55 32.96 -29.28
N GLN C 562 62.62 31.67 -29.59
CA GLN C 562 61.45 30.96 -30.10
C GLN C 562 60.35 30.90 -29.03
N GLN C 563 60.74 30.62 -27.78
CA GLN C 563 59.76 30.54 -26.70
C GLN C 563 59.09 31.88 -26.46
N ALA C 564 59.86 32.97 -26.50
CA ALA C 564 59.29 34.30 -26.26
C ALA C 564 58.24 34.65 -27.31
N ASP C 565 58.53 34.36 -28.58
CA ASP C 565 57.54 34.60 -29.64
C ASP C 565 56.32 33.73 -29.45
N SER C 566 56.51 32.45 -29.10
CA SER C 566 55.38 31.55 -28.88
C SER C 566 54.53 32.00 -27.70
N PHE C 567 55.17 32.43 -26.61
CA PHE C 567 54.43 32.89 -25.44
C PHE C 567 53.62 34.14 -25.76
N LYS C 568 54.22 35.08 -26.51
CA LYS C 568 53.50 36.30 -26.88
C LYS C 568 52.27 35.97 -27.73
N ALA C 569 52.44 35.06 -28.71
CA ALA C 569 51.31 34.65 -29.53
C ALA C 569 50.25 33.94 -28.69
N THR C 570 50.67 33.05 -27.78
CA THR C 570 49.71 32.35 -26.93
C THR C 570 48.94 33.32 -26.05
N ARG C 571 49.63 34.30 -25.45
CA ARG C 571 48.96 35.29 -24.63
C ARG C 571 47.97 36.11 -25.45
N PHE C 572 48.34 36.44 -26.69
CA PHE C 572 47.43 37.19 -27.56
C PHE C 572 46.15 36.39 -27.82
N ASN C 573 46.27 35.09 -28.04
CA ASN C 573 45.09 34.26 -28.25
C ASN C 573 44.19 34.26 -27.02
N LEU C 574 44.78 34.16 -25.83
CA LEU C 574 43.99 34.21 -24.60
C LEU C 574 43.28 35.55 -24.44
N GLU C 575 43.99 36.65 -24.73
CA GLU C 575 43.36 37.96 -24.66
C GLU C 575 42.23 38.10 -25.67
N THR C 576 42.43 37.58 -26.89
CA THR C 576 41.39 37.64 -27.90
C THR C 576 40.16 36.87 -27.47
N GLU C 577 40.35 35.70 -26.85
CA GLU C 577 39.22 34.93 -26.35
C GLU C 577 38.49 35.69 -25.25
N TRP C 578 39.23 36.36 -24.37
CA TRP C 578 38.62 37.15 -23.31
C TRP C 578 37.75 38.27 -23.89
N LYS C 579 38.26 38.98 -24.90
CA LYS C 579 37.47 40.05 -25.52
C LYS C 579 36.21 39.50 -26.18
N ASN C 580 36.34 38.37 -26.87
CA ASN C 580 35.19 37.81 -27.58
C ASN C 580 34.10 37.35 -26.62
N ASN C 581 34.48 36.78 -25.48
CA ASN C 581 33.52 36.26 -24.51
C ASN C 581 33.11 37.30 -23.47
N TYR C 582 34.07 38.05 -22.93
CA TYR C 582 33.81 39.02 -21.88
C TYR C 582 34.44 40.35 -22.26
N PRO C 583 33.82 41.10 -23.19
CA PRO C 583 34.39 42.37 -23.62
C PRO C 583 34.23 43.48 -22.59
N ARG C 584 33.18 43.42 -21.79
CA ARG C 584 32.83 44.47 -20.84
C ARG C 584 33.19 44.09 -19.41
N LEU C 585 34.09 43.14 -19.22
CA LEU C 585 34.50 42.71 -17.89
C LEU C 585 36.02 42.86 -17.75
N ARG C 586 36.48 42.72 -16.50
CA ARG C 586 37.89 42.87 -16.16
C ARG C 586 38.40 41.57 -15.55
N GLU C 587 39.59 41.16 -15.96
CA GLU C 587 40.18 39.93 -15.42
C GLU C 587 40.74 40.18 -14.03
N LEU C 588 40.36 39.33 -13.09
CA LEU C 588 40.84 39.41 -11.71
C LEU C 588 41.28 38.02 -11.26
N ASP C 589 42.24 37.98 -10.35
CA ASP C 589 42.73 36.72 -9.82
C ASP C 589 41.76 36.18 -8.77
N ARG C 590 42.15 35.05 -8.15
CA ARG C 590 41.27 34.41 -7.17
C ARG C 590 41.04 35.32 -5.96
N ASN C 591 42.09 36.00 -5.49
CA ASN C 591 41.95 36.86 -4.33
C ASN C 591 41.03 38.04 -4.62
N GLU C 592 41.24 38.71 -5.76
CA GLU C 592 40.42 39.88 -6.08
C GLU C 592 38.96 39.51 -6.27
N LEU C 593 38.69 38.34 -6.86
CA LEU C 593 37.31 37.88 -6.99
C LEU C 593 36.66 37.69 -5.62
N PHE C 594 37.42 37.19 -4.66
CA PHE C 594 36.90 37.05 -3.30
C PHE C 594 36.52 38.40 -2.71
N GLU C 595 37.38 39.41 -2.92
CA GLU C 595 37.08 40.75 -2.41
C GLU C 595 35.83 41.32 -3.08
N LYS C 596 35.72 41.14 -4.40
CA LYS C 596 34.53 41.63 -5.10
C LYS C 596 33.27 40.90 -4.63
N ALA C 597 33.37 39.59 -4.42
CA ALA C 597 32.21 38.82 -4.00
C ALA C 597 31.71 39.26 -2.63
N LYS C 598 32.62 39.48 -1.68
CA LYS C 598 32.19 39.89 -0.34
C LYS C 598 31.54 41.27 -0.34
N ASN C 599 32.05 42.19 -1.18
CA ASN C 599 31.44 43.52 -1.26
C ASN C 599 30.01 43.43 -1.79
N GLU C 600 29.78 42.57 -2.79
CA GLU C 600 28.42 42.38 -3.28
C GLU C 600 27.52 41.81 -2.19
N ILE C 601 28.05 40.90 -1.36
CA ILE C 601 27.27 40.34 -0.27
C ILE C 601 26.86 41.43 0.71
N LEU C 602 27.78 42.31 1.06
CA LEU C 602 27.47 43.40 1.97
C LEU C 602 26.42 44.34 1.38
N ASP C 603 26.50 44.57 0.06
CA ASP C 603 25.48 45.39 -0.60
C ASP C 603 24.10 44.76 -0.49
N GLU C 604 24.02 43.44 -0.69
CA GLU C 604 22.74 42.76 -0.58
C GLU C 604 22.21 42.78 0.85
N VAL C 605 23.13 42.74 1.83
CA VAL C 605 22.72 42.87 3.23
C VAL C 605 22.08 44.23 3.47
N ILE C 606 22.69 45.29 2.94
CA ILE C 606 22.13 46.63 3.11
C ILE C 606 20.80 46.75 2.37
N SER C 607 20.73 46.23 1.14
CA SER C 607 19.50 46.30 0.37
C SER C 607 18.36 45.57 1.05
N LEU C 608 18.67 44.55 1.86
CA LEU C 608 17.62 43.84 2.59
C LEU C 608 16.92 44.76 3.59
N SER C 609 17.62 45.78 4.09
CA SER C 609 17.03 46.74 5.01
C SER C 609 16.31 47.87 4.29
N GLN C 610 16.29 47.86 2.96
CA GLN C 610 15.66 48.91 2.17
C GLN C 610 14.25 48.52 1.70
N VAL C 611 13.53 47.77 2.52
CA VAL C 611 12.19 47.30 2.19
C VAL C 611 11.21 48.03 3.09
N THR C 612 10.03 48.34 2.52
CA THR C 612 9.01 49.08 3.25
C THR C 612 8.58 48.30 4.49
N PRO C 613 8.39 48.96 5.63
CA PRO C 613 7.99 48.23 6.84
C PRO C 613 6.65 47.52 6.72
N LYS C 614 5.76 48.02 5.85
CA LYS C 614 4.45 47.39 5.69
C LYS C 614 4.58 45.96 5.22
N HIS C 615 5.48 45.71 4.26
CA HIS C 615 5.67 44.36 3.73
C HIS C 615 6.12 43.40 4.82
N TRP C 616 7.05 43.85 5.67
CA TRP C 616 7.51 43.02 6.78
C TRP C 616 6.38 42.69 7.73
N GLU C 617 5.56 43.69 8.06
CA GLU C 617 4.49 43.48 9.04
C GLU C 617 3.44 42.51 8.50
N GLU C 618 3.08 42.63 7.22
CA GLU C 618 2.10 41.72 6.64
C GLU C 618 2.58 40.28 6.67
N ILE C 619 3.84 40.06 6.28
CA ILE C 619 4.39 38.70 6.26
C ILE C 619 4.47 38.14 7.67
N LEU C 620 4.98 38.94 8.61
CA LEU C 620 5.14 38.48 9.98
C LEU C 620 3.79 38.16 10.63
N GLN C 621 2.80 39.02 10.42
CA GLN C 621 1.48 38.81 11.01
C GLN C 621 0.84 37.53 10.47
N GLN C 622 0.87 37.34 9.15
CA GLN C 622 0.25 36.16 8.55
C GLN C 622 0.95 34.88 8.97
N SER C 623 2.28 34.89 8.99
CA SER C 623 3.03 33.69 9.35
C SER C 623 2.79 33.33 10.82
N LEU C 624 2.87 34.31 11.71
CA LEU C 624 2.68 34.03 13.13
C LEU C 624 1.26 33.56 13.42
N TRP C 625 0.26 34.20 12.80
CA TRP C 625 -1.12 33.80 13.03
C TRP C 625 -1.38 32.37 12.61
N GLU C 626 -0.95 32.00 11.39
CA GLU C 626 -1.17 30.65 10.91
C GLU C 626 -0.38 29.63 11.72
N ARG C 627 0.76 30.03 12.28
CA ARG C 627 1.58 29.11 13.06
C ARG C 627 0.88 28.70 14.35
N VAL C 628 0.13 29.63 14.96
CA VAL C 628 -0.46 29.40 16.27
C VAL C 628 -1.98 29.31 16.24
N SER C 629 -2.61 29.50 15.07
CA SER C 629 -4.07 29.47 15.01
C SER C 629 -4.63 28.10 15.42
N THR C 630 -3.99 27.02 14.95
CA THR C 630 -4.47 25.69 15.28
C THR C 630 -4.40 25.43 16.78
N HIS C 631 -3.26 25.77 17.40
CA HIS C 631 -3.10 25.54 18.83
C HIS C 631 -4.09 26.37 19.65
N VAL C 632 -4.28 27.63 19.25
CA VAL C 632 -5.13 28.53 20.03
C VAL C 632 -6.59 28.04 19.98
N ILE C 633 -7.08 27.76 18.78
CA ILE C 633 -8.50 27.41 18.63
C ILE C 633 -8.77 26.05 19.26
N GLU C 634 -7.97 25.05 18.90
CA GLU C 634 -8.26 23.68 19.32
C GLU C 634 -8.04 23.49 20.81
N ASN C 635 -6.88 23.93 21.32
CA ASN C 635 -6.50 23.63 22.69
C ASN C 635 -7.08 24.61 23.71
N ILE C 636 -7.61 25.76 23.28
CA ILE C 636 -8.10 26.75 24.24
C ILE C 636 -9.56 27.08 23.96
N TYR C 637 -9.86 27.50 22.73
CA TYR C 637 -11.21 27.95 22.41
C TYR C 637 -12.22 26.82 22.54
N LEU C 638 -11.92 25.67 21.95
CA LEU C 638 -12.87 24.55 21.96
C LEU C 638 -13.18 24.04 23.37
N PRO C 639 -12.19 23.75 24.24
CA PRO C 639 -12.56 23.29 25.59
C PRO C 639 -13.38 24.29 26.38
N ALA C 640 -13.10 25.58 26.21
CA ALA C 640 -13.82 26.61 26.96
C ALA C 640 -15.21 26.85 26.41
N ALA C 641 -15.39 26.73 25.09
CA ALA C 641 -16.68 27.00 24.48
C ALA C 641 -17.76 25.99 24.87
N GLN C 642 -17.36 24.83 25.39
CA GLN C 642 -18.34 23.82 25.77
C GLN C 642 -19.26 24.30 26.88
N THR C 643 -18.70 24.97 27.88
CA THR C 643 -19.49 25.46 29.00
C THR C 643 -20.39 26.60 28.56
N MET C 644 -21.61 26.62 29.09
CA MET C 644 -22.57 27.67 28.80
C MET C 644 -22.45 28.87 29.74
N ASN C 645 -21.62 28.77 30.78
CA ASN C 645 -21.44 29.86 31.73
C ASN C 645 -20.35 30.79 31.22
N SER C 646 -20.70 32.05 30.98
CA SER C 646 -19.74 33.01 30.45
C SER C 646 -18.58 33.23 31.42
N GLY C 647 -18.88 33.33 32.71
CA GLY C 647 -17.82 33.55 33.69
C GLY C 647 -16.81 32.42 33.73
N THR C 648 -17.30 31.19 33.76
CA THR C 648 -16.40 30.04 33.73
C THR C 648 -15.64 29.96 32.41
N PHE C 649 -16.33 30.28 31.29
CA PHE C 649 -15.68 30.29 29.99
C PHE C 649 -14.52 31.27 29.96
N ASN C 650 -14.76 32.50 30.43
CA ASN C 650 -13.70 33.51 30.44
C ASN C 650 -12.56 33.10 31.36
N THR C 651 -12.87 32.54 32.53
CA THR C 651 -11.83 32.14 33.47
C THR C 651 -10.93 31.07 32.87
N THR C 652 -11.52 30.08 32.20
CA THR C 652 -10.72 29.04 31.56
C THR C 652 -9.81 29.61 30.49
N VAL C 653 -10.31 30.57 29.70
CA VAL C 653 -9.51 31.18 28.64
C VAL C 653 -8.31 31.91 29.23
N ASP C 654 -8.54 32.69 30.30
CA ASP C 654 -7.45 33.45 30.90
C ASP C 654 -6.37 32.53 31.48
N ILE C 655 -6.79 31.46 32.15
CA ILE C 655 -5.82 30.52 32.73
C ILE C 655 -5.00 29.86 31.63
N LYS C 656 -5.66 29.43 30.56
CA LYS C 656 -4.95 28.79 29.45
C LYS C 656 -3.98 29.76 28.77
N LEU C 657 -4.40 31.02 28.61
CA LEU C 657 -3.54 32.02 27.96
C LEU C 657 -2.26 32.24 28.76
N LYS C 658 -2.39 32.39 30.08
CA LYS C 658 -1.21 32.64 30.90
C LYS C 658 -0.23 31.48 30.84
N GLN C 659 -0.74 30.24 30.92
CA GLN C 659 0.12 29.07 30.89
C GLN C 659 0.87 28.97 29.57
N TRP C 660 0.18 29.20 28.45
CA TRP C 660 0.80 29.08 27.14
C TRP C 660 1.77 30.23 26.89
N THR C 661 1.35 31.47 27.20
CA THR C 661 2.16 32.63 26.87
C THR C 661 3.48 32.66 27.62
N ASP C 662 3.47 32.27 28.91
CA ASP C 662 4.67 32.42 29.73
C ASP C 662 5.79 31.47 29.32
N LYS C 663 5.48 30.40 28.59
CA LYS C 663 6.52 29.43 28.27
C LYS C 663 6.68 29.17 26.78
N GLN C 664 5.59 29.17 26.02
CA GLN C 664 5.63 28.76 24.61
C GLN C 664 5.56 29.92 23.63
N LEU C 665 4.85 30.99 23.96
CA LEU C 665 4.69 32.10 23.01
C LEU C 665 6.00 32.73 22.57
N PRO C 666 6.92 33.12 23.47
CA PRO C 666 8.16 33.74 22.98
C PRO C 666 8.99 32.84 22.08
N ASN C 667 9.01 31.53 22.35
CA ASN C 667 9.77 30.61 21.51
C ASN C 667 9.20 30.56 20.09
N LYS C 668 7.87 30.47 19.98
CA LYS C 668 7.25 30.43 18.65
C LYS C 668 7.45 31.74 17.91
N ALA C 669 7.33 32.88 18.61
CA ALA C 669 7.52 34.17 17.96
C ALA C 669 8.95 34.33 17.43
N VAL C 670 9.94 33.90 18.22
CA VAL C 670 11.34 33.98 17.79
C VAL C 670 11.56 33.11 16.56
N GLU C 671 11.03 31.88 16.57
CA GLU C 671 11.20 31.00 15.44
C GLU C 671 10.52 31.55 14.19
N VAL C 672 9.31 32.10 14.34
CA VAL C 672 8.59 32.64 13.20
C VAL C 672 9.33 33.84 12.62
N ALA C 673 9.77 34.75 13.49
CA ALA C 673 10.51 35.93 13.02
C ALA C 673 11.81 35.54 12.34
N TRP C 674 12.55 34.60 12.93
CA TRP C 674 13.80 34.15 12.32
C TRP C 674 13.56 33.46 10.99
N GLU C 675 12.49 32.66 10.90
CA GLU C 675 12.17 31.99 9.65
C GLU C 675 11.86 32.99 8.54
N THR C 676 11.07 34.01 8.86
CA THR C 676 10.75 35.04 7.87
C THR C 676 12.01 35.77 7.40
N LEU C 677 12.91 36.09 8.34
CA LEU C 677 14.18 36.70 7.96
C LEU C 677 15.00 35.75 7.09
N GLN C 678 14.99 34.46 7.42
CA GLN C 678 15.71 33.48 6.61
C GLN C 678 15.17 33.43 5.19
N GLU C 679 13.84 33.48 5.03
CA GLU C 679 13.24 33.41 3.71
C GLU C 679 13.69 34.57 2.83
N GLU C 680 13.57 35.79 3.35
CA GLU C 680 13.97 36.97 2.58
C GLU C 680 15.46 36.96 2.28
N PHE C 681 16.28 36.65 3.30
CA PHE C 681 17.73 36.68 3.13
C PHE C 681 18.19 35.61 2.14
N SER C 682 17.73 34.37 2.32
CA SER C 682 18.15 33.29 1.43
C SER C 682 17.70 33.53 0.00
N ARG C 683 16.47 34.02 -0.17
CA ARG C 683 15.97 34.30 -1.52
C ARG C 683 16.84 35.34 -2.21
N PHE C 684 17.10 36.46 -1.54
CA PHE C 684 17.92 37.51 -2.13
C PHE C 684 19.31 37.00 -2.51
N MET C 685 19.84 36.03 -1.76
CA MET C 685 21.11 35.42 -2.14
C MET C 685 20.99 34.67 -3.45
N THR C 686 19.80 34.11 -3.74
CA THR C 686 19.62 33.25 -4.90
C THR C 686 18.57 33.79 -5.88
N GLU C 687 18.28 35.09 -5.85
CA GLU C 687 17.38 35.67 -6.82
C GLU C 687 18.03 35.69 -8.20
N PRO C 688 17.45 35.04 -9.21
CA PRO C 688 18.02 35.09 -10.56
C PRO C 688 17.68 36.41 -11.24
N LYS C 689 18.71 37.17 -11.59
CA LYS C 689 18.53 38.48 -12.21
C LYS C 689 18.52 38.31 -13.74
N GLY C 690 17.55 37.54 -14.20
CA GLY C 690 17.38 37.31 -15.62
C GLY C 690 18.56 36.56 -16.21
N LYS C 691 18.81 36.83 -17.50
CA LYS C 691 19.94 36.23 -18.18
C LYS C 691 21.28 36.79 -17.71
N GLU C 692 21.27 37.92 -17.02
CA GLU C 692 22.49 38.56 -16.54
C GLU C 692 23.02 37.93 -15.25
N HIS C 693 22.29 36.99 -14.66
CA HIS C 693 22.73 36.35 -13.43
C HIS C 693 24.03 35.58 -13.64
N ASP C 694 24.96 35.75 -12.70
CA ASP C 694 26.23 35.03 -12.71
C ASP C 694 26.12 33.78 -11.85
N ASP C 695 26.85 32.74 -12.26
CA ASP C 695 26.74 31.43 -11.62
C ASP C 695 27.96 31.05 -10.80
N ILE C 696 29.12 31.68 -11.02
CA ILE C 696 30.30 31.31 -10.27
C ILE C 696 30.16 31.71 -8.80
N PHE C 697 29.53 32.85 -8.53
CA PHE C 697 29.40 33.33 -7.16
C PHE C 697 28.31 32.60 -6.39
N ASP C 698 27.42 31.87 -7.09
CA ASP C 698 26.31 31.21 -6.41
C ASP C 698 26.81 30.16 -5.42
N LYS C 699 27.82 29.38 -5.80
CA LYS C 699 28.36 28.36 -4.90
C LYS C 699 28.92 28.99 -3.63
N LEU C 700 29.67 30.09 -3.77
CA LEU C 700 30.21 30.77 -2.59
C LEU C 700 29.09 31.35 -1.74
N LYS C 701 28.06 31.91 -2.37
CA LYS C 701 26.95 32.50 -1.63
C LYS C 701 26.25 31.44 -0.77
N GLU C 702 26.00 30.26 -1.34
CA GLU C 702 25.32 29.20 -0.60
C GLU C 702 26.16 28.71 0.57
N ALA C 703 27.48 28.57 0.37
CA ALA C 703 28.35 28.11 1.44
C ALA C 703 28.36 29.09 2.60
N VAL C 704 28.48 30.39 2.30
CA VAL C 704 28.47 31.40 3.35
C VAL C 704 27.10 31.45 4.03
N LYS C 705 26.03 31.29 3.25
CA LYS C 705 24.68 31.33 3.81
C LYS C 705 24.47 30.23 4.85
N GLU C 706 24.91 29.01 4.53
CA GLU C 706 24.75 27.91 5.47
C GLU C 706 25.57 28.13 6.74
N GLU C 707 26.81 28.58 6.60
CA GLU C 707 27.66 28.83 7.77
C GLU C 707 27.09 29.96 8.62
N SER C 708 26.61 31.03 7.97
CA SER C 708 26.04 32.15 8.71
C SER C 708 24.81 31.73 9.49
N ILE C 709 23.96 30.90 8.90
CA ILE C 709 22.75 30.45 9.58
C ILE C 709 23.10 29.66 10.84
N LYS C 710 24.13 28.80 10.74
CA LYS C 710 24.54 28.02 11.90
C LYS C 710 25.04 28.92 13.03
N ARG C 711 25.78 29.97 12.69
CA ARG C 711 26.32 30.89 13.69
C ARG C 711 25.29 31.91 14.18
N HIS C 712 24.11 31.95 13.60
CA HIS C 712 23.09 32.91 14.03
C HIS C 712 22.63 32.61 15.45
N LYS C 713 22.45 33.67 16.24
CA LYS C 713 21.99 33.54 17.61
C LYS C 713 21.13 34.74 17.96
N TRP C 714 19.84 34.51 18.21
CA TRP C 714 18.93 35.58 18.54
C TRP C 714 19.15 36.05 19.97
N ASN C 715 18.77 37.31 20.23
CA ASN C 715 18.92 37.88 21.57
C ASN C 715 18.12 37.08 22.58
N ASP C 716 18.76 36.74 23.70
CA ASP C 716 18.10 35.97 24.74
C ASP C 716 17.14 36.82 25.56
N PHE C 717 17.44 38.10 25.72
CA PHE C 717 16.60 38.99 26.51
C PHE C 717 15.33 39.41 25.79
N ALA C 718 15.26 39.22 24.47
CA ALA C 718 14.04 39.57 23.74
C ALA C 718 12.85 38.74 24.17
N GLU C 719 13.06 37.44 24.44
CA GLU C 719 11.96 36.58 24.85
C GLU C 719 11.36 37.05 26.17
N ASP C 720 12.20 37.35 27.16
CA ASP C 720 11.70 37.81 28.45
C ASP C 720 11.00 39.15 28.34
N SER C 721 11.56 40.08 27.56
CA SER C 721 10.94 41.39 27.39
C SER C 721 9.58 41.27 26.70
N LEU C 722 9.52 40.46 25.63
CA LEU C 722 8.27 40.34 24.88
C LEU C 722 7.17 39.67 25.70
N ARG C 723 7.53 38.76 26.60
CA ARG C 723 6.54 38.06 27.41
C ARG C 723 5.67 39.07 28.18
N VAL C 724 6.31 40.05 28.81
CA VAL C 724 5.56 41.08 29.52
C VAL C 724 4.81 41.97 28.54
N ILE C 725 5.41 42.24 27.37
CA ILE C 725 4.82 43.18 26.42
C ILE C 725 3.46 42.68 25.94
N GLN C 726 3.41 41.43 25.47
CA GLN C 726 2.14 40.89 25.01
C GLN C 726 1.20 40.55 26.15
N HIS C 727 1.71 40.29 27.36
CA HIS C 727 0.85 40.04 28.50
C HIS C 727 0.00 41.28 28.81
N ASN C 728 0.64 42.45 28.85
CA ASN C 728 -0.11 43.69 29.10
C ASN C 728 -1.02 44.03 27.93
N ALA C 729 -0.57 43.75 26.70
CA ALA C 729 -1.39 44.04 25.53
C ALA C 729 -2.68 43.24 25.54
N LEU C 730 -2.61 41.96 25.90
CA LEU C 730 -3.79 41.11 25.91
C LEU C 730 -4.66 41.33 27.14
N GLU C 731 -4.16 42.04 28.16
CA GLU C 731 -4.94 42.23 29.38
C GLU C 731 -6.09 43.21 29.20
N ASP C 732 -6.07 44.01 28.14
CA ASP C 732 -7.17 44.95 27.90
C ASP C 732 -8.44 44.21 27.50
N ARG C 733 -9.58 44.77 27.91
CA ARG C 733 -10.88 44.16 27.65
C ARG C 733 -11.90 45.17 27.14
N SER C 734 -11.46 46.29 26.59
CA SER C 734 -12.36 47.34 26.12
C SER C 734 -12.04 47.66 24.66
N ILE C 735 -13.07 47.67 23.83
CA ILE C 735 -12.96 47.99 22.40
C ILE C 735 -13.61 49.35 22.20
N SER C 736 -12.80 50.39 22.08
CA SER C 736 -13.32 51.75 21.94
C SER C 736 -13.61 52.13 20.50
N ASP C 737 -13.21 51.32 19.53
CA ASP C 737 -13.36 51.63 18.12
C ASP C 737 -14.43 50.74 17.49
N LYS C 738 -15.36 51.36 16.78
CA LYS C 738 -16.38 50.60 16.06
C LYS C 738 -15.76 49.76 14.94
N GLN C 739 -14.79 50.33 14.22
CA GLN C 739 -14.15 49.61 13.13
C GLN C 739 -13.35 48.41 13.64
N GLN C 740 -12.77 48.52 14.83
CA GLN C 740 -12.05 47.39 15.41
C GLN C 740 -13.00 46.21 15.66
N TRP C 741 -14.21 46.50 16.15
CA TRP C 741 -15.20 45.45 16.34
C TRP C 741 -15.56 44.78 15.03
N ASP C 742 -15.76 45.59 13.98
CA ASP C 742 -16.05 45.03 12.66
C ASP C 742 -14.89 44.22 12.13
N ALA C 743 -13.66 44.71 12.33
CA ALA C 743 -12.48 43.99 11.87
C ALA C 743 -12.35 42.63 12.56
N ALA C 744 -12.63 42.59 13.87
CA ALA C 744 -12.59 41.32 14.59
C ALA C 744 -13.62 40.34 14.05
N ILE C 745 -14.80 40.83 13.70
CA ILE C 745 -15.84 39.97 13.12
C ILE C 745 -15.35 39.38 11.81
N TYR C 746 -14.77 40.21 10.94
CA TYR C 746 -14.26 39.72 9.67
C TYR C 746 -13.12 38.73 9.88
N PHE C 747 -12.23 39.02 10.82
CA PHE C 747 -11.13 38.11 11.11
C PHE C 747 -11.64 36.77 11.63
N MET C 748 -12.65 36.81 12.51
CA MET C 748 -13.25 35.57 13.01
C MET C 748 -13.90 34.79 11.88
N GLU C 749 -14.58 35.48 10.96
CA GLU C 749 -15.25 34.80 9.86
C GLU C 749 -14.25 34.06 8.98
N GLU C 750 -13.13 34.69 8.66
CA GLU C 750 -12.11 34.04 7.83
C GLU C 750 -11.55 32.81 8.52
N ALA C 751 -11.23 32.92 9.82
CA ALA C 751 -10.69 31.78 10.55
C ALA C 751 -11.74 30.68 10.66
N LEU C 752 -12.99 31.03 10.94
CA LEU C 752 -14.04 30.02 11.06
C LEU C 752 -14.28 29.33 9.72
N GLN C 753 -14.25 30.08 8.62
CA GLN C 753 -14.49 29.49 7.30
C GLN C 753 -13.40 28.48 6.95
N ALA C 754 -12.14 28.78 7.28
CA ALA C 754 -11.06 27.85 7.00
C ALA C 754 -11.25 26.55 7.78
N ARG C 755 -11.57 26.66 9.07
CA ARG C 755 -11.83 25.46 9.88
C ARG C 755 -13.06 24.72 9.37
N LEU C 756 -14.10 25.47 8.99
CA LEU C 756 -15.32 24.84 8.48
C LEU C 756 -15.03 24.07 7.19
N LYS C 757 -14.22 24.63 6.30
CA LYS C 757 -13.88 23.95 5.05
C LYS C 757 -13.15 22.64 5.31
N ASP C 758 -12.22 22.64 6.28
CA ASP C 758 -11.55 21.39 6.65
C ASP C 758 -12.53 20.37 7.20
N THR C 759 -13.47 20.82 8.04
CA THR C 759 -14.48 19.92 8.58
C THR C 759 -15.37 19.38 7.46
N GLU C 760 -15.75 20.23 6.52
CA GLU C 760 -16.57 19.77 5.39
C GLU C 760 -15.82 18.75 4.56
N ASN C 761 -14.52 18.97 4.33
CA ASN C 761 -13.73 18.02 3.55
C ASN C 761 -13.69 16.64 4.23
N ALA C 762 -13.48 16.62 5.54
CA ALA C 762 -13.50 15.34 6.26
C ALA C 762 -14.87 14.68 6.19
N ILE C 763 -15.93 15.47 6.36
CA ILE C 763 -17.29 14.92 6.27
C ILE C 763 -17.56 14.41 4.87
N GLU C 764 -17.16 15.17 3.85
CA GLU C 764 -17.37 14.75 2.47
C GLU C 764 -16.61 13.46 2.17
N ASN C 765 -15.38 13.33 2.69
CA ASN C 765 -14.61 12.12 2.48
C ASN C 765 -15.32 10.91 3.11
N MET C 766 -15.88 11.09 4.31
CA MET C 766 -16.53 9.97 4.99
C MET C 766 -17.89 9.65 4.38
N VAL C 767 -18.53 10.62 3.72
CA VAL C 767 -19.88 10.42 3.22
C VAL C 767 -19.91 10.50 1.70
N GLY C 768 -19.51 11.65 1.15
CA GLY C 768 -19.54 11.85 -0.29
C GLY C 768 -20.39 13.03 -0.68
N PRO C 769 -20.57 13.23 -1.99
CA PRO C 769 -21.39 14.35 -2.47
C PRO C 769 -22.88 14.09 -2.25
N ASP C 770 -23.64 15.17 -2.31
CA ASP C 770 -25.08 15.09 -2.15
C ASP C 770 -25.71 14.29 -3.28
N TRP C 771 -26.90 13.74 -3.01
CA TRP C 771 -27.59 12.93 -4.00
C TRP C 771 -27.85 13.70 -5.28
N LYS C 772 -28.19 14.99 -5.16
CA LYS C 772 -28.30 15.85 -6.34
C LYS C 772 -26.96 15.96 -7.05
N LYS C 773 -25.89 16.21 -6.29
CA LYS C 773 -24.57 16.39 -6.89
C LYS C 773 -24.02 15.08 -7.43
N ARG C 774 -24.15 13.99 -6.67
CA ARG C 774 -23.64 12.71 -7.13
C ARG C 774 -24.37 12.23 -8.38
N TRP C 775 -25.64 12.62 -8.56
CA TRP C 775 -26.34 12.32 -9.79
C TRP C 775 -25.76 13.09 -10.96
N LEU C 776 -25.42 14.37 -10.73
CA LEU C 776 -24.82 15.19 -11.79
C LEU C 776 -23.46 14.63 -12.20
N TYR C 777 -22.65 14.22 -11.23
CA TYR C 777 -21.32 13.70 -11.50
C TYR C 777 -21.30 12.20 -11.76
N TRP C 778 -22.46 11.53 -11.69
CA TRP C 778 -22.58 10.10 -11.93
C TRP C 778 -21.70 9.26 -11.00
N LYS C 779 -21.60 9.66 -9.74
CA LYS C 779 -20.84 8.93 -8.73
C LYS C 779 -21.79 8.22 -7.78
N ASN C 780 -21.46 6.97 -7.45
CA ASN C 780 -22.28 6.15 -6.57
C ASN C 780 -21.58 5.95 -5.23
N ARG C 781 -22.33 6.16 -4.15
CA ARG C 781 -21.79 6.00 -2.81
C ARG C 781 -21.47 4.54 -2.53
N THR C 782 -20.39 4.33 -1.77
CA THR C 782 -20.04 3.00 -1.32
C THR C 782 -20.97 2.56 -0.20
N GLN C 783 -20.93 1.26 0.12
CA GLN C 783 -21.75 0.73 1.21
C GLN C 783 -21.42 1.39 2.53
N GLU C 784 -20.12 1.56 2.83
CA GLU C 784 -19.73 2.25 4.04
C GLU C 784 -20.13 3.72 4.00
N GLN C 785 -20.01 4.36 2.84
CA GLN C 785 -20.41 5.76 2.70
C GLN C 785 -21.91 5.92 2.97
N CYS C 786 -22.73 5.02 2.44
CA CYS C 786 -24.16 5.06 2.73
C CYS C 786 -24.44 4.83 4.21
N VAL C 787 -23.67 3.95 4.85
CA VAL C 787 -23.83 3.73 6.29
C VAL C 787 -23.55 5.02 7.05
N HIS C 788 -22.48 5.73 6.68
CA HIS C 788 -22.16 7.00 7.33
C HIS C 788 -23.26 8.03 7.08
N ASN C 789 -23.84 8.04 5.88
CA ASN C 789 -24.92 8.96 5.58
C ASN C 789 -26.12 8.73 6.48
N GLU C 790 -26.49 7.47 6.69
CA GLU C 790 -27.61 7.16 7.59
C GLU C 790 -27.31 7.59 9.01
N THR C 791 -26.08 7.38 9.48
CA THR C 791 -25.68 7.86 10.80
C THR C 791 -25.78 9.38 10.88
N LYS C 792 -25.42 10.06 9.80
CA LYS C 792 -25.52 11.53 9.79
C LYS C 792 -26.96 11.99 9.97
N ASN C 793 -27.91 11.32 9.31
CA ASN C 793 -29.31 11.69 9.47
C ASN C 793 -29.78 11.49 10.90
N GLU C 794 -29.35 10.39 11.54
CA GLU C 794 -29.72 10.16 12.94
C GLU C 794 -29.17 11.25 13.84
N LEU C 795 -27.91 11.62 13.63
CA LEU C 795 -27.31 12.69 14.42
C LEU C 795 -27.98 14.03 14.14
N GLU C 796 -28.45 14.23 12.91
CA GLU C 796 -29.16 15.45 12.57
C GLU C 796 -30.43 15.60 13.41
N LYS C 797 -31.22 14.53 13.50
CA LYS C 797 -32.45 14.58 14.28
C LYS C 797 -32.15 14.76 15.76
N MET C 798 -31.12 14.08 16.26
CA MET C 798 -30.75 14.21 17.67
C MET C 798 -30.33 15.64 18.01
N LEU C 799 -29.53 16.25 17.15
CA LEU C 799 -29.09 17.63 17.41
C LEU C 799 -30.23 18.61 17.23
N LYS C 800 -31.14 18.35 16.29
CA LYS C 800 -32.28 19.25 16.09
C LYS C 800 -33.20 19.28 17.30
N CYS C 801 -33.47 18.12 17.90
CA CYS C 801 -34.34 18.08 19.06
C CYS C 801 -33.70 18.77 20.27
N ASN C 802 -32.44 18.44 20.55
CA ASN C 802 -31.70 19.02 21.66
C ASN C 802 -30.63 19.95 21.07
N GLU C 803 -30.99 21.23 20.94
CA GLU C 803 -30.07 22.21 20.35
C GLU C 803 -28.90 22.56 21.25
N GLU C 804 -28.92 22.13 22.52
CA GLU C 804 -27.85 22.42 23.47
C GLU C 804 -27.32 21.13 24.06
N HIS C 805 -27.13 20.12 23.22
CA HIS C 805 -26.60 18.85 23.68
C HIS C 805 -25.12 18.98 24.04
N PRO C 806 -24.67 18.32 25.10
CA PRO C 806 -23.25 18.37 25.45
C PRO C 806 -22.39 17.66 24.41
N ALA C 807 -21.13 18.09 24.33
CA ALA C 807 -20.20 17.53 23.34
C ALA C 807 -19.96 16.05 23.59
N TYR C 808 -19.80 15.65 24.85
CA TYR C 808 -19.51 14.26 25.17
C TYR C 808 -20.75 13.39 24.93
N LEU C 809 -20.52 12.09 24.82
CA LEU C 809 -21.56 11.12 24.53
C LEU C 809 -21.78 10.19 25.72
N ALA C 810 -22.85 9.40 25.63
CA ALA C 810 -23.20 8.43 26.66
C ALA C 810 -23.53 7.10 26.02
N SER C 811 -23.35 6.02 26.79
CA SER C 811 -23.55 4.68 26.25
C SER C 811 -24.99 4.45 25.82
N ASP C 812 -25.96 4.90 26.63
CA ASP C 812 -27.36 4.69 26.30
C ASP C 812 -27.75 5.43 25.02
N GLU C 813 -27.11 6.58 24.75
CA GLU C 813 -27.35 7.28 23.49
C GLU C 813 -26.88 6.43 22.30
N ILE C 814 -25.73 5.76 22.45
CA ILE C 814 -25.24 4.88 21.39
C ILE C 814 -26.23 3.74 21.15
N THR C 815 -26.75 3.18 22.23
CA THR C 815 -27.73 2.07 22.11
C THR C 815 -28.92 2.56 21.29
N THR C 816 -29.52 3.69 21.68
CA THR C 816 -30.68 4.26 20.94
C THR C 816 -30.32 4.39 19.46
N VAL C 817 -29.20 5.03 19.15
CA VAL C 817 -28.83 5.24 17.75
C VAL C 817 -28.67 3.90 17.03
N ARG C 818 -28.01 2.95 17.68
CA ARG C 818 -27.78 1.65 17.06
C ARG C 818 -29.09 0.93 16.75
N LYS C 819 -30.05 1.04 17.68
CA LYS C 819 -31.38 0.38 17.48
C LYS C 819 -32.04 0.96 16.22
N ASN C 820 -32.02 2.28 16.07
CA ASN C 820 -32.66 2.93 14.89
C ASN C 820 -31.93 2.47 13.63
N LEU C 821 -30.61 2.26 13.71
CA LEU C 821 -29.89 1.74 12.56
C LEU C 821 -30.32 0.31 12.25
N GLU C 822 -30.53 -0.51 13.28
CA GLU C 822 -31.02 -1.87 13.06
C GLU C 822 -32.43 -1.86 12.47
N SER C 823 -33.24 -0.87 12.85
CA SER C 823 -34.54 -0.71 12.21
C SER C 823 -34.41 -0.45 10.73
N ARG C 824 -33.30 0.17 10.31
CA ARG C 824 -32.98 0.33 8.89
C ARG C 824 -32.17 -0.82 8.33
N GLY C 825 -31.93 -1.86 9.12
CA GLY C 825 -31.11 -2.98 8.68
C GLY C 825 -29.65 -2.63 8.50
N VAL C 826 -29.11 -1.80 9.38
CA VAL C 826 -27.71 -1.39 9.34
C VAL C 826 -27.10 -1.65 10.71
N GLU C 827 -25.95 -2.31 10.73
CA GLU C 827 -25.22 -2.57 11.97
C GLU C 827 -23.96 -1.72 12.00
N VAL C 828 -23.85 -0.88 13.03
CA VAL C 828 -22.72 0.05 13.17
C VAL C 828 -22.13 -0.10 14.55
N ASP C 829 -20.78 -0.19 14.61
CA ASP C 829 -20.04 -0.27 15.87
C ASP C 829 -20.09 1.06 16.60
N PRO C 830 -20.06 1.04 17.94
CA PRO C 830 -20.10 2.30 18.70
C PRO C 830 -18.95 3.24 18.38
N SER C 831 -17.78 2.71 18.02
CA SER C 831 -16.63 3.55 17.71
C SER C 831 -16.91 4.45 16.51
N LEU C 832 -17.52 3.89 15.46
CA LEU C 832 -17.83 4.66 14.28
C LEU C 832 -18.84 5.77 14.60
N ILE C 833 -19.84 5.46 15.43
CA ILE C 833 -20.83 6.45 15.81
C ILE C 833 -20.19 7.62 16.54
N LYS C 834 -19.25 7.31 17.44
CA LYS C 834 -18.56 8.37 18.18
C LYS C 834 -17.76 9.26 17.26
N ASP C 835 -17.05 8.67 16.28
CA ASP C 835 -16.27 9.47 15.35
C ASP C 835 -17.16 10.36 14.51
N THR C 836 -18.27 9.81 14.00
CA THR C 836 -19.20 10.62 13.22
C THR C 836 -19.81 11.73 14.06
N TRP C 837 -20.16 11.43 15.31
CA TRP C 837 -20.73 12.43 16.19
C TRP C 837 -19.77 13.59 16.43
N HIS C 838 -18.47 13.27 16.60
CA HIS C 838 -17.48 14.31 16.82
C HIS C 838 -17.41 15.28 15.63
N GLN C 839 -17.38 14.74 14.41
CA GLN C 839 -17.34 15.59 13.23
C GLN C 839 -18.62 16.39 13.08
N VAL C 840 -19.77 15.76 13.33
CA VAL C 840 -21.05 16.46 13.20
C VAL C 840 -21.15 17.57 14.22
N TYR C 841 -20.76 17.31 15.47
CA TYR C 841 -20.81 18.35 16.50
C TYR C 841 -19.90 19.51 16.17
N ARG C 842 -18.70 19.23 15.65
CA ARG C 842 -17.79 20.30 15.27
C ARG C 842 -18.40 21.17 14.17
N ARG C 843 -18.99 20.55 13.15
CA ARG C 843 -19.63 21.31 12.09
C ARG C 843 -20.81 22.11 12.62
N HIS C 844 -21.63 21.50 13.48
CA HIS C 844 -22.76 22.20 14.06
C HIS C 844 -22.31 23.38 14.91
N PHE C 845 -21.27 23.20 15.71
CA PHE C 845 -20.78 24.28 16.55
C PHE C 845 -20.25 25.45 15.73
N LEU C 846 -19.54 25.15 14.64
CA LEU C 846 -19.04 26.21 13.76
C LEU C 846 -20.18 26.99 13.13
N LYS C 847 -21.22 26.30 12.67
CA LYS C 847 -22.40 26.97 12.13
C LYS C 847 -23.09 27.82 13.19
N THR C 848 -23.16 27.31 14.42
CA THR C 848 -23.74 28.07 15.52
C THR C 848 -22.94 29.35 15.78
N ALA C 849 -21.61 29.25 15.73
CA ALA C 849 -20.77 30.44 15.90
C ALA C 849 -21.01 31.44 14.79
N LEU C 850 -21.19 30.96 13.56
CA LEU C 850 -21.47 31.86 12.44
C LEU C 850 -22.78 32.62 12.66
N ASN C 851 -23.81 31.93 13.14
CA ASN C 851 -25.07 32.60 13.48
C ASN C 851 -24.86 33.60 14.61
N HIS C 852 -24.02 33.25 15.58
CA HIS C 852 -23.70 34.19 16.66
C HIS C 852 -23.01 35.44 16.11
N CYS C 853 -22.14 35.27 15.12
CA CYS C 853 -21.47 36.42 14.50
C CYS C 853 -22.48 37.35 13.84
N ASN C 854 -23.47 36.79 13.15
CA ASN C 854 -24.50 37.61 12.51
C ASN C 854 -25.29 38.39 13.56
N LEU C 855 -25.65 37.74 14.67
CA LEU C 855 -26.36 38.44 15.74
C LEU C 855 -25.47 39.50 16.38
N CYS C 856 -24.19 39.18 16.58
CA CYS C 856 -23.27 40.12 17.22
C CYS C 856 -22.80 41.22 16.29
N ARG C 857 -23.20 41.19 15.01
CA ARG C 857 -22.78 42.22 14.07
C ARG C 857 -23.29 43.59 14.50
N ARG C 858 -24.54 43.66 14.95
CA ARG C 858 -25.14 44.92 15.40
C ARG C 858 -25.14 45.03 16.93
N GLY C 859 -24.35 44.19 17.60
CA GLY C 859 -24.26 44.20 19.05
C GLY C 859 -23.26 45.18 19.63
N PHE C 860 -22.54 45.93 18.79
CA PHE C 860 -21.59 46.91 19.31
C PHE C 860 -22.31 48.01 20.09
N TYR C 861 -23.47 48.44 19.60
CA TYR C 861 -24.23 49.47 20.30
C TYR C 861 -24.66 49.00 21.68
N TYR C 862 -25.11 47.74 21.78
CA TYR C 862 -25.46 47.18 23.08
C TYR C 862 -24.23 47.10 23.99
N TYR C 863 -23.10 46.68 23.44
CA TYR C 863 -21.87 46.62 24.23
C TYR C 863 -21.41 48.00 24.68
N GLN C 864 -21.69 49.03 23.87
CA GLN C 864 -21.31 50.39 24.22
C GLN C 864 -21.96 50.87 25.51
N ARG C 865 -23.15 50.37 25.84
CA ARG C 865 -23.85 50.73 27.06
C ARG C 865 -23.64 49.72 28.17
N HIS C 866 -22.71 48.77 27.99
CA HIS C 866 -22.41 47.74 28.99
C HIS C 866 -23.66 46.95 29.37
N PHE C 867 -24.39 46.50 28.34
CA PHE C 867 -25.62 45.72 28.53
C PHE C 867 -25.25 44.28 28.91
N VAL C 868 -24.73 44.14 30.13
CA VAL C 868 -24.36 42.81 30.63
C VAL C 868 -25.58 41.92 30.78
N ASP C 869 -26.71 42.50 31.20
CA ASP C 869 -27.93 41.72 31.36
C ASP C 869 -28.43 41.16 30.03
N SER C 870 -28.09 41.83 28.92
CA SER C 870 -28.50 41.35 27.60
C SER C 870 -27.82 40.03 27.29
N GLU C 871 -28.55 39.12 26.65
CA GLU C 871 -28.02 37.80 26.34
C GLU C 871 -27.00 37.82 25.22
N LEU C 872 -26.85 38.94 24.51
CA LEU C 872 -25.89 39.04 23.41
C LEU C 872 -24.49 39.36 23.95
N GLU C 873 -23.98 38.44 24.76
CA GLU C 873 -22.65 38.56 25.36
C GLU C 873 -21.62 38.02 24.38
N CYS C 874 -21.16 38.90 23.48
CA CYS C 874 -20.21 38.53 22.45
C CYS C 874 -18.80 38.43 23.04
N ASN C 875 -18.64 37.43 23.91
CA ASN C 875 -17.33 37.18 24.52
C ASN C 875 -16.30 36.75 23.49
N ASP C 876 -16.71 35.92 22.53
CA ASP C 876 -15.78 35.43 21.52
C ASP C 876 -15.24 36.57 20.67
N VAL C 877 -16.09 37.53 20.30
CA VAL C 877 -15.66 38.65 19.48
C VAL C 877 -14.60 39.47 20.22
N VAL C 878 -14.83 39.73 21.51
CA VAL C 878 -13.85 40.47 22.31
C VAL C 878 -12.53 39.71 22.39
N LEU C 879 -12.60 38.40 22.62
CA LEU C 879 -11.38 37.61 22.72
C LEU C 879 -10.59 37.62 21.42
N PHE C 880 -11.28 37.44 20.29
CA PHE C 880 -10.60 37.48 19.00
C PHE C 880 -10.00 38.86 18.73
N TRP C 881 -10.73 39.92 19.11
CA TRP C 881 -10.20 41.27 18.95
C TRP C 881 -8.92 41.46 19.75
N ARG C 882 -8.87 40.90 20.96
CA ARG C 882 -7.63 40.95 21.75
C ARG C 882 -6.50 40.23 21.04
N ILE C 883 -6.79 39.07 20.45
CA ILE C 883 -5.75 38.32 19.72
C ILE C 883 -5.27 39.12 18.52
N GLN C 884 -6.21 39.71 17.77
CA GLN C 884 -5.83 40.50 16.59
C GLN C 884 -4.99 41.71 16.99
N ARG C 885 -5.37 42.40 18.06
CA ARG C 885 -4.58 43.53 18.54
C ARG C 885 -3.20 43.08 19.00
N MET C 886 -3.13 41.93 19.68
CA MET C 886 -1.84 41.40 20.12
C MET C 886 -0.95 41.06 18.93
N LEU C 887 -1.54 40.49 17.88
CA LEU C 887 -0.76 40.15 16.70
C LEU C 887 -0.18 41.39 16.03
N ALA C 888 -0.97 42.46 15.94
CA ALA C 888 -0.49 43.70 15.34
C ALA C 888 0.68 44.28 16.12
N ILE C 889 0.57 44.29 17.45
CA ILE C 889 1.67 44.79 18.28
C ILE C 889 2.89 43.88 18.12
N THR C 890 2.69 42.56 18.15
CA THR C 890 3.80 41.63 18.01
C THR C 890 4.50 41.79 16.66
N ALA C 891 3.72 41.94 15.59
CA ALA C 891 4.31 42.11 14.26
C ALA C 891 5.16 43.37 14.19
N ASN C 892 4.64 44.48 14.73
CA ASN C 892 5.40 45.73 14.72
C ASN C 892 6.66 45.62 15.56
N THR C 893 6.54 45.02 16.75
CA THR C 893 7.70 44.87 17.62
C THR C 893 8.77 43.99 17.00
N LEU C 894 8.37 42.87 16.38
CA LEU C 894 9.33 42.01 15.71
C LEU C 894 9.97 42.71 14.52
N ARG C 895 9.19 43.49 13.78
CA ARG C 895 9.73 44.21 12.64
C ARG C 895 10.80 45.20 13.07
N GLN C 896 10.55 45.93 14.16
CA GLN C 896 11.56 46.86 14.68
C GLN C 896 12.80 46.13 15.15
N GLN C 897 12.62 45.01 15.87
CA GLN C 897 13.77 44.24 16.33
C GLN C 897 14.57 43.68 15.16
N LEU C 898 13.88 43.17 14.13
CA LEU C 898 14.58 42.66 12.96
C LEU C 898 15.36 43.77 12.26
N THR C 899 14.77 44.95 12.14
CA THR C 899 15.40 46.04 11.40
C THR C 899 16.60 46.61 12.15
N ASN C 900 16.62 46.51 13.48
CA ASN C 900 17.67 47.14 14.28
C ASN C 900 18.52 46.15 15.05
N THR C 901 17.90 45.26 15.84
CA THR C 901 18.66 44.43 16.77
C THR C 901 19.55 43.41 16.06
N GLU C 902 19.00 42.69 15.09
CA GLU C 902 19.71 41.55 14.50
C GLU C 902 20.54 41.90 13.27
N VAL C 903 20.40 43.12 12.74
CA VAL C 903 21.21 43.51 11.59
C VAL C 903 22.69 43.55 11.96
N ARG C 904 23.02 44.11 13.12
CA ARG C 904 24.41 44.18 13.55
C ARG C 904 25.01 42.80 13.77
N ARG C 905 24.23 41.88 14.36
CA ARG C 905 24.72 40.52 14.56
C ARG C 905 24.95 39.81 13.23
N LEU C 906 24.05 40.02 12.27
CA LEU C 906 24.23 39.44 10.94
C LEU C 906 25.52 39.94 10.30
N GLU C 907 25.77 41.25 10.39
CA GLU C 907 27.00 41.81 9.84
C GLU C 907 28.23 41.24 10.53
N LYS C 908 28.18 41.09 11.85
CA LYS C 908 29.32 40.56 12.59
C LYS C 908 29.63 39.13 12.16
N ASN C 909 28.59 38.30 12.02
CA ASN C 909 28.81 36.91 11.63
C ASN C 909 29.35 36.82 10.21
N VAL C 910 28.88 37.69 9.31
CA VAL C 910 29.38 37.67 7.94
C VAL C 910 30.87 37.98 7.90
N LYS C 911 31.31 38.98 8.68
CA LYS C 911 32.72 39.34 8.70
C LYS C 911 33.58 38.20 9.21
N GLU C 912 33.13 37.51 10.27
CA GLU C 912 33.89 36.39 10.80
C GLU C 912 34.03 35.28 9.78
N VAL C 913 32.94 34.96 9.07
CA VAL C 913 32.98 33.89 8.07
C VAL C 913 33.95 34.24 6.95
N LEU C 914 33.92 35.50 6.50
CA LEU C 914 34.81 35.91 5.40
C LEU C 914 36.27 35.80 5.81
N GLU C 915 36.60 36.19 7.04
CA GLU C 915 37.99 36.10 7.49
C GLU C 915 38.46 34.64 7.53
N ASP C 916 37.61 33.74 8.03
CA ASP C 916 37.97 32.32 8.05
C ASP C 916 38.13 31.78 6.64
N PHE C 917 37.23 32.16 5.73
CA PHE C 917 37.35 31.72 4.34
C PHE C 917 38.60 32.28 3.68
N ALA C 918 38.94 33.53 4.00
CA ALA C 918 40.13 34.15 3.41
C ALA C 918 41.40 33.41 3.80
N GLU C 919 41.48 32.92 5.03
CA GLU C 919 42.68 32.20 5.48
C GLU C 919 42.79 30.80 4.90
N ASP C 920 41.75 30.30 4.26
CA ASP C 920 41.76 28.96 3.66
C ASP C 920 41.60 29.11 2.15
N GLY C 921 42.74 29.07 1.43
CA GLY C 921 42.70 29.19 -0.01
C GLY C 921 42.15 27.97 -0.71
N GLU C 922 42.24 26.80 -0.07
CA GLU C 922 41.73 25.57 -0.69
C GLU C 922 40.23 25.65 -0.92
N LYS C 923 39.48 26.19 0.05
CA LYS C 923 38.04 26.36 -0.13
C LYS C 923 37.73 27.28 -1.30
N LYS C 924 38.53 28.34 -1.46
CA LYS C 924 38.34 29.25 -2.59
C LYS C 924 38.54 28.53 -3.92
N ILE C 925 39.56 27.68 -4.01
CA ILE C 925 39.83 26.96 -5.25
C ILE C 925 38.66 26.05 -5.60
N LYS C 926 38.13 25.33 -4.61
CA LYS C 926 36.97 24.46 -4.86
C LYS C 926 35.75 25.28 -5.27
N LEU C 927 35.52 26.42 -4.60
CA LEU C 927 34.35 27.23 -4.89
C LEU C 927 34.49 28.02 -6.19
N LEU C 928 35.70 28.45 -6.53
CA LEU C 928 35.93 29.27 -7.72
C LEU C 928 36.37 28.35 -8.86
N THR C 929 35.40 27.85 -9.61
CA THR C 929 35.65 27.04 -10.79
C THR C 929 34.79 27.57 -11.93
N GLY C 930 35.43 28.09 -12.96
CA GLY C 930 34.70 28.65 -14.09
C GLY C 930 35.65 29.08 -15.18
N LYS C 931 35.07 29.30 -16.37
CA LYS C 931 35.87 29.70 -17.52
C LYS C 931 36.58 31.02 -17.26
N ARG C 932 35.86 31.99 -16.69
CA ARG C 932 36.47 33.29 -16.40
C ARG C 932 37.62 33.16 -15.41
N VAL C 933 37.45 32.33 -14.38
CA VAL C 933 38.50 32.16 -13.37
C VAL C 933 39.75 31.54 -14.00
N GLN C 934 39.57 30.47 -14.77
CA GLN C 934 40.72 29.81 -15.37
C GLN C 934 41.44 30.71 -16.38
N LEU C 935 40.67 31.45 -17.18
CA LEU C 935 41.28 32.34 -18.16
C LEU C 935 42.14 33.41 -17.49
N ALA C 936 41.63 34.00 -16.40
CA ALA C 936 42.39 35.03 -15.69
C ALA C 936 43.66 34.44 -15.07
N GLU C 937 43.55 33.27 -14.45
CA GLU C 937 44.72 32.66 -13.81
C GLU C 937 45.77 32.29 -14.84
N ASP C 938 45.36 31.69 -15.95
CA ASP C 938 46.32 31.32 -17.00
C ASP C 938 46.98 32.54 -17.62
N LEU C 939 46.19 33.60 -17.86
CA LEU C 939 46.74 34.82 -18.44
C LEU C 939 47.78 35.44 -17.50
N LYS C 940 47.49 35.45 -16.20
CA LYS C 940 48.45 35.98 -15.23
C LYS C 940 49.75 35.18 -15.25
N LYS C 941 49.64 33.86 -15.26
CA LYS C 941 50.84 33.02 -15.25
C LYS C 941 51.64 33.19 -16.54
N VAL C 942 50.95 33.19 -17.68
CA VAL C 942 51.64 33.32 -18.97
C VAL C 942 52.31 34.69 -19.07
N ARG C 943 51.61 35.76 -18.66
CA ARG C 943 52.18 37.09 -18.71
C ARG C 943 53.39 37.21 -17.78
N GLU C 944 53.30 36.61 -16.59
CA GLU C 944 54.42 36.63 -15.66
C GLU C 944 55.65 35.92 -16.25
N ILE C 945 55.44 34.77 -16.88
CA ILE C 945 56.54 34.07 -17.53
C ILE C 945 57.11 34.90 -18.66
N GLN C 946 56.23 35.52 -19.46
CA GLN C 946 56.70 36.33 -20.59
C GLN C 946 57.52 37.52 -20.11
N GLU C 947 57.10 38.16 -19.03
CA GLU C 947 57.86 39.30 -18.50
C GLU C 947 59.25 38.86 -18.06
N LYS C 948 59.35 37.70 -17.40
CA LYS C 948 60.66 37.18 -17.02
C LYS C 948 61.51 36.88 -18.24
N LEU C 949 60.90 36.32 -19.29
CA LEU C 949 61.65 36.02 -20.50
C LEU C 949 62.18 37.28 -21.16
N ASP C 950 61.36 38.34 -21.19
CA ASP C 950 61.81 39.60 -21.77
C ASP C 950 63.00 40.17 -21.01
N ALA C 951 62.93 40.15 -19.68
CA ALA C 951 64.04 40.65 -18.87
C ALA C 951 65.31 39.82 -19.10
N PHE C 952 65.15 38.50 -19.18
CA PHE C 952 66.31 37.64 -19.41
C PHE C 952 66.93 37.89 -20.77
N ILE C 953 66.09 38.03 -21.81
CA ILE C 953 66.62 38.25 -23.15
C ILE C 953 67.31 39.62 -23.25
N GLU C 954 66.66 40.66 -22.73
CA GLU C 954 67.24 42.00 -22.83
C GLU C 954 68.57 42.09 -22.07
N ALA C 955 68.62 41.54 -20.85
CA ALA C 955 69.85 41.58 -20.09
C ALA C 955 70.96 40.78 -20.77
N LEU C 956 70.61 39.63 -21.36
CA LEU C 956 71.60 38.83 -22.06
C LEU C 956 72.19 39.59 -23.24
N HIS C 957 71.33 40.23 -24.03
CA HIS C 957 71.79 40.93 -25.23
C HIS C 957 72.49 42.24 -24.92
N GLN C 958 72.26 42.83 -23.75
CA GLN C 958 72.93 44.07 -23.37
C GLN C 958 74.31 43.84 -22.78
N GLU C 959 74.65 42.61 -22.40
CA GLU C 959 76.00 42.34 -21.89
C GLU C 959 77.05 42.56 -22.98
N LYS C 960 76.77 42.12 -24.20
CA LYS C 960 77.71 42.25 -25.30
C LYS C 960 77.65 43.66 -25.89
N SER D 263 -30.61 -56.51 51.95
CA SER D 263 -31.87 -56.85 51.32
C SER D 263 -32.55 -55.61 50.74
N LEU D 264 -33.61 -55.15 51.42
CA LEU D 264 -34.31 -53.95 50.97
C LEU D 264 -33.40 -52.72 51.04
N ILE D 265 -32.65 -52.58 52.13
CA ILE D 265 -31.77 -51.43 52.28
C ILE D 265 -30.64 -51.45 51.27
N ASP D 266 -30.27 -52.62 50.75
CA ASP D 266 -29.27 -52.68 49.70
C ASP D 266 -29.75 -51.94 48.45
N MET D 267 -31.00 -52.17 48.06
CA MET D 267 -31.58 -51.43 46.94
C MET D 267 -31.71 -49.95 47.26
N TYR D 268 -32.10 -49.61 48.49
CA TYR D 268 -32.21 -48.21 48.88
C TYR D 268 -30.86 -47.51 48.82
N SER D 269 -29.81 -48.17 49.29
CA SER D 269 -28.47 -47.59 49.21
C SER D 269 -28.04 -47.43 47.76
N GLU D 270 -28.33 -48.42 46.92
CA GLU D 270 -27.99 -48.32 45.50
C GLU D 270 -28.74 -47.17 44.83
N VAL D 271 -30.02 -47.00 45.18
CA VAL D 271 -30.81 -45.92 44.60
C VAL D 271 -30.21 -44.56 44.99
N LEU D 272 -29.81 -44.42 46.26
CA LEU D 272 -29.19 -43.16 46.69
C LEU D 272 -27.90 -42.89 45.95
N ASP D 273 -27.08 -43.93 45.75
CA ASP D 273 -25.81 -43.75 45.03
C ASP D 273 -26.04 -43.31 43.59
N VAL D 274 -26.99 -43.95 42.90
CA VAL D 274 -27.28 -43.58 41.52
C VAL D 274 -27.88 -42.18 41.45
N LEU D 275 -28.73 -41.84 42.42
CA LEU D 275 -29.30 -40.49 42.47
C LEU D 275 -28.22 -39.43 42.61
N SER D 276 -27.22 -39.68 43.47
CA SER D 276 -26.12 -38.75 43.62
C SER D 276 -25.33 -38.61 42.33
N ASP D 277 -25.07 -39.73 41.65
CA ASP D 277 -24.36 -39.68 40.37
C ASP D 277 -25.18 -38.97 39.30
N TYR D 278 -26.47 -39.30 39.20
CA TYR D 278 -27.33 -38.65 38.21
C TYR D 278 -27.50 -37.16 38.51
N ASP D 279 -27.88 -36.85 39.75
CA ASP D 279 -28.09 -35.46 40.17
C ASP D 279 -26.95 -35.06 41.09
N ALA D 280 -26.00 -34.28 40.55
CA ALA D 280 -24.90 -33.79 41.36
C ALA D 280 -25.40 -32.88 42.48
N SER D 281 -26.36 -32.02 42.17
CA SER D 281 -26.95 -31.15 43.18
C SER D 281 -27.92 -31.95 44.06
N TYR D 282 -28.34 -31.32 45.16
CA TYR D 282 -29.24 -31.94 46.12
C TYR D 282 -30.70 -31.59 45.85
N ASN D 283 -31.04 -31.30 44.59
CA ASN D 283 -32.43 -31.00 44.25
C ASN D 283 -33.33 -32.21 44.49
N THR D 284 -32.86 -33.40 44.10
CA THR D 284 -33.62 -34.62 44.32
C THR D 284 -33.12 -35.41 45.51
N GLN D 285 -31.85 -35.26 45.88
CA GLN D 285 -31.29 -35.99 47.02
C GLN D 285 -31.87 -35.52 48.35
N ASP D 286 -32.47 -34.33 48.38
CA ASP D 286 -33.04 -33.79 49.61
C ASP D 286 -34.50 -34.17 49.80
N HIS D 287 -34.94 -35.28 49.19
CA HIS D 287 -36.32 -35.75 49.33
C HIS D 287 -36.42 -37.11 49.99
N LEU D 288 -35.31 -37.70 50.42
CA LEU D 288 -35.31 -39.02 51.03
C LEU D 288 -34.69 -38.94 52.42
N PRO D 289 -35.15 -39.76 53.37
CA PRO D 289 -34.55 -39.72 54.71
C PRO D 289 -33.11 -40.19 54.70
N ARG D 290 -32.33 -39.64 55.63
CA ARG D 290 -30.91 -39.98 55.76
C ARG D 290 -30.52 -39.91 57.22
N VAL D 291 -29.41 -40.57 57.55
CA VAL D 291 -28.88 -40.60 58.91
C VAL D 291 -27.56 -39.83 58.88
N VAL D 292 -27.49 -38.75 59.64
CA VAL D 292 -26.30 -37.89 59.71
C VAL D 292 -25.70 -38.02 61.10
N VAL D 293 -24.41 -38.33 61.15
CA VAL D 293 -23.70 -38.51 62.41
C VAL D 293 -22.59 -37.47 62.50
N VAL D 294 -22.59 -36.70 63.60
CA VAL D 294 -21.58 -35.68 63.85
C VAL D 294 -20.99 -35.92 65.24
N GLY D 295 -19.68 -35.91 65.34
CA GLY D 295 -19.01 -36.16 66.61
C GLY D 295 -17.80 -35.26 66.78
N ASP D 296 -17.36 -35.14 68.03
CA ASP D 296 -16.19 -34.36 68.37
C ASP D 296 -14.95 -35.25 68.40
N GLN D 297 -13.83 -34.70 68.85
CA GLN D 297 -12.60 -35.47 68.96
C GLN D 297 -12.59 -36.28 70.24
N SER D 298 -12.25 -37.56 70.12
CA SER D 298 -12.23 -38.50 71.25
C SER D 298 -13.58 -38.57 71.96
N ALA D 299 -14.66 -38.37 71.21
CA ALA D 299 -16.01 -38.42 71.75
C ALA D 299 -16.66 -39.78 71.61
N GLY D 300 -15.95 -40.78 71.09
CA GLY D 300 -16.51 -42.10 70.93
C GLY D 300 -17.44 -42.25 69.75
N LYS D 301 -17.35 -41.37 68.76
CA LYS D 301 -18.18 -41.49 67.57
C LYS D 301 -17.86 -42.77 66.81
N THR D 302 -16.57 -43.11 66.70
CA THR D 302 -16.17 -44.33 66.02
C THR D 302 -16.68 -45.56 66.76
N SER D 303 -16.61 -45.54 68.10
CA SER D 303 -17.07 -46.68 68.88
C SER D 303 -18.57 -46.90 68.72
N VAL D 304 -19.35 -45.83 68.70
CA VAL D 304 -20.80 -45.96 68.54
C VAL D 304 -21.13 -46.54 67.18
N LEU D 305 -20.48 -46.03 66.12
CA LEU D 305 -20.72 -46.57 64.79
C LEU D 305 -20.28 -48.03 64.69
N GLU D 306 -19.14 -48.35 65.32
CA GLU D 306 -18.69 -49.74 65.36
C GLU D 306 -19.64 -50.62 66.15
N MET D 307 -20.19 -50.11 67.25
CA MET D 307 -21.14 -50.88 68.06
C MET D 307 -22.40 -51.22 67.26
N ILE D 308 -22.92 -50.26 66.51
CA ILE D 308 -24.10 -50.51 65.68
C ILE D 308 -23.76 -51.51 64.59
N ALA D 309 -22.60 -51.36 63.94
CA ALA D 309 -22.17 -52.29 62.91
C ALA D 309 -21.69 -53.62 63.48
N GLN D 310 -21.50 -53.71 64.80
CA GLN D 310 -21.05 -54.93 65.47
C GLN D 310 -19.72 -55.43 64.94
N ALA D 311 -18.87 -54.50 64.49
CA ALA D 311 -17.55 -54.84 63.97
C ALA D 311 -16.70 -53.57 63.93
N ARG D 312 -15.45 -53.69 64.35
CA ARG D 312 -14.53 -52.56 64.37
C ARG D 312 -13.81 -52.52 63.02
N ILE D 313 -14.35 -51.72 62.10
CA ILE D 313 -13.83 -51.63 60.75
C ILE D 313 -13.08 -50.33 60.49
N PHE D 314 -13.23 -49.31 61.34
CA PHE D 314 -12.53 -48.06 61.12
C PHE D 314 -11.16 -48.07 61.77
N PRO D 315 -10.18 -47.37 61.19
CA PRO D 315 -8.85 -47.32 61.79
C PRO D 315 -8.88 -46.66 63.16
N ARG D 316 -7.98 -47.11 64.03
CA ARG D 316 -7.88 -46.62 65.39
C ARG D 316 -6.54 -45.93 65.59
N GLY D 317 -6.56 -44.83 66.34
CA GLY D 317 -5.35 -44.08 66.61
C GLY D 317 -5.34 -43.57 68.03
N SER D 318 -4.13 -43.31 68.54
CA SER D 318 -3.95 -42.82 69.90
C SER D 318 -4.22 -41.31 69.93
N GLY D 319 -5.50 -40.98 69.86
CA GLY D 319 -5.94 -39.60 69.89
C GLY D 319 -5.96 -38.90 68.54
N GLU D 320 -5.46 -39.55 67.50
CA GLU D 320 -5.43 -38.96 66.17
C GLU D 320 -6.71 -39.28 65.41
N MET D 321 -7.19 -38.30 64.64
CA MET D 321 -8.42 -38.46 63.86
C MET D 321 -8.10 -39.30 62.63
N MET D 322 -8.25 -40.62 62.78
CA MET D 322 -7.97 -41.53 61.67
C MET D 322 -8.97 -41.36 60.53
N THR D 323 -10.18 -40.90 60.84
CA THR D 323 -11.23 -40.71 59.83
C THR D 323 -10.93 -39.43 59.06
N ARG D 324 -10.09 -39.56 58.02
CA ARG D 324 -9.70 -38.43 57.19
C ARG D 324 -10.60 -38.25 55.98
N SER D 325 -11.58 -39.11 55.78
CA SER D 325 -12.52 -39.01 54.67
C SER D 325 -13.85 -39.63 55.09
N PRO D 326 -14.97 -39.03 54.73
CA PRO D 326 -16.27 -39.60 55.08
C PRO D 326 -16.47 -40.96 54.44
N VAL D 327 -17.13 -41.85 55.19
CA VAL D 327 -17.43 -43.20 54.73
C VAL D 327 -18.92 -43.44 54.89
N LYS D 328 -19.58 -43.88 53.81
CA LYS D 328 -21.00 -44.20 53.83
C LYS D 328 -21.15 -45.68 54.16
N VAL D 329 -21.27 -45.97 55.45
CA VAL D 329 -21.38 -47.35 55.92
C VAL D 329 -22.84 -47.77 55.85
N THR D 330 -23.11 -48.86 55.13
CA THR D 330 -24.46 -49.38 54.96
C THR D 330 -24.54 -50.75 55.62
N LEU D 331 -25.53 -50.92 56.51
CA LEU D 331 -25.76 -52.18 57.19
C LEU D 331 -26.94 -52.88 56.53
N SER D 332 -26.74 -54.14 56.10
CA SER D 332 -27.75 -54.88 55.38
C SER D 332 -27.81 -56.31 55.90
N GLU D 333 -28.62 -57.12 55.26
CA GLU D 333 -28.80 -58.52 55.63
C GLU D 333 -27.98 -59.40 54.70
N GLY D 334 -27.12 -60.24 55.26
CA GLY D 334 -26.28 -61.11 54.49
C GLY D 334 -26.05 -62.44 55.17
N PRO D 335 -25.67 -63.46 54.38
CA PRO D 335 -25.41 -64.78 54.98
C PRO D 335 -24.28 -64.76 56.01
N HIS D 336 -23.29 -63.91 55.81
CA HIS D 336 -22.17 -63.81 56.75
C HIS D 336 -21.87 -62.33 57.00
N HIS D 337 -21.26 -62.06 58.15
CA HIS D 337 -20.93 -60.70 58.56
C HIS D 337 -19.66 -60.27 57.83
N VAL D 338 -19.85 -59.69 56.64
CA VAL D 338 -18.74 -59.26 55.80
C VAL D 338 -18.99 -57.84 55.33
N ALA D 339 -17.91 -57.17 54.93
CA ALA D 339 -17.95 -55.81 54.42
C ALA D 339 -17.39 -55.79 53.00
N LEU D 340 -18.07 -55.09 52.11
CA LEU D 340 -17.69 -55.01 50.70
C LEU D 340 -17.65 -53.56 50.24
N PHE D 341 -16.58 -53.20 49.55
CA PHE D 341 -16.48 -51.86 48.98
C PHE D 341 -17.38 -51.74 47.75
N LYS D 342 -17.74 -50.49 47.44
CA LYS D 342 -18.56 -50.24 46.26
C LYS D 342 -17.75 -50.39 44.99
N ASP D 343 -16.53 -49.87 44.98
CA ASP D 343 -15.69 -49.92 43.79
C ASP D 343 -14.84 -51.19 43.71
N SER D 344 -14.76 -51.96 44.78
CA SER D 344 -13.93 -53.16 44.82
C SER D 344 -14.79 -54.36 45.20
N SER D 345 -14.60 -55.47 44.50
CA SER D 345 -15.33 -56.70 44.76
C SER D 345 -14.62 -57.62 45.75
N ARG D 346 -13.49 -57.19 46.30
CA ARG D 346 -12.74 -58.00 47.26
C ARG D 346 -13.50 -58.04 48.59
N GLU D 347 -14.02 -59.21 48.94
CA GLU D 347 -14.77 -59.35 50.18
C GLU D 347 -13.84 -59.42 51.38
N PHE D 348 -14.26 -58.80 52.47
CA PHE D 348 -13.53 -58.82 53.73
C PHE D 348 -14.43 -59.43 54.80
N ASP D 349 -13.95 -60.49 55.46
CA ASP D 349 -14.71 -61.19 56.47
C ASP D 349 -14.48 -60.54 57.82
N LEU D 350 -15.53 -59.93 58.38
CA LEU D 350 -15.42 -59.26 59.67
C LEU D 350 -15.37 -60.23 60.84
N THR D 351 -15.66 -61.52 60.61
CA THR D 351 -15.59 -62.50 61.69
C THR D 351 -14.15 -62.82 62.09
N LYS D 352 -13.18 -62.48 61.25
CA LYS D 352 -11.77 -62.74 61.51
C LYS D 352 -11.06 -61.42 61.82
N GLU D 353 -10.29 -61.41 62.90
CA GLU D 353 -9.58 -60.19 63.29
C GLU D 353 -8.49 -59.82 62.30
N GLU D 354 -7.85 -60.83 61.68
CA GLU D 354 -6.81 -60.54 60.69
C GLU D 354 -7.38 -59.77 59.50
N ASP D 355 -8.54 -60.18 59.00
CA ASP D 355 -9.17 -59.46 57.91
C ASP D 355 -9.65 -58.09 58.34
N LEU D 356 -10.06 -57.95 59.61
CA LEU D 356 -10.47 -56.64 60.12
C LEU D 356 -9.32 -55.65 60.09
N ALA D 357 -8.12 -56.10 60.49
CA ALA D 357 -6.95 -55.22 60.46
C ALA D 357 -6.60 -54.84 59.02
N ALA D 358 -6.67 -55.80 58.10
CA ALA D 358 -6.41 -55.49 56.69
C ALA D 358 -7.45 -54.52 56.13
N LEU D 359 -8.71 -54.70 56.51
CA LEU D 359 -9.76 -53.79 56.05
C LEU D 359 -9.53 -52.38 56.58
N ARG D 360 -9.11 -52.26 57.84
CA ARG D 360 -8.82 -50.94 58.41
C ARG D 360 -7.71 -50.25 57.64
N HIS D 361 -6.65 -51.00 57.29
CA HIS D 361 -5.56 -50.42 56.51
C HIS D 361 -6.04 -50.03 55.12
N GLU D 362 -6.89 -50.86 54.50
CA GLU D 362 -7.41 -50.53 53.18
C GLU D 362 -8.27 -49.28 53.21
N ILE D 363 -9.10 -49.14 54.25
CA ILE D 363 -9.93 -47.94 54.38
C ILE D 363 -9.07 -46.70 54.56
N GLU D 364 -8.03 -46.81 55.41
CA GLU D 364 -7.12 -45.67 55.59
C GLU D 364 -6.40 -45.32 54.30
N LEU D 365 -5.99 -46.35 53.54
CA LEU D 365 -5.34 -46.10 52.24
C LEU D 365 -6.29 -45.39 51.29
N ARG D 366 -7.56 -45.80 51.27
CA ARG D 366 -8.54 -45.13 50.43
C ARG D 366 -8.76 -43.69 50.87
N MET D 367 -8.73 -43.44 52.18
CA MET D 367 -8.88 -42.08 52.68
C MET D 367 -7.73 -41.19 52.19
N ARG D 368 -6.50 -41.70 52.23
CA ARG D 368 -5.36 -40.92 51.78
C ARG D 368 -5.36 -40.72 50.27
N LYS D 369 -5.79 -41.74 49.51
CA LYS D 369 -5.80 -41.63 48.06
C LYS D 369 -6.77 -40.56 47.58
N ASN D 370 -7.96 -40.50 48.19
CA ASN D 370 -8.97 -39.54 47.78
C ASN D 370 -8.62 -38.10 48.13
N VAL D 371 -7.59 -37.88 48.95
CA VAL D 371 -7.22 -36.53 49.34
C VAL D 371 -6.62 -35.79 48.14
N LYS D 372 -7.15 -34.61 47.86
CA LYS D 372 -6.66 -33.80 46.74
C LYS D 372 -5.43 -33.02 47.17
N GLU D 373 -4.88 -32.23 46.26
CA GLU D 373 -3.68 -31.44 46.54
C GLU D 373 -4.05 -30.21 47.34
N GLY D 374 -3.22 -29.88 48.33
CA GLY D 374 -3.43 -28.69 49.15
C GLY D 374 -4.39 -28.86 50.29
N CYS D 375 -4.91 -30.05 50.52
CA CYS D 375 -5.87 -30.32 51.59
C CYS D 375 -5.48 -31.58 52.34
N THR D 376 -6.14 -31.80 53.47
CA THR D 376 -5.93 -32.98 54.30
C THR D 376 -7.14 -33.89 54.36
N VAL D 377 -8.35 -33.36 54.35
CA VAL D 377 -9.57 -34.14 54.37
C VAL D 377 -10.36 -33.85 53.10
N SER D 378 -10.70 -34.92 52.37
CA SER D 378 -11.42 -34.77 51.11
C SER D 378 -12.92 -34.85 51.35
N PRO D 379 -13.71 -34.05 50.64
CA PRO D 379 -15.17 -34.10 50.81
C PRO D 379 -15.83 -35.31 50.16
N GLU D 380 -15.09 -36.12 49.40
CA GLU D 380 -15.68 -37.28 48.75
C GLU D 380 -16.07 -38.33 49.77
N THR D 381 -17.23 -38.96 49.55
CA THR D 381 -17.75 -40.00 50.43
C THR D 381 -17.64 -41.35 49.75
N ILE D 382 -17.19 -42.35 50.51
CA ILE D 382 -17.01 -43.70 50.02
C ILE D 382 -18.15 -44.55 50.55
N SER D 383 -18.90 -45.18 49.64
CA SER D 383 -20.03 -46.03 50.01
C SER D 383 -19.52 -47.42 50.35
N LEU D 384 -19.71 -47.84 51.61
CA LEU D 384 -19.30 -49.15 52.07
C LEU D 384 -20.53 -49.95 52.48
N ASN D 385 -20.65 -51.16 51.96
CA ASN D 385 -21.77 -52.05 52.25
C ASN D 385 -21.29 -53.12 53.23
N VAL D 386 -21.75 -53.02 54.47
CA VAL D 386 -21.39 -53.96 55.53
C VAL D 386 -22.57 -54.92 55.70
N LYS D 387 -22.42 -56.14 55.21
CA LYS D 387 -23.45 -57.16 55.32
C LYS D 387 -23.31 -57.92 56.63
N GLY D 388 -24.36 -58.65 56.97
CA GLY D 388 -24.38 -59.46 58.18
C GLY D 388 -25.76 -59.92 58.56
N PRO D 389 -25.87 -61.14 59.08
CA PRO D 389 -27.17 -61.67 59.49
C PRO D 389 -27.68 -60.97 60.75
N GLY D 390 -28.94 -60.54 60.71
CA GLY D 390 -29.56 -59.88 61.84
C GLY D 390 -29.22 -58.41 61.99
N LEU D 391 -28.44 -57.84 61.08
CA LEU D 391 -28.10 -56.44 61.17
C LEU D 391 -29.30 -55.57 60.82
N GLN D 392 -29.36 -54.39 61.45
CA GLN D 392 -30.43 -53.44 61.16
C GLN D 392 -30.31 -52.92 59.73
N ARG D 393 -31.45 -52.78 59.06
CA ARG D 393 -31.49 -52.35 57.67
C ARG D 393 -31.59 -50.82 57.65
N MET D 394 -30.43 -50.17 57.65
CA MET D 394 -30.37 -48.71 57.61
C MET D 394 -29.03 -48.30 57.02
N VAL D 395 -28.94 -47.03 56.63
CA VAL D 395 -27.75 -46.47 56.01
C VAL D 395 -27.16 -45.45 56.97
N LEU D 396 -25.89 -45.62 57.31
CA LEU D 396 -25.19 -44.71 58.22
C LEU D 396 -24.14 -43.91 57.45
N VAL D 397 -23.81 -42.74 58.00
CA VAL D 397 -22.82 -41.85 57.42
C VAL D 397 -21.77 -41.54 58.48
N ASP D 398 -20.50 -41.75 58.14
CA ASP D 398 -19.39 -41.47 59.04
C ASP D 398 -18.73 -40.16 58.62
N LEU D 399 -18.49 -39.29 59.60
CA LEU D 399 -17.92 -37.98 59.34
C LEU D 399 -16.71 -37.76 60.24
N PRO D 400 -15.74 -36.96 59.79
CA PRO D 400 -14.58 -36.66 60.64
C PRO D 400 -15.00 -35.88 61.88
N GLY D 401 -14.26 -36.11 62.98
CA GLY D 401 -14.60 -35.47 64.23
C GLY D 401 -14.35 -33.97 64.19
N VAL D 402 -15.22 -33.22 64.86
CA VAL D 402 -15.05 -31.78 64.97
C VAL D 402 -14.00 -31.48 66.02
N ILE D 403 -12.99 -30.70 65.64
CA ILE D 403 -11.86 -30.38 66.52
C ILE D 403 -11.98 -28.92 66.93
N ASN D 404 -11.93 -28.68 68.24
CA ASN D 404 -11.96 -27.31 68.75
C ASN D 404 -10.73 -26.53 68.30
N THR D 405 -9.55 -27.17 68.32
CA THR D 405 -8.30 -26.56 67.89
C THR D 405 -7.80 -27.28 66.64
N VAL D 406 -7.44 -26.49 65.62
CA VAL D 406 -6.99 -27.07 64.36
C VAL D 406 -5.63 -27.72 64.55
N THR D 407 -5.50 -28.98 64.13
CA THR D 407 -4.24 -29.69 64.24
C THR D 407 -3.22 -29.08 63.29
N SER D 408 -1.96 -29.01 63.76
CA SER D 408 -0.90 -28.45 62.94
C SER D 408 -0.63 -29.31 61.71
N GLY D 409 -0.81 -30.62 61.81
CA GLY D 409 -0.59 -31.52 60.70
C GLY D 409 -1.71 -31.60 59.70
N MET D 410 -2.82 -30.92 59.95
CA MET D 410 -3.97 -30.90 59.05
C MET D 410 -4.07 -29.57 58.33
N ALA D 411 -4.87 -29.55 57.26
CA ALA D 411 -5.05 -28.34 56.48
C ALA D 411 -5.81 -27.29 57.30
N PRO D 412 -5.55 -26.01 57.05
CA PRO D 412 -6.27 -24.96 57.80
C PRO D 412 -7.77 -24.96 57.57
N ASP D 413 -8.24 -25.51 56.44
CA ASP D 413 -9.66 -25.55 56.12
C ASP D 413 -10.29 -26.90 56.43
N THR D 414 -9.58 -27.77 57.15
CA THR D 414 -10.14 -29.08 57.50
C THR D 414 -11.37 -28.92 58.38
N LYS D 415 -11.31 -28.04 59.38
CA LYS D 415 -12.48 -27.82 60.23
C LYS D 415 -13.65 -27.24 59.43
N GLU D 416 -13.36 -26.31 58.52
CA GLU D 416 -14.40 -25.74 57.68
C GLU D 416 -14.99 -26.80 56.75
N THR D 417 -14.14 -27.68 56.22
CA THR D 417 -14.64 -28.75 55.35
C THR D 417 -15.55 -29.70 56.12
N ILE D 418 -15.18 -30.03 57.36
CA ILE D 418 -16.02 -30.91 58.17
C ILE D 418 -17.37 -30.25 58.44
N PHE D 419 -17.35 -28.96 58.78
CA PHE D 419 -18.60 -28.24 59.04
C PHE D 419 -19.46 -28.17 57.78
N SER D 420 -18.84 -27.93 56.63
CA SER D 420 -19.58 -27.83 55.38
C SER D 420 -20.22 -29.17 55.01
N ILE D 421 -19.48 -30.27 55.21
CA ILE D 421 -20.03 -31.59 54.90
C ILE D 421 -21.21 -31.91 55.80
N SER D 422 -21.08 -31.60 57.09
CA SER D 422 -22.17 -31.85 58.02
C SER D 422 -23.40 -31.02 57.68
N LYS D 423 -23.19 -29.75 57.32
CA LYS D 423 -24.30 -28.89 56.93
C LYS D 423 -24.97 -29.37 55.65
N ALA D 424 -24.17 -29.82 54.68
CA ALA D 424 -24.72 -30.33 53.44
C ALA D 424 -25.57 -31.58 53.68
N TYR D 425 -25.08 -32.48 54.53
CA TYR D 425 -25.87 -33.67 54.88
C TYR D 425 -27.15 -33.28 55.62
N MET D 426 -27.05 -32.32 56.54
CA MET D 426 -28.22 -31.88 57.30
C MET D 426 -29.20 -31.07 56.48
N GLN D 427 -28.84 -30.67 55.26
CA GLN D 427 -29.73 -29.89 54.40
C GLN D 427 -31.01 -30.63 54.04
N ASN D 428 -31.00 -31.96 54.07
CA ASN D 428 -32.19 -32.74 53.76
C ASN D 428 -33.22 -32.57 54.87
N PRO D 429 -34.43 -32.09 54.58
CA PRO D 429 -35.44 -31.95 55.64
C PRO D 429 -35.86 -33.28 56.26
N ASN D 430 -35.67 -34.39 55.55
CA ASN D 430 -36.00 -35.70 56.09
C ASN D 430 -34.81 -36.39 56.74
N ALA D 431 -33.62 -35.78 56.71
CA ALA D 431 -32.44 -36.41 57.30
C ALA D 431 -32.57 -36.46 58.81
N ILE D 432 -32.14 -37.58 59.39
CA ILE D 432 -32.18 -37.78 60.83
C ILE D 432 -30.83 -37.39 61.42
N ILE D 433 -30.85 -36.52 62.42
CA ILE D 433 -29.63 -36.04 63.06
C ILE D 433 -29.25 -36.99 64.19
N LEU D 434 -27.99 -37.42 64.19
CA LEU D 434 -27.45 -38.30 65.23
C LEU D 434 -26.21 -37.63 65.81
N CYS D 435 -26.39 -36.90 66.90
CA CYS D 435 -25.29 -36.19 67.54
C CYS D 435 -24.59 -37.08 68.56
N ILE D 436 -23.27 -37.08 68.51
CA ILE D 436 -22.43 -37.88 69.40
C ILE D 436 -21.47 -36.96 70.12
N GLN D 437 -21.42 -37.07 71.44
CA GLN D 437 -20.53 -36.26 72.27
C GLN D 437 -20.01 -37.14 73.40
N ASP D 438 -19.35 -36.50 74.37
CA ASP D 438 -18.77 -37.18 75.52
C ASP D 438 -19.57 -36.85 76.77
N GLY D 439 -19.84 -37.87 77.58
CA GLY D 439 -20.58 -37.67 78.81
C GLY D 439 -19.80 -37.00 79.93
N SER D 440 -18.49 -36.92 79.80
CA SER D 440 -17.64 -36.25 80.79
C SER D 440 -17.44 -34.76 80.49
N VAL D 441 -18.01 -34.26 79.40
CA VAL D 441 -17.89 -32.87 79.00
C VAL D 441 -19.28 -32.24 79.02
N ASP D 442 -19.38 -31.07 79.63
CA ASP D 442 -20.65 -30.37 79.74
C ASP D 442 -21.12 -29.89 78.37
N ALA D 443 -22.44 -29.69 78.26
CA ALA D 443 -23.02 -29.25 77.00
C ALA D 443 -22.58 -27.84 76.60
N GLU D 444 -22.18 -27.02 77.57
CA GLU D 444 -21.72 -25.66 77.27
C GLU D 444 -20.28 -25.62 76.75
N ARG D 445 -19.53 -26.70 76.90
CA ARG D 445 -18.15 -26.76 76.43
C ARG D 445 -18.02 -27.32 75.02
N SER D 446 -19.12 -27.75 74.41
CA SER D 446 -19.11 -28.35 73.08
C SER D 446 -19.98 -27.51 72.16
N ILE D 447 -19.47 -27.24 70.94
CA ILE D 447 -20.21 -26.45 69.97
C ILE D 447 -21.16 -27.28 69.12
N VAL D 448 -20.90 -28.59 69.01
CA VAL D 448 -21.72 -29.44 68.14
C VAL D 448 -23.17 -29.48 68.62
N THR D 449 -23.37 -29.62 69.93
CA THR D 449 -24.73 -29.65 70.46
C THR D 449 -25.46 -28.33 70.22
N ASP D 450 -24.75 -27.21 70.33
CA ASP D 450 -25.35 -25.92 70.02
C ASP D 450 -25.75 -25.81 68.56
N LEU D 451 -24.89 -26.30 67.66
CA LEU D 451 -25.20 -26.26 66.23
C LEU D 451 -26.40 -27.12 65.90
N VAL D 452 -26.48 -28.32 66.52
CA VAL D 452 -27.61 -29.21 66.26
C VAL D 452 -28.92 -28.58 66.71
N SER D 453 -28.93 -27.97 67.88
CA SER D 453 -30.14 -27.32 68.38
C SER D 453 -30.53 -26.14 67.50
N GLN D 454 -29.55 -25.35 67.06
CA GLN D 454 -29.85 -24.18 66.24
C GLN D 454 -30.43 -24.58 64.89
N MET D 455 -29.88 -25.63 64.27
CA MET D 455 -30.30 -26.03 62.94
C MET D 455 -31.62 -26.80 62.93
N ASP D 456 -32.10 -27.25 64.08
CA ASP D 456 -33.37 -27.97 64.19
C ASP D 456 -34.19 -27.35 65.30
N PRO D 457 -34.82 -26.20 65.04
CA PRO D 457 -35.66 -25.58 66.07
C PRO D 457 -36.88 -26.40 66.46
N HIS D 458 -37.34 -27.29 65.59
CA HIS D 458 -38.52 -28.09 65.87
C HIS D 458 -38.19 -29.37 66.62
N GLY D 459 -37.07 -30.01 66.30
CA GLY D 459 -36.70 -31.24 66.95
C GLY D 459 -37.47 -32.46 66.53
N ARG D 460 -38.14 -32.40 65.37
CA ARG D 460 -38.92 -33.53 64.89
C ARG D 460 -38.05 -34.70 64.42
N ARG D 461 -36.75 -34.47 64.23
CA ARG D 461 -35.86 -35.52 63.74
C ARG D 461 -34.53 -35.59 64.47
N THR D 462 -34.32 -34.78 65.51
CA THR D 462 -33.04 -34.77 66.21
C THR D 462 -32.97 -35.91 67.22
N ILE D 463 -31.85 -36.65 67.17
CA ILE D 463 -31.56 -37.70 68.14
C ILE D 463 -30.17 -37.47 68.70
N PHE D 464 -30.05 -37.48 70.03
CA PHE D 464 -28.79 -37.24 70.70
C PHE D 464 -28.28 -38.53 71.33
N VAL D 465 -26.99 -38.80 71.13
CA VAL D 465 -26.34 -39.99 71.67
C VAL D 465 -25.21 -39.54 72.58
N LEU D 466 -25.20 -40.03 73.81
CA LEU D 466 -24.20 -39.70 74.81
C LEU D 466 -23.28 -40.90 75.03
N THR D 467 -21.97 -40.66 74.97
CA THR D 467 -20.98 -41.71 75.13
C THR D 467 -20.29 -41.61 76.48
N LYS D 468 -19.58 -42.68 76.84
CA LYS D 468 -18.83 -42.75 78.09
C LYS D 468 -19.72 -42.48 79.30
N VAL D 469 -20.92 -43.05 79.28
CA VAL D 469 -21.84 -42.88 80.40
C VAL D 469 -21.28 -43.54 81.65
N ASP D 470 -20.63 -44.70 81.48
CA ASP D 470 -19.99 -45.36 82.62
C ASP D 470 -18.89 -44.50 83.21
N LEU D 471 -18.08 -43.86 82.36
CA LEU D 471 -17.05 -42.94 82.85
C LEU D 471 -17.67 -41.74 83.55
N ALA D 472 -18.76 -41.20 83.01
CA ALA D 472 -19.44 -40.08 83.65
C ALA D 472 -19.99 -40.49 85.01
N GLU D 473 -20.56 -41.68 85.11
CA GLU D 473 -21.05 -42.17 86.40
C GLU D 473 -19.91 -42.37 87.38
N LYS D 474 -18.78 -42.88 86.91
CA LYS D 474 -17.60 -43.02 87.76
C LYS D 474 -17.02 -41.68 88.17
N ASN D 475 -17.36 -40.61 87.45
CA ASN D 475 -16.93 -39.26 87.79
C ASN D 475 -17.86 -38.58 88.79
N VAL D 476 -18.88 -39.29 89.28
CA VAL D 476 -19.88 -38.77 90.21
C VAL D 476 -20.57 -37.59 89.51
N ALA D 477 -21.22 -37.87 88.39
CA ALA D 477 -22.00 -36.86 87.70
C ALA D 477 -23.30 -36.58 88.44
N SER D 478 -23.76 -35.33 88.35
CA SER D 478 -25.00 -34.95 89.00
C SER D 478 -26.19 -35.65 88.32
N PRO D 479 -27.04 -36.36 89.07
CA PRO D 479 -28.18 -37.02 88.43
C PRO D 479 -29.15 -36.07 87.75
N SER D 480 -29.26 -34.83 88.26
CA SER D 480 -30.19 -33.88 87.66
C SER D 480 -29.80 -33.53 86.23
N ARG D 481 -28.51 -33.32 85.98
CA ARG D 481 -28.07 -33.00 84.63
C ARG D 481 -28.31 -34.16 83.67
N ILE D 482 -28.03 -35.39 84.11
CA ILE D 482 -28.24 -36.55 83.26
C ILE D 482 -29.73 -36.73 82.96
N GLN D 483 -30.57 -36.58 83.99
CA GLN D 483 -32.01 -36.73 83.79
C GLN D 483 -32.56 -35.65 82.86
N GLN D 484 -32.09 -34.41 83.02
CA GLN D 484 -32.55 -33.33 82.15
C GLN D 484 -32.14 -33.57 80.71
N ILE D 485 -30.92 -34.07 80.48
CA ILE D 485 -30.47 -34.36 79.12
C ILE D 485 -31.32 -35.46 78.50
N ILE D 486 -31.59 -36.52 79.27
CA ILE D 486 -32.37 -37.64 78.74
C ILE D 486 -33.82 -37.23 78.52
N GLU D 487 -34.39 -36.46 79.43
CA GLU D 487 -35.78 -36.05 79.35
C GLU D 487 -35.96 -34.73 78.60
N GLY D 488 -34.89 -34.15 78.09
CA GLY D 488 -34.99 -32.94 77.29
C GLY D 488 -35.46 -31.71 78.04
N LYS D 489 -34.95 -31.49 79.25
CA LYS D 489 -35.29 -30.31 80.03
C LYS D 489 -34.22 -29.23 79.96
N LEU D 490 -32.95 -29.59 80.18
CA LEU D 490 -31.87 -28.60 80.10
C LEU D 490 -31.74 -28.07 78.67
N PHE D 491 -31.83 -28.94 77.68
CA PHE D 491 -31.74 -28.50 76.29
C PHE D 491 -33.02 -27.78 75.89
N PRO D 492 -32.92 -26.54 75.38
CA PRO D 492 -34.14 -25.84 74.94
C PRO D 492 -34.89 -26.56 73.83
N MET D 493 -34.19 -27.26 72.95
CA MET D 493 -34.85 -28.00 71.89
C MET D 493 -35.63 -29.18 72.44
N LYS D 494 -36.75 -29.49 71.80
CA LYS D 494 -37.61 -30.61 72.17
C LYS D 494 -37.52 -31.67 71.07
N ALA D 495 -36.73 -32.70 71.32
CA ALA D 495 -36.52 -33.76 70.34
C ALA D 495 -37.48 -34.92 70.60
N LEU D 496 -37.45 -35.91 69.70
CA LEU D 496 -38.29 -37.09 69.87
C LEU D 496 -37.89 -37.89 71.11
N GLY D 497 -36.59 -38.03 71.33
CA GLY D 497 -36.12 -38.77 72.49
C GLY D 497 -34.60 -38.69 72.58
N TYR D 498 -34.09 -39.18 73.71
CA TYR D 498 -32.66 -39.18 73.98
C TYR D 498 -32.26 -40.56 74.47
N PHE D 499 -31.06 -40.99 74.08
CA PHE D 499 -30.56 -42.30 74.45
C PHE D 499 -29.11 -42.19 74.90
N ALA D 500 -28.70 -43.12 75.77
CA ALA D 500 -27.35 -43.15 76.30
C ALA D 500 -26.76 -44.54 76.09
N VAL D 501 -25.55 -44.60 75.56
CA VAL D 501 -24.85 -45.86 75.32
C VAL D 501 -23.45 -45.77 75.91
N VAL D 502 -22.89 -46.93 76.23
CA VAL D 502 -21.57 -47.03 76.82
C VAL D 502 -20.61 -47.58 75.77
N THR D 503 -19.53 -46.85 75.50
CA THR D 503 -18.54 -47.24 74.51
C THR D 503 -17.34 -47.96 75.13
N GLY D 504 -17.50 -48.51 76.33
CA GLY D 504 -16.42 -49.22 76.99
C GLY D 504 -15.58 -48.30 77.85
N LYS D 505 -14.37 -48.75 78.13
CA LYS D 505 -13.41 -48.02 78.96
C LYS D 505 -12.60 -47.02 78.14
N GLY D 506 -12.80 -46.95 76.83
CA GLY D 506 -12.07 -46.04 75.98
C GLY D 506 -10.90 -46.65 75.23
N ASN D 507 -10.56 -47.91 75.52
CA ASN D 507 -9.44 -48.54 74.84
C ASN D 507 -9.76 -48.77 73.36
N SER D 508 -8.74 -48.66 72.52
CA SER D 508 -8.89 -48.83 71.09
C SER D 508 -8.73 -50.28 70.64
N SER D 509 -8.49 -51.20 71.57
CA SER D 509 -8.31 -52.61 71.23
C SER D 509 -9.38 -53.51 71.86
N GLU D 510 -10.31 -52.96 72.62
CA GLU D 510 -11.33 -53.78 73.26
C GLU D 510 -12.27 -54.38 72.22
N SER D 511 -12.69 -55.62 72.45
CA SER D 511 -13.62 -56.29 71.55
C SER D 511 -15.02 -55.74 71.72
N ILE D 512 -15.80 -55.78 70.62
CA ILE D 512 -17.17 -55.28 70.65
C ILE D 512 -18.03 -56.11 71.58
N GLU D 513 -17.89 -57.43 71.53
CA GLU D 513 -18.74 -58.30 72.33
C GLU D 513 -18.54 -58.06 73.84
N ALA D 514 -17.28 -57.90 74.26
CA ALA D 514 -17.01 -57.63 75.67
C ALA D 514 -17.59 -56.29 76.10
N ILE D 515 -17.48 -55.27 75.24
CA ILE D 515 -18.00 -53.96 75.57
C ILE D 515 -19.52 -54.01 75.72
N ARG D 516 -20.20 -54.69 74.80
CA ARG D 516 -21.66 -54.78 74.86
C ARG D 516 -22.11 -55.54 76.10
N GLU D 517 -21.45 -56.66 76.40
CA GLU D 517 -21.82 -57.44 77.59
C GLU D 517 -21.55 -56.65 78.87
N TYR D 518 -20.42 -55.94 78.93
CA TYR D 518 -20.12 -55.13 80.09
C TYR D 518 -21.12 -53.99 80.25
N GLU D 519 -21.52 -53.37 79.14
CA GLU D 519 -22.50 -52.29 79.20
C GLU D 519 -23.85 -52.78 79.73
N GLU D 520 -24.29 -53.96 79.26
CA GLU D 520 -25.55 -54.51 79.74
C GLU D 520 -25.48 -54.83 81.22
N GLU D 521 -24.38 -55.44 81.68
CA GLU D 521 -24.23 -55.76 83.09
C GLU D 521 -24.14 -54.48 83.93
N PHE D 522 -23.42 -53.47 83.43
CA PHE D 522 -23.29 -52.21 84.17
C PHE D 522 -24.63 -51.53 84.36
N PHE D 523 -25.46 -51.50 83.32
CA PHE D 523 -26.77 -50.88 83.44
C PHE D 523 -27.74 -51.71 84.25
N GLN D 524 -27.64 -53.05 84.17
CA GLN D 524 -28.51 -53.91 84.98
C GLN D 524 -28.25 -53.72 86.47
N ASN D 525 -26.99 -53.58 86.85
CA ASN D 525 -26.61 -53.38 88.25
C ASN D 525 -26.55 -51.90 88.63
N SER D 526 -26.84 -51.00 87.71
CA SER D 526 -26.81 -49.57 88.01
C SER D 526 -27.94 -49.21 88.97
N LYS D 527 -27.61 -48.38 89.96
CA LYS D 527 -28.61 -47.95 90.94
C LYS D 527 -29.57 -46.93 90.35
N LEU D 528 -29.15 -46.17 89.35
CA LEU D 528 -30.00 -45.15 88.77
C LEU D 528 -31.22 -45.75 88.09
N LEU D 529 -31.04 -46.85 87.35
CA LEU D 529 -32.15 -47.48 86.65
C LEU D 529 -33.12 -48.13 87.63
N LYS D 530 -32.60 -48.82 88.66
CA LYS D 530 -33.45 -49.46 89.64
C LYS D 530 -34.21 -48.46 90.51
N THR D 531 -33.71 -47.23 90.59
CA THR D 531 -34.38 -46.17 91.34
C THR D 531 -35.46 -45.47 90.52
N SER D 532 -35.60 -45.86 89.24
CA SER D 532 -36.56 -45.28 88.30
C SER D 532 -36.26 -43.83 87.98
N MET D 533 -35.01 -43.39 88.19
CA MET D 533 -34.62 -42.04 87.77
C MET D 533 -34.66 -41.91 86.25
N LEU D 534 -34.21 -42.95 85.55
CA LEU D 534 -34.21 -42.97 84.08
C LEU D 534 -35.03 -44.15 83.60
N LYS D 535 -35.77 -43.94 82.51
CA LYS D 535 -36.63 -44.98 81.97
C LYS D 535 -35.80 -46.16 81.48
N ALA D 536 -36.33 -47.38 81.68
CA ALA D 536 -35.60 -48.58 81.31
C ALA D 536 -35.48 -48.77 79.81
N HIS D 537 -36.40 -48.21 79.03
CA HIS D 537 -36.38 -48.35 77.58
C HIS D 537 -35.61 -47.23 76.88
N GLN D 538 -35.01 -46.32 77.64
CA GLN D 538 -34.23 -45.22 77.08
C GLN D 538 -32.73 -45.50 77.10
N VAL D 539 -32.32 -46.73 77.40
CA VAL D 539 -30.91 -47.09 77.46
C VAL D 539 -30.65 -48.25 76.51
N THR D 540 -29.39 -48.71 76.47
CA THR D 540 -28.93 -49.82 75.64
C THR D 540 -28.98 -49.49 74.15
N THR D 541 -28.08 -50.10 73.38
CA THR D 541 -28.04 -49.85 71.94
C THR D 541 -29.17 -50.54 71.19
N ARG D 542 -29.65 -51.68 71.71
CA ARG D 542 -30.70 -52.41 71.02
C ARG D 542 -31.99 -51.58 70.91
N ASN D 543 -32.37 -50.92 72.02
CA ASN D 543 -33.59 -50.11 72.00
C ASN D 543 -33.44 -48.93 71.04
N LEU D 544 -32.27 -48.26 71.06
CA LEU D 544 -32.05 -47.14 70.18
C LEU D 544 -32.05 -47.57 68.72
N SER D 545 -31.40 -48.69 68.41
CA SER D 545 -31.34 -49.16 67.03
C SER D 545 -32.72 -49.51 66.51
N LEU D 546 -33.54 -50.19 67.33
CA LEU D 546 -34.87 -50.57 66.89
C LEU D 546 -35.75 -49.36 66.64
N ALA D 547 -35.69 -48.36 67.53
CA ALA D 547 -36.50 -47.16 67.35
C ALA D 547 -36.07 -46.38 66.12
N VAL D 548 -34.77 -46.23 65.91
CA VAL D 548 -34.27 -45.51 64.75
C VAL D 548 -34.65 -46.23 63.46
N SER D 549 -34.48 -47.56 63.44
CA SER D 549 -34.77 -48.34 62.24
C SER D 549 -36.24 -48.23 61.85
N ASP D 550 -37.13 -48.38 62.83
CA ASP D 550 -38.57 -48.33 62.52
C ASP D 550 -38.98 -46.95 62.02
N CYS D 551 -38.51 -45.90 62.69
CA CYS D 551 -38.85 -44.54 62.27
C CYS D 551 -38.27 -44.23 60.89
N PHE D 552 -37.01 -44.61 60.66
CA PHE D 552 -36.39 -44.33 59.37
C PHE D 552 -37.08 -45.08 58.25
N TRP D 553 -37.43 -46.35 58.48
CA TRP D 553 -38.06 -47.16 57.44
C TRP D 553 -39.44 -46.61 57.07
N LYS D 554 -40.22 -46.20 58.08
CA LYS D 554 -41.56 -45.66 57.80
C LYS D 554 -41.47 -44.38 56.96
N MET D 555 -40.53 -43.50 57.29
CA MET D 555 -40.34 -42.29 56.49
C MET D 555 -39.88 -42.63 55.08
N VAL D 556 -39.04 -43.65 54.94
CA VAL D 556 -38.58 -44.07 53.62
C VAL D 556 -39.74 -44.57 52.78
N ARG D 557 -40.64 -45.36 53.38
CA ARG D 557 -41.76 -45.92 52.63
C ARG D 557 -42.63 -44.82 52.04
N GLU D 558 -42.96 -43.81 52.83
CA GLU D 558 -43.78 -42.72 52.33
C GLU D 558 -43.05 -41.93 51.25
N SER D 559 -41.77 -41.63 51.49
CA SER D 559 -41.00 -40.83 50.54
C SER D 559 -40.82 -41.55 49.21
N VAL D 560 -40.53 -42.86 49.25
CA VAL D 560 -40.25 -43.59 48.01
C VAL D 560 -41.50 -43.68 47.14
N GLU D 561 -42.69 -43.75 47.75
CA GLU D 561 -43.91 -43.77 46.95
C GLU D 561 -44.08 -42.46 46.17
N GLN D 562 -43.82 -41.33 46.83
CA GLN D 562 -43.91 -40.04 46.14
C GLN D 562 -42.87 -39.92 45.04
N GLN D 563 -41.64 -40.37 45.32
CA GLN D 563 -40.57 -40.30 44.33
C GLN D 563 -40.88 -41.19 43.13
N ALA D 564 -41.42 -42.38 43.37
CA ALA D 564 -41.73 -43.29 42.26
C ALA D 564 -42.76 -42.69 41.32
N ASP D 565 -43.82 -42.08 41.88
CA ASP D 565 -44.81 -41.42 41.04
C ASP D 565 -44.21 -40.25 40.29
N SER D 566 -43.37 -39.44 40.95
CA SER D 566 -42.74 -38.31 40.30
C SER D 566 -41.81 -38.77 39.17
N PHE D 567 -41.03 -39.83 39.42
CA PHE D 567 -40.12 -40.33 38.39
C PHE D 567 -40.89 -40.86 37.19
N LYS D 568 -41.99 -41.57 37.42
CA LYS D 568 -42.80 -42.08 36.32
C LYS D 568 -43.38 -40.94 35.48
N ALA D 569 -43.88 -39.90 36.15
CA ALA D 569 -44.39 -38.73 35.43
C ALA D 569 -43.28 -38.03 34.65
N THR D 570 -42.11 -37.87 35.28
CA THR D 570 -41.00 -37.22 34.61
C THR D 570 -40.55 -38.01 33.38
N ARG D 571 -40.47 -39.33 33.50
CA ARG D 571 -40.09 -40.16 32.36
C ARG D 571 -41.12 -40.05 31.24
N PHE D 572 -42.40 -39.99 31.61
CA PHE D 572 -43.45 -39.84 30.60
C PHE D 572 -43.29 -38.54 29.83
N ASN D 573 -42.95 -37.45 30.53
CA ASN D 573 -42.73 -36.18 29.84
C ASN D 573 -41.57 -36.27 28.87
N LEU D 574 -40.47 -36.93 29.27
CA LEU D 574 -39.34 -37.10 28.38
C LEU D 574 -39.73 -37.93 27.15
N GLU D 575 -40.49 -39.01 27.35
CA GLU D 575 -40.93 -39.82 26.22
C GLU D 575 -41.84 -39.03 25.30
N THR D 576 -42.74 -38.23 25.87
CA THR D 576 -43.64 -37.41 25.05
C THR D 576 -42.85 -36.41 24.22
N GLU D 577 -41.81 -35.79 24.80
CA GLU D 577 -40.97 -34.88 24.05
C GLU D 577 -40.25 -35.60 22.91
N TRP D 578 -39.79 -36.83 23.17
CA TRP D 578 -39.11 -37.60 22.13
C TRP D 578 -40.05 -37.89 20.96
N LYS D 579 -41.29 -38.28 21.26
CA LYS D 579 -42.26 -38.55 20.19
C LYS D 579 -42.57 -37.29 19.39
N ASN D 580 -42.72 -36.16 20.08
CA ASN D 580 -43.07 -34.92 19.40
C ASN D 580 -41.95 -34.45 18.48
N ASN D 581 -40.70 -34.60 18.90
CA ASN D 581 -39.55 -34.15 18.13
C ASN D 581 -39.01 -35.21 17.17
N TYR D 582 -38.90 -36.45 17.63
CA TYR D 582 -38.32 -37.55 16.84
C TYR D 582 -39.28 -38.74 16.89
N PRO D 583 -40.38 -38.69 16.15
CA PRO D 583 -41.34 -39.80 16.19
C PRO D 583 -40.87 -41.03 15.43
N ARG D 584 -40.05 -40.82 14.40
CA ARG D 584 -39.62 -41.90 13.51
C ARG D 584 -38.18 -42.33 13.78
N LEU D 585 -37.66 -42.03 14.97
CA LEU D 585 -36.29 -42.39 15.33
C LEU D 585 -36.30 -43.24 16.61
N ARG D 586 -35.15 -43.83 16.90
CA ARG D 586 -34.98 -44.71 18.05
C ARG D 586 -33.90 -44.14 18.96
N GLU D 587 -34.16 -44.16 20.27
CA GLU D 587 -33.20 -43.65 21.24
C GLU D 587 -32.08 -44.66 21.44
N LEU D 588 -30.83 -44.18 21.32
CA LEU D 588 -29.65 -45.00 21.54
C LEU D 588 -28.69 -44.25 22.45
N ASP D 589 -27.89 -45.01 23.19
CA ASP D 589 -26.91 -44.43 24.09
C ASP D 589 -25.68 -43.97 23.31
N ARG D 590 -24.68 -43.48 24.04
CA ARG D 590 -23.47 -42.98 23.39
C ARG D 590 -22.74 -44.08 22.62
N ASN D 591 -22.65 -45.27 23.22
CA ASN D 591 -21.95 -46.37 22.56
C ASN D 591 -22.66 -46.80 21.28
N GLU D 592 -23.99 -46.97 21.33
CA GLU D 592 -24.73 -47.43 20.16
C GLU D 592 -24.66 -46.40 19.03
N LEU D 593 -24.69 -45.12 19.37
CA LEU D 593 -24.55 -44.09 18.34
C LEU D 593 -23.19 -44.18 17.65
N PHE D 594 -22.13 -44.50 18.41
CA PHE D 594 -20.82 -44.69 17.81
C PHE D 594 -20.83 -45.85 16.83
N GLU D 595 -21.49 -46.96 17.19
CA GLU D 595 -21.58 -48.10 16.29
C GLU D 595 -22.35 -47.74 15.02
N LYS D 596 -23.47 -47.02 15.17
CA LYS D 596 -24.24 -46.61 14.00
C LYS D 596 -23.44 -45.66 13.12
N ALA D 597 -22.71 -44.73 13.73
CA ALA D 597 -21.94 -43.76 12.95
C ALA D 597 -20.85 -44.44 12.12
N LYS D 598 -20.14 -45.40 12.72
CA LYS D 598 -19.07 -46.07 11.98
C LYS D 598 -19.62 -46.89 10.82
N ASN D 599 -20.78 -47.52 11.00
CA ASN D 599 -21.38 -48.28 9.90
C ASN D 599 -21.74 -47.37 8.73
N GLU D 600 -22.28 -46.19 9.03
CA GLU D 600 -22.57 -45.22 7.97
C GLU D 600 -21.30 -44.80 7.25
N ILE D 601 -20.20 -44.64 7.99
CA ILE D 601 -18.93 -44.28 7.37
C ILE D 601 -18.47 -45.36 6.41
N LEU D 602 -18.57 -46.63 6.82
CA LEU D 602 -18.18 -47.72 5.94
C LEU D 602 -19.05 -47.77 4.69
N ASP D 603 -20.35 -47.47 4.83
CA ASP D 603 -21.24 -47.42 3.68
C ASP D 603 -20.80 -46.34 2.70
N GLU D 604 -20.43 -45.17 3.21
CA GLU D 604 -19.98 -44.09 2.34
C GLU D 604 -18.65 -44.46 1.66
N VAL D 605 -17.80 -45.21 2.35
CA VAL D 605 -16.57 -45.69 1.74
C VAL D 605 -16.87 -46.59 0.55
N ILE D 606 -17.83 -47.51 0.72
CA ILE D 606 -18.21 -48.40 -0.37
C ILE D 606 -18.86 -47.62 -1.51
N SER D 607 -19.75 -46.68 -1.17
CA SER D 607 -20.42 -45.88 -2.19
C SER D 607 -19.42 -45.06 -3.00
N LEU D 608 -18.28 -44.70 -2.41
CA LEU D 608 -17.27 -43.96 -3.14
C LEU D 608 -16.71 -44.78 -4.31
N SER D 609 -16.72 -46.10 -4.18
CA SER D 609 -16.25 -46.98 -5.24
C SER D 609 -17.34 -47.29 -6.27
N GLN D 610 -18.54 -46.74 -6.10
CA GLN D 610 -19.67 -47.00 -7.00
C GLN D 610 -19.85 -45.88 -8.01
N VAL D 611 -18.75 -45.27 -8.46
CA VAL D 611 -18.79 -44.17 -9.42
C VAL D 611 -18.22 -44.68 -10.74
N THR D 612 -18.80 -44.18 -11.83
CA THR D 612 -18.40 -44.61 -13.16
C THR D 612 -16.92 -44.29 -13.40
N PRO D 613 -16.14 -45.19 -14.00
CA PRO D 613 -14.71 -44.90 -14.23
C PRO D 613 -14.47 -43.69 -15.11
N LYS D 614 -15.41 -43.35 -15.99
CA LYS D 614 -15.22 -42.21 -16.88
C LYS D 614 -15.07 -40.92 -16.08
N HIS D 615 -15.88 -40.74 -15.05
CA HIS D 615 -15.81 -39.53 -14.23
C HIS D 615 -14.44 -39.40 -13.56
N TRP D 616 -13.91 -40.51 -13.05
CA TRP D 616 -12.58 -40.48 -12.44
C TRP D 616 -11.51 -40.09 -13.45
N GLU D 617 -11.58 -40.67 -14.66
CA GLU D 617 -10.56 -40.40 -15.67
C GLU D 617 -10.58 -38.94 -16.10
N GLU D 618 -11.77 -38.37 -16.30
CA GLU D 618 -11.87 -36.98 -16.72
C GLU D 618 -11.27 -36.05 -15.68
N ILE D 619 -11.59 -36.27 -14.39
CA ILE D 619 -11.08 -35.41 -13.34
C ILE D 619 -9.56 -35.56 -13.22
N LEU D 620 -9.07 -36.81 -13.24
CA LEU D 620 -7.64 -37.04 -13.09
C LEU D 620 -6.85 -36.45 -14.25
N GLN D 621 -7.36 -36.62 -15.48
CA GLN D 621 -6.66 -36.10 -16.65
C GLN D 621 -6.57 -34.57 -16.61
N GLN D 622 -7.69 -33.91 -16.32
CA GLN D 622 -7.71 -32.46 -16.30
C GLN D 622 -6.83 -31.91 -15.18
N SER D 623 -6.90 -32.50 -13.99
CA SER D 623 -6.11 -32.02 -12.86
C SER D 623 -4.62 -32.20 -13.13
N LEU D 624 -4.21 -33.37 -13.60
CA LEU D 624 -2.80 -33.63 -13.85
C LEU D 624 -2.27 -32.74 -14.97
N TRP D 625 -3.04 -32.57 -16.04
CA TRP D 625 -2.58 -31.73 -17.15
C TRP D 625 -2.36 -30.29 -16.71
N GLU D 626 -3.33 -29.70 -16.01
CA GLU D 626 -3.19 -28.32 -15.55
C GLU D 626 -2.07 -28.18 -14.54
N ARG D 627 -1.80 -29.23 -13.76
CA ARG D 627 -0.75 -29.15 -12.75
C ARG D 627 0.63 -29.04 -13.38
N VAL D 628 0.83 -29.69 -14.53
CA VAL D 628 2.15 -29.76 -15.15
C VAL D 628 2.24 -29.00 -16.47
N SER D 629 1.14 -28.41 -16.95
CA SER D 629 1.18 -27.72 -18.23
C SER D 629 2.15 -26.54 -18.21
N THR D 630 2.13 -25.77 -17.12
CA THR D 630 3.02 -24.60 -17.03
C THR D 630 4.48 -25.02 -17.06
N HIS D 631 4.84 -26.05 -16.28
CA HIS D 631 6.23 -26.50 -16.24
C HIS D 631 6.67 -27.06 -17.58
N VAL D 632 5.81 -27.84 -18.24
CA VAL D 632 6.17 -28.48 -19.50
C VAL D 632 6.41 -27.43 -20.58
N ILE D 633 5.48 -26.50 -20.74
CA ILE D 633 5.56 -25.54 -21.83
C ILE D 633 6.71 -24.57 -21.60
N GLU D 634 6.76 -23.97 -20.41
CA GLU D 634 7.73 -22.91 -20.15
C GLU D 634 9.16 -23.46 -20.07
N ASN D 635 9.36 -24.53 -19.29
CA ASN D 635 10.70 -24.99 -19.02
C ASN D 635 11.26 -25.93 -20.09
N ILE D 636 10.42 -26.45 -20.99
CA ILE D 636 10.89 -27.41 -21.99
C ILE D 636 10.59 -26.92 -23.40
N TYR D 637 9.32 -26.63 -23.67
CA TYR D 637 8.91 -26.28 -25.03
C TYR D 637 9.55 -24.97 -25.47
N LEU D 638 9.48 -23.93 -24.63
CA LEU D 638 10.01 -22.63 -25.01
C LEU D 638 11.52 -22.63 -25.27
N PRO D 639 12.38 -23.18 -24.38
CA PRO D 639 13.81 -23.19 -24.71
C PRO D 639 14.14 -23.95 -25.98
N ALA D 640 13.45 -25.05 -26.25
CA ALA D 640 13.74 -25.84 -27.43
C ALA D 640 13.21 -25.21 -28.71
N ALA D 641 12.08 -24.50 -28.63
CA ALA D 641 11.48 -23.90 -29.81
C ALA D 641 12.32 -22.78 -30.40
N GLN D 642 13.25 -22.22 -29.63
CA GLN D 642 14.07 -21.11 -30.13
C GLN D 642 14.92 -21.55 -31.32
N THR D 643 15.51 -22.73 -31.23
CA THR D 643 16.37 -23.22 -32.31
C THR D 643 15.55 -23.56 -33.55
N MET D 644 16.09 -23.24 -34.72
CA MET D 644 15.44 -23.56 -35.98
C MET D 644 15.78 -24.95 -36.51
N ASN D 645 16.73 -25.64 -35.87
CA ASN D 645 17.12 -26.98 -36.31
C ASN D 645 16.21 -28.00 -35.64
N SER D 646 15.48 -28.76 -36.46
CA SER D 646 14.55 -29.75 -35.93
C SER D 646 15.27 -30.83 -35.13
N GLY D 647 16.42 -31.29 -35.62
CA GLY D 647 17.16 -32.32 -34.91
C GLY D 647 17.62 -31.87 -33.53
N THR D 648 18.19 -30.68 -33.44
CA THR D 648 18.59 -30.14 -32.14
C THR D 648 17.37 -29.89 -31.26
N PHE D 649 16.28 -29.40 -31.85
CA PHE D 649 15.06 -29.17 -31.09
C PHE D 649 14.55 -30.47 -30.46
N ASN D 650 14.47 -31.54 -31.26
CA ASN D 650 14.00 -32.82 -30.74
C ASN D 650 14.95 -33.37 -29.68
N THR D 651 16.25 -33.24 -29.89
CA THR D 651 17.23 -33.76 -28.92
C THR D 651 17.08 -33.06 -27.57
N THR D 652 16.91 -31.74 -27.58
CA THR D 652 16.73 -30.99 -26.34
C THR D 652 15.45 -31.43 -25.61
N VAL D 653 14.37 -31.67 -26.36
CA VAL D 653 13.12 -32.09 -25.75
C VAL D 653 13.29 -33.44 -25.07
N ASP D 654 13.93 -34.39 -25.75
CA ASP D 654 14.11 -35.73 -25.18
C ASP D 654 14.96 -35.69 -23.92
N ILE D 655 16.04 -34.91 -23.92
CA ILE D 655 16.90 -34.81 -22.74
C ILE D 655 16.13 -34.22 -21.56
N LYS D 656 15.37 -33.15 -21.83
CA LYS D 656 14.60 -32.51 -20.76
C LYS D 656 13.53 -33.45 -20.23
N LEU D 657 12.88 -34.21 -21.11
CA LEU D 657 11.83 -35.14 -20.67
C LEU D 657 12.39 -36.20 -19.73
N LYS D 658 13.53 -36.79 -20.09
CA LYS D 658 14.11 -37.85 -19.26
C LYS D 658 14.49 -37.31 -17.88
N GLN D 659 15.11 -36.13 -17.84
CA GLN D 659 15.52 -35.56 -16.55
C GLN D 659 14.32 -35.28 -15.66
N TRP D 660 13.25 -34.71 -16.22
CA TRP D 660 12.08 -34.38 -15.41
C TRP D 660 11.30 -35.63 -15.01
N THR D 661 11.10 -36.57 -15.94
CA THR D 661 10.26 -37.73 -15.67
C THR D 661 10.88 -38.63 -14.60
N ASP D 662 12.20 -38.83 -14.64
CA ASP D 662 12.83 -39.79 -13.74
C ASP D 662 12.78 -39.37 -12.28
N LYS D 663 12.58 -38.08 -11.99
CA LYS D 663 12.65 -37.63 -10.61
C LYS D 663 11.40 -36.90 -10.14
N GLN D 664 10.75 -36.12 -11.01
CA GLN D 664 9.66 -35.25 -10.61
C GLN D 664 8.28 -35.76 -11.02
N LEU D 665 8.17 -36.45 -12.16
CA LEU D 665 6.87 -36.89 -12.64
C LEU D 665 6.13 -37.80 -11.67
N PRO D 666 6.73 -38.88 -11.13
CA PRO D 666 5.96 -39.74 -10.21
C PRO D 666 5.47 -39.02 -8.96
N ASN D 667 6.26 -38.08 -8.44
CA ASN D 667 5.84 -37.34 -7.25
C ASN D 667 4.61 -36.49 -7.54
N LYS D 668 4.61 -35.78 -8.67
CA LYS D 668 3.47 -34.95 -9.03
C LYS D 668 2.22 -35.80 -9.30
N ALA D 669 2.40 -36.93 -9.97
CA ALA D 669 1.25 -37.81 -10.26
C ALA D 669 0.65 -38.36 -8.98
N VAL D 670 1.48 -38.76 -8.02
CA VAL D 670 0.97 -39.27 -6.75
C VAL D 670 0.21 -38.18 -6.01
N GLU D 671 0.76 -36.97 -5.95
CA GLU D 671 0.09 -35.88 -5.27
C GLU D 671 -1.23 -35.52 -5.93
N VAL D 672 -1.26 -35.49 -7.27
CA VAL D 672 -2.48 -35.16 -7.99
C VAL D 672 -3.55 -36.22 -7.75
N ALA D 673 -3.16 -37.50 -7.86
CA ALA D 673 -4.12 -38.58 -7.64
C ALA D 673 -4.64 -38.58 -6.21
N TRP D 674 -3.76 -38.37 -5.23
CA TRP D 674 -4.19 -38.33 -3.84
C TRP D 674 -5.10 -37.14 -3.58
N GLU D 675 -4.79 -35.98 -4.18
CA GLU D 675 -5.62 -34.81 -4.00
C GLU D 675 -7.03 -35.03 -4.55
N THR D 676 -7.13 -35.64 -5.74
CA THR D 676 -8.44 -35.93 -6.32
C THR D 676 -9.23 -36.89 -5.44
N LEU D 677 -8.56 -37.91 -4.90
CA LEU D 677 -9.23 -38.82 -3.96
C LEU D 677 -9.66 -38.08 -2.70
N GLN D 678 -8.83 -37.16 -2.21
CA GLN D 678 -9.19 -36.37 -1.04
C GLN D 678 -10.44 -35.53 -1.31
N GLU D 679 -10.53 -34.92 -2.49
CA GLU D 679 -11.66 -34.07 -2.81
C GLU D 679 -12.97 -34.85 -2.78
N GLU D 680 -13.00 -36.00 -3.47
CA GLU D 680 -14.21 -36.81 -3.51
C GLU D 680 -14.56 -37.35 -2.12
N PHE D 681 -13.56 -37.86 -1.41
CA PHE D 681 -13.80 -38.46 -0.11
C PHE D 681 -14.28 -37.41 0.91
N SER D 682 -13.57 -36.29 1.00
CA SER D 682 -13.94 -35.26 1.96
C SER D 682 -15.32 -34.67 1.65
N ARG D 683 -15.61 -34.45 0.36
CA ARG D 683 -16.93 -33.93 -0.01
C ARG D 683 -18.04 -34.87 0.43
N PHE D 684 -17.90 -36.16 0.10
CA PHE D 684 -18.93 -37.13 0.48
C PHE D 684 -19.13 -37.18 1.98
N MET D 685 -18.08 -36.93 2.75
CA MET D 685 -18.23 -36.85 4.21
C MET D 685 -19.11 -35.68 4.60
N THR D 686 -19.07 -34.59 3.82
CA THR D 686 -19.75 -33.35 4.17
C THR D 686 -20.81 -32.94 3.15
N GLU D 687 -21.31 -33.87 2.34
CA GLU D 687 -22.39 -33.54 1.42
C GLU D 687 -23.67 -33.30 2.19
N PRO D 688 -24.28 -32.12 2.09
CA PRO D 688 -25.57 -31.87 2.77
C PRO D 688 -26.71 -32.51 2.01
N LYS D 689 -27.40 -33.45 2.65
CA LYS D 689 -28.52 -34.18 2.02
C LYS D 689 -29.82 -33.44 2.30
N GLY D 690 -29.86 -32.20 1.82
CA GLY D 690 -31.05 -31.37 1.98
C GLY D 690 -31.34 -31.06 3.43
N LYS D 691 -32.63 -30.87 3.72
CA LYS D 691 -33.06 -30.62 5.09
C LYS D 691 -32.93 -31.85 5.97
N GLU D 692 -32.78 -33.03 5.39
CA GLU D 692 -32.68 -34.27 6.15
C GLU D 692 -31.28 -34.52 6.70
N HIS D 693 -30.31 -33.67 6.36
CA HIS D 693 -28.94 -33.85 6.86
C HIS D 693 -28.88 -33.72 8.38
N ASP D 694 -28.15 -34.63 9.00
CA ASP D 694 -27.94 -34.62 10.45
C ASP D 694 -26.63 -33.89 10.76
N ASP D 695 -26.60 -33.22 11.90
CA ASP D 695 -25.47 -32.38 12.27
C ASP D 695 -24.63 -32.93 13.41
N ILE D 696 -25.16 -33.86 14.22
CA ILE D 696 -24.39 -34.40 15.33
C ILE D 696 -23.22 -35.22 14.82
N PHE D 697 -23.42 -35.98 13.74
CA PHE D 697 -22.37 -36.84 13.22
C PHE D 697 -21.30 -36.08 12.44
N ASP D 698 -21.58 -34.83 12.06
CA ASP D 698 -20.63 -34.08 11.24
C ASP D 698 -19.32 -33.84 12.00
N LYS D 699 -19.40 -33.53 13.29
CA LYS D 699 -18.19 -33.30 14.08
C LYS D 699 -17.32 -34.55 14.13
N LEU D 700 -17.95 -35.71 14.35
CA LEU D 700 -17.19 -36.97 14.38
C LEU D 700 -16.60 -37.28 13.01
N LYS D 701 -17.36 -37.02 11.94
CA LYS D 701 -16.86 -37.29 10.59
C LYS D 701 -15.61 -36.48 10.29
N GLU D 702 -15.62 -35.18 10.66
CA GLU D 702 -14.46 -34.33 10.39
C GLU D 702 -13.24 -34.77 11.19
N ALA D 703 -13.44 -35.16 12.46
CA ALA D 703 -12.32 -35.60 13.28
C ALA D 703 -11.69 -36.86 12.71
N VAL D 704 -12.51 -37.83 12.30
CA VAL D 704 -11.97 -39.06 11.71
C VAL D 704 -11.30 -38.76 10.38
N LYS D 705 -11.88 -37.84 9.61
CA LYS D 705 -11.31 -37.50 8.30
C LYS D 705 -9.90 -36.94 8.43
N GLU D 706 -9.71 -36.03 9.39
CA GLU D 706 -8.38 -35.44 9.57
C GLU D 706 -7.37 -36.49 10.02
N GLU D 707 -7.76 -37.34 10.98
CA GLU D 707 -6.85 -38.38 11.45
C GLU D 707 -6.53 -39.38 10.35
N SER D 708 -7.53 -39.77 9.56
CA SER D 708 -7.30 -40.72 8.47
C SER D 708 -6.35 -40.14 7.43
N ILE D 709 -6.48 -38.86 7.11
CA ILE D 709 -5.62 -38.22 6.12
C ILE D 709 -4.17 -38.25 6.60
N LYS D 710 -3.95 -37.97 7.89
CA LYS D 710 -2.59 -37.99 8.42
C LYS D 710 -1.98 -39.38 8.33
N ARG D 711 -2.76 -40.43 8.60
CA ARG D 711 -2.27 -41.79 8.55
C ARG D 711 -2.19 -42.36 7.13
N HIS D 712 -2.67 -41.63 6.13
CA HIS D 712 -2.63 -42.12 4.76
C HIS D 712 -1.19 -42.24 4.27
N LYS D 713 -0.91 -43.32 3.55
CA LYS D 713 0.43 -43.56 3.00
C LYS D 713 0.28 -44.29 1.67
N TRP D 714 0.66 -43.63 0.58
CA TRP D 714 0.57 -44.22 -0.74
C TRP D 714 1.66 -45.27 -0.94
N ASN D 715 1.40 -46.21 -1.85
CA ASN D 715 2.36 -47.26 -2.15
C ASN D 715 3.67 -46.67 -2.66
N ASP D 716 4.78 -47.13 -2.09
CA ASP D 716 6.09 -46.62 -2.51
C ASP D 716 6.52 -47.20 -3.85
N PHE D 717 6.11 -48.44 -4.14
CA PHE D 717 6.50 -49.10 -5.38
C PHE D 717 5.74 -48.59 -6.60
N ALA D 718 4.64 -47.87 -6.40
CA ALA D 718 3.89 -47.32 -7.53
C ALA D 718 4.70 -46.31 -8.30
N GLU D 719 5.46 -45.46 -7.61
CA GLU D 719 6.26 -44.44 -8.28
C GLU D 719 7.29 -45.07 -9.21
N ASP D 720 8.02 -46.08 -8.71
CA ASP D 720 9.03 -46.74 -9.54
C ASP D 720 8.39 -47.46 -10.73
N SER D 721 7.28 -48.15 -10.51
CA SER D 721 6.61 -48.85 -11.60
C SER D 721 6.10 -47.89 -12.66
N LEU D 722 5.48 -46.79 -12.23
CA LEU D 722 4.91 -45.84 -13.18
C LEU D 722 5.99 -45.14 -14.00
N ARG D 723 7.17 -44.92 -13.41
CA ARG D 723 8.26 -44.25 -14.13
C ARG D 723 8.59 -44.97 -15.42
N VAL D 724 8.71 -46.30 -15.36
CA VAL D 724 8.96 -47.08 -16.57
C VAL D 724 7.73 -47.07 -17.49
N ILE D 725 6.54 -47.09 -16.90
CA ILE D 725 5.31 -47.21 -17.68
C ILE D 725 5.16 -46.01 -18.62
N GLN D 726 5.26 -44.80 -18.08
CA GLN D 726 5.14 -43.61 -18.92
C GLN D 726 6.37 -43.38 -19.79
N HIS D 727 7.54 -43.87 -19.37
CA HIS D 727 8.73 -43.76 -20.21
C HIS D 727 8.55 -44.50 -21.53
N ASN D 728 8.05 -45.73 -21.47
CA ASN D 728 7.81 -46.49 -22.70
C ASN D 728 6.65 -45.91 -23.49
N ALA D 729 5.62 -45.39 -22.79
CA ALA D 729 4.48 -44.80 -23.48
C ALA D 729 4.90 -43.58 -24.30
N LEU D 730 5.76 -42.73 -23.74
CA LEU D 730 6.18 -41.53 -24.45
C LEU D 730 7.26 -41.81 -25.50
N GLU D 731 7.85 -43.00 -25.49
CA GLU D 731 8.93 -43.29 -26.44
C GLU D 731 8.42 -43.50 -27.86
N ASP D 732 7.11 -43.73 -28.04
CA ASP D 732 6.57 -43.91 -29.37
C ASP D 732 6.59 -42.60 -30.14
N ARG D 733 6.79 -42.70 -31.46
CA ARG D 733 6.88 -41.53 -32.33
C ARG D 733 6.05 -41.68 -33.60
N SER D 734 5.06 -42.57 -33.60
CA SER D 734 4.23 -42.82 -34.77
C SER D 734 2.77 -42.65 -34.42
N ILE D 735 2.06 -41.86 -35.24
CA ILE D 735 0.63 -41.61 -35.07
C ILE D 735 -0.08 -42.33 -36.21
N SER D 736 -0.67 -43.49 -35.90
CA SER D 736 -1.34 -44.29 -36.92
C SER D 736 -2.79 -43.90 -37.14
N ASP D 737 -3.35 -43.03 -36.29
CA ASP D 737 -4.76 -42.66 -36.36
C ASP D 737 -4.89 -41.23 -36.85
N LYS D 738 -5.75 -41.02 -37.86
CA LYS D 738 -6.03 -39.68 -38.34
C LYS D 738 -6.72 -38.84 -37.27
N GLN D 739 -7.66 -39.44 -36.54
CA GLN D 739 -8.40 -38.70 -35.52
C GLN D 739 -7.48 -38.29 -34.36
N GLN D 740 -6.47 -39.11 -34.06
CA GLN D 740 -5.50 -38.74 -33.02
C GLN D 740 -4.74 -37.48 -33.40
N TRP D 741 -4.35 -37.37 -34.67
CA TRP D 741 -3.68 -36.17 -35.14
C TRP D 741 -4.59 -34.95 -35.01
N ASP D 742 -5.86 -35.09 -35.37
CA ASP D 742 -6.80 -33.99 -35.22
C ASP D 742 -7.02 -33.65 -33.74
N ALA D 743 -7.10 -34.66 -32.89
CA ALA D 743 -7.28 -34.42 -31.46
C ALA D 743 -6.10 -33.67 -30.87
N ALA D 744 -4.87 -34.02 -31.28
CA ALA D 744 -3.69 -33.31 -30.81
C ALA D 744 -3.72 -31.85 -31.25
N ILE D 745 -4.17 -31.58 -32.47
CA ILE D 745 -4.29 -30.20 -32.95
C ILE D 745 -5.25 -29.42 -32.07
N TYR D 746 -6.42 -30.00 -31.78
CA TYR D 746 -7.39 -29.33 -30.93
C TYR D 746 -6.86 -29.12 -29.52
N PHE D 747 -6.18 -30.13 -28.98
CA PHE D 747 -5.59 -29.99 -27.64
C PHE D 747 -4.52 -28.90 -27.61
N MET D 748 -3.69 -28.83 -28.66
CA MET D 748 -2.70 -27.76 -28.75
C MET D 748 -3.36 -26.40 -28.83
N GLU D 749 -4.44 -26.29 -29.61
CA GLU D 749 -5.12 -25.01 -29.77
C GLU D 749 -5.66 -24.50 -28.43
N GLU D 750 -6.27 -25.38 -27.65
CA GLU D 750 -6.80 -24.99 -26.36
C GLU D 750 -5.70 -24.51 -25.42
N ALA D 751 -4.59 -25.27 -25.37
CA ALA D 751 -3.47 -24.88 -24.51
C ALA D 751 -2.86 -23.57 -24.99
N LEU D 752 -2.67 -23.42 -26.30
CA LEU D 752 -2.10 -22.18 -26.83
C LEU D 752 -3.01 -20.99 -26.56
N GLN D 753 -4.32 -21.17 -26.69
CA GLN D 753 -5.25 -20.06 -26.48
C GLN D 753 -5.22 -19.59 -25.03
N ALA D 754 -5.11 -20.53 -24.08
CA ALA D 754 -5.03 -20.15 -22.67
C ALA D 754 -3.77 -19.33 -22.40
N ARG D 755 -2.63 -19.78 -22.91
CA ARG D 755 -1.39 -19.02 -22.75
C ARG D 755 -1.46 -17.69 -23.48
N LEU D 756 -2.07 -17.67 -24.67
CA LEU D 756 -2.21 -16.42 -25.42
C LEU D 756 -3.07 -15.42 -24.66
N LYS D 757 -4.15 -15.88 -24.03
CA LYS D 757 -5.02 -14.99 -23.27
C LYS D 757 -4.27 -14.36 -22.10
N ASP D 758 -3.45 -15.15 -21.41
CA ASP D 758 -2.64 -14.60 -20.33
C ASP D 758 -1.65 -13.56 -20.86
N THR D 759 -1.02 -13.84 -22.00
CA THR D 759 -0.10 -12.88 -22.60
C THR D 759 -0.83 -11.61 -23.01
N GLU D 760 -2.03 -11.75 -23.57
CA GLU D 760 -2.83 -10.58 -23.95
C GLU D 760 -3.20 -9.75 -22.73
N ASN D 761 -3.55 -10.41 -21.63
CA ASN D 761 -3.91 -9.69 -20.41
C ASN D 761 -2.73 -8.87 -19.90
N ALA D 762 -1.54 -9.46 -19.88
CA ALA D 762 -0.35 -8.72 -19.45
C ALA D 762 -0.06 -7.55 -20.39
N ILE D 763 -0.17 -7.78 -21.70
CA ILE D 763 0.05 -6.71 -22.67
C ILE D 763 -1.00 -5.61 -22.50
N GLU D 764 -2.26 -6.00 -22.32
CA GLU D 764 -3.32 -5.01 -22.13
C GLU D 764 -3.10 -4.20 -20.86
N ASN D 765 -2.65 -4.85 -19.79
CA ASN D 765 -2.36 -4.12 -18.55
C ASN D 765 -1.26 -3.10 -18.75
N MET D 766 -0.22 -3.46 -19.50
CA MET D 766 0.91 -2.55 -19.72
C MET D 766 0.56 -1.45 -20.71
N VAL D 767 -0.41 -1.68 -21.60
CA VAL D 767 -0.71 -0.73 -22.65
C VAL D 767 -2.12 -0.17 -22.50
N GLY D 768 -3.12 -1.04 -22.55
CA GLY D 768 -4.50 -0.63 -22.46
C GLY D 768 -5.31 -1.05 -23.68
N PRO D 769 -6.56 -0.61 -23.73
CA PRO D 769 -7.42 -0.96 -24.86
C PRO D 769 -7.04 -0.18 -26.12
N ASP D 770 -7.50 -0.69 -27.25
CA ASP D 770 -7.24 -0.06 -28.53
C ASP D 770 -7.90 1.33 -28.59
N TRP D 771 -7.36 2.18 -29.47
CA TRP D 771 -7.88 3.54 -29.58
C TRP D 771 -9.36 3.53 -29.98
N LYS D 772 -9.76 2.60 -30.84
CA LYS D 772 -11.19 2.43 -31.13
C LYS D 772 -11.94 2.03 -29.88
N LYS D 773 -11.42 1.05 -29.14
CA LYS D 773 -12.11 0.56 -27.95
C LYS D 773 -12.09 1.59 -26.82
N ARG D 774 -10.93 2.23 -26.60
CA ARG D 774 -10.85 3.22 -25.52
C ARG D 774 -11.74 4.41 -25.80
N TRP D 775 -11.99 4.73 -27.08
CA TRP D 775 -12.95 5.78 -27.40
C TRP D 775 -14.37 5.36 -27.04
N LEU D 776 -14.71 4.09 -27.31
CA LEU D 776 -16.04 3.60 -26.97
C LEU D 776 -16.26 3.59 -25.46
N TYR D 777 -15.24 3.18 -24.70
CA TYR D 777 -15.34 3.12 -23.25
C TYR D 777 -14.97 4.43 -22.56
N TRP D 778 -14.56 5.44 -23.32
CA TRP D 778 -14.17 6.74 -22.80
C TRP D 778 -13.02 6.65 -21.79
N LYS D 779 -12.04 5.78 -22.04
CA LYS D 779 -10.87 5.63 -21.19
C LYS D 779 -9.66 6.25 -21.88
N ASN D 780 -8.86 6.98 -21.10
CA ASN D 780 -7.67 7.66 -21.60
C ASN D 780 -6.41 6.97 -21.09
N ARG D 781 -5.48 6.71 -22.00
CA ARG D 781 -4.23 6.06 -21.64
C ARG D 781 -3.37 6.99 -20.77
N THR D 782 -2.67 6.39 -19.83
CA THR D 782 -1.71 7.12 -19.01
C THR D 782 -0.47 7.44 -19.82
N GLN D 783 0.37 8.33 -19.27
CA GLN D 783 1.61 8.70 -19.94
C GLN D 783 2.52 7.49 -20.11
N GLU D 784 2.65 6.67 -19.06
CA GLU D 784 3.44 5.45 -19.17
C GLU D 784 2.81 4.46 -20.15
N GLN D 785 1.48 4.36 -20.15
CA GLN D 785 0.80 3.47 -21.08
C GLN D 785 1.06 3.89 -22.53
N CYS D 786 1.00 5.19 -22.81
CA CYS D 786 1.32 5.68 -24.14
C CYS D 786 2.78 5.40 -24.51
N VAL D 787 3.68 5.51 -23.54
CA VAL D 787 5.09 5.19 -23.78
C VAL D 787 5.22 3.72 -24.20
N HIS D 788 4.53 2.83 -23.49
CA HIS D 788 4.57 1.41 -23.83
C HIS D 788 3.98 1.16 -25.21
N ASN D 789 2.92 1.89 -25.56
CA ASN D 789 2.31 1.74 -26.88
C ASN D 789 3.30 2.10 -27.99
N GLU D 790 4.04 3.20 -27.80
CA GLU D 790 5.04 3.59 -28.80
C GLU D 790 6.13 2.54 -28.92
N THR D 791 6.57 1.99 -27.79
CA THR D 791 7.55 0.90 -27.83
C THR D 791 7.00 -0.31 -28.57
N LYS D 792 5.71 -0.60 -28.39
CA LYS D 792 5.09 -1.72 -29.09
C LYS D 792 5.15 -1.53 -30.60
N ASN D 793 4.88 -0.31 -31.07
CA ASN D 793 4.95 -0.05 -32.51
C ASN D 793 6.36 -0.25 -33.05
N GLU D 794 7.37 0.19 -32.30
CA GLU D 794 8.75 -0.01 -32.72
C GLU D 794 9.09 -1.49 -32.81
N LEU D 795 8.66 -2.27 -31.81
CA LEU D 795 8.92 -3.70 -31.85
C LEU D 795 8.14 -4.37 -32.97
N GLU D 796 6.96 -3.84 -33.30
CA GLU D 796 6.18 -4.37 -34.41
C GLU D 796 6.94 -4.27 -35.73
N LYS D 797 7.51 -3.09 -36.00
CA LYS D 797 8.27 -2.90 -37.24
C LYS D 797 9.53 -3.76 -37.25
N MET D 798 10.21 -3.86 -36.09
CA MET D 798 11.41 -4.68 -36.03
C MET D 798 11.10 -6.15 -36.31
N LEU D 799 10.02 -6.67 -35.72
CA LEU D 799 9.65 -8.07 -35.95
C LEU D 799 9.14 -8.28 -37.37
N LYS D 800 8.44 -7.30 -37.94
CA LYS D 800 7.94 -7.43 -39.31
C LYS D 800 9.09 -7.53 -40.32
N CYS D 801 10.13 -6.71 -40.15
CA CYS D 801 11.26 -6.76 -41.08
C CYS D 801 12.02 -8.08 -40.96
N ASN D 802 12.34 -8.48 -39.73
CA ASN D 802 13.07 -9.72 -39.47
C ASN D 802 12.09 -10.70 -38.84
N GLU D 803 11.45 -11.53 -39.67
CA GLU D 803 10.46 -12.48 -39.19
C GLU D 803 11.07 -13.64 -38.41
N GLU D 804 12.39 -13.79 -38.43
CA GLU D 804 13.08 -14.87 -37.74
C GLU D 804 14.14 -14.31 -36.79
N HIS D 805 13.78 -13.26 -36.07
CA HIS D 805 14.71 -12.65 -35.13
C HIS D 805 14.88 -13.54 -33.91
N PRO D 806 16.10 -13.63 -33.37
CA PRO D 806 16.32 -14.44 -32.17
C PRO D 806 15.62 -13.84 -30.95
N ALA D 807 15.31 -14.71 -30.00
CA ALA D 807 14.60 -14.27 -28.79
C ALA D 807 15.42 -13.29 -27.97
N TYR D 808 16.73 -13.54 -27.85
CA TYR D 808 17.58 -12.68 -27.05
C TYR D 808 17.80 -11.33 -27.76
N LEU D 809 18.24 -10.35 -26.98
CA LEU D 809 18.42 -8.99 -27.47
C LEU D 809 19.90 -8.63 -27.43
N ALA D 810 20.21 -7.48 -28.04
CA ALA D 810 21.57 -6.96 -28.10
C ALA D 810 21.55 -5.48 -27.73
N SER D 811 22.69 -5.00 -27.23
CA SER D 811 22.77 -3.62 -26.76
C SER D 811 22.57 -2.62 -27.89
N ASP D 812 23.16 -2.88 -29.06
CA ASP D 812 23.02 -1.96 -30.18
C ASP D 812 21.57 -1.87 -30.65
N GLU D 813 20.83 -2.97 -30.55
CA GLU D 813 19.40 -2.92 -30.86
C GLU D 813 18.65 -1.99 -29.93
N ILE D 814 19.00 -2.01 -28.64
CA ILE D 814 18.38 -1.11 -27.67
C ILE D 814 18.69 0.34 -28.04
N THR D 815 19.94 0.60 -28.42
CA THR D 815 20.35 1.98 -28.82
C THR D 815 19.45 2.44 -29.97
N THR D 816 19.37 1.63 -31.04
CA THR D 816 18.53 1.99 -32.21
C THR D 816 17.11 2.31 -31.74
N VAL D 817 16.49 1.42 -30.95
CA VAL D 817 15.12 1.64 -30.53
C VAL D 817 15.03 2.93 -29.72
N ARG D 818 15.97 3.15 -28.81
CA ARG D 818 15.94 4.34 -27.96
C ARG D 818 16.04 5.61 -28.78
N LYS D 819 16.88 5.58 -29.83
CA LYS D 819 17.04 6.78 -30.70
C LYS D 819 15.70 7.12 -31.36
N ASN D 820 15.01 6.10 -31.89
CA ASN D 820 13.70 6.33 -32.57
C ASN D 820 12.70 6.87 -31.55
N LEU D 821 12.80 6.43 -30.29
CA LEU D 821 11.94 6.99 -29.25
C LEU D 821 12.27 8.45 -28.99
N GLU D 822 13.56 8.79 -28.98
CA GLU D 822 13.96 10.18 -28.81
C GLU D 822 13.50 11.03 -29.99
N SER D 823 13.47 10.45 -31.19
CA SER D 823 12.90 11.14 -32.34
C SER D 823 11.43 11.47 -32.12
N ARG D 824 10.73 10.65 -31.32
CA ARG D 824 9.36 10.93 -30.91
C ARG D 824 9.30 11.72 -29.61
N GLY D 825 10.43 12.14 -29.08
CA GLY D 825 10.45 12.86 -27.80
C GLY D 825 10.06 12.00 -26.62
N VAL D 826 10.49 10.74 -26.61
CA VAL D 826 10.20 9.82 -25.52
C VAL D 826 11.52 9.20 -25.06
N GLU D 827 11.76 9.22 -23.75
CA GLU D 827 12.95 8.62 -23.18
C GLU D 827 12.55 7.35 -22.41
N VAL D 828 13.12 6.22 -22.80
CA VAL D 828 12.80 4.93 -22.21
C VAL D 828 14.09 4.23 -21.81
N ASP D 829 14.11 3.69 -20.58
CA ASP D 829 15.23 2.93 -20.06
C ASP D 829 15.35 1.58 -20.78
N PRO D 830 16.57 1.06 -20.92
CA PRO D 830 16.73 -0.24 -21.60
C PRO D 830 15.99 -1.38 -20.92
N SER D 831 15.83 -1.32 -19.59
CA SER D 831 15.13 -2.39 -18.88
C SER D 831 13.68 -2.51 -19.35
N LEU D 832 13.00 -1.37 -19.50
CA LEU D 832 11.61 -1.39 -19.95
C LEU D 832 11.50 -1.95 -21.36
N ILE D 833 12.44 -1.60 -22.23
CA ILE D 833 12.42 -2.10 -23.61
C ILE D 833 12.57 -3.62 -23.61
N LYS D 834 13.47 -4.15 -22.79
CA LYS D 834 13.66 -5.59 -22.72
C LYS D 834 12.39 -6.30 -22.24
N ASP D 835 11.73 -5.76 -21.23
CA ASP D 835 10.50 -6.37 -20.73
C ASP D 835 9.41 -6.36 -21.79
N THR D 836 9.24 -5.23 -22.48
CA THR D 836 8.24 -5.15 -23.54
C THR D 836 8.57 -6.10 -24.69
N TRP D 837 9.85 -6.20 -25.04
CA TRP D 837 10.26 -7.11 -26.11
C TRP D 837 9.95 -8.56 -25.75
N HIS D 838 10.16 -8.94 -24.49
CA HIS D 838 9.87 -10.31 -24.07
C HIS D 838 8.39 -10.64 -24.25
N GLN D 839 7.51 -9.75 -23.81
CA GLN D 839 6.08 -9.97 -23.98
C GLN D 839 5.67 -10.00 -25.45
N VAL D 840 6.23 -9.08 -26.23
CA VAL D 840 5.89 -9.02 -27.66
C VAL D 840 6.35 -10.28 -28.37
N TYR D 841 7.58 -10.74 -28.08
CA TYR D 841 8.08 -11.95 -28.71
C TYR D 841 7.25 -13.17 -28.34
N ARG D 842 6.82 -13.26 -27.08
CA ARG D 842 5.97 -14.37 -26.66
C ARG D 842 4.66 -14.37 -27.42
N ARG D 843 4.02 -13.20 -27.55
CA ARG D 843 2.77 -13.10 -28.29
C ARG D 843 2.98 -13.44 -29.77
N HIS D 844 4.07 -12.92 -30.36
CA HIS D 844 4.36 -13.22 -31.76
C HIS D 844 4.61 -14.70 -31.98
N PHE D 845 5.36 -15.34 -31.07
CA PHE D 845 5.65 -16.76 -31.21
C PHE D 845 4.38 -17.60 -31.11
N LEU D 846 3.48 -17.24 -30.20
CA LEU D 846 2.22 -17.98 -30.07
C LEU D 846 1.38 -17.85 -31.34
N LYS D 847 1.31 -16.64 -31.91
CA LYS D 847 0.59 -16.45 -33.16
C LYS D 847 1.25 -17.25 -34.29
N THR D 848 2.58 -17.29 -34.31
CA THR D 848 3.28 -18.08 -35.32
C THR D 848 2.95 -19.56 -35.18
N ALA D 849 2.87 -20.06 -33.93
CA ALA D 849 2.49 -21.44 -33.72
C ALA D 849 1.07 -21.72 -34.21
N LEU D 850 0.16 -20.76 -33.99
CA LEU D 850 -1.21 -20.92 -34.46
C LEU D 850 -1.26 -21.03 -35.98
N ASN D 851 -0.47 -20.21 -36.67
CA ASN D 851 -0.38 -20.33 -38.12
C ASN D 851 0.21 -21.67 -38.52
N HIS D 852 1.20 -22.16 -37.76
CA HIS D 852 1.75 -23.48 -38.03
C HIS D 852 0.71 -24.57 -37.86
N CYS D 853 -0.17 -24.42 -36.87
CA CYS D 853 -1.24 -25.40 -36.67
C CYS D 853 -2.18 -25.44 -37.88
N ASN D 854 -2.52 -24.27 -38.43
CA ASN D 854 -3.37 -24.22 -39.60
C ASN D 854 -2.71 -24.91 -40.79
N LEU D 855 -1.42 -24.67 -41.00
CA LEU D 855 -0.70 -25.35 -42.08
C LEU D 855 -0.60 -26.84 -41.83
N CYS D 856 -0.37 -27.24 -40.58
CA CYS D 856 -0.23 -28.65 -40.24
C CYS D 856 -1.56 -29.38 -40.15
N ARG D 857 -2.69 -28.67 -40.30
CA ARG D 857 -3.99 -29.31 -40.24
C ARG D 857 -4.15 -30.36 -41.33
N ARG D 858 -3.70 -30.04 -42.55
CA ARG D 858 -3.77 -30.96 -43.68
C ARG D 858 -2.45 -31.66 -43.94
N GLY D 859 -1.52 -31.61 -42.98
CA GLY D 859 -0.23 -32.23 -43.10
C GLY D 859 -0.16 -33.69 -42.70
N PHE D 860 -1.27 -34.28 -42.26
CA PHE D 860 -1.27 -35.69 -41.90
C PHE D 860 -0.97 -36.56 -43.11
N TYR D 861 -1.54 -36.21 -44.27
CA TYR D 861 -1.29 -36.98 -45.49
C TYR D 861 0.18 -36.95 -45.87
N TYR D 862 0.83 -35.77 -45.74
CA TYR D 862 2.26 -35.69 -46.01
C TYR D 862 3.05 -36.53 -45.01
N TYR D 863 2.66 -36.48 -43.73
CA TYR D 863 3.34 -37.28 -42.72
C TYR D 863 3.14 -38.77 -42.97
N GLN D 864 1.99 -39.16 -43.54
CA GLN D 864 1.73 -40.57 -43.81
C GLN D 864 2.74 -41.16 -44.78
N ARG D 865 3.30 -40.36 -45.68
CA ARG D 865 4.30 -40.83 -46.63
C ARG D 865 5.73 -40.55 -46.17
N HIS D 866 5.90 -40.13 -44.91
CA HIS D 866 7.22 -39.84 -44.35
C HIS D 866 7.96 -38.79 -45.20
N PHE D 867 7.26 -37.71 -45.51
CA PHE D 867 7.82 -36.61 -46.30
C PHE D 867 8.75 -35.76 -45.42
N VAL D 868 9.89 -36.35 -45.07
CA VAL D 868 10.86 -35.65 -44.24
C VAL D 868 11.45 -34.46 -44.98
N ASP D 869 11.65 -34.59 -46.30
CA ASP D 869 12.18 -33.49 -47.08
C ASP D 869 11.23 -32.30 -47.10
N SER D 870 9.93 -32.53 -46.93
CA SER D 870 8.96 -31.45 -46.90
C SER D 870 9.19 -30.57 -45.68
N GLU D 871 9.04 -29.26 -45.87
CA GLU D 871 9.28 -28.31 -44.79
C GLU D 871 8.20 -28.33 -43.72
N LEU D 872 7.08 -29.01 -43.97
CA LEU D 872 5.98 -29.08 -42.99
C LEU D 872 6.26 -30.17 -41.96
N GLU D 873 7.36 -29.99 -41.22
CA GLU D 873 7.77 -30.91 -40.17
C GLU D 873 7.05 -30.53 -38.88
N CYS D 874 5.85 -31.10 -38.72
CA CYS D 874 5.01 -30.82 -37.56
C CYS D 874 5.51 -31.58 -36.33
N ASN D 875 6.71 -31.20 -35.89
CA ASN D 875 7.30 -31.82 -34.71
C ASN D 875 6.49 -31.52 -33.45
N ASP D 876 5.99 -30.29 -33.34
CA ASP D 876 5.22 -29.91 -32.16
C ASP D 876 3.95 -30.73 -32.03
N VAL D 877 3.26 -30.97 -33.15
CA VAL D 877 2.02 -31.75 -33.12
C VAL D 877 2.29 -33.17 -32.63
N VAL D 878 3.37 -33.78 -33.12
CA VAL D 878 3.74 -35.12 -32.67
C VAL D 878 4.04 -35.13 -31.18
N LEU D 879 4.80 -34.14 -30.72
CA LEU D 879 5.18 -34.08 -29.30
C LEU D 879 3.94 -33.92 -28.42
N PHE D 880 3.02 -33.02 -28.80
CA PHE D 880 1.80 -32.85 -28.02
C PHE D 880 0.95 -34.12 -28.05
N TRP D 881 0.89 -34.80 -29.19
CA TRP D 881 0.15 -36.05 -29.26
C TRP D 881 0.74 -37.10 -28.32
N ARG D 882 2.06 -37.14 -28.19
CA ARG D 882 2.69 -38.04 -27.23
C ARG D 882 2.29 -37.69 -25.81
N ILE D 883 2.25 -36.40 -25.49
CA ILE D 883 1.85 -35.96 -24.15
C ILE D 883 0.39 -36.35 -23.89
N GLN D 884 -0.49 -36.10 -24.87
CA GLN D 884 -1.90 -36.43 -24.70
C GLN D 884 -2.09 -37.94 -24.51
N ARG D 885 -1.39 -38.74 -25.31
CA ARG D 885 -1.46 -40.20 -25.14
C ARG D 885 -0.94 -40.63 -23.78
N MET D 886 0.16 -40.01 -23.33
CA MET D 886 0.70 -40.33 -22.01
C MET D 886 -0.28 -39.98 -20.90
N LEU D 887 -0.96 -38.84 -21.03
CA LEU D 887 -1.95 -38.44 -20.03
C LEU D 887 -3.09 -39.43 -19.94
N ALA D 888 -3.57 -39.91 -21.10
CA ALA D 888 -4.66 -40.87 -21.10
C ALA D 888 -4.26 -42.17 -20.41
N ILE D 889 -3.05 -42.67 -20.69
CA ILE D 889 -2.57 -43.87 -20.03
C ILE D 889 -2.40 -43.63 -18.54
N THR D 890 -1.82 -42.48 -18.17
CA THR D 890 -1.61 -42.17 -16.75
C THR D 890 -2.93 -42.07 -16.01
N ALA D 891 -3.93 -41.43 -16.61
CA ALA D 891 -5.24 -41.30 -15.97
C ALA D 891 -5.87 -42.67 -15.73
N ASN D 892 -5.83 -43.54 -16.75
CA ASN D 892 -6.40 -44.87 -16.60
C ASN D 892 -5.66 -45.67 -15.54
N THR D 893 -4.32 -45.60 -15.56
CA THR D 893 -3.53 -46.35 -14.59
C THR D 893 -3.79 -45.88 -13.17
N LEU D 894 -3.86 -44.56 -12.96
CA LEU D 894 -4.16 -44.01 -11.64
C LEU D 894 -5.56 -44.39 -11.20
N ARG D 895 -6.51 -44.37 -12.12
CA ARG D 895 -7.88 -44.75 -11.78
C ARG D 895 -7.97 -46.18 -11.31
N GLN D 896 -7.27 -47.10 -11.99
CA GLN D 896 -7.25 -48.49 -11.57
C GLN D 896 -6.57 -48.64 -10.21
N GLN D 897 -5.45 -47.95 -10.00
CA GLN D 897 -4.77 -48.02 -8.71
C GLN D 897 -5.64 -47.46 -7.59
N LEU D 898 -6.32 -46.34 -7.85
CA LEU D 898 -7.21 -45.77 -6.84
C LEU D 898 -8.35 -46.73 -6.51
N THR D 899 -8.92 -47.37 -7.54
CA THR D 899 -10.07 -48.24 -7.31
C THR D 899 -9.70 -49.52 -6.58
N ASN D 900 -8.45 -49.97 -6.71
CA ASN D 900 -8.04 -51.26 -6.15
C ASN D 900 -6.98 -51.15 -5.08
N THR D 901 -5.86 -50.48 -5.36
CA THR D 901 -4.71 -50.52 -4.47
C THR D 901 -4.98 -49.82 -3.14
N GLU D 902 -5.53 -48.61 -3.19
CA GLU D 902 -5.62 -47.77 -2.00
C GLU D 902 -6.92 -47.93 -1.23
N VAL D 903 -7.91 -48.64 -1.78
CA VAL D 903 -9.16 -48.85 -1.06
C VAL D 903 -8.93 -49.68 0.19
N ARG D 904 -8.11 -50.74 0.08
CA ARG D 904 -7.85 -51.58 1.24
C ARG D 904 -7.09 -50.82 2.32
N ARG D 905 -6.14 -49.97 1.94
CA ARG D 905 -5.41 -49.19 2.92
C ARG D 905 -6.33 -48.18 3.61
N LEU D 906 -7.24 -47.57 2.85
CA LEU D 906 -8.21 -46.66 3.45
C LEU D 906 -9.07 -47.37 4.48
N GLU D 907 -9.56 -48.58 4.14
CA GLU D 907 -10.36 -49.36 5.07
C GLU D 907 -9.56 -49.72 6.33
N LYS D 908 -8.30 -50.10 6.15
CA LYS D 908 -7.47 -50.47 7.29
C LYS D 908 -7.28 -49.28 8.24
N ASN D 909 -7.00 -48.09 7.69
CA ASN D 909 -6.78 -46.91 8.52
C ASN D 909 -8.06 -46.52 9.25
N VAL D 910 -9.22 -46.66 8.59
CA VAL D 910 -10.48 -46.32 9.23
C VAL D 910 -10.72 -47.21 10.44
N LYS D 911 -10.46 -48.51 10.30
CA LYS D 911 -10.67 -49.45 11.40
C LYS D 911 -9.77 -49.12 12.59
N GLU D 912 -8.51 -48.78 12.32
CA GLU D 912 -7.59 -48.43 13.41
C GLU D 912 -8.06 -47.18 14.14
N VAL D 913 -8.52 -46.17 13.40
CA VAL D 913 -8.97 -44.93 14.03
C VAL D 913 -10.19 -45.19 14.91
N LEU D 914 -11.13 -46.01 14.42
CA LEU D 914 -12.34 -46.31 15.19
C LEU D 914 -12.00 -47.02 16.50
N GLU D 915 -11.07 -47.98 16.45
CA GLU D 915 -10.69 -48.69 17.66
C GLU D 915 -10.08 -47.74 18.70
N ASP D 916 -9.20 -46.84 18.25
CA ASP D 916 -8.61 -45.87 19.17
C ASP D 916 -9.68 -44.94 19.74
N PHE D 917 -10.61 -44.49 18.91
CA PHE D 917 -11.69 -43.63 19.39
C PHE D 917 -12.59 -44.38 20.37
N ALA D 918 -12.85 -45.67 20.10
CA ALA D 918 -13.70 -46.45 20.98
C ALA D 918 -13.11 -46.58 22.38
N GLU D 919 -11.79 -46.70 22.48
CA GLU D 919 -11.14 -46.84 23.78
C GLU D 919 -11.11 -45.54 24.57
N ASP D 920 -11.41 -44.40 23.94
CA ASP D 920 -11.40 -43.09 24.60
C ASP D 920 -12.83 -42.56 24.61
N GLY D 921 -13.52 -42.74 25.74
CA GLY D 921 -14.88 -42.24 25.86
C GLY D 921 -14.97 -40.74 25.99
N GLU D 922 -13.90 -40.09 26.47
CA GLU D 922 -13.92 -38.64 26.62
C GLU D 922 -14.09 -37.95 25.27
N LYS D 923 -13.39 -38.43 24.25
CA LYS D 923 -13.55 -37.85 22.92
C LYS D 923 -14.98 -38.01 22.41
N LYS D 924 -15.61 -39.14 22.70
CA LYS D 924 -17.00 -39.34 22.31
C LYS D 924 -17.91 -38.31 22.97
N ILE D 925 -17.69 -38.06 24.26
CA ILE D 925 -18.53 -37.10 24.98
C ILE D 925 -18.41 -35.72 24.37
N LYS D 926 -17.18 -35.28 24.06
CA LYS D 926 -16.99 -33.99 23.42
C LYS D 926 -17.63 -33.94 22.04
N LEU D 927 -17.49 -35.02 21.27
CA LEU D 927 -18.03 -35.04 19.92
C LEU D 927 -19.54 -35.21 19.89
N LEU D 928 -20.10 -35.97 20.83
CA LEU D 928 -21.54 -36.26 20.86
C LEU D 928 -22.19 -35.26 21.81
N THR D 929 -22.62 -34.13 21.26
CA THR D 929 -23.37 -33.12 21.99
C THR D 929 -24.57 -32.71 21.16
N GLY D 930 -25.77 -33.00 21.65
CA GLY D 930 -26.98 -32.69 20.93
C GLY D 930 -28.21 -33.02 21.75
N LYS D 931 -29.34 -32.47 21.30
CA LYS D 931 -30.60 -32.69 22.01
C LYS D 931 -30.96 -34.17 22.05
N ARG D 932 -30.80 -34.86 20.92
CA ARG D 932 -31.11 -36.29 20.87
C ARG D 932 -30.22 -37.08 21.82
N VAL D 933 -28.93 -36.75 21.87
CA VAL D 933 -28.01 -37.47 22.74
C VAL D 933 -28.38 -37.29 24.20
N GLN D 934 -28.63 -36.03 24.61
CA GLN D 934 -28.96 -35.77 26.00
C GLN D 934 -30.28 -36.42 26.40
N LEU D 935 -31.29 -36.36 25.52
CA LEU D 935 -32.58 -36.95 25.82
C LEU D 935 -32.45 -38.46 26.04
N ALA D 936 -31.69 -39.13 25.18
CA ALA D 936 -31.51 -40.58 25.33
C ALA D 936 -30.78 -40.92 26.63
N GLU D 937 -29.72 -40.18 26.94
CA GLU D 937 -28.95 -40.45 28.15
C GLU D 937 -29.78 -40.22 29.41
N ASP D 938 -30.53 -39.10 29.44
CA ASP D 938 -31.36 -38.82 30.60
C ASP D 938 -32.47 -39.85 30.75
N LEU D 939 -33.09 -40.26 29.64
CA LEU D 939 -34.16 -41.25 29.71
C LEU D 939 -33.63 -42.58 30.24
N LYS D 940 -32.44 -42.98 29.79
CA LYS D 940 -31.83 -44.21 30.28
C LYS D 940 -31.58 -44.15 31.78
N LYS D 941 -31.03 -43.03 32.26
CA LYS D 941 -30.74 -42.88 33.69
C LYS D 941 -32.02 -42.86 34.50
N VAL D 942 -33.01 -42.11 34.05
CA VAL D 942 -34.28 -42.01 34.79
C VAL D 942 -34.98 -43.37 34.83
N ARG D 943 -35.02 -44.07 33.69
CA ARG D 943 -35.65 -45.38 33.65
C ARG D 943 -34.91 -46.38 34.55
N GLU D 944 -33.58 -46.33 34.56
CA GLU D 944 -32.81 -47.22 35.42
C GLU D 944 -33.12 -46.96 36.89
N ILE D 945 -33.19 -45.68 37.29
CA ILE D 945 -33.55 -45.34 38.66
C ILE D 945 -34.95 -45.83 38.98
N GLN D 946 -35.89 -45.61 38.05
CA GLN D 946 -37.28 -46.03 38.28
C GLN D 946 -37.39 -47.53 38.44
N GLU D 947 -36.66 -48.30 37.64
CA GLU D 947 -36.69 -49.76 37.77
C GLU D 947 -36.18 -50.20 39.13
N LYS D 948 -35.11 -49.57 39.62
CA LYS D 948 -34.61 -49.89 40.95
C LYS D 948 -35.64 -49.53 42.02
N LEU D 949 -36.32 -48.39 41.86
CA LEU D 949 -37.34 -47.99 42.83
C LEU D 949 -38.49 -48.99 42.86
N ASP D 950 -38.93 -49.47 41.68
CA ASP D 950 -40.00 -50.45 41.64
C ASP D 950 -39.61 -51.74 42.35
N ALA D 951 -38.38 -52.22 42.11
CA ALA D 951 -37.93 -53.43 42.78
C ALA D 951 -37.85 -53.23 44.29
N PHE D 952 -37.36 -52.08 44.73
CA PHE D 952 -37.28 -51.80 46.16
C PHE D 952 -38.66 -51.74 46.80
N ILE D 953 -39.61 -51.07 46.14
CA ILE D 953 -40.95 -50.94 46.70
C ILE D 953 -41.64 -52.30 46.76
N GLU D 954 -41.57 -53.07 45.66
CA GLU D 954 -42.25 -54.36 45.63
C GLU D 954 -41.67 -55.33 46.66
N ALA D 955 -40.35 -55.39 46.78
CA ALA D 955 -39.72 -56.27 47.76
C ALA D 955 -40.08 -55.86 49.18
N LEU D 956 -40.11 -54.55 49.43
CA LEU D 956 -40.47 -54.05 50.77
C LEU D 956 -41.89 -54.45 51.14
N HIS D 957 -42.83 -54.28 50.21
CA HIS D 957 -44.23 -54.57 50.49
C HIS D 957 -44.54 -56.06 50.52
N GLN D 958 -43.71 -56.90 49.90
CA GLN D 958 -43.91 -58.33 49.92
C GLN D 958 -43.36 -59.00 51.18
N GLU D 959 -42.52 -58.31 51.95
CA GLU D 959 -42.02 -58.89 53.18
C GLU D 959 -43.15 -59.10 54.19
N LYS D 960 -44.06 -58.13 54.29
CA LYS D 960 -45.17 -58.22 55.24
C LYS D 960 -46.29 -59.09 54.69
#